data_9IIG
#
_entry.id   9IIG
#
loop_
_entity.id
_entity.type
_entity.pdbx_description
1 polymer Bacterioferritin
2 polymer Bacterioferritin
3 non-polymer 'SODIUM ION'
4 non-polymer 'PROTOPORPHYRIN IX CONTAINING FE'
#
loop_
_entity_poly.entity_id
_entity_poly.type
_entity_poly.pdbx_seq_one_letter_code
_entity_poly.pdbx_strand_id
1 'polypeptide(L)'
;MKGDKDVIDALNRLLTGELSAMDQYFVHAHMYEDWGLNELYERIAHESDDEKGHAAKLVQRILFLEGVPNVAAREALNIG
SNVEEMLRNDLAYEYKVADDLRKVIALCEQKKDYQTREILEVLLDDTESDHMYWLEKQLGLIDRIGLANYLQTKM
;
A,B,C,D,E,F,G,H,I,J,K,L
2 'polypeptide(L)'
;MKGHPKVVGQLNRVLTCELTAINQYFLHARMFKHWGLEKLNHVEYKKSIEDMKHADKLIERVLFLEGLPNLQQLEKLRIG
EHAQEMLDCDLAMVQEQLTLLRDAITLCEAEQDYVSRDLLEDILEDEEEHLDWLESQRELIGLTGIQNYLQSQISES
;
M,N,O,P,Q,R,S,T,U,V,W,X
#
loop_
_chem_comp.id
_chem_comp.type
_chem_comp.name
_chem_comp.formula
HEM non-polymer 'PROTOPORPHYRIN IX CONTAINING FE' 'C34 H32 Fe N4 O4'
NA non-polymer 'SODIUM ION' 'Na 1'
#
# COMPACT_ATOMS: atom_id res chain seq x y z
N MET A 1 47.78 4.17 23.44
CA MET A 1 48.77 5.07 24.00
C MET A 1 49.15 4.64 25.41
N LYS A 2 50.24 5.21 25.92
CA LYS A 2 50.68 4.92 27.27
C LYS A 2 50.09 5.95 28.23
N GLY A 3 49.10 5.53 29.00
CA GLY A 3 48.46 6.41 29.95
C GLY A 3 49.31 6.64 31.18
N ASP A 4 49.00 7.73 31.88
CA ASP A 4 49.66 8.02 33.14
C ASP A 4 49.34 6.94 34.16
N LYS A 5 50.35 6.59 34.97
CA LYS A 5 50.18 5.50 35.92
C LYS A 5 49.11 5.83 36.97
N ASP A 6 49.10 7.07 37.46
CA ASP A 6 48.09 7.49 38.43
C ASP A 6 46.71 7.50 37.81
N VAL A 7 46.61 7.86 36.53
CA VAL A 7 45.31 7.90 35.87
C VAL A 7 44.76 6.49 35.73
N ILE A 8 45.64 5.51 35.45
CA ILE A 8 45.18 4.13 35.36
C ILE A 8 44.78 3.59 36.73
N ASP A 9 45.53 3.94 37.78
CA ASP A 9 45.12 3.51 39.11
C ASP A 9 43.76 4.08 39.48
N ALA A 10 43.53 5.35 39.19
CA ALA A 10 42.26 5.97 39.52
C ALA A 10 41.14 5.39 38.68
N LEU A 11 41.42 5.08 37.41
CA LEU A 11 40.41 4.44 36.56
C LEU A 11 40.08 3.05 37.09
N ASN A 12 41.06 2.36 37.66
CA ASN A 12 40.81 1.03 38.19
C ASN A 12 40.00 1.08 39.48
N ARG A 13 40.22 2.11 40.30
CA ARG A 13 39.37 2.29 41.47
C ARG A 13 37.94 2.64 41.06
N LEU A 14 37.78 3.48 40.04
CA LEU A 14 36.44 3.73 39.51
C LEU A 14 35.81 2.47 38.97
N LEU A 15 36.61 1.58 38.39
CA LEU A 15 36.09 0.32 37.88
C LEU A 15 35.60 -0.58 39.01
N THR A 16 36.38 -0.70 40.08
CA THR A 16 35.93 -1.42 41.26
C THR A 16 34.61 -0.86 41.77
N GLY A 17 34.50 0.47 41.82
CA GLY A 17 33.26 1.09 42.24
C GLY A 17 32.09 0.74 41.34
N GLU A 18 32.29 0.79 40.03
CA GLU A 18 31.20 0.52 39.10
C GLU A 18 30.77 -0.95 39.19
N LEU A 19 31.73 -1.84 39.41
CA LEU A 19 31.39 -3.26 39.48
C LEU A 19 30.64 -3.57 40.76
N SER A 20 31.05 -2.96 41.87
CA SER A 20 30.30 -3.12 43.12
C SER A 20 28.90 -2.54 43.01
N ALA A 21 28.77 -1.38 42.33
CA ALA A 21 27.45 -0.82 42.06
C ALA A 21 26.59 -1.78 41.27
N MET A 22 27.17 -2.41 40.25
CA MET A 22 26.45 -3.39 39.46
C MET A 22 25.92 -4.53 40.34
N ASP A 23 26.78 -5.10 41.18
CA ASP A 23 26.33 -6.18 42.05
C ASP A 23 25.22 -5.74 42.99
N GLN A 24 25.38 -4.58 43.61
CA GLN A 24 24.39 -4.12 44.57
C GLN A 24 23.05 -3.83 43.90
N TYR A 25 23.08 -3.17 42.75
CA TYR A 25 21.85 -2.88 42.02
C TYR A 25 21.20 -4.16 41.53
N PHE A 26 22.01 -5.17 41.19
CA PHE A 26 21.50 -6.45 40.73
C PHE A 26 20.73 -7.14 41.85
N VAL A 27 21.36 -7.28 43.02
CA VAL A 27 20.67 -7.99 44.10
C VAL A 27 19.49 -7.18 44.61
N HIS A 28 19.59 -5.84 44.58
CA HIS A 28 18.45 -5.02 45.02
C HIS A 28 17.29 -5.11 44.05
N ALA A 29 17.55 -5.08 42.74
CA ALA A 29 16.48 -5.25 41.78
C ALA A 29 15.78 -6.58 41.97
N HIS A 30 16.55 -7.64 42.26
CA HIS A 30 15.91 -8.93 42.41
C HIS A 30 15.19 -9.05 43.74
N MET A 31 15.65 -8.35 44.78
CA MET A 31 14.90 -8.30 46.02
C MET A 31 13.62 -7.52 45.86
N TYR A 32 13.61 -6.53 44.96
CA TYR A 32 12.38 -5.80 44.67
C TYR A 32 11.42 -6.68 43.89
N GLU A 33 11.93 -7.48 42.96
CA GLU A 33 11.06 -8.37 42.21
C GLU A 33 10.48 -9.47 43.10
N ASP A 34 11.28 -9.97 44.04
CA ASP A 34 10.78 -10.98 44.96
C ASP A 34 9.62 -10.46 45.78
N TRP A 35 9.52 -9.15 45.97
CA TRP A 35 8.46 -8.54 46.76
C TRP A 35 7.31 -8.02 45.92
N GLY A 36 7.29 -8.29 44.62
CA GLY A 36 6.23 -7.81 43.78
C GLY A 36 6.33 -6.36 43.38
N LEU A 37 7.45 -5.70 43.66
CA LEU A 37 7.62 -4.27 43.38
C LEU A 37 8.31 -4.14 42.03
N ASN A 38 7.55 -4.43 40.97
CA ASN A 38 8.16 -4.61 39.66
C ASN A 38 8.71 -3.32 39.09
N GLU A 39 8.15 -2.17 39.45
CA GLU A 39 8.68 -0.92 38.92
C GLU A 39 10.06 -0.61 39.48
N LEU A 40 10.26 -0.84 40.79
CA LEU A 40 11.60 -0.72 41.35
C LEU A 40 12.54 -1.78 40.79
N TYR A 41 12.04 -3.00 40.60
CA TYR A 41 12.88 -4.04 40.01
C TYR A 41 13.41 -3.59 38.66
N GLU A 42 12.52 -3.08 37.81
CA GLU A 42 12.92 -2.70 36.46
C GLU A 42 13.86 -1.51 36.48
N ARG A 43 13.56 -0.51 37.33
CA ARG A 43 14.43 0.66 37.39
C ARG A 43 15.83 0.28 37.87
N ILE A 44 15.91 -0.49 38.95
CA ILE A 44 17.21 -0.83 39.52
C ILE A 44 17.97 -1.80 38.62
N ALA A 45 17.26 -2.65 37.87
CA ALA A 45 17.94 -3.52 36.92
C ALA A 45 18.52 -2.73 35.77
N HIS A 46 17.78 -1.73 35.28
CA HIS A 46 18.34 -0.90 34.22
C HIS A 46 19.52 -0.10 34.74
N GLU A 47 19.52 0.26 36.02
CA GLU A 47 20.68 0.95 36.56
C GLU A 47 21.87 0.02 36.72
N SER A 48 21.63 -1.25 37.03
CA SER A 48 22.73 -2.20 37.01
C SER A 48 23.30 -2.36 35.60
N ASP A 49 22.43 -2.32 34.59
CA ASP A 49 22.91 -2.37 33.21
C ASP A 49 23.73 -1.14 32.85
N ASP A 50 23.30 0.04 33.33
CA ASP A 50 24.10 1.25 33.09
C ASP A 50 25.45 1.18 33.79
N GLU A 51 25.48 0.61 34.99
CA GLU A 51 26.76 0.38 35.66
C GLU A 51 27.64 -0.56 34.85
N LYS A 52 27.05 -1.57 34.22
CA LYS A 52 27.82 -2.46 33.35
C LYS A 52 28.37 -1.70 32.14
N GLY A 53 27.59 -0.78 31.59
CA GLY A 53 28.10 0.05 30.50
C GLY A 53 29.23 0.95 30.92
N HIS A 54 29.12 1.57 32.11
CA HIS A 54 30.21 2.37 32.64
C HIS A 54 31.46 1.54 32.87
N ALA A 55 31.29 0.33 33.41
CA ALA A 55 32.44 -0.54 33.64
C ALA A 55 33.07 -0.96 32.33
N ALA A 56 32.26 -1.17 31.30
CA ALA A 56 32.82 -1.49 29.99
C ALA A 56 33.64 -0.34 29.45
N LYS A 57 33.13 0.89 29.56
CA LYS A 57 33.89 2.06 29.13
C LYS A 57 35.19 2.20 29.91
N LEU A 58 35.16 1.96 31.21
CA LEU A 58 36.38 2.07 32.00
C LEU A 58 37.39 1.00 31.66
N VAL A 59 36.92 -0.23 31.41
CA VAL A 59 37.82 -1.31 31.03
C VAL A 59 38.45 -1.02 29.68
N GLN A 60 37.64 -0.55 28.72
CA GLN A 60 38.19 -0.18 27.42
C GLN A 60 39.22 0.93 27.55
N ARG A 61 38.96 1.92 28.39
CA ARG A 61 39.93 3.00 28.57
C ARG A 61 41.21 2.52 29.24
N ILE A 62 41.10 1.62 30.22
CA ILE A 62 42.29 1.11 30.90
C ILE A 62 43.12 0.27 29.94
N LEU A 63 42.46 -0.51 29.09
CA LEU A 63 43.22 -1.32 28.14
C LEU A 63 43.85 -0.45 27.06
N PHE A 64 43.14 0.57 26.59
CA PHE A 64 43.72 1.49 25.61
C PHE A 64 44.94 2.19 26.18
N LEU A 65 44.87 2.60 27.45
CA LEU A 65 45.98 3.23 28.14
C LEU A 65 47.05 2.24 28.55
N GLU A 66 47.00 1.02 28.03
CA GLU A 66 47.99 -0.03 28.28
C GLU A 66 48.10 -0.36 29.77
N GLY A 67 46.96 -0.40 30.45
CA GLY A 67 46.89 -0.87 31.81
C GLY A 67 46.19 -2.22 31.88
N VAL A 68 46.16 -2.77 33.09
CA VAL A 68 45.54 -4.06 33.34
C VAL A 68 44.25 -3.81 34.14
N PRO A 69 43.08 -3.96 33.53
CA PRO A 69 41.83 -3.76 34.28
C PRO A 69 41.70 -4.76 35.41
N ASN A 70 41.27 -4.29 36.56
CA ASN A 70 41.07 -5.14 37.73
C ASN A 70 39.57 -5.35 37.90
N VAL A 71 39.06 -6.46 37.33
CA VAL A 71 37.67 -6.84 37.51
C VAL A 71 37.50 -7.86 38.63
N ALA A 72 38.59 -8.22 39.31
CA ALA A 72 38.49 -9.19 40.39
C ALA A 72 38.12 -8.54 41.72
N ALA A 73 38.66 -7.35 42.00
CA ALA A 73 38.41 -6.71 43.27
C ALA A 73 36.98 -6.18 43.34
N ARG A 74 36.42 -6.21 44.54
CA ARG A 74 35.07 -5.71 44.78
C ARG A 74 35.04 -5.03 46.13
N GLU A 75 34.33 -3.91 46.20
CA GLU A 75 34.08 -3.23 47.46
C GLU A 75 32.98 -3.94 48.23
N ALA A 76 32.89 -3.63 49.51
CA ALA A 76 31.85 -4.23 50.34
C ALA A 76 30.49 -3.72 49.90
N LEU A 77 29.57 -4.65 49.69
CA LEU A 77 28.20 -4.32 49.30
C LEU A 77 27.39 -4.00 50.54
N ASN A 78 26.53 -3.01 50.43
CA ASN A 78 25.66 -2.64 51.55
C ASN A 78 24.24 -2.95 51.10
N ILE A 79 23.78 -4.15 51.44
CA ILE A 79 22.47 -4.65 51.02
C ILE A 79 21.46 -4.28 52.10
N GLY A 80 20.37 -3.63 51.69
CA GLY A 80 19.33 -3.29 52.61
C GLY A 80 18.36 -4.43 52.84
N SER A 81 17.55 -4.29 53.89
CA SER A 81 16.57 -5.31 54.21
C SER A 81 15.15 -4.89 53.86
N ASN A 82 14.87 -3.60 53.83
CA ASN A 82 13.58 -3.07 53.43
C ASN A 82 13.80 -1.95 52.41
N VAL A 83 12.72 -1.55 51.74
CA VAL A 83 12.82 -0.69 50.56
C VAL A 83 13.55 0.61 50.88
N GLU A 84 13.18 1.27 51.97
CA GLU A 84 13.86 2.51 52.33
C GLU A 84 15.34 2.29 52.56
N GLU A 85 15.71 1.18 53.21
CA GLU A 85 17.12 0.93 53.46
C GLU A 85 17.89 0.68 52.18
N MET A 86 17.28 -0.05 51.23
CA MET A 86 17.98 -0.30 49.98
C MET A 86 18.09 0.96 49.14
N LEU A 87 17.07 1.82 49.17
CA LEU A 87 17.18 3.10 48.46
C LEU A 87 18.24 3.98 49.10
N ARG A 88 18.32 3.99 50.43
CA ARG A 88 19.33 4.81 51.10
C ARG A 88 20.73 4.26 50.89
N ASN A 89 20.87 2.94 50.79
CA ASN A 89 22.18 2.36 50.49
C ASN A 89 22.60 2.67 49.07
N ASP A 90 21.66 2.59 48.12
CA ASP A 90 21.98 2.99 46.75
C ASP A 90 22.35 4.46 46.68
N LEU A 91 21.69 5.30 47.48
CA LEU A 91 22.04 6.72 47.47
C LEU A 91 23.41 6.97 48.08
N ALA A 92 23.69 6.35 49.23
CA ALA A 92 25.01 6.48 49.82
C ALA A 92 26.09 6.05 48.84
N TYR A 93 25.81 5.00 48.06
CA TYR A 93 26.86 4.47 47.22
C TYR A 93 27.02 5.33 45.97
N GLU A 94 25.92 5.90 45.46
CA GLU A 94 26.00 6.88 44.38
C GLU A 94 26.77 8.11 44.82
N TYR A 95 26.54 8.58 46.05
CA TYR A 95 27.32 9.70 46.58
C TYR A 95 28.80 9.38 46.60
N LYS A 96 29.16 8.19 47.07
CA LYS A 96 30.57 7.83 47.11
C LYS A 96 31.17 7.75 45.70
N VAL A 97 30.43 7.19 44.75
CA VAL A 97 30.91 7.10 43.38
C VAL A 97 31.10 8.48 42.78
N ALA A 98 30.17 9.41 43.06
CA ALA A 98 30.29 10.76 42.51
C ALA A 98 31.49 11.49 43.08
N ASP A 99 31.71 11.35 44.38
CA ASP A 99 32.90 11.95 45.00
C ASP A 99 34.17 11.40 44.38
N ASP A 100 34.24 10.09 44.20
CA ASP A 100 35.45 9.47 43.68
C ASP A 100 35.65 9.85 42.21
N LEU A 101 34.56 9.98 41.46
CA LEU A 101 34.63 10.44 40.08
C LEU A 101 35.16 11.86 39.99
N ARG A 102 34.73 12.73 40.91
CA ARG A 102 35.23 14.10 40.90
C ARG A 102 36.72 14.14 41.19
N LYS A 103 37.17 13.35 42.16
CA LYS A 103 38.61 13.28 42.42
C LYS A 103 39.38 12.82 41.19
N VAL A 104 38.86 11.83 40.48
CA VAL A 104 39.60 11.33 39.33
C VAL A 104 39.52 12.30 38.16
N ILE A 105 38.44 13.07 38.03
CA ILE A 105 38.36 14.07 36.98
C ILE A 105 39.38 15.17 37.25
N ALA A 106 39.51 15.59 38.51
CA ALA A 106 40.56 16.54 38.86
C ALA A 106 41.94 15.99 38.52
N LEU A 107 42.18 14.72 38.84
CA LEU A 107 43.48 14.11 38.54
C LEU A 107 43.74 14.07 37.04
N CYS A 108 42.74 13.70 36.25
CA CYS A 108 42.90 13.65 34.79
C CYS A 108 43.17 15.04 34.23
N GLU A 109 42.60 16.07 34.85
CA GLU A 109 42.90 17.43 34.41
C GLU A 109 44.34 17.81 34.74
N GLN A 110 44.82 17.45 35.92
CA GLN A 110 46.22 17.73 36.25
C GLN A 110 47.18 16.95 35.37
N LYS A 111 46.83 15.72 35.00
CA LYS A 111 47.71 14.86 34.22
C LYS A 111 47.51 15.04 32.72
N LYS A 112 46.79 16.08 32.30
CA LYS A 112 46.60 16.42 30.90
C LYS A 112 45.86 15.34 30.13
N ASP A 113 45.34 14.32 30.83
CA ASP A 113 44.62 13.23 30.17
C ASP A 113 43.18 13.68 29.97
N TYR A 114 42.98 14.48 28.94
CA TYR A 114 41.69 15.11 28.73
C TYR A 114 40.63 14.10 28.31
N GLN A 115 40.99 13.08 27.54
CA GLN A 115 39.99 12.15 27.04
C GLN A 115 39.43 11.27 28.14
N THR A 116 40.28 10.82 29.06
CA THR A 116 39.77 10.18 30.26
C THR A 116 38.88 11.14 31.04
N ARG A 117 39.23 12.42 31.05
CA ARG A 117 38.36 13.41 31.69
C ARG A 117 36.96 13.40 31.10
N GLU A 118 36.81 13.38 29.77
CA GLU A 118 35.43 13.41 29.26
C GLU A 118 34.73 12.08 29.42
N ILE A 119 35.45 10.96 29.38
CA ILE A 119 34.81 9.69 29.70
C ILE A 119 34.25 9.73 31.11
N LEU A 120 35.05 10.20 32.06
CA LEU A 120 34.59 10.27 33.45
C LEU A 120 33.54 11.34 33.64
N GLU A 121 33.55 12.38 32.82
CA GLU A 121 32.52 13.40 32.91
C GLU A 121 31.18 12.86 32.45
N VAL A 122 31.18 12.02 31.42
CA VAL A 122 29.95 11.34 31.02
C VAL A 122 29.49 10.41 32.13
N LEU A 123 30.43 9.71 32.76
CA LEU A 123 30.06 8.83 33.87
C LEU A 123 29.47 9.62 35.03
N LEU A 124 30.06 10.77 35.36
CA LEU A 124 29.57 11.60 36.44
C LEU A 124 28.22 12.20 36.11
N ASP A 125 28.02 12.58 34.85
CA ASP A 125 26.73 13.09 34.42
C ASP A 125 25.65 12.03 34.57
N ASP A 126 25.95 10.78 34.21
CA ASP A 126 24.99 9.72 34.47
C ASP A 126 24.75 9.51 35.96
N THR A 127 25.82 9.46 36.74
CA THR A 127 25.69 9.21 38.18
C THR A 127 24.82 10.26 38.85
N GLU A 128 24.99 11.54 38.48
CA GLU A 128 24.22 12.61 39.09
C GLU A 128 22.82 12.72 38.47
N SER A 129 22.76 12.89 37.15
CA SER A 129 21.55 13.26 36.45
C SER A 129 20.69 12.06 36.08
N ASP A 130 21.07 10.86 36.50
CA ASP A 130 20.31 9.69 36.11
C ASP A 130 19.79 8.90 37.31
N HIS A 131 20.52 8.89 38.41
CA HIS A 131 20.09 7.97 39.46
C HIS A 131 20.29 8.53 40.85
N MET A 132 21.28 9.40 41.07
CA MET A 132 21.32 10.13 42.32
C MET A 132 20.10 11.04 42.46
N TYR A 133 19.78 11.75 41.38
CA TYR A 133 18.59 12.59 41.34
C TYR A 133 17.32 11.76 41.50
N TRP A 134 17.26 10.61 40.83
CA TRP A 134 16.11 9.73 40.95
C TRP A 134 15.95 9.22 42.38
N LEU A 135 17.05 8.83 43.03
CA LEU A 135 16.97 8.33 44.39
C LEU A 135 16.53 9.41 45.35
N GLU A 136 17.03 10.63 45.17
CA GLU A 136 16.59 11.72 46.03
C GLU A 136 15.11 12.02 45.83
N LYS A 137 14.64 11.94 44.57
CA LYS A 137 13.22 12.11 44.31
C LYS A 137 12.40 11.02 44.98
N GLN A 138 12.89 9.78 44.95
CA GLN A 138 12.17 8.66 45.54
C GLN A 138 12.06 8.81 47.05
N LEU A 139 13.15 9.23 47.69
CA LEU A 139 13.12 9.41 49.13
C LEU A 139 12.23 10.58 49.52
N GLY A 140 12.21 11.63 48.70
CA GLY A 140 11.29 12.73 48.94
C GLY A 140 9.84 12.32 48.75
N LEU A 141 9.56 11.46 47.77
CA LEU A 141 8.21 10.96 47.59
C LEU A 141 7.80 10.08 48.77
N ILE A 142 8.68 9.23 49.25
CA ILE A 142 8.37 8.47 50.46
C ILE A 142 8.03 9.40 51.60
N ASP A 143 8.75 10.53 51.70
CA ASP A 143 8.47 11.49 52.75
C ASP A 143 7.12 12.18 52.54
N ARG A 144 6.71 12.38 51.30
CA ARG A 144 5.49 13.14 51.03
C ARG A 144 4.23 12.26 51.11
N ILE A 145 4.19 11.16 50.37
CA ILE A 145 2.99 10.33 50.32
C ILE A 145 2.99 9.23 51.36
N GLY A 146 4.12 8.94 51.98
CA GLY A 146 4.22 7.81 52.88
C GLY A 146 4.77 6.58 52.19
N LEU A 147 5.22 5.62 52.99
CA LEU A 147 5.88 4.45 52.43
C LEU A 147 4.88 3.50 51.79
N ALA A 148 3.68 3.39 52.36
CA ALA A 148 2.69 2.46 51.82
C ALA A 148 2.11 2.98 50.51
N ASN A 149 1.89 4.29 50.39
CA ASN A 149 1.50 4.85 49.10
C ASN A 149 2.64 4.78 48.10
N TYR A 150 3.88 4.99 48.57
CA TYR A 150 5.01 4.97 47.64
C TYR A 150 5.19 3.58 47.07
N LEU A 151 5.13 2.56 47.93
CA LEU A 151 5.30 1.20 47.47
C LEU A 151 4.14 0.73 46.60
N GLN A 152 2.96 1.31 46.79
CA GLN A 152 1.82 0.98 45.94
C GLN A 152 2.03 1.42 44.50
N THR A 153 2.74 2.53 44.31
CA THR A 153 3.03 3.02 42.97
C THR A 153 4.09 2.18 42.27
N LYS A 154 4.85 1.39 43.01
CA LYS A 154 5.99 0.65 42.49
C LYS A 154 5.63 -0.76 42.08
N MET A 155 4.38 -1.17 42.21
CA MET A 155 3.98 -2.51 41.85
C MET A 155 3.76 -2.63 40.35
N MET B 1 8.21 -20.21 48.61
CA MET B 1 8.28 -21.42 49.41
C MET B 1 9.58 -21.49 50.18
N LYS B 2 9.65 -22.40 51.15
CA LYS B 2 10.86 -22.58 51.93
C LYS B 2 11.71 -23.68 51.29
N GLY B 3 12.78 -23.29 50.62
CA GLY B 3 13.66 -24.24 49.99
C GLY B 3 14.54 -24.97 50.98
N ASP B 4 15.05 -26.11 50.54
CA ASP B 4 15.99 -26.87 51.34
C ASP B 4 17.26 -26.08 51.55
N LYS B 5 17.84 -26.18 52.75
CA LYS B 5 19.00 -25.38 53.09
C LYS B 5 20.20 -25.75 52.22
N ASP B 6 20.41 -27.05 51.97
CA ASP B 6 21.50 -27.49 51.11
C ASP B 6 21.28 -27.04 49.67
N VAL B 7 20.03 -27.02 49.22
CA VAL B 7 19.75 -26.58 47.85
C VAL B 7 20.07 -25.10 47.69
N ILE B 8 19.79 -24.31 48.72
CA ILE B 8 20.10 -22.88 48.64
C ILE B 8 21.61 -22.67 48.71
N ASP B 9 22.33 -23.44 49.53
CA ASP B 9 23.78 -23.32 49.53
C ASP B 9 24.37 -23.67 48.17
N ALA B 10 23.89 -24.74 47.55
CA ALA B 10 24.41 -25.13 46.26
C ALA B 10 24.04 -24.13 45.19
N LEU B 11 22.84 -23.54 45.27
CA LEU B 11 22.46 -22.50 44.34
C LEU B 11 23.33 -21.27 44.50
N ASN B 12 23.76 -20.98 45.73
CA ASN B 12 24.60 -19.82 45.97
C ASN B 12 26.01 -20.06 45.44
N ARG B 13 26.51 -21.29 45.56
CA ARG B 13 27.80 -21.61 44.94
C ARG B 13 27.73 -21.52 43.42
N LEU B 14 26.63 -21.99 42.83
CA LEU B 14 26.43 -21.81 41.40
C LEU B 14 26.36 -20.34 41.04
N LEU B 15 25.80 -19.51 41.91
CA LEU B 15 25.73 -18.08 41.66
C LEU B 15 27.11 -17.44 41.67
N THR B 16 27.93 -17.79 42.66
CA THR B 16 29.31 -17.34 42.67
C THR B 16 30.03 -17.73 41.39
N GLY B 17 29.82 -18.97 40.93
CA GLY B 17 30.43 -19.40 39.69
C GLY B 17 29.97 -18.58 38.49
N GLU B 18 28.66 -18.32 38.39
CA GLU B 18 28.15 -17.56 37.26
C GLU B 18 28.66 -16.13 37.27
N LEU B 19 28.80 -15.55 38.45
CA LEU B 19 29.26 -14.18 38.54
C LEU B 19 30.74 -14.06 38.18
N SER B 20 31.54 -15.03 38.64
CA SER B 20 32.93 -15.07 38.23
C SER B 20 33.08 -15.28 36.74
N ALA B 21 32.24 -16.15 36.16
CA ALA B 21 32.21 -16.34 34.71
C ALA B 21 31.91 -15.03 34.00
N MET B 22 30.93 -14.29 34.51
CA MET B 22 30.60 -12.99 33.92
C MET B 22 31.80 -12.07 33.91
N ASP B 23 32.49 -11.94 35.05
CA ASP B 23 33.65 -11.06 35.11
C ASP B 23 34.73 -11.49 34.14
N GLN B 24 35.03 -12.79 34.10
CA GLN B 24 36.10 -13.28 33.25
C GLN B 24 35.77 -13.09 31.77
N TYR B 25 34.53 -13.40 31.38
CA TYR B 25 34.12 -13.20 30.00
C TYR B 25 34.11 -11.73 29.64
N PHE B 26 33.78 -10.88 30.60
CA PHE B 26 33.76 -9.43 30.38
C PHE B 26 35.17 -8.92 30.06
N VAL B 27 36.13 -9.24 30.94
CA VAL B 27 37.48 -8.73 30.71
C VAL B 27 38.10 -9.39 29.48
N HIS B 28 37.77 -10.65 29.20
CA HIS B 28 38.30 -11.30 28.00
C HIS B 28 37.73 -10.71 26.73
N ALA B 29 36.42 -10.43 26.71
CA ALA B 29 35.83 -9.79 25.54
C ALA B 29 36.50 -8.45 25.29
N HIS B 30 36.77 -7.70 26.35
CA HIS B 30 37.36 -6.38 26.14
C HIS B 30 38.84 -6.48 25.77
N MET B 31 39.53 -7.52 26.23
CA MET B 31 40.90 -7.75 25.77
C MET B 31 40.92 -8.17 24.31
N TYR B 32 39.87 -8.85 23.85
CA TYR B 32 39.77 -9.19 22.44
C TYR B 32 39.49 -7.96 21.60
N GLU B 33 38.65 -7.05 22.11
CA GLU B 33 38.36 -5.82 21.39
C GLU B 33 39.58 -4.92 21.32
N ASP B 34 40.36 -4.86 22.41
CA ASP B 34 41.59 -4.07 22.41
C ASP B 34 42.56 -4.54 21.33
N TRP B 35 42.47 -5.80 20.93
CA TRP B 35 43.37 -6.37 19.94
C TRP B 35 42.78 -6.39 18.54
N GLY B 36 41.62 -5.77 18.32
CA GLY B 36 41.01 -5.77 17.02
C GLY B 36 40.30 -7.04 16.63
N LEU B 37 40.13 -7.97 17.56
CA LEU B 37 39.52 -9.27 17.28
C LEU B 37 38.03 -9.17 17.61
N ASN B 38 37.30 -8.45 16.76
CA ASN B 38 35.94 -8.05 17.11
C ASN B 38 34.99 -9.22 17.16
N GLU B 39 35.24 -10.29 16.39
CA GLU B 39 34.33 -11.42 16.44
C GLU B 39 34.42 -12.16 17.78
N LEU B 40 35.64 -12.35 18.29
CA LEU B 40 35.78 -12.90 19.64
C LEU B 40 35.23 -11.94 20.69
N TYR B 41 35.45 -10.63 20.51
CA TYR B 41 34.89 -9.69 21.46
C TYR B 41 33.39 -9.84 21.56
N GLU B 42 32.71 -9.90 20.41
CA GLU B 42 31.26 -9.97 20.41
C GLU B 42 30.77 -11.31 20.97
N ARG B 43 31.42 -12.41 20.60
CA ARG B 43 31.01 -13.71 21.10
C ARG B 43 31.16 -13.78 22.62
N ILE B 44 32.32 -13.36 23.14
CA ILE B 44 32.58 -13.47 24.57
C ILE B 44 31.74 -12.47 25.35
N ALA B 45 31.40 -11.32 24.76
CA ALA B 45 30.52 -10.38 25.44
C ALA B 45 29.11 -10.94 25.53
N HIS B 46 28.63 -11.59 24.47
CA HIS B 46 27.32 -12.20 24.54
C HIS B 46 27.31 -13.34 25.55
N GLU B 47 28.45 -14.02 25.71
CA GLU B 47 28.49 -15.07 26.72
C GLU B 47 28.51 -14.48 28.13
N SER B 48 29.14 -13.33 28.32
CA SER B 48 29.03 -12.66 29.61
C SER B 48 27.59 -12.25 29.89
N ASP B 49 26.87 -11.82 28.86
CA ASP B 49 25.45 -11.50 29.03
C ASP B 49 24.64 -12.74 29.39
N ASP B 50 24.95 -13.88 28.77
CA ASP B 50 24.25 -15.12 29.14
C ASP B 50 24.56 -15.52 30.57
N GLU B 51 25.80 -15.32 31.02
CA GLU B 51 26.13 -15.57 32.41
C GLU B 51 25.33 -14.65 33.33
N LYS B 52 25.12 -13.40 32.92
CA LYS B 52 24.29 -12.50 33.70
C LYS B 52 22.84 -12.99 33.77
N GLY B 53 22.34 -13.55 32.66
CA GLY B 53 21.00 -14.13 32.68
C GLY B 53 20.90 -15.33 33.61
N HIS B 54 21.91 -16.20 33.57
CA HIS B 54 21.94 -17.34 34.49
C HIS B 54 22.01 -16.89 35.93
N ALA B 55 22.81 -15.87 36.21
CA ALA B 55 22.90 -15.36 37.58
C ALA B 55 21.59 -14.73 38.02
N ALA B 56 20.89 -14.07 37.11
CA ALA B 56 19.57 -13.53 37.43
C ALA B 56 18.60 -14.65 37.79
N LYS B 57 18.59 -15.72 36.99
CA LYS B 57 17.73 -16.86 37.30
C LYS B 57 18.08 -17.48 38.65
N LEU B 58 19.37 -17.60 38.95
CA LEU B 58 19.77 -18.19 40.23
C LEU B 58 19.38 -17.30 41.40
N VAL B 59 19.54 -15.98 41.25
CA VAL B 59 19.18 -15.06 42.31
C VAL B 59 17.67 -15.09 42.54
N GLN B 60 16.89 -15.10 41.46
CA GLN B 60 15.45 -15.21 41.59
C GLN B 60 15.05 -16.49 42.30
N ARG B 61 15.70 -17.60 41.97
CA ARG B 61 15.38 -18.86 42.61
C ARG B 61 15.77 -18.86 44.08
N ILE B 62 16.91 -18.26 44.43
CA ILE B 62 17.33 -18.23 45.82
C ILE B 62 16.40 -17.35 46.64
N LEU B 63 15.94 -16.25 46.05
CA LEU B 63 15.01 -15.39 46.78
C LEU B 63 13.64 -16.05 46.92
N PHE B 64 13.17 -16.71 45.87
CA PHE B 64 11.90 -17.44 45.97
C PHE B 64 11.97 -18.51 47.04
N LEU B 65 13.08 -19.22 47.14
CA LEU B 65 13.30 -20.24 48.15
C LEU B 65 13.62 -19.65 49.52
N GLU B 66 13.41 -18.34 49.69
CA GLU B 66 13.59 -17.64 50.95
C GLU B 66 15.03 -17.76 51.46
N GLY B 67 15.98 -17.67 50.53
CA GLY B 67 17.38 -17.59 50.87
C GLY B 67 17.93 -16.19 50.60
N VAL B 68 19.19 -16.00 50.97
CA VAL B 68 19.87 -14.73 50.78
C VAL B 68 20.90 -14.91 49.67
N PRO B 69 20.67 -14.35 48.48
CA PRO B 69 21.67 -14.49 47.41
C PRO B 69 22.98 -13.82 47.80
N ASN B 70 24.09 -14.49 47.50
CA ASN B 70 25.42 -13.96 47.78
C ASN B 70 26.01 -13.49 46.47
N VAL B 71 25.86 -12.20 46.18
CA VAL B 71 26.48 -11.59 45.01
C VAL B 71 27.80 -10.92 45.36
N ALA B 72 28.22 -10.99 46.62
CA ALA B 72 29.47 -10.35 47.02
C ALA B 72 30.68 -11.24 46.76
N ALA B 73 30.54 -12.55 47.00
CA ALA B 73 31.67 -13.46 46.86
C ALA B 73 32.00 -13.67 45.40
N ARG B 74 33.28 -13.85 45.11
CA ARG B 74 33.77 -14.10 43.76
C ARG B 74 34.91 -15.10 43.83
N GLU B 75 34.93 -16.01 42.87
CA GLU B 75 36.02 -16.95 42.72
C GLU B 75 37.19 -16.26 42.03
N ALA B 76 38.36 -16.89 42.13
CA ALA B 76 39.54 -16.32 41.49
C ALA B 76 39.38 -16.39 39.97
N LEU B 77 39.64 -15.27 39.32
CA LEU B 77 39.56 -15.19 37.87
C LEU B 77 40.88 -15.65 37.27
N ASN B 78 40.80 -16.37 36.16
CA ASN B 78 41.99 -16.85 35.49
C ASN B 78 42.03 -16.13 34.14
N ILE B 79 42.73 -14.99 34.10
CA ILE B 79 42.79 -14.14 32.93
C ILE B 79 43.99 -14.56 32.09
N GLY B 80 43.76 -14.83 30.81
CA GLY B 80 44.83 -15.19 29.93
C GLY B 80 45.56 -13.98 29.38
N SER B 81 46.73 -14.22 28.79
CA SER B 81 47.51 -13.15 28.22
C SER B 81 47.47 -13.14 26.70
N ASN B 82 47.25 -14.29 26.07
CA ASN B 82 47.09 -14.40 24.63
C ASN B 82 45.84 -15.22 24.33
N VAL B 83 45.42 -15.19 23.06
CA VAL B 83 44.10 -15.68 22.68
C VAL B 83 43.92 -17.15 23.09
N GLU B 84 44.91 -17.99 22.78
CA GLU B 84 44.80 -19.40 23.15
C GLU B 84 44.67 -19.57 24.66
N GLU B 85 45.40 -18.78 25.44
CA GLU B 85 45.33 -18.92 26.89
C GLU B 85 43.97 -18.48 27.41
N MET B 86 43.40 -17.42 26.85
CA MET B 86 42.08 -16.99 27.31
C MET B 86 41.01 -17.98 26.90
N LEU B 87 41.12 -18.57 25.71
CA LEU B 87 40.16 -19.59 25.31
C LEU B 87 40.28 -20.83 26.20
N ARG B 88 41.51 -21.21 26.55
CA ARG B 88 41.70 -22.37 27.42
C ARG B 88 41.23 -22.09 28.84
N ASN B 89 41.38 -20.86 29.32
CA ASN B 89 40.88 -20.51 30.63
C ASN B 89 39.35 -20.50 30.65
N ASP B 90 38.73 -19.96 29.60
CA ASP B 90 37.28 -20.03 29.50
C ASP B 90 36.80 -21.48 29.45
N LEU B 91 37.55 -22.35 28.76
CA LEU B 91 37.14 -23.75 28.69
C LEU B 91 37.29 -24.44 30.04
N ALA B 92 38.43 -24.23 30.72
CA ALA B 92 38.60 -24.79 32.04
C ALA B 92 37.48 -24.34 32.96
N TYR B 93 37.06 -23.09 32.82
CA TYR B 93 36.10 -22.59 33.78
C TYR B 93 34.69 -23.09 33.44
N GLU B 94 34.39 -23.25 32.15
CA GLU B 94 33.15 -23.88 31.74
C GLU B 94 33.08 -25.33 32.21
N TYR B 95 34.20 -26.05 32.13
CA TYR B 95 34.25 -27.41 32.66
C TYR B 95 33.94 -27.43 34.15
N LYS B 96 34.54 -26.52 34.91
CA LYS B 96 34.27 -26.49 36.35
C LYS B 96 32.82 -26.16 36.63
N VAL B 97 32.24 -25.21 35.89
CA VAL B 97 30.84 -24.86 36.09
C VAL B 97 29.93 -26.03 35.75
N ALA B 98 30.25 -26.78 34.70
CA ALA B 98 29.40 -27.92 34.33
C ALA B 98 29.47 -29.02 35.37
N ASP B 99 30.67 -29.30 35.89
CA ASP B 99 30.80 -30.27 36.97
C ASP B 99 29.98 -29.85 38.19
N ASP B 100 30.09 -28.58 38.57
CA ASP B 100 29.40 -28.12 39.77
C ASP B 100 27.88 -28.12 39.55
N LEU B 101 27.44 -27.79 38.34
CA LEU B 101 26.02 -27.87 38.00
C LEU B 101 25.50 -29.30 38.08
N ARG B 102 26.29 -30.27 37.63
CA ARG B 102 25.85 -31.66 37.73
C ARG B 102 25.72 -32.09 39.18
N LYS B 103 26.68 -31.71 40.02
CA LYS B 103 26.56 -32.02 41.44
C LYS B 103 25.29 -31.42 42.04
N VAL B 104 24.98 -30.18 41.67
CA VAL B 104 23.80 -29.54 42.26
C VAL B 104 22.51 -30.12 41.69
N ILE B 105 22.52 -30.57 40.44
CA ILE B 105 21.34 -31.23 39.88
C ILE B 105 21.08 -32.55 40.59
N ALA B 106 22.15 -33.31 40.85
CA ALA B 106 21.99 -34.52 41.65
C ALA B 106 21.41 -34.20 43.03
N LEU B 107 21.92 -33.14 43.67
CA LEU B 107 21.43 -32.77 44.99
C LEU B 107 19.95 -32.36 44.94
N CYS B 108 19.56 -31.60 43.93
CA CYS B 108 18.16 -31.20 43.80
C CYS B 108 17.26 -32.40 43.56
N GLU B 109 17.77 -33.42 42.87
CA GLU B 109 17.00 -34.63 42.69
C GLU B 109 16.83 -35.37 44.01
N GLN B 110 17.89 -35.47 44.81
CA GLN B 110 17.77 -36.11 46.12
C GLN B 110 16.85 -35.34 47.04
N LYS B 111 16.86 -34.01 46.97
CA LYS B 111 16.06 -33.19 47.88
C LYS B 111 14.68 -32.90 47.34
N LYS B 112 14.26 -33.61 46.29
CA LYS B 112 12.92 -33.50 45.71
C LYS B 112 12.63 -32.12 45.15
N ASP B 113 13.63 -31.25 45.09
CA ASP B 113 13.44 -29.89 44.58
C ASP B 113 13.55 -29.95 43.07
N TYR B 114 12.46 -30.39 42.44
CA TYR B 114 12.47 -30.64 41.01
C TYR B 114 12.58 -29.36 40.21
N GLN B 115 11.97 -28.27 40.66
CA GLN B 115 11.97 -27.05 39.87
C GLN B 115 13.35 -26.41 39.80
N THR B 116 14.07 -26.41 40.92
CA THR B 116 15.48 -26.03 40.87
C THR B 116 16.24 -26.95 39.93
N ARG B 117 15.90 -28.24 39.91
CA ARG B 117 16.51 -29.16 38.96
C ARG B 117 16.33 -28.69 37.52
N GLU B 118 15.13 -28.27 37.11
CA GLU B 118 15.01 -27.88 35.71
C GLU B 118 15.65 -26.52 35.43
N ILE B 119 15.65 -25.62 36.41
CA ILE B 119 16.39 -24.37 36.22
C ILE B 119 17.87 -24.67 35.98
N LEU B 120 18.44 -25.55 36.80
CA LEU B 120 19.84 -25.90 36.62
C LEU B 120 20.08 -26.74 35.39
N GLU B 121 19.08 -27.48 34.94
CA GLU B 121 19.23 -28.25 33.72
C GLU B 121 19.27 -27.33 32.51
N VAL B 122 18.48 -26.26 32.52
CA VAL B 122 18.58 -25.26 31.47
C VAL B 122 19.94 -24.58 31.52
N LEU B 123 20.44 -24.30 32.73
CA LEU B 123 21.76 -23.70 32.85
C LEU B 123 22.84 -24.64 32.32
N LEU B 124 22.75 -25.93 32.63
CA LEU B 124 23.73 -26.90 32.17
C LEU B 124 23.64 -27.10 30.66
N ASP B 125 22.43 -27.06 30.12
CA ASP B 125 22.27 -27.15 28.68
C ASP B 125 22.92 -25.97 27.98
N ASP B 126 22.76 -24.76 28.53
CA ASP B 126 23.49 -23.62 27.96
C ASP B 126 25.00 -23.80 28.11
N THR B 127 25.47 -24.18 29.29
CA THR B 127 26.90 -24.31 29.53
C THR B 127 27.54 -25.31 28.56
N GLU B 128 26.88 -26.43 28.31
CA GLU B 128 27.42 -27.44 27.41
C GLU B 128 27.19 -27.09 25.94
N SER B 129 25.94 -26.88 25.58
CA SER B 129 25.53 -26.77 24.18
C SER B 129 25.67 -25.37 23.62
N ASP B 130 26.21 -24.44 24.39
CA ASP B 130 26.31 -23.07 23.91
C ASP B 130 27.73 -22.55 23.88
N HIS B 131 28.58 -22.99 24.80
CA HIS B 131 29.87 -22.33 24.87
C HIS B 131 31.01 -23.27 25.19
N MET B 132 30.76 -24.35 25.92
CA MET B 132 31.78 -25.39 26.03
C MET B 132 32.04 -26.02 24.67
N TYR B 133 30.96 -26.33 23.95
CA TYR B 133 31.06 -26.86 22.59
C TYR B 133 31.73 -25.85 21.66
N TRP B 134 31.36 -24.57 21.78
CA TRP B 134 31.97 -23.54 20.96
C TRP B 134 33.46 -23.42 21.24
N LEU B 135 33.85 -23.47 22.51
CA LEU B 135 35.27 -23.35 22.85
C LEU B 135 36.06 -24.54 22.35
N GLU B 136 35.50 -25.74 22.46
CA GLU B 136 36.19 -26.90 21.92
C GLU B 136 36.32 -26.80 20.40
N LYS B 137 35.30 -26.30 19.72
CA LYS B 137 35.39 -26.07 18.29
C LYS B 137 36.48 -25.07 17.96
N GLN B 138 36.58 -24.00 18.75
CA GLN B 138 37.57 -22.96 18.49
C GLN B 138 38.98 -23.50 18.67
N LEU B 139 39.20 -24.29 19.71
CA LEU B 139 40.53 -24.84 19.93
C LEU B 139 40.87 -25.86 18.84
N GLY B 140 39.88 -26.62 18.38
CA GLY B 140 40.12 -27.52 17.26
C GLY B 140 40.42 -26.79 15.97
N LEU B 141 39.76 -25.66 15.74
CA LEU B 141 40.07 -24.84 14.58
C LEU B 141 41.46 -24.25 14.66
N ILE B 142 41.87 -23.78 15.83
CA ILE B 142 43.25 -23.31 16.00
C ILE B 142 44.21 -24.45 15.66
N ASP B 143 43.87 -25.66 16.05
CA ASP B 143 44.73 -26.81 15.74
C ASP B 143 44.75 -27.11 14.25
N ARG B 144 43.64 -26.87 13.54
CA ARG B 144 43.57 -27.25 12.13
C ARG B 144 44.16 -26.19 11.22
N ILE B 145 43.71 -24.95 11.32
CA ILE B 145 44.16 -23.90 10.41
C ILE B 145 45.38 -23.14 10.91
N GLY B 146 45.72 -23.28 12.19
CA GLY B 146 46.77 -22.49 12.77
C GLY B 146 46.24 -21.26 13.48
N LEU B 147 47.08 -20.68 14.32
CA LEU B 147 46.62 -19.57 15.15
C LEU B 147 46.49 -18.29 14.34
N ALA B 148 47.37 -18.09 13.35
CA ALA B 148 47.32 -16.86 12.56
C ALA B 148 46.14 -16.86 11.60
N ASN B 149 45.81 -18.01 11.02
CA ASN B 149 44.59 -18.11 10.24
C ASN B 149 43.36 -18.01 11.13
N TYR B 150 43.41 -18.60 12.32
CA TYR B 150 42.25 -18.56 13.19
C TYR B 150 41.96 -17.14 13.63
N LEU B 151 43.00 -16.40 14.02
CA LEU B 151 42.82 -15.03 14.46
C LEU B 151 42.40 -14.12 13.32
N GLN B 152 42.77 -14.46 12.09
CA GLN B 152 42.36 -13.67 10.93
C GLN B 152 40.85 -13.74 10.72
N THR B 153 40.24 -14.88 11.04
CA THR B 153 38.81 -15.03 10.90
C THR B 153 38.04 -14.29 11.98
N LYS B 154 38.71 -13.90 13.06
CA LYS B 154 38.07 -13.30 14.22
C LYS B 154 38.08 -11.79 14.19
N MET B 155 38.62 -11.19 13.15
CA MET B 155 38.67 -9.74 13.06
C MET B 155 37.36 -9.16 12.58
N MET C 1 13.81 -30.26 -41.20
CA MET C 1 14.72 -31.28 -41.72
C MET C 1 13.96 -32.43 -42.33
N LYS C 2 14.66 -33.28 -43.07
CA LYS C 2 14.04 -34.45 -43.67
C LYS C 2 14.21 -35.65 -42.74
N GLY C 3 13.12 -36.03 -42.08
CA GLY C 3 13.15 -37.15 -41.17
C GLY C 3 13.18 -38.47 -41.90
N ASP C 4 13.61 -39.51 -41.18
CA ASP C 4 13.61 -40.86 -41.71
C ASP C 4 12.18 -41.30 -41.97
N LYS C 5 11.99 -42.04 -43.06
CA LYS C 5 10.64 -42.44 -43.46
C LYS C 5 10.00 -43.36 -42.42
N ASP C 6 10.79 -44.30 -41.89
CA ASP C 6 10.28 -45.20 -40.86
C ASP C 6 9.96 -44.45 -39.57
N VAL C 7 10.75 -43.42 -39.25
CA VAL C 7 10.49 -42.66 -38.04
C VAL C 7 9.19 -41.88 -38.17
N ILE C 8 8.89 -41.37 -39.37
CA ILE C 8 7.64 -40.66 -39.58
C ILE C 8 6.47 -41.63 -39.55
N ASP C 9 6.62 -42.82 -40.12
CA ASP C 9 5.54 -43.81 -40.02
C ASP C 9 5.25 -44.17 -38.57
N ALA C 10 6.31 -44.39 -37.78
CA ALA C 10 6.11 -44.75 -36.38
C ALA C 10 5.52 -43.59 -35.60
N LEU C 11 5.92 -42.36 -35.92
CA LEU C 11 5.34 -41.19 -35.26
C LEU C 11 3.87 -41.06 -35.61
N ASN C 12 3.49 -41.44 -36.83
CA ASN C 12 2.09 -41.35 -37.24
C ASN C 12 1.25 -42.42 -36.55
N ARG C 13 1.81 -43.61 -36.35
CA ARG C 13 1.11 -44.63 -35.57
C ARG C 13 0.94 -44.18 -34.12
N LEU C 14 1.97 -43.57 -33.54
CA LEU C 14 1.83 -43.01 -32.21
C LEU C 14 0.78 -41.92 -32.17
N LEU C 15 0.65 -41.16 -33.26
CA LEU C 15 -0.37 -40.11 -33.33
C LEU C 15 -1.76 -40.70 -33.35
N THR C 16 -1.98 -41.74 -34.17
CA THR C 16 -3.25 -42.45 -34.15
C THR C 16 -3.58 -42.94 -32.75
N GLY C 17 -2.58 -43.51 -32.07
CA GLY C 17 -2.80 -43.96 -30.70
C GLY C 17 -3.20 -42.84 -29.76
N GLU C 18 -2.52 -41.71 -29.84
CA GLU C 18 -2.82 -40.59 -28.94
C GLU C 18 -4.20 -40.02 -29.23
N LEU C 19 -4.61 -40.00 -30.49
CA LEU C 19 -5.91 -39.46 -30.83
C LEU C 19 -7.03 -40.38 -30.38
N SER C 20 -6.84 -41.69 -30.54
CA SER C 20 -7.80 -42.64 -30.00
C SER C 20 -7.89 -42.56 -28.49
N ALA C 21 -6.74 -42.41 -27.82
CA ALA C 21 -6.74 -42.20 -26.37
C ALA C 21 -7.55 -40.98 -25.99
N MET C 22 -7.37 -39.89 -26.73
CA MET C 22 -8.14 -38.68 -26.49
C MET C 22 -9.63 -38.93 -26.57
N ASP C 23 -10.08 -39.59 -27.64
CA ASP C 23 -11.51 -39.87 -27.78
C ASP C 23 -12.03 -40.74 -26.64
N GLN C 24 -11.28 -41.80 -26.29
CA GLN C 24 -11.75 -42.72 -25.26
C GLN C 24 -11.80 -42.03 -23.90
N TYR C 25 -10.78 -41.25 -23.57
CA TYR C 25 -10.78 -40.53 -22.29
C TYR C 25 -11.87 -39.47 -22.27
N PHE C 26 -12.17 -38.89 -23.42
CA PHE C 26 -13.23 -37.89 -23.52
C PHE C 26 -14.59 -38.51 -23.21
N VAL C 27 -14.93 -39.59 -23.89
CA VAL C 27 -16.23 -40.20 -23.66
C VAL C 27 -16.31 -40.82 -22.27
N HIS C 28 -15.19 -41.34 -21.75
CA HIS C 28 -15.21 -41.89 -20.40
C HIS C 28 -15.36 -40.82 -19.34
N ALA C 29 -14.68 -39.68 -19.49
CA ALA C 29 -14.87 -38.59 -18.56
C ALA C 29 -16.31 -38.14 -18.55
N HIS C 30 -16.94 -38.08 -19.72
CA HIS C 30 -18.31 -37.61 -19.74
C HIS C 30 -19.28 -38.66 -19.23
N MET C 31 -18.96 -39.94 -19.39
CA MET C 31 -19.77 -40.98 -18.78
C MET C 31 -19.63 -40.97 -17.25
N TYR C 32 -18.46 -40.55 -16.76
CA TYR C 32 -18.29 -40.40 -15.32
C TYR C 32 -19.08 -39.21 -14.81
N GLU C 33 -19.10 -38.11 -15.57
CA GLU C 33 -19.87 -36.95 -15.15
C GLU C 33 -21.37 -37.24 -15.18
N ASP C 34 -21.82 -37.99 -16.18
CA ASP C 34 -23.24 -38.36 -16.23
C ASP C 34 -23.66 -39.15 -15.01
N TRP C 35 -22.73 -39.83 -14.35
CA TRP C 35 -23.04 -40.63 -13.18
C TRP C 35 -22.75 -39.91 -11.87
N GLY C 36 -22.43 -38.63 -11.89
CA GLY C 36 -22.14 -37.90 -10.68
C GLY C 36 -20.78 -38.14 -10.09
N LEU C 37 -19.89 -38.81 -10.81
CA LEU C 37 -18.56 -39.16 -10.31
C LEU C 37 -17.59 -38.09 -10.78
N ASN C 38 -17.70 -36.91 -10.18
CA ASN C 38 -17.03 -35.73 -10.72
C ASN C 38 -15.52 -35.82 -10.62
N GLU C 39 -15.00 -36.52 -9.62
CA GLU C 39 -13.55 -36.62 -9.50
C GLU C 39 -12.95 -37.45 -10.63
N LEU C 40 -13.59 -38.57 -10.98
CA LEU C 40 -13.16 -39.32 -12.15
C LEU C 40 -13.37 -38.52 -13.43
N TYR C 41 -14.48 -37.79 -13.52
CA TYR C 41 -14.70 -36.97 -14.70
C TYR C 41 -13.55 -36.00 -14.90
N GLU C 42 -13.16 -35.30 -13.83
CA GLU C 42 -12.12 -34.29 -13.95
C GLU C 42 -10.76 -34.92 -14.24
N ARG C 43 -10.45 -36.04 -13.58
CA ARG C 43 -9.18 -36.69 -13.83
C ARG C 43 -9.08 -37.18 -15.27
N ILE C 44 -10.11 -37.85 -15.77
CA ILE C 44 -10.07 -38.42 -17.11
C ILE C 44 -10.14 -37.33 -18.16
N ALA C 45 -10.81 -36.21 -17.86
CA ALA C 45 -10.81 -35.09 -18.81
C ALA C 45 -9.44 -34.45 -18.90
N HIS C 46 -8.76 -34.30 -17.76
CA HIS C 46 -7.41 -33.76 -17.84
C HIS C 46 -6.48 -34.72 -18.56
N GLU C 47 -6.74 -36.02 -18.47
CA GLU C 47 -5.92 -36.96 -19.22
C GLU C 47 -6.21 -36.90 -20.71
N SER C 48 -7.45 -36.64 -21.09
CA SER C 48 -7.75 -36.39 -22.50
C SER C 48 -7.03 -35.14 -22.99
N ASP C 49 -6.94 -34.11 -22.15
CA ASP C 49 -6.19 -32.92 -22.52
C ASP C 49 -4.70 -33.20 -22.67
N ASP C 50 -4.15 -34.04 -21.79
CA ASP C 50 -2.75 -34.42 -21.95
C ASP C 50 -2.52 -35.22 -23.22
N GLU C 51 -3.47 -36.09 -23.58
CA GLU C 51 -3.38 -36.79 -24.86
C GLU C 51 -3.41 -35.80 -26.02
N LYS C 52 -4.21 -34.74 -25.90
CA LYS C 52 -4.22 -33.71 -26.94
C LYS C 52 -2.87 -33.00 -27.02
N GLY C 53 -2.24 -32.76 -25.88
CA GLY C 53 -0.89 -32.17 -25.90
C GLY C 53 0.14 -33.09 -26.53
N HIS C 54 0.08 -34.38 -26.22
CA HIS C 54 0.97 -35.35 -26.86
C HIS C 54 0.74 -35.41 -28.37
N ALA C 55 -0.52 -35.38 -28.79
CA ALA C 55 -0.82 -35.41 -30.21
C ALA C 55 -0.34 -34.14 -30.89
N ALA C 56 -0.42 -33.00 -30.21
CA ALA C 56 0.11 -31.77 -30.76
C ALA C 56 1.62 -31.86 -30.96
N LYS C 57 2.33 -32.39 -29.95
CA LYS C 57 3.77 -32.57 -30.09
C LYS C 57 4.12 -33.52 -31.23
N LEU C 58 3.35 -34.60 -31.38
CA LEU C 58 3.64 -35.54 -32.46
C LEU C 58 3.36 -34.93 -33.82
N VAL C 59 2.28 -34.16 -33.95
CA VAL C 59 1.97 -33.52 -35.22
C VAL C 59 3.04 -32.50 -35.57
N GLN C 60 3.47 -31.70 -34.58
CA GLN C 60 4.55 -30.75 -34.82
C GLN C 60 5.82 -31.45 -35.26
N ARG C 61 6.15 -32.58 -34.64
CA ARG C 61 7.35 -33.32 -35.02
C ARG C 61 7.23 -33.91 -36.42
N ILE C 62 6.05 -34.41 -36.78
CA ILE C 62 5.88 -35.00 -38.10
C ILE C 62 5.95 -33.92 -39.17
N LEU C 63 5.41 -32.74 -38.88
CA LEU C 63 5.49 -31.66 -39.86
C LEU C 63 6.91 -31.14 -39.98
N PHE C 64 7.62 -31.01 -38.86
CA PHE C 64 9.02 -30.58 -38.90
C PHE C 64 9.86 -31.55 -39.72
N LEU C 65 9.63 -32.85 -39.54
CA LEU C 65 10.32 -33.88 -40.29
C LEU C 65 9.80 -34.02 -41.71
N GLU C 66 9.02 -33.05 -42.18
CA GLU C 66 8.51 -33.00 -43.55
C GLU C 66 7.67 -34.23 -43.89
N GLY C 67 6.86 -34.66 -42.92
CA GLY C 67 5.87 -35.70 -43.14
C GLY C 67 4.47 -35.12 -43.14
N VAL C 68 3.51 -35.99 -43.42
CA VAL C 68 2.10 -35.61 -43.46
C VAL C 68 1.42 -36.24 -42.24
N PRO C 69 1.05 -35.47 -41.23
CA PRO C 69 0.36 -36.04 -40.07
C PRO C 69 -0.98 -36.64 -40.47
N ASN C 70 -1.27 -37.82 -39.94
CA ASN C 70 -2.53 -38.49 -40.20
C ASN C 70 -3.41 -38.35 -38.98
N VAL C 71 -4.27 -37.33 -38.99
CA VAL C 71 -5.25 -37.14 -37.94
C VAL C 71 -6.60 -37.72 -38.30
N ALA C 72 -6.72 -38.35 -39.47
CA ALA C 72 -8.00 -38.93 -39.88
C ALA C 72 -8.19 -40.33 -39.33
N ALA C 73 -7.13 -41.14 -39.30
CA ALA C 73 -7.24 -42.51 -38.86
C ALA C 73 -7.47 -42.58 -37.36
N ARG C 74 -8.24 -43.58 -36.92
CA ARG C 74 -8.53 -43.79 -35.52
C ARG C 74 -8.58 -45.29 -35.26
N GLU C 75 -8.02 -45.70 -34.12
CA GLU C 75 -8.09 -47.07 -33.68
C GLU C 75 -9.46 -47.33 -33.06
N ALA C 76 -9.79 -48.60 -32.91
CA ALA C 76 -11.07 -48.96 -32.29
C ALA C 76 -11.06 -48.56 -30.83
N LEU C 77 -12.11 -47.87 -30.41
CA LEU C 77 -12.27 -47.45 -29.02
C LEU C 77 -12.89 -48.59 -28.23
N ASN C 78 -12.42 -48.77 -27.00
CA ASN C 78 -12.95 -49.79 -26.13
C ASN C 78 -13.63 -49.07 -24.98
N ILE C 79 -14.93 -48.83 -25.13
CA ILE C 79 -15.72 -48.06 -24.16
C ILE C 79 -16.30 -49.03 -23.15
N GLY C 80 -16.08 -48.76 -21.87
CA GLY C 80 -16.65 -49.60 -20.83
C GLY C 80 -18.07 -49.20 -20.50
N SER C 81 -18.75 -50.09 -19.78
CA SER C 81 -20.13 -49.83 -19.37
C SER C 81 -20.24 -49.48 -17.90
N ASN C 82 -19.31 -49.93 -17.07
CA ASN C 82 -19.27 -49.58 -15.65
C ASN C 82 -17.86 -49.16 -15.30
N VAL C 83 -17.73 -48.55 -14.11
CA VAL C 83 -16.50 -47.84 -13.74
C VAL C 83 -15.28 -48.75 -13.84
N GLU C 84 -15.37 -49.95 -13.26
CA GLU C 84 -14.24 -50.87 -13.33
C GLU C 84 -13.87 -51.20 -14.78
N GLU C 85 -14.87 -51.40 -15.63
CA GLU C 85 -14.58 -51.74 -17.03
C GLU C 85 -13.92 -50.58 -17.75
N MET C 86 -14.35 -49.35 -17.49
CA MET C 86 -13.73 -48.21 -18.14
C MET C 86 -12.31 -47.98 -17.63
N LEU C 87 -12.08 -48.20 -16.34
CA LEU C 87 -10.72 -48.09 -15.82
C LEU C 87 -9.82 -49.17 -16.40
N ARG C 88 -10.35 -50.39 -16.55
CA ARG C 88 -9.55 -51.47 -17.12
C ARG C 88 -9.28 -51.25 -18.60
N ASN C 89 -10.24 -50.66 -19.32
CA ASN C 89 -10.01 -50.34 -20.72
C ASN C 89 -8.98 -49.24 -20.88
N ASP C 90 -9.05 -48.22 -20.03
CA ASP C 90 -8.03 -47.18 -20.05
C ASP C 90 -6.66 -47.76 -19.73
N LEU C 91 -6.60 -48.73 -18.80
CA LEU C 91 -5.32 -49.33 -18.47
C LEU C 91 -4.79 -50.19 -19.61
N ALA C 92 -5.65 -51.01 -20.21
CA ALA C 92 -5.23 -51.79 -21.36
C ALA C 92 -4.69 -50.88 -22.46
N TYR C 93 -5.32 -49.72 -22.63
CA TYR C 93 -4.94 -48.90 -23.76
C TYR C 93 -3.66 -48.14 -23.45
N GLU C 94 -3.46 -47.75 -22.18
CA GLU C 94 -2.19 -47.17 -21.76
C GLU C 94 -1.05 -48.18 -21.91
N TYR C 95 -1.30 -49.44 -21.58
CA TYR C 95 -0.30 -50.47 -21.79
C TYR C 95 0.08 -50.58 -23.26
N LYS C 96 -0.92 -50.58 -24.14
CA LYS C 96 -0.62 -50.68 -25.56
C LYS C 96 0.17 -49.46 -26.05
N VAL C 97 -0.21 -48.27 -25.59
CA VAL C 97 0.52 -47.06 -25.97
C VAL C 97 1.95 -47.10 -25.49
N ALA C 98 2.18 -47.59 -24.26
CA ALA C 98 3.54 -47.64 -23.73
C ALA C 98 4.39 -48.63 -24.51
N ASP C 99 3.83 -49.79 -24.84
CA ASP C 99 4.55 -50.75 -25.67
C ASP C 99 4.93 -50.15 -27.01
N ASP C 100 3.98 -49.47 -27.65
CA ASP C 100 4.23 -48.93 -28.98
C ASP C 100 5.24 -47.78 -28.91
N LEU C 101 5.19 -47.00 -27.84
CA LEU C 101 6.17 -45.94 -27.62
C LEU C 101 7.57 -46.51 -27.43
N ARG C 102 7.69 -47.62 -26.71
CA ARG C 102 9.00 -48.24 -26.55
C ARG C 102 9.55 -48.73 -27.88
N LYS C 103 8.71 -49.35 -28.69
CA LYS C 103 9.16 -49.78 -30.02
C LYS C 103 9.64 -48.59 -30.84
N VAL C 104 8.92 -47.47 -30.78
CA VAL C 104 9.32 -46.33 -31.59
C VAL C 104 10.57 -45.65 -31.03
N ILE C 105 10.75 -45.69 -29.71
CA ILE C 105 11.98 -45.13 -29.13
C ILE C 105 13.18 -45.96 -29.56
N ALA C 106 13.04 -47.29 -29.56
CA ALA C 106 14.10 -48.13 -30.10
C ALA C 106 14.40 -47.80 -31.55
N LEU C 107 13.35 -47.61 -32.35
CA LEU C 107 13.55 -47.29 -33.76
C LEU C 107 14.26 -45.95 -33.94
N CYS C 108 13.87 -44.95 -33.16
CA CYS C 108 14.52 -43.64 -33.24
C CYS C 108 15.97 -43.72 -32.82
N GLU C 109 16.29 -44.61 -31.89
CA GLU C 109 17.69 -44.80 -31.52
C GLU C 109 18.47 -45.45 -32.66
N GLN C 110 17.90 -46.46 -33.32
CA GLN C 110 18.58 -47.06 -34.46
C GLN C 110 18.74 -46.09 -35.61
N LYS C 111 17.77 -45.21 -35.83
CA LYS C 111 17.79 -44.29 -36.96
C LYS C 111 18.47 -42.98 -36.62
N LYS C 112 19.17 -42.91 -35.49
CA LYS C 112 19.95 -41.76 -35.07
C LYS C 112 19.09 -40.52 -34.85
N ASP C 113 17.77 -40.66 -34.89
CA ASP C 113 16.86 -39.53 -34.71
C ASP C 113 16.69 -39.32 -33.21
N TYR C 114 17.68 -38.68 -32.62
CA TYR C 114 17.71 -38.55 -31.17
C TYR C 114 16.63 -37.62 -30.65
N GLN C 115 16.30 -36.56 -31.39
CA GLN C 115 15.33 -35.59 -30.88
C GLN C 115 13.92 -36.16 -30.84
N THR C 116 13.55 -36.93 -31.85
CA THR C 116 12.31 -37.69 -31.76
C THR C 116 12.35 -38.65 -30.58
N ARG C 117 13.53 -39.23 -30.31
CA ARG C 117 13.68 -40.07 -29.13
C ARG C 117 13.32 -39.33 -27.85
N GLU C 118 13.80 -38.10 -27.65
CA GLU C 118 13.45 -37.46 -26.38
C GLU C 118 12.01 -36.97 -26.36
N ILE C 119 11.46 -36.58 -27.49
CA ILE C 119 10.03 -36.28 -27.52
C ILE C 119 9.22 -37.48 -27.08
N LEU C 120 9.54 -38.65 -27.64
CA LEU C 120 8.82 -39.87 -27.27
C LEU C 120 9.15 -40.33 -25.87
N GLU C 121 10.33 -39.99 -25.36
CA GLU C 121 10.65 -40.33 -23.98
C GLU C 121 9.84 -39.51 -23.01
N VAL C 122 9.60 -38.24 -23.33
CA VAL C 122 8.70 -37.44 -22.51
C VAL C 122 7.28 -37.99 -22.58
N LEU C 123 6.87 -38.41 -23.77
CA LEU C 123 5.54 -39.02 -23.90
C LEU C 123 5.43 -40.30 -23.09
N LEU C 124 6.47 -41.14 -23.12
CA LEU C 124 6.46 -42.39 -22.37
C LEU C 124 6.51 -42.14 -20.87
N ASP C 125 7.24 -41.12 -20.46
CA ASP C 125 7.29 -40.75 -19.05
C ASP C 125 5.91 -40.30 -18.57
N ASP C 126 5.20 -39.52 -19.38
CA ASP C 126 3.82 -39.19 -19.02
C ASP C 126 2.93 -40.42 -18.98
N THR C 127 3.02 -41.27 -20.00
CA THR C 127 2.15 -42.45 -20.07
C THR C 127 2.34 -43.35 -18.87
N GLU C 128 3.58 -43.55 -18.43
CA GLU C 128 3.86 -44.42 -17.29
C GLU C 128 3.62 -43.71 -15.97
N SER C 129 4.28 -42.57 -15.76
CA SER C 129 4.34 -41.91 -14.47
C SER C 129 3.17 -40.98 -14.22
N ASP C 130 2.21 -40.92 -15.13
CA ASP C 130 1.10 -39.99 -14.94
C ASP C 130 -0.25 -40.69 -14.90
N HIS C 131 -0.42 -41.79 -15.63
CA HIS C 131 -1.77 -42.30 -15.72
C HIS C 131 -1.84 -43.82 -15.72
N MET C 132 -0.81 -44.50 -16.22
CA MET C 132 -0.73 -45.94 -16.01
C MET C 132 -0.59 -46.24 -14.53
N TYR C 133 0.30 -45.51 -13.85
CA TYR C 133 0.48 -45.64 -12.42
C TYR C 133 -0.79 -45.26 -11.67
N TRP C 134 -1.46 -44.20 -12.09
CA TRP C 134 -2.71 -43.79 -11.46
C TRP C 134 -3.79 -44.85 -11.63
N LEU C 135 -3.90 -45.44 -12.82
CA LEU C 135 -4.91 -46.46 -13.05
C LEU C 135 -4.64 -47.71 -12.23
N GLU C 136 -3.37 -48.11 -12.12
CA GLU C 136 -3.04 -49.25 -11.28
C GLU C 136 -3.36 -48.97 -9.82
N LYS C 137 -3.10 -47.75 -9.37
CA LYS C 137 -3.47 -47.36 -8.01
C LYS C 137 -4.97 -47.42 -7.81
N GLN C 138 -5.74 -46.96 -8.80
CA GLN C 138 -7.19 -46.95 -8.68
C GLN C 138 -7.74 -48.35 -8.61
N LEU C 139 -7.21 -49.26 -9.44
CA LEU C 139 -7.70 -50.64 -9.41
C LEU C 139 -7.30 -51.32 -8.10
N GLY C 140 -6.12 -51.00 -7.57
CA GLY C 140 -5.74 -51.51 -6.27
C GLY C 140 -6.61 -50.98 -5.15
N LEU C 141 -7.01 -49.72 -5.23
CA LEU C 141 -7.92 -49.16 -4.25
C LEU C 141 -9.29 -49.80 -4.33
N ILE C 142 -9.80 -50.03 -5.53
CA ILE C 142 -11.04 -50.78 -5.67
C ILE C 142 -10.92 -52.13 -5.01
N ASP C 143 -9.76 -52.77 -5.15
CA ASP C 143 -9.55 -54.07 -4.52
C ASP C 143 -9.49 -53.97 -3.00
N ARG C 144 -8.98 -52.86 -2.48
CA ARG C 144 -8.80 -52.75 -1.03
C ARG C 144 -10.06 -52.30 -0.31
N ILE C 145 -10.65 -51.17 -0.72
CA ILE C 145 -11.80 -50.62 -0.03
C ILE C 145 -13.12 -51.12 -0.58
N GLY C 146 -13.13 -51.72 -1.75
CA GLY C 146 -14.37 -52.11 -2.40
C GLY C 146 -14.82 -51.06 -3.40
N LEU C 147 -15.73 -51.47 -4.28
CA LEU C 147 -16.14 -50.58 -5.36
C LEU C 147 -17.07 -49.49 -4.85
N ALA C 148 -17.91 -49.78 -3.87
CA ALA C 148 -18.85 -48.78 -3.37
C ALA C 148 -18.13 -47.72 -2.54
N ASN C 149 -17.13 -48.11 -1.75
CA ASN C 149 -16.31 -47.12 -1.09
C ASN C 149 -15.46 -46.35 -2.09
N TYR C 150 -14.94 -47.03 -3.11
CA TYR C 150 -14.09 -46.34 -4.07
C TYR C 150 -14.89 -45.29 -4.83
N LEU C 151 -16.09 -45.65 -5.28
CA LEU C 151 -16.92 -44.72 -6.02
C LEU C 151 -17.40 -43.58 -5.15
N GLN C 152 -17.53 -43.81 -3.84
CA GLN C 152 -17.94 -42.74 -2.92
C GLN C 152 -16.88 -41.65 -2.83
N THR C 153 -15.61 -42.03 -2.96
CA THR C 153 -14.54 -41.05 -2.92
C THR C 153 -14.44 -40.23 -4.20
N LYS C 154 -15.07 -40.69 -5.27
CA LYS C 154 -14.96 -40.09 -6.59
C LYS C 154 -16.06 -39.10 -6.89
N MET C 155 -16.98 -38.88 -5.96
CA MET C 155 -18.07 -37.95 -6.19
C MET C 155 -17.64 -36.52 -5.95
N MET D 1 -33.13 -37.51 -18.80
CA MET D 1 -34.39 -37.80 -19.45
C MET D 1 -34.19 -38.68 -20.66
N LYS D 2 -35.28 -39.23 -21.18
CA LYS D 2 -35.22 -40.07 -22.37
C LYS D 2 -35.47 -39.21 -23.60
N GLY D 3 -34.41 -38.93 -24.34
CA GLY D 3 -34.52 -38.12 -25.55
C GLY D 3 -35.13 -38.90 -26.70
N ASP D 4 -35.64 -38.15 -27.66
CA ASP D 4 -36.17 -38.74 -28.89
C ASP D 4 -35.05 -39.44 -29.65
N LYS D 5 -35.37 -40.59 -30.24
CA LYS D 5 -34.35 -41.39 -30.91
C LYS D 5 -33.77 -40.64 -32.11
N ASP D 6 -34.62 -39.97 -32.88
CA ASP D 6 -34.14 -39.19 -34.02
C ASP D 6 -33.29 -38.01 -33.57
N VAL D 7 -33.63 -37.41 -32.44
CA VAL D 7 -32.85 -36.28 -31.94
C VAL D 7 -31.47 -36.74 -31.52
N ILE D 8 -31.36 -37.93 -30.94
CA ILE D 8 -30.06 -38.45 -30.56
C ILE D 8 -29.25 -38.84 -31.79
N ASP D 9 -29.89 -39.42 -32.81
CA ASP D 9 -29.16 -39.69 -34.05
C ASP D 9 -28.61 -38.42 -34.67
N ALA D 10 -29.43 -37.38 -34.72
CA ALA D 10 -28.99 -36.13 -35.33
C ALA D 10 -27.90 -35.46 -34.49
N LEU D 11 -28.00 -35.57 -33.16
CA LEU D 11 -26.95 -35.05 -32.30
C LEU D 11 -25.66 -35.81 -32.50
N ASN D 12 -25.75 -37.10 -32.79
CA ASN D 12 -24.54 -37.90 -33.01
C ASN D 12 -23.90 -37.56 -34.34
N ARG D 13 -24.70 -37.28 -35.37
CA ARG D 13 -24.15 -36.80 -36.63
C ARG D 13 -23.49 -35.44 -36.47
N LEU D 14 -24.11 -34.55 -35.70
CA LEU D 14 -23.46 -33.28 -35.40
C LEU D 14 -22.16 -33.49 -34.64
N LEU D 15 -22.11 -34.51 -33.78
CA LEU D 15 -20.89 -34.80 -33.04
C LEU D 15 -19.78 -35.29 -33.96
N THR D 16 -20.11 -36.19 -34.88
CA THR D 16 -19.14 -36.60 -35.90
C THR D 16 -18.61 -35.39 -36.66
N GLY D 17 -19.51 -34.49 -37.04
CA GLY D 17 -19.08 -33.27 -37.73
C GLY D 17 -18.14 -32.42 -36.90
N GLU D 18 -18.46 -32.23 -35.62
CA GLU D 18 -17.61 -31.38 -34.78
C GLU D 18 -16.25 -32.02 -34.55
N LEU D 19 -16.21 -33.34 -34.45
CA LEU D 19 -14.94 -34.02 -34.21
C LEU D 19 -14.06 -33.98 -35.46
N SER D 20 -14.67 -34.15 -36.64
CA SER D 20 -13.92 -34.00 -37.88
C SER D 20 -13.41 -32.57 -38.05
N ALA D 21 -14.24 -31.58 -37.69
CA ALA D 21 -13.80 -30.19 -37.70
C ALA D 21 -12.60 -29.99 -36.80
N MET D 22 -12.65 -30.56 -35.60
CA MET D 22 -11.52 -30.46 -34.68
C MET D 22 -10.24 -31.01 -35.31
N ASP D 23 -10.31 -32.20 -35.90
CA ASP D 23 -9.12 -32.77 -36.52
C ASP D 23 -8.59 -31.90 -37.65
N GLN D 24 -9.48 -31.42 -38.52
CA GLN D 24 -9.05 -30.63 -39.66
C GLN D 24 -8.44 -29.30 -39.22
N TYR D 25 -9.08 -28.63 -38.26
CA TYR D 25 -8.53 -27.37 -37.76
C TYR D 25 -7.22 -27.60 -37.04
N PHE D 26 -7.06 -28.75 -36.39
CA PHE D 26 -5.83 -29.09 -35.70
C PHE D 26 -4.67 -29.23 -36.69
N VAL D 27 -4.86 -30.05 -37.71
CA VAL D 27 -3.78 -30.26 -38.66
C VAL D 27 -3.52 -28.99 -39.47
N HIS D 28 -4.56 -28.20 -39.76
CA HIS D 28 -4.35 -26.96 -40.49
C HIS D 28 -3.62 -25.92 -39.66
N ALA D 29 -3.96 -25.80 -38.37
CA ALA D 29 -3.22 -24.88 -37.51
C ALA D 29 -1.76 -25.27 -37.47
N HIS D 30 -1.47 -26.56 -37.40
CA HIS D 30 -0.07 -26.95 -37.30
C HIS D 30 0.64 -26.83 -38.64
N MET D 31 -0.07 -26.97 -39.76
CA MET D 31 0.54 -26.68 -41.05
C MET D 31 0.81 -25.20 -41.21
N TYR D 32 -0.01 -24.35 -40.58
CA TYR D 32 0.24 -22.91 -40.60
C TYR D 32 1.45 -22.58 -39.75
N GLU D 33 1.60 -23.24 -38.60
CA GLU D 33 2.76 -23.00 -37.74
C GLU D 33 4.04 -23.48 -38.41
N ASP D 34 3.98 -24.62 -39.10
CA ASP D 34 5.15 -25.11 -39.81
C ASP D 34 5.65 -24.11 -40.86
N TRP D 35 4.76 -23.26 -41.35
CA TRP D 35 5.11 -22.28 -42.37
C TRP D 35 5.42 -20.90 -41.81
N GLY D 36 5.48 -20.75 -40.49
CA GLY D 36 5.75 -19.46 -39.90
C GLY D 36 4.58 -18.51 -39.86
N LEU D 37 3.38 -18.98 -40.18
CA LEU D 37 2.18 -18.14 -40.23
C LEU D 37 1.48 -18.24 -38.88
N ASN D 38 2.09 -17.62 -37.87
CA ASN D 38 1.67 -17.86 -36.49
C ASN D 38 0.28 -17.32 -36.20
N GLU D 39 -0.15 -16.27 -36.89
CA GLU D 39 -1.47 -15.73 -36.61
C GLU D 39 -2.56 -16.68 -37.09
N LEU D 40 -2.39 -17.27 -38.28
CA LEU D 40 -3.32 -18.32 -38.70
C LEU D 40 -3.23 -19.54 -37.81
N TYR D 41 -2.02 -19.92 -37.38
CA TYR D 41 -1.89 -21.06 -36.48
C TYR D 41 -2.72 -20.83 -35.23
N GLU D 42 -2.59 -19.65 -34.62
CA GLU D 42 -3.29 -19.39 -33.36
C GLU D 42 -4.79 -19.32 -33.57
N ARG D 43 -5.22 -18.68 -34.65
CA ARG D 43 -6.66 -18.58 -34.91
C ARG D 43 -7.27 -19.96 -35.13
N ILE D 44 -6.64 -20.77 -35.98
CA ILE D 44 -7.20 -22.08 -36.32
C ILE D 44 -7.09 -23.03 -35.14
N ALA D 45 -6.08 -22.87 -34.29
CA ALA D 45 -5.99 -23.70 -33.09
C ALA D 45 -7.09 -23.34 -32.11
N HIS D 46 -7.38 -22.05 -31.94
CA HIS D 46 -8.48 -21.69 -31.07
C HIS D 46 -9.81 -22.18 -31.63
N GLU D 47 -9.92 -22.24 -32.96
CA GLU D 47 -11.15 -22.78 -33.53
C GLU D 47 -11.26 -24.29 -33.33
N SER D 48 -10.13 -24.99 -33.35
CA SER D 48 -10.17 -26.41 -32.99
C SER D 48 -10.59 -26.59 -31.53
N ASP D 49 -10.15 -25.69 -30.65
CA ASP D 49 -10.59 -25.75 -29.27
C ASP D 49 -12.08 -25.47 -29.13
N ASP D 50 -12.61 -24.52 -29.91
CA ASP D 50 -14.05 -24.28 -29.88
C ASP D 50 -14.82 -25.49 -30.41
N GLU D 51 -14.29 -26.16 -31.43
CA GLU D 51 -14.92 -27.40 -31.88
C GLU D 51 -14.91 -28.45 -30.78
N LYS D 52 -13.84 -28.51 -30.00
CA LYS D 52 -13.80 -29.43 -28.86
C LYS D 52 -14.86 -29.07 -27.82
N GLY D 53 -15.06 -27.77 -27.59
CA GLY D 53 -16.13 -27.35 -26.69
C GLY D 53 -17.52 -27.73 -27.19
N HIS D 54 -17.75 -27.53 -28.48
CA HIS D 54 -19.03 -27.94 -29.09
C HIS D 54 -19.23 -29.44 -28.98
N ALA D 55 -18.17 -30.22 -29.22
CA ALA D 55 -18.28 -31.66 -29.12
C ALA D 55 -18.53 -32.09 -27.68
N ALA D 56 -17.95 -31.39 -26.72
CA ALA D 56 -18.23 -31.68 -25.33
C ALA D 56 -19.68 -31.43 -24.99
N LYS D 57 -20.23 -30.29 -25.45
CA LYS D 57 -21.64 -30.01 -25.24
C LYS D 57 -22.54 -31.07 -25.88
N LEU D 58 -22.19 -31.49 -27.09
CA LEU D 58 -23.01 -32.50 -27.75
C LEU D 58 -22.94 -33.84 -27.05
N VAL D 59 -21.76 -34.23 -26.58
CA VAL D 59 -21.61 -35.49 -25.86
C VAL D 59 -22.39 -35.45 -24.55
N GLN D 60 -22.31 -34.33 -23.83
CA GLN D 60 -23.07 -34.18 -22.61
C GLN D 60 -24.56 -34.26 -22.87
N ARG D 61 -25.03 -33.65 -23.96
CA ARG D 61 -26.45 -33.71 -24.29
C ARG D 61 -26.88 -35.12 -24.69
N ILE D 62 -26.04 -35.84 -25.43
CA ILE D 62 -26.40 -37.19 -25.84
C ILE D 62 -26.44 -38.12 -24.63
N LEU D 63 -25.52 -37.92 -23.68
CA LEU D 63 -25.54 -38.76 -22.49
C LEU D 63 -26.72 -38.43 -21.60
N PHE D 64 -27.04 -37.14 -21.45
CA PHE D 64 -28.20 -36.74 -20.68
C PHE D 64 -29.48 -37.33 -21.27
N LEU D 65 -29.60 -37.33 -22.59
CA LEU D 65 -30.73 -37.90 -23.30
C LEU D 65 -30.68 -39.42 -23.35
N GLU D 66 -29.80 -40.03 -22.56
CA GLU D 66 -29.67 -41.49 -22.45
C GLU D 66 -29.34 -42.13 -23.78
N GLY D 67 -28.47 -41.48 -24.55
CA GLY D 67 -27.92 -42.05 -25.76
C GLY D 67 -26.46 -42.41 -25.58
N VAL D 68 -25.90 -43.03 -26.62
CA VAL D 68 -24.51 -43.45 -26.62
C VAL D 68 -23.76 -42.53 -27.58
N PRO D 69 -22.91 -41.62 -27.08
CA PRO D 69 -22.15 -40.75 -27.98
C PRO D 69 -21.20 -41.57 -28.84
N ASN D 70 -21.13 -41.23 -30.12
CA ASN D 70 -20.24 -41.90 -31.05
C ASN D 70 -19.06 -40.97 -31.32
N VAL D 71 -17.98 -41.17 -30.57
CA VAL D 71 -16.75 -40.44 -30.79
C VAL D 71 -15.77 -41.23 -31.66
N ALA D 72 -16.14 -42.42 -32.11
CA ALA D 72 -15.25 -43.22 -32.93
C ALA D 72 -15.34 -42.84 -34.41
N ALA D 73 -16.54 -42.56 -34.91
CA ALA D 73 -16.72 -42.26 -36.31
C ALA D 73 -16.14 -40.89 -36.66
N ARG D 74 -15.60 -40.78 -37.87
CA ARG D 74 -15.04 -39.53 -38.36
C ARG D 74 -15.36 -39.40 -39.83
N GLU D 75 -15.69 -38.18 -40.24
CA GLU D 75 -15.90 -37.87 -41.64
C GLU D 75 -14.55 -37.69 -42.33
N ALA D 76 -14.58 -37.73 -43.66
CA ALA D 76 -13.35 -37.55 -44.42
C ALA D 76 -12.85 -36.12 -44.25
N LEU D 77 -11.57 -35.98 -43.93
CA LEU D 77 -10.96 -34.68 -43.77
C LEU D 77 -10.51 -34.18 -45.13
N ASN D 78 -10.66 -32.88 -45.36
CA ASN D 78 -10.24 -32.27 -46.62
C ASN D 78 -9.10 -31.33 -46.25
N ILE D 79 -7.88 -31.83 -46.34
CA ILE D 79 -6.67 -31.09 -45.97
C ILE D 79 -6.15 -30.37 -47.18
N GLY D 80 -5.94 -29.07 -47.06
CA GLY D 80 -5.38 -28.30 -48.15
C GLY D 80 -3.87 -28.37 -48.20
N SER D 81 -3.32 -27.94 -49.33
CA SER D 81 -1.88 -27.93 -49.49
C SER D 81 -1.27 -26.54 -49.41
N ASN D 82 -2.04 -25.52 -49.72
CA ASN D 82 -1.61 -24.13 -49.58
C ASN D 82 -2.69 -23.34 -48.85
N VAL D 83 -2.32 -22.14 -48.41
CA VAL D 83 -3.15 -21.37 -47.46
C VAL D 83 -4.55 -21.16 -48.01
N GLU D 84 -4.68 -20.73 -49.26
CA GLU D 84 -6.01 -20.52 -49.83
C GLU D 84 -6.81 -21.81 -49.85
N GLU D 85 -6.18 -22.93 -50.17
CA GLU D 85 -6.91 -24.19 -50.21
C GLU D 85 -7.37 -24.62 -48.83
N MET D 86 -6.54 -24.42 -47.80
CA MET D 86 -6.96 -24.78 -46.46
C MET D 86 -8.06 -23.86 -45.95
N LEU D 87 -8.00 -22.58 -46.28
CA LEU D 87 -9.08 -21.67 -45.90
C LEU D 87 -10.37 -22.04 -46.61
N ARG D 88 -10.28 -22.41 -47.89
CA ARG D 88 -11.49 -22.78 -48.62
C ARG D 88 -12.06 -24.11 -48.14
N ASN D 89 -11.19 -25.03 -47.72
CA ASN D 89 -11.68 -26.28 -47.15
C ASN D 89 -12.34 -26.06 -45.80
N ASP D 90 -11.76 -25.20 -44.97
CA ASP D 90 -12.40 -24.86 -43.72
C ASP D 90 -13.74 -24.19 -43.96
N LEU D 91 -13.84 -23.34 -45.00
CA LEU D 91 -15.11 -22.70 -45.29
C LEU D 91 -16.14 -23.68 -45.80
N ALA D 92 -15.75 -24.56 -46.73
CA ALA D 92 -16.67 -25.59 -47.20
C ALA D 92 -17.18 -26.42 -46.03
N TYR D 93 -16.31 -26.69 -45.06
CA TYR D 93 -16.72 -27.60 -44.01
C TYR D 93 -17.59 -26.88 -43.00
N GLU D 94 -17.33 -25.59 -42.76
CA GLU D 94 -18.22 -24.77 -41.93
C GLU D 94 -19.59 -24.65 -42.58
N TYR D 95 -19.65 -24.49 -43.89
CA TYR D 95 -20.93 -24.46 -44.58
C TYR D 95 -21.69 -25.76 -44.38
N LYS D 96 -21.01 -26.90 -44.51
CA LYS D 96 -21.69 -28.17 -44.31
C LYS D 96 -22.19 -28.31 -42.88
N VAL D 97 -21.37 -27.92 -41.91
CA VAL D 97 -21.78 -27.99 -40.50
C VAL D 97 -22.98 -27.11 -40.24
N ALA D 98 -23.02 -25.91 -40.83
CA ALA D 98 -24.14 -25.00 -40.60
C ALA D 98 -25.42 -25.55 -41.21
N ASP D 99 -25.34 -26.11 -42.41
CA ASP D 99 -26.49 -26.75 -43.03
C ASP D 99 -27.02 -27.88 -42.16
N ASP D 100 -26.12 -28.74 -41.67
CA ASP D 100 -26.54 -29.88 -40.88
C ASP D 100 -27.11 -29.45 -39.54
N LEU D 101 -26.56 -28.39 -38.96
CA LEU D 101 -27.09 -27.82 -37.73
C LEU D 101 -28.50 -27.28 -37.94
N ARG D 102 -28.75 -26.62 -39.07
CA ARG D 102 -30.08 -26.12 -39.34
C ARG D 102 -31.08 -27.26 -39.47
N LYS D 103 -30.70 -28.33 -40.17
CA LYS D 103 -31.59 -29.48 -40.26
C LYS D 103 -31.91 -30.05 -38.88
N VAL D 104 -30.90 -30.13 -38.01
CA VAL D 104 -31.15 -30.72 -36.70
C VAL D 104 -31.95 -29.77 -35.81
N ILE D 105 -31.79 -28.45 -35.99
CA ILE D 105 -32.60 -27.51 -35.22
C ILE D 105 -34.06 -27.62 -35.63
N ALA D 106 -34.32 -27.75 -36.93
CA ALA D 106 -35.68 -27.99 -37.39
C ALA D 106 -36.23 -29.27 -36.79
N LEU D 107 -35.43 -30.34 -36.76
CA LEU D 107 -35.89 -31.61 -36.20
C LEU D 107 -36.20 -31.47 -34.71
N CYS D 108 -35.34 -30.78 -33.96
CA CYS D 108 -35.58 -30.59 -32.54
C CYS D 108 -36.83 -29.76 -32.29
N GLU D 109 -37.14 -28.84 -33.20
CA GLU D 109 -38.39 -28.09 -33.07
C GLU D 109 -39.59 -28.98 -33.32
N GLN D 110 -39.53 -29.85 -34.34
CA GLN D 110 -40.63 -30.77 -34.57
C GLN D 110 -40.80 -31.76 -33.43
N LYS D 111 -39.70 -32.20 -32.81
CA LYS D 111 -39.76 -33.21 -31.76
C LYS D 111 -39.91 -32.60 -30.39
N LYS D 112 -40.24 -31.31 -30.30
CA LYS D 112 -40.51 -30.61 -29.05
C LYS D 112 -39.30 -30.57 -28.13
N ASP D 113 -38.13 -31.01 -28.61
CA ASP D 113 -36.93 -31.02 -27.79
C ASP D 113 -36.30 -29.64 -27.85
N TYR D 114 -36.88 -28.73 -27.07
CA TYR D 114 -36.49 -27.34 -27.15
C TYR D 114 -35.08 -27.10 -26.62
N GLN D 115 -34.67 -27.83 -25.59
CA GLN D 115 -33.36 -27.56 -24.98
C GLN D 115 -32.22 -27.98 -25.91
N THR D 116 -32.36 -29.10 -26.59
CA THR D 116 -31.42 -29.43 -27.66
C THR D 116 -31.45 -28.35 -28.72
N ARG D 117 -32.61 -27.79 -29.02
CA ARG D 117 -32.69 -26.67 -29.95
C ARG D 117 -31.81 -25.52 -29.53
N GLU D 118 -31.84 -25.09 -28.25
CA GLU D 118 -31.00 -23.95 -27.91
C GLU D 118 -29.51 -24.32 -27.83
N ILE D 119 -29.20 -25.54 -27.44
CA ILE D 119 -27.79 -25.96 -27.51
C ILE D 119 -27.29 -25.87 -28.94
N LEU D 120 -28.07 -26.37 -29.90
CA LEU D 120 -27.66 -26.32 -31.29
C LEU D 120 -27.73 -24.91 -31.85
N GLU D 121 -28.58 -24.06 -31.30
CA GLU D 121 -28.62 -22.68 -31.74
C GLU D 121 -27.38 -21.93 -31.31
N VAL D 122 -26.88 -22.22 -30.11
CA VAL D 122 -25.60 -21.66 -29.69
C VAL D 122 -24.48 -22.17 -30.58
N LEU D 123 -24.53 -23.47 -30.93
CA LEU D 123 -23.52 -24.01 -31.83
C LEU D 123 -23.58 -23.36 -33.20
N LEU D 124 -24.78 -23.13 -33.73
CA LEU D 124 -24.94 -22.51 -35.03
C LEU D 124 -24.53 -21.04 -34.99
N ASP D 125 -24.79 -20.36 -33.89
CA ASP D 125 -24.36 -18.99 -33.73
C ASP D 125 -22.83 -18.91 -33.73
N ASP D 126 -22.16 -19.84 -33.05
CA ASP D 126 -20.70 -19.86 -33.14
C ASP D 126 -20.23 -20.18 -34.56
N THR D 127 -20.83 -21.19 -35.20
CA THR D 127 -20.40 -21.58 -36.54
C THR D 127 -20.51 -20.43 -37.53
N GLU D 128 -21.60 -19.66 -37.45
CA GLU D 128 -21.80 -18.55 -38.38
C GLU D 128 -21.02 -17.31 -37.95
N SER D 129 -21.25 -16.85 -36.73
CA SER D 129 -20.78 -15.56 -36.27
C SER D 129 -19.37 -15.61 -35.72
N ASP D 130 -18.69 -16.74 -35.80
CA ASP D 130 -17.36 -16.84 -35.23
C ASP D 130 -16.31 -17.24 -36.24
N HIS D 131 -16.66 -18.05 -37.23
CA HIS D 131 -15.60 -18.57 -38.06
C HIS D 131 -15.99 -18.69 -39.52
N MET D 132 -17.25 -18.91 -39.84
CA MET D 132 -17.69 -18.77 -41.22
C MET D 132 -17.52 -17.34 -41.69
N TYR D 133 -17.95 -16.39 -40.86
CA TYR D 133 -17.77 -14.98 -41.14
C TYR D 133 -16.29 -14.62 -41.23
N TRP D 134 -15.49 -15.14 -40.31
CA TRP D 134 -14.05 -14.89 -40.34
C TRP D 134 -13.41 -15.43 -41.61
N LEU D 135 -13.79 -16.64 -42.03
CA LEU D 135 -13.22 -17.22 -43.23
C LEU D 135 -13.62 -16.44 -44.48
N GLU D 136 -14.87 -15.99 -44.54
CA GLU D 136 -15.28 -15.16 -45.68
C GLU D 136 -14.52 -13.85 -45.69
N LYS D 137 -14.30 -13.26 -44.52
CA LYS D 137 -13.48 -12.05 -44.45
C LYS D 137 -12.06 -12.31 -44.93
N GLN D 138 -11.48 -13.44 -44.54
CA GLN D 138 -10.12 -13.76 -44.93
C GLN D 138 -10.00 -13.95 -46.44
N LEU D 139 -10.96 -14.64 -47.04
CA LEU D 139 -10.92 -14.83 -48.47
C LEU D 139 -11.13 -13.53 -49.22
N GLY D 140 -11.98 -12.65 -48.68
CA GLY D 140 -12.14 -11.33 -49.27
C GLY D 140 -10.89 -10.48 -49.14
N LEU D 141 -10.18 -10.59 -48.02
CA LEU D 141 -8.92 -9.88 -47.88
C LEU D 141 -7.87 -10.40 -48.84
N ILE D 142 -7.79 -11.73 -49.02
CA ILE D 142 -6.89 -12.27 -50.03
C ILE D 142 -7.23 -11.69 -51.38
N ASP D 143 -8.52 -11.52 -51.67
CA ASP D 143 -8.92 -10.96 -52.95
C ASP D 143 -8.55 -9.48 -53.06
N ARG D 144 -8.56 -8.75 -51.94
CA ARG D 144 -8.31 -7.31 -52.00
C ARG D 144 -6.83 -6.97 -52.00
N ILE D 145 -6.07 -7.46 -51.02
CA ILE D 145 -4.66 -7.09 -50.90
C ILE D 145 -3.74 -8.04 -51.64
N GLY D 146 -4.22 -9.21 -52.05
CA GLY D 146 -3.36 -10.20 -52.64
C GLY D 146 -2.90 -11.24 -51.62
N LEU D 147 -2.42 -12.36 -52.12
CA LEU D 147 -2.06 -13.45 -51.23
C LEU D 147 -0.76 -13.17 -50.48
N ALA D 148 0.19 -12.50 -51.13
CA ALA D 148 1.47 -12.23 -50.49
C ALA D 148 1.34 -11.17 -49.41
N ASN D 149 0.51 -10.15 -49.64
CA ASN D 149 0.22 -9.20 -48.57
C ASN D 149 -0.60 -9.86 -47.47
N TYR D 150 -1.54 -10.73 -47.83
CA TYR D 150 -2.37 -11.35 -46.83
C TYR D 150 -1.54 -12.24 -45.92
N LEU D 151 -0.66 -13.03 -46.51
CA LEU D 151 0.19 -13.93 -45.72
C LEU D 151 1.20 -13.16 -44.90
N GLN D 152 1.59 -11.97 -45.34
CA GLN D 152 2.51 -11.15 -44.56
C GLN D 152 1.88 -10.69 -43.26
N THR D 153 0.58 -10.45 -43.25
CA THR D 153 -0.12 -10.04 -42.04
C THR D 153 -0.31 -11.18 -41.06
N LYS D 154 -0.15 -12.41 -41.52
CA LYS D 154 -0.43 -13.59 -40.72
C LYS D 154 0.80 -14.14 -40.01
N MET D 155 1.95 -13.51 -40.18
CA MET D 155 3.17 -13.98 -39.55
C MET D 155 3.25 -13.54 -38.09
N MET E 1 36.54 -36.15 -13.68
CA MET E 1 36.78 -37.52 -14.09
C MET E 1 37.62 -37.55 -15.36
N LYS E 2 38.13 -38.74 -15.68
CA LYS E 2 38.92 -38.92 -16.89
C LYS E 2 38.00 -39.38 -18.01
N GLY E 3 37.71 -38.47 -18.94
CA GLY E 3 36.86 -38.79 -20.06
C GLY E 3 37.57 -39.62 -21.11
N ASP E 4 36.77 -40.29 -21.93
CA ASP E 4 37.32 -41.04 -23.05
C ASP E 4 38.00 -40.10 -24.03
N LYS E 5 39.12 -40.57 -24.60
CA LYS E 5 39.90 -39.71 -25.48
C LYS E 5 39.13 -39.35 -26.74
N ASP E 6 38.40 -40.31 -27.31
CA ASP E 6 37.59 -40.03 -28.50
C ASP E 6 36.44 -39.09 -28.17
N VAL E 7 35.88 -39.19 -26.97
CA VAL E 7 34.78 -38.31 -26.59
C VAL E 7 35.28 -36.88 -26.46
N ILE E 8 36.49 -36.70 -25.95
CA ILE E 8 37.05 -35.36 -25.84
C ILE E 8 37.39 -34.80 -27.22
N ASP E 9 37.93 -35.63 -28.12
CA ASP E 9 38.17 -35.16 -29.47
C ASP E 9 36.88 -34.72 -30.15
N ALA E 10 35.82 -35.51 -30.00
CA ALA E 10 34.55 -35.16 -30.63
C ALA E 10 33.94 -33.92 -30.00
N LEU E 11 34.10 -33.77 -28.68
CA LEU E 11 33.63 -32.57 -28.01
C LEU E 11 34.40 -31.34 -28.48
N ASN E 12 35.68 -31.52 -28.79
CA ASN E 12 36.48 -30.40 -29.26
C ASN E 12 36.10 -30.01 -30.68
N ARG E 13 35.76 -30.98 -31.53
CA ARG E 13 35.25 -30.66 -32.85
C ARG E 13 33.90 -29.95 -32.77
N LEU E 14 33.04 -30.39 -31.86
CA LEU E 14 31.79 -29.66 -31.64
C LEU E 14 32.05 -28.26 -31.15
N LEU E 15 33.10 -28.07 -30.35
CA LEU E 15 33.44 -26.74 -29.86
C LEU E 15 33.90 -25.83 -31.00
N THR E 16 34.77 -26.35 -31.87
CA THR E 16 35.14 -25.59 -33.07
C THR E 16 33.92 -25.20 -33.88
N GLY E 17 32.98 -26.13 -34.05
CA GLY E 17 31.76 -25.81 -34.75
C GLY E 17 30.95 -24.71 -34.09
N GLU E 18 30.79 -24.78 -32.77
CA GLU E 18 30.00 -23.77 -32.07
C GLU E 18 30.67 -22.41 -32.12
N LEU E 19 32.00 -22.38 -32.09
CA LEU E 19 32.70 -21.10 -32.12
C LEU E 19 32.62 -20.47 -33.50
N SER E 20 32.74 -21.29 -34.55
CA SER E 20 32.54 -20.78 -35.90
C SER E 20 31.12 -20.29 -36.11
N ALA E 21 30.14 -21.01 -35.57
CA ALA E 21 28.75 -20.55 -35.61
C ALA E 21 28.60 -19.20 -34.94
N MET E 22 29.23 -19.04 -33.78
CA MET E 22 29.19 -17.76 -33.09
C MET E 22 29.72 -16.63 -33.96
N ASP E 23 30.88 -16.83 -34.57
CA ASP E 23 31.45 -15.79 -35.44
C ASP E 23 30.54 -15.46 -36.61
N GLN E 24 30.02 -16.49 -37.27
CA GLN E 24 29.18 -16.27 -38.45
C GLN E 24 27.89 -15.56 -38.08
N TYR E 25 27.24 -15.98 -36.99
CA TYR E 25 26.02 -15.32 -36.56
C TYR E 25 26.30 -13.90 -36.11
N PHE E 26 27.47 -13.66 -35.55
CA PHE E 26 27.85 -12.32 -35.11
C PHE E 26 27.98 -11.38 -36.30
N VAL E 27 28.75 -11.77 -37.30
CA VAL E 27 28.94 -10.89 -38.46
C VAL E 27 27.64 -10.77 -39.25
N HIS E 28 26.83 -11.83 -39.30
CA HIS E 28 25.56 -11.73 -40.02
C HIS E 28 24.57 -10.82 -39.29
N ALA E 29 24.49 -10.92 -37.97
CA ALA E 29 23.62 -10.00 -37.23
C ALA E 29 24.03 -8.57 -37.47
N HIS E 30 25.33 -8.31 -37.51
CA HIS E 30 25.74 -6.92 -37.69
C HIS E 30 25.57 -6.47 -39.14
N MET E 31 25.65 -7.38 -40.10
CA MET E 31 25.33 -7.02 -41.47
C MET E 31 23.84 -6.75 -41.63
N TYR E 32 23.01 -7.42 -40.83
CA TYR E 32 21.58 -7.14 -40.85
C TYR E 32 21.29 -5.78 -40.22
N GLU E 33 22.01 -5.45 -39.15
CA GLU E 33 21.81 -4.15 -38.52
C GLU E 33 22.30 -3.02 -39.43
N ASP E 34 23.40 -3.23 -40.14
CA ASP E 34 23.88 -2.23 -41.07
C ASP E 34 22.85 -1.92 -42.16
N TRP E 35 21.96 -2.86 -42.45
CA TRP E 35 20.95 -2.68 -43.48
C TRP E 35 19.60 -2.25 -42.93
N GLY E 36 19.50 -1.93 -41.65
CA GLY E 36 18.24 -1.53 -41.06
C GLY E 36 17.28 -2.65 -40.78
N LEU E 37 17.72 -3.91 -40.87
CA LEU E 37 16.86 -5.07 -40.67
C LEU E 37 17.00 -5.51 -39.22
N ASN E 38 16.43 -4.71 -38.31
CA ASN E 38 16.73 -4.86 -36.89
C ASN E 38 16.16 -6.16 -36.32
N GLU E 39 15.08 -6.68 -36.88
CA GLU E 39 14.53 -7.92 -36.35
C GLU E 39 15.45 -9.10 -36.63
N LEU E 40 16.00 -9.17 -37.85
CA LEU E 40 17.01 -10.18 -38.14
C LEU E 40 18.27 -9.95 -37.32
N TYR E 41 18.68 -8.69 -37.15
CA TYR E 41 19.86 -8.42 -36.33
C TYR E 41 19.67 -8.99 -34.93
N GLU E 42 18.52 -8.73 -34.32
CA GLU E 42 18.30 -9.17 -32.95
C GLU E 42 18.20 -10.69 -32.86
N ARG E 43 17.50 -11.30 -33.81
CA ARG E 43 17.37 -12.76 -33.80
C ARG E 43 18.73 -13.43 -33.95
N ILE E 44 19.53 -12.99 -34.93
CA ILE E 44 20.80 -13.63 -35.20
C ILE E 44 21.81 -13.32 -34.10
N ALA E 45 21.70 -12.17 -33.45
CA ALA E 45 22.58 -11.87 -32.32
C ALA E 45 22.24 -12.75 -31.14
N HIS E 46 20.96 -12.98 -30.88
CA HIS E 46 20.61 -13.89 -29.80
C HIS E 46 21.04 -15.31 -30.13
N GLU E 47 21.06 -15.68 -31.41
CA GLU E 47 21.56 -17.00 -31.75
C GLU E 47 23.07 -17.10 -31.58
N SER E 48 23.79 -16.02 -31.85
CA SER E 48 25.21 -16.01 -31.54
C SER E 48 25.45 -16.16 -30.03
N ASP E 49 24.59 -15.54 -29.23
CA ASP E 49 24.69 -15.71 -27.78
C ASP E 49 24.40 -17.15 -27.36
N ASP E 50 23.42 -17.79 -27.98
CA ASP E 50 23.16 -19.19 -27.68
C ASP E 50 24.33 -20.08 -28.10
N GLU E 51 24.97 -19.77 -29.22
CA GLU E 51 26.18 -20.50 -29.59
C GLU E 51 27.27 -20.30 -28.55
N LYS E 52 27.38 -19.10 -27.98
CA LYS E 52 28.35 -18.88 -26.91
C LYS E 52 28.02 -19.71 -25.67
N GLY E 53 26.73 -19.84 -25.37
CA GLY E 53 26.33 -20.70 -24.26
C GLY E 53 26.66 -22.17 -24.50
N HIS E 54 26.40 -22.64 -25.73
CA HIS E 54 26.78 -24.01 -26.09
C HIS E 54 28.27 -24.22 -26.01
N ALA E 55 29.06 -23.25 -26.47
CA ALA E 55 30.50 -23.37 -26.40
C ALA E 55 30.99 -23.36 -24.96
N ALA E 56 30.33 -22.58 -24.09
CA ALA E 56 30.67 -22.61 -22.68
C ALA E 56 30.42 -23.98 -22.08
N LYS E 57 29.25 -24.56 -22.39
CA LYS E 57 28.95 -25.91 -21.89
C LYS E 57 29.96 -26.93 -22.39
N LEU E 58 30.36 -26.82 -23.66
CA LEU E 58 31.32 -27.78 -24.20
C LEU E 58 32.70 -27.61 -23.57
N VAL E 59 33.12 -26.37 -23.35
CA VAL E 59 34.41 -26.12 -22.71
C VAL E 59 34.41 -26.63 -21.28
N GLN E 60 33.32 -26.38 -20.54
CA GLN E 60 33.21 -26.91 -19.20
C GLN E 60 33.26 -28.42 -19.18
N ARG E 61 32.59 -29.07 -20.13
CA ARG E 61 32.62 -30.53 -20.19
C ARG E 61 34.00 -31.06 -20.55
N ILE E 62 34.70 -30.39 -21.46
CA ILE E 62 36.04 -30.85 -21.85
C ILE E 62 37.01 -30.68 -20.69
N LEU E 63 36.87 -29.60 -19.93
CA LEU E 63 37.75 -29.41 -18.79
C LEU E 63 37.43 -30.39 -17.67
N PHE E 64 36.15 -30.66 -17.43
CA PHE E 64 35.77 -31.64 -16.43
C PHE E 64 36.31 -33.02 -16.79
N LEU E 65 36.26 -33.38 -18.06
CA LEU E 65 36.79 -34.64 -18.56
C LEU E 65 38.30 -34.63 -18.68
N GLU E 66 38.95 -33.63 -18.09
CA GLU E 66 40.41 -33.51 -18.06
C GLU E 66 41.01 -33.46 -19.46
N GLY E 67 40.34 -32.74 -20.36
CA GLY E 67 40.87 -32.44 -21.67
C GLY E 67 41.26 -30.98 -21.78
N VAL E 68 41.84 -30.64 -22.92
CA VAL E 68 42.28 -29.28 -23.21
C VAL E 68 41.34 -28.70 -24.25
N PRO E 69 40.46 -27.76 -23.89
CA PRO E 69 39.57 -27.16 -24.89
C PRO E 69 40.37 -26.41 -25.94
N ASN E 70 39.98 -26.57 -27.20
CA ASN E 70 40.61 -25.89 -28.31
C ASN E 70 39.70 -24.76 -28.76
N VAL E 71 39.95 -23.57 -28.23
CA VAL E 71 39.22 -22.37 -28.66
C VAL E 71 39.99 -21.59 -29.71
N ALA E 72 41.15 -22.08 -30.14
CA ALA E 72 41.94 -21.37 -31.14
C ALA E 72 41.50 -21.72 -32.55
N ALA E 73 41.18 -22.99 -32.80
CA ALA E 73 40.82 -23.43 -34.14
C ALA E 73 39.46 -22.89 -34.54
N ARG E 74 39.30 -22.59 -35.83
CA ARG E 74 38.04 -22.10 -36.37
C ARG E 74 37.84 -22.69 -37.75
N GLU E 75 36.61 -23.06 -38.05
CA GLU E 75 36.23 -23.53 -39.36
C GLU E 75 36.06 -22.33 -40.29
N ALA E 76 36.03 -22.60 -41.58
CA ALA E 76 35.83 -21.54 -42.55
C ALA E 76 34.43 -20.99 -42.43
N LEU E 77 34.33 -19.67 -42.36
CA LEU E 77 33.05 -19.00 -42.28
C LEU E 77 32.49 -18.80 -43.67
N ASN E 78 31.18 -18.97 -43.82
CA ASN E 78 30.54 -18.77 -45.11
C ASN E 78 29.61 -17.57 -44.94
N ILE E 79 30.13 -16.40 -45.27
CA ILE E 79 29.44 -15.13 -45.09
C ILE E 79 28.67 -14.82 -46.38
N GLY E 80 27.37 -14.57 -46.24
CA GLY E 80 26.56 -14.21 -47.38
C GLY E 80 26.66 -12.74 -47.72
N SER E 81 26.20 -12.40 -48.92
CA SER E 81 26.22 -11.01 -49.35
C SER E 81 24.83 -10.37 -49.33
N ASN E 82 23.77 -11.16 -49.45
CA ASN E 82 22.40 -10.68 -49.35
C ASN E 82 21.64 -11.58 -48.39
N VAL E 83 20.45 -11.12 -47.99
CA VAL E 83 19.72 -11.73 -46.89
C VAL E 83 19.47 -13.21 -47.14
N GLU E 84 18.97 -13.55 -48.33
CA GLU E 84 18.72 -14.96 -48.63
C GLU E 84 20.00 -15.79 -48.54
N GLU E 85 21.12 -15.24 -49.01
CA GLU E 85 22.36 -16.00 -48.97
C GLU E 85 22.84 -16.21 -47.54
N MET E 86 22.69 -15.19 -46.69
CA MET E 86 23.10 -15.37 -45.30
C MET E 86 22.19 -16.33 -44.56
N LEU E 87 20.89 -16.30 -44.85
CA LEU E 87 19.99 -17.27 -44.23
C LEU E 87 20.30 -18.67 -44.71
N ARG E 88 20.63 -18.84 -45.99
CA ARG E 88 20.96 -20.17 -46.50
C ARG E 88 22.29 -20.66 -45.96
N ASN E 89 23.24 -19.76 -45.75
CA ASN E 89 24.51 -20.15 -45.14
C ASN E 89 24.33 -20.55 -43.69
N ASP E 90 23.51 -19.80 -42.95
CA ASP E 90 23.20 -20.19 -41.58
C ASP E 90 22.50 -21.54 -41.55
N LEU E 91 21.63 -21.81 -42.52
CA LEU E 91 20.94 -23.09 -42.54
C LEU E 91 21.89 -24.23 -42.88
N ALA E 92 22.74 -24.04 -43.90
CA ALA E 92 23.74 -25.05 -44.22
C ALA E 92 24.60 -25.35 -43.01
N TYR E 93 24.93 -24.32 -42.24
CA TYR E 93 25.87 -24.54 -41.16
C TYR E 93 25.18 -25.20 -39.97
N GLU E 94 23.90 -24.86 -39.74
CA GLU E 94 23.11 -25.57 -38.73
C GLU E 94 22.93 -27.04 -39.10
N TYR E 95 22.72 -27.33 -40.37
CA TYR E 95 22.66 -28.72 -40.82
C TYR E 95 23.94 -29.46 -40.51
N LYS E 96 25.08 -28.84 -40.82
CA LYS E 96 26.36 -29.50 -40.54
C LYS E 96 26.55 -29.72 -39.05
N VAL E 97 26.20 -28.73 -38.23
CA VAL E 97 26.33 -28.87 -36.77
C VAL E 97 25.43 -29.98 -36.26
N ALA E 98 24.21 -30.10 -36.79
CA ALA E 98 23.30 -31.14 -36.32
C ALA E 98 23.81 -32.53 -36.70
N ASP E 99 24.32 -32.67 -37.91
CA ASP E 99 24.91 -33.94 -38.33
C ASP E 99 26.08 -34.32 -37.41
N ASP E 100 26.95 -33.36 -37.13
CA ASP E 100 28.13 -33.65 -36.32
C ASP E 100 27.74 -33.96 -34.88
N LEU E 101 26.71 -33.27 -34.38
CA LEU E 101 26.19 -33.56 -33.04
C LEU E 101 25.61 -34.96 -32.97
N ARG E 102 24.91 -35.40 -34.00
CA ARG E 102 24.38 -36.76 -33.99
C ARG E 102 25.50 -37.80 -33.98
N LYS E 103 26.54 -37.57 -34.78
CA LYS E 103 27.67 -38.48 -34.74
C LYS E 103 28.30 -38.55 -33.35
N VAL E 104 28.43 -37.41 -32.69
CA VAL E 104 29.06 -37.42 -31.38
C VAL E 104 28.13 -38.01 -30.32
N ILE E 105 26.82 -37.86 -30.47
CA ILE E 105 25.88 -38.49 -29.54
C ILE E 105 25.96 -40.00 -29.67
N ALA E 106 26.04 -40.50 -30.90
CA ALA E 106 26.25 -41.92 -31.10
C ALA E 106 27.54 -42.39 -30.45
N LEU E 107 28.61 -41.62 -30.62
CA LEU E 107 29.90 -42.00 -30.02
C LEU E 107 29.82 -42.01 -28.50
N CYS E 108 29.16 -41.01 -27.90
CA CYS E 108 29.03 -40.97 -26.45
C CYS E 108 28.19 -42.14 -25.94
N GLU E 109 27.23 -42.60 -26.74
CA GLU E 109 26.47 -43.78 -26.35
C GLU E 109 27.34 -45.03 -26.40
N GLN E 110 28.16 -45.17 -27.44
CA GLN E 110 29.06 -46.33 -27.50
C GLN E 110 30.10 -46.30 -26.38
N LYS E 111 30.58 -45.12 -26.00
CA LYS E 111 31.62 -45.00 -25.00
C LYS E 111 31.06 -44.87 -23.59
N LYS E 112 29.77 -45.14 -23.40
CA LYS E 112 29.12 -45.17 -22.10
C LYS E 112 29.13 -43.81 -21.42
N ASP E 113 29.57 -42.76 -22.13
CA ASP E 113 29.64 -41.41 -21.56
C ASP E 113 28.26 -40.80 -21.68
N TYR E 114 27.38 -41.18 -20.78
CA TYR E 114 25.98 -40.78 -20.88
C TYR E 114 25.79 -39.30 -20.61
N GLN E 115 26.57 -38.72 -19.71
CA GLN E 115 26.35 -37.32 -19.35
C GLN E 115 26.74 -36.38 -20.48
N THR E 116 27.83 -36.67 -21.17
CA THR E 116 28.13 -35.96 -22.40
C THR E 116 27.01 -36.15 -23.40
N ARG E 117 26.42 -37.34 -23.45
CA ARG E 117 25.27 -37.57 -24.32
C ARG E 117 24.13 -36.59 -24.03
N GLU E 118 23.77 -36.37 -22.76
CA GLU E 118 22.65 -35.46 -22.54
C GLU E 118 23.04 -34.01 -22.75
N ILE E 119 24.29 -33.64 -22.47
CA ILE E 119 24.73 -32.28 -22.82
C ILE E 119 24.58 -32.06 -24.32
N LEU E 120 25.04 -33.02 -25.12
CA LEU E 120 24.93 -32.87 -26.56
C LEU E 120 23.51 -33.02 -27.05
N GLU E 121 22.67 -33.72 -26.31
CA GLU E 121 21.27 -33.82 -26.69
C GLU E 121 20.55 -32.50 -26.47
N VAL E 122 20.90 -31.79 -25.40
CA VAL E 122 20.37 -30.44 -25.21
C VAL E 122 20.87 -29.52 -26.32
N LEU E 123 22.14 -29.67 -26.69
CA LEU E 123 22.68 -28.85 -27.79
C LEU E 123 21.96 -29.16 -29.10
N LEU E 124 21.70 -30.43 -29.38
CA LEU E 124 21.01 -30.82 -30.62
C LEU E 124 19.57 -30.36 -30.60
N ASP E 125 18.93 -30.41 -29.43
CA ASP E 125 17.57 -29.92 -29.31
C ASP E 125 17.50 -28.43 -29.60
N ASP E 126 18.47 -27.66 -29.09
CA ASP E 126 18.52 -26.25 -29.47
C ASP E 126 18.78 -26.05 -30.95
N THR E 127 19.75 -26.78 -31.50
CA THR E 127 20.10 -26.62 -32.91
C THR E 127 18.92 -26.89 -33.82
N GLU E 128 18.13 -27.93 -33.52
CA GLU E 128 16.98 -28.28 -34.34
C GLU E 128 15.77 -27.41 -34.03
N SER E 129 15.36 -27.38 -32.77
CA SER E 129 14.09 -26.82 -32.36
C SER E 129 14.17 -25.32 -32.09
N ASP E 130 15.33 -24.69 -32.32
CA ASP E 130 15.46 -23.28 -32.03
C ASP E 130 15.84 -22.45 -33.23
N HIS E 131 16.60 -23.01 -34.17
CA HIS E 131 17.10 -22.12 -35.20
C HIS E 131 17.16 -22.78 -36.57
N MET E 132 17.35 -24.10 -36.64
CA MET E 132 17.15 -24.77 -37.92
C MET E 132 15.70 -24.67 -38.36
N TYR E 133 14.78 -24.92 -37.43
CA TYR E 133 13.36 -24.76 -37.69
C TYR E 133 13.02 -23.32 -38.03
N TRP E 134 13.59 -22.36 -37.30
CA TRP E 134 13.35 -20.95 -37.60
C TRP E 134 13.85 -20.58 -38.99
N LEU E 135 15.04 -21.06 -39.37
CA LEU E 135 15.59 -20.73 -40.68
C LEU E 135 14.75 -21.33 -41.79
N GLU E 136 14.28 -22.56 -41.60
CA GLU E 136 13.41 -23.16 -42.61
C GLU E 136 12.10 -22.40 -42.73
N LYS E 137 11.56 -21.94 -41.60
CA LYS E 137 10.36 -21.10 -41.63
C LYS E 137 10.61 -19.81 -42.38
N GLN E 138 11.78 -19.20 -42.16
CA GLN E 138 12.10 -17.93 -42.81
C GLN E 138 12.23 -18.10 -44.30
N LEU E 139 12.88 -19.17 -44.74
CA LEU E 139 13.03 -19.40 -46.16
C LEU E 139 11.68 -19.72 -46.81
N GLY E 140 10.82 -20.45 -46.08
CA GLY E 140 9.47 -20.68 -46.59
C GLY E 140 8.65 -19.41 -46.68
N LEU E 141 8.82 -18.50 -45.70
CA LEU E 141 8.13 -17.22 -45.77
C LEU E 141 8.63 -16.38 -46.94
N ILE E 142 9.94 -16.36 -47.17
CA ILE E 142 10.45 -15.68 -48.35
C ILE E 142 9.82 -16.26 -49.61
N ASP E 143 9.63 -17.58 -49.64
CA ASP E 143 9.00 -18.19 -50.80
C ASP E 143 7.52 -17.82 -50.92
N ARG E 144 6.84 -17.60 -49.79
CA ARG E 144 5.41 -17.34 -49.84
C ARG E 144 5.09 -15.88 -50.11
N ILE E 145 5.62 -14.96 -49.31
CA ILE E 145 5.29 -13.55 -49.45
C ILE E 145 6.22 -12.80 -50.38
N GLY E 146 7.36 -13.37 -50.74
CA GLY E 146 8.35 -12.66 -51.51
C GLY E 146 9.42 -12.04 -50.63
N LEU E 147 10.53 -11.68 -51.26
CA LEU E 147 11.67 -11.19 -50.49
C LEU E 147 11.44 -9.77 -50.00
N ALA E 148 10.75 -8.95 -50.78
CA ALA E 148 10.53 -7.56 -50.39
C ALA E 148 9.50 -7.46 -49.27
N ASN E 149 8.47 -8.29 -49.30
CA ASN E 149 7.57 -8.36 -48.16
C ASN E 149 8.24 -8.97 -46.95
N TYR E 150 9.09 -9.98 -47.16
CA TYR E 150 9.74 -10.63 -46.04
C TYR E 150 10.67 -9.67 -45.34
N LEU E 151 11.47 -8.92 -46.11
CA LEU E 151 12.40 -7.97 -45.53
C LEU E 151 11.68 -6.80 -44.87
N GLN E 152 10.48 -6.47 -45.34
CA GLN E 152 9.70 -5.40 -44.72
C GLN E 152 9.28 -5.76 -43.31
N THR E 153 9.03 -7.04 -43.06
CA THR E 153 8.66 -7.49 -41.73
C THR E 153 9.83 -7.51 -40.76
N LYS E 154 11.05 -7.46 -41.28
CA LYS E 154 12.26 -7.62 -40.49
C LYS E 154 12.84 -6.30 -40.05
N MET E 155 12.23 -5.18 -40.41
CA MET E 155 12.74 -3.87 -40.03
C MET E 155 12.37 -3.51 -38.61
N MET F 1 29.05 6.06 -44.36
CA MET F 1 30.06 6.84 -45.05
C MET F 1 31.19 5.97 -45.53
N LYS F 2 32.03 6.52 -46.40
CA LYS F 2 33.19 5.80 -46.90
C LYS F 2 34.40 6.12 -46.04
N GLY F 3 34.79 5.17 -45.20
CA GLY F 3 35.93 5.35 -44.33
C GLY F 3 37.24 5.24 -45.07
N ASP F 4 38.29 5.79 -44.46
CA ASP F 4 39.62 5.68 -45.01
C ASP F 4 40.06 4.22 -45.01
N LYS F 5 40.78 3.83 -46.06
CA LYS F 5 41.16 2.43 -46.21
C LYS F 5 42.10 1.99 -45.09
N ASP F 6 43.06 2.85 -44.73
CA ASP F 6 43.97 2.53 -43.64
C ASP F 6 43.24 2.46 -42.30
N VAL F 7 42.23 3.30 -42.11
CA VAL F 7 41.48 3.27 -40.87
C VAL F 7 40.70 1.98 -40.74
N ILE F 8 40.17 1.48 -41.85
CA ILE F 8 39.45 0.21 -41.82
C ILE F 8 40.40 -0.95 -41.59
N ASP F 9 41.60 -0.91 -42.20
CA ASP F 9 42.57 -1.96 -41.92
C ASP F 9 42.96 -1.98 -40.45
N ALA F 10 43.19 -0.81 -39.86
CA ALA F 10 43.59 -0.75 -38.47
C ALA F 10 42.44 -1.18 -37.56
N LEU F 11 41.22 -0.83 -37.93
CA LEU F 11 40.06 -1.27 -37.16
C LEU F 11 39.90 -2.78 -37.24
N ASN F 12 40.26 -3.38 -38.37
CA ASN F 12 40.16 -4.82 -38.52
C ASN F 12 41.24 -5.53 -37.71
N ARG F 13 42.43 -4.96 -37.63
CA ARG F 13 43.45 -5.52 -36.75
C ARG F 13 43.05 -5.41 -35.28
N LEU F 14 42.45 -4.28 -34.89
CA LEU F 14 41.91 -4.17 -33.55
C LEU F 14 40.82 -5.20 -33.30
N LEU F 15 40.03 -5.51 -34.33
CA LEU F 15 38.98 -6.51 -34.19
C LEU F 15 39.57 -7.90 -33.97
N THR F 16 40.58 -8.26 -34.76
CA THR F 16 41.29 -9.51 -34.52
C THR F 16 41.82 -9.59 -33.10
N GLY F 17 42.40 -8.49 -32.61
CA GLY F 17 42.88 -8.46 -31.24
C GLY F 17 41.77 -8.68 -30.22
N GLU F 18 40.63 -8.00 -30.40
CA GLU F 18 39.54 -8.13 -29.44
C GLU F 18 38.96 -9.53 -29.45
N LEU F 19 38.91 -10.16 -30.62
CA LEU F 19 38.35 -11.51 -30.72
C LEU F 19 39.28 -12.53 -30.08
N SER F 20 40.59 -12.37 -30.29
CA SER F 20 41.55 -13.23 -29.62
C SER F 20 41.50 -13.04 -28.11
N ALA F 21 41.35 -11.79 -27.66
CA ALA F 21 41.17 -11.53 -26.23
C ALA F 21 39.95 -12.24 -25.68
N MET F 22 38.85 -12.19 -26.42
CA MET F 22 37.64 -12.89 -26.01
C MET F 22 37.89 -14.37 -25.83
N ASP F 23 38.53 -15.01 -26.81
CA ASP F 23 38.80 -16.44 -26.70
C ASP F 23 39.70 -16.76 -25.50
N GLN F 24 40.76 -15.97 -25.31
CA GLN F 24 41.69 -16.25 -24.23
C GLN F 24 41.03 -16.05 -22.87
N TYR F 25 40.26 -14.98 -22.71
CA TYR F 25 39.57 -14.73 -21.46
C TYR F 25 38.51 -15.79 -21.21
N PHE F 26 37.90 -16.30 -22.27
CA PHE F 26 36.89 -17.34 -22.15
C PHE F 26 37.51 -18.63 -21.60
N VAL F 27 38.59 -19.10 -22.24
CA VAL F 27 39.19 -20.35 -21.79
C VAL F 27 39.84 -20.16 -20.41
N HIS F 28 40.37 -18.97 -20.12
CA HIS F 28 40.95 -18.75 -18.80
C HIS F 28 39.89 -18.70 -17.72
N ALA F 29 38.76 -18.05 -17.97
CA ALA F 29 37.69 -18.05 -16.99
C ALA F 29 37.22 -19.47 -16.71
N HIS F 30 37.14 -20.30 -17.75
CA HIS F 30 36.66 -21.65 -17.50
C HIS F 30 37.72 -22.52 -16.84
N MET F 31 39.00 -22.23 -17.08
CA MET F 31 40.06 -22.93 -16.34
C MET F 31 40.05 -22.51 -14.89
N TYR F 32 39.66 -21.27 -14.60
CA TYR F 32 39.53 -20.83 -13.21
C TYR F 32 38.35 -21.50 -12.54
N GLU F 33 37.25 -21.66 -13.26
CA GLU F 33 36.08 -22.33 -12.70
C GLU F 33 36.37 -23.82 -12.46
N ASP F 34 37.10 -24.45 -13.36
CA ASP F 34 37.46 -25.85 -13.17
C ASP F 34 38.27 -26.05 -11.90
N TRP F 35 38.96 -25.02 -11.43
CA TRP F 35 39.79 -25.11 -10.24
C TRP F 35 39.10 -24.59 -8.99
N GLY F 36 37.81 -24.27 -9.05
CA GLY F 36 37.11 -23.76 -7.90
C GLY F 36 37.37 -22.31 -7.58
N LEU F 37 38.04 -21.57 -8.45
CA LEU F 37 38.39 -20.17 -8.22
C LEU F 37 37.32 -19.30 -8.85
N ASN F 38 36.14 -19.30 -8.21
CA ASN F 38 34.96 -18.73 -8.85
C ASN F 38 35.06 -17.21 -9.01
N GLU F 39 35.79 -16.53 -8.14
CA GLU F 39 35.89 -15.08 -8.29
C GLU F 39 36.70 -14.70 -9.53
N LEU F 40 37.82 -15.41 -9.77
CA LEU F 40 38.54 -15.21 -11.02
C LEU F 40 37.72 -15.64 -12.22
N TYR F 41 36.98 -16.74 -12.10
CA TYR F 41 36.12 -17.17 -13.20
C TYR F 41 35.16 -16.06 -13.59
N GLU F 42 34.49 -15.48 -12.59
CA GLU F 42 33.48 -14.47 -12.89
C GLU F 42 34.11 -13.20 -13.43
N ARG F 43 35.25 -12.78 -12.87
CA ARG F 43 35.90 -11.57 -13.35
C ARG F 43 36.36 -11.75 -14.80
N ILE F 44 37.01 -12.87 -15.10
CA ILE F 44 37.56 -13.07 -16.44
C ILE F 44 36.45 -13.33 -17.45
N ALA F 45 35.33 -13.92 -17.01
CA ALA F 45 34.21 -14.09 -17.91
C ALA F 45 33.55 -12.75 -18.24
N HIS F 46 33.43 -11.87 -17.26
CA HIS F 46 32.90 -10.55 -17.56
C HIS F 46 33.85 -9.78 -18.47
N GLU F 47 35.16 -10.03 -18.35
CA GLU F 47 36.08 -9.37 -19.26
C GLU F 47 35.98 -9.92 -20.67
N SER F 48 35.71 -11.21 -20.81
CA SER F 48 35.44 -11.75 -22.14
C SER F 48 34.18 -11.14 -22.73
N ASP F 49 33.17 -10.89 -21.89
CA ASP F 49 31.98 -10.21 -22.37
C ASP F 49 32.27 -8.78 -22.80
N ASP F 50 33.12 -8.07 -22.06
CA ASP F 50 33.51 -6.73 -22.47
C ASP F 50 34.28 -6.75 -23.78
N GLU F 51 35.14 -7.75 -23.97
CA GLU F 51 35.81 -7.90 -25.26
C GLU F 51 34.80 -8.14 -26.37
N LYS F 52 33.74 -8.89 -26.10
CA LYS F 52 32.69 -9.08 -27.10
C LYS F 52 31.99 -7.77 -27.41
N GLY F 53 31.77 -6.93 -26.40
CA GLY F 53 31.19 -5.62 -26.65
C GLY F 53 32.10 -4.73 -27.49
N HIS F 54 33.39 -4.73 -27.19
CA HIS F 54 34.35 -3.99 -28.00
C HIS F 54 34.38 -4.49 -29.43
N ALA F 55 34.34 -5.80 -29.61
CA ALA F 55 34.34 -6.35 -30.97
C ALA F 55 33.07 -5.99 -31.70
N ALA F 56 31.93 -5.95 -30.99
CA ALA F 56 30.70 -5.51 -31.61
C ALA F 56 30.80 -4.07 -32.08
N LYS F 57 31.34 -3.19 -31.24
CA LYS F 57 31.53 -1.79 -31.64
C LYS F 57 32.45 -1.68 -32.83
N LEU F 58 33.52 -2.46 -32.86
CA LEU F 58 34.45 -2.38 -33.99
C LEU F 58 33.82 -2.90 -35.27
N VAL F 59 33.03 -3.98 -35.19
CA VAL F 59 32.37 -4.51 -36.36
C VAL F 59 31.34 -3.53 -36.88
N GLN F 60 30.58 -2.91 -35.98
CA GLN F 60 29.61 -1.89 -36.40
C GLN F 60 30.31 -0.72 -37.07
N ARG F 61 31.46 -0.30 -36.54
CA ARG F 61 32.18 0.81 -37.15
C ARG F 61 32.76 0.43 -38.51
N ILE F 62 33.25 -0.80 -38.66
CA ILE F 62 33.81 -1.21 -39.94
C ILE F 62 32.71 -1.32 -40.98
N LEU F 63 31.54 -1.80 -40.58
CA LEU F 63 30.44 -1.88 -41.54
C LEU F 63 29.91 -0.51 -41.91
N PHE F 64 29.81 0.40 -40.93
CA PHE F 64 29.38 1.77 -41.22
C PHE F 64 30.34 2.43 -42.19
N LEU F 65 31.64 2.22 -42.00
CA LEU F 65 32.67 2.76 -42.89
C LEU F 65 32.77 1.99 -44.19
N GLU F 66 31.79 1.14 -44.49
CA GLU F 66 31.71 0.39 -45.74
C GLU F 66 32.93 -0.51 -45.94
N GLY F 67 33.39 -1.13 -44.85
CA GLY F 67 34.40 -2.15 -44.90
C GLY F 67 33.83 -3.53 -44.63
N VAL F 68 34.68 -4.52 -44.76
CA VAL F 68 34.30 -5.91 -44.52
C VAL F 68 34.95 -6.37 -43.21
N PRO F 69 34.19 -6.53 -42.14
CA PRO F 69 34.80 -7.00 -40.88
C PRO F 69 35.38 -8.40 -41.05
N ASN F 70 36.56 -8.60 -40.48
CA ASN F 70 37.23 -9.89 -40.53
C ASN F 70 37.11 -10.53 -39.15
N VAL F 71 36.08 -11.37 -38.99
CA VAL F 71 35.91 -12.14 -37.78
C VAL F 71 36.48 -13.53 -37.90
N ALA F 72 37.08 -13.88 -39.03
CA ALA F 72 37.65 -15.20 -39.22
C ALA F 72 39.06 -15.31 -38.66
N ALA F 73 39.87 -14.27 -38.84
CA ALA F 73 41.26 -14.31 -38.41
C ALA F 73 41.34 -14.25 -36.89
N ARG F 74 42.35 -14.94 -36.35
CA ARG F 74 42.60 -14.97 -34.92
C ARG F 74 44.10 -14.98 -34.68
N GLU F 75 44.52 -14.22 -33.68
CA GLU F 75 45.90 -14.24 -33.24
C GLU F 75 46.16 -15.46 -32.39
N ALA F 76 47.44 -15.77 -32.20
CA ALA F 76 47.81 -16.91 -31.38
C ALA F 76 47.44 -16.63 -29.92
N LEU F 77 46.75 -17.58 -29.31
CA LEU F 77 46.36 -17.48 -27.92
C LEU F 77 47.51 -17.95 -27.04
N ASN F 78 47.71 -17.28 -25.93
CA ASN F 78 48.76 -17.65 -24.98
C ASN F 78 48.04 -18.09 -23.71
N ILE F 79 47.79 -19.40 -23.62
CA ILE F 79 47.04 -19.99 -22.52
C ILE F 79 48.03 -20.39 -21.43
N GLY F 80 47.78 -19.94 -20.21
CA GLY F 80 48.63 -20.30 -19.10
C GLY F 80 48.24 -21.64 -18.50
N SER F 81 49.13 -22.18 -17.69
CA SER F 81 48.89 -23.46 -17.03
C SER F 81 48.56 -23.30 -15.56
N ASN F 82 49.03 -22.24 -14.91
CA ASN F 82 48.72 -21.93 -13.53
C ASN F 82 48.29 -20.47 -13.43
N VAL F 83 47.71 -20.12 -12.28
CA VAL F 83 47.02 -18.84 -12.13
C VAL F 83 47.93 -17.67 -12.46
N GLU F 84 49.14 -17.66 -11.91
CA GLU F 84 50.07 -16.57 -12.20
C GLU F 84 50.37 -16.48 -13.67
N GLU F 85 50.54 -17.62 -14.34
CA GLU F 85 50.85 -17.58 -15.77
C GLU F 85 49.69 -17.06 -16.58
N MET F 86 48.46 -17.44 -16.22
CA MET F 86 47.31 -16.93 -16.96
C MET F 86 47.10 -15.44 -16.71
N LEU F 87 47.34 -14.98 -15.49
CA LEU F 87 47.25 -13.55 -15.22
C LEU F 87 48.32 -12.78 -15.99
N ARG F 88 49.53 -13.34 -16.06
CA ARG F 88 50.61 -12.65 -16.78
C ARG F 88 50.37 -12.67 -18.28
N ASN F 89 49.75 -13.73 -18.80
CA ASN F 89 49.41 -13.77 -20.22
C ASN F 89 48.31 -12.77 -20.54
N ASP F 90 47.30 -12.68 -19.67
CA ASP F 90 46.27 -11.66 -19.86
C ASP F 90 46.87 -10.27 -19.81
N LEU F 91 47.85 -10.05 -18.92
CA LEU F 91 48.46 -8.73 -18.85
C LEU F 91 49.29 -8.43 -20.08
N ALA F 92 50.12 -9.38 -20.53
CA ALA F 92 50.86 -9.20 -21.76
C ALA F 92 49.94 -8.86 -22.91
N TYR F 93 48.77 -9.50 -22.95
CA TYR F 93 47.93 -9.33 -24.11
C TYR F 93 47.19 -8.00 -24.02
N GLU F 94 46.82 -7.57 -22.81
CA GLU F 94 46.25 -6.24 -22.62
C GLU F 94 47.26 -5.16 -22.99
N TYR F 95 48.53 -5.35 -22.64
CA TYR F 95 49.57 -4.41 -23.05
C TYR F 95 49.64 -4.31 -24.57
N LYS F 96 49.63 -5.46 -25.25
CA LYS F 96 49.69 -5.42 -26.71
C LYS F 96 48.47 -4.73 -27.31
N VAL F 97 47.28 -5.01 -26.76
CA VAL F 97 46.07 -4.36 -27.26
C VAL F 97 46.13 -2.86 -27.03
N ALA F 98 46.64 -2.41 -25.89
CA ALA F 98 46.71 -0.98 -25.61
C ALA F 98 47.69 -0.28 -26.55
N ASP F 99 48.84 -0.91 -26.80
CA ASP F 99 49.80 -0.36 -27.76
C ASP F 99 49.16 -0.23 -29.14
N ASP F 100 48.48 -1.28 -29.58
CA ASP F 100 47.91 -1.27 -30.92
C ASP F 100 46.76 -0.25 -31.02
N LEU F 101 45.99 -0.10 -29.94
CA LEU F 101 44.95 0.91 -29.88
C LEU F 101 45.53 2.31 -29.97
N ARG F 102 46.65 2.56 -29.30
CA ARG F 102 47.28 3.87 -29.40
C ARG F 102 47.74 4.17 -30.81
N LYS F 103 48.35 3.19 -31.47
CA LYS F 103 48.74 3.38 -32.86
C LYS F 103 47.55 3.71 -33.73
N VAL F 104 46.42 3.03 -33.53
CA VAL F 104 45.28 3.28 -34.38
C VAL F 104 44.62 4.61 -34.04
N ILE F 105 44.68 5.05 -32.78
CA ILE F 105 44.14 6.35 -32.43
C ILE F 105 44.96 7.45 -33.08
N ALA F 106 46.28 7.30 -33.08
CA ALA F 106 47.13 8.24 -33.81
C ALA F 106 46.77 8.27 -35.28
N LEU F 107 46.56 7.09 -35.89
CA LEU F 107 46.22 7.03 -37.30
C LEU F 107 44.87 7.70 -37.58
N CYS F 108 43.88 7.48 -36.72
CA CYS F 108 42.58 8.10 -36.91
C CYS F 108 42.66 9.61 -36.76
N GLU F 109 43.58 10.09 -35.91
CA GLU F 109 43.78 11.53 -35.82
C GLU F 109 44.41 12.09 -37.09
N GLN F 110 45.41 11.38 -37.64
CA GLN F 110 45.99 11.84 -38.90
C GLN F 110 44.99 11.80 -40.06
N LYS F 111 44.11 10.81 -40.07
CA LYS F 111 43.17 10.64 -41.17
C LYS F 111 41.86 11.38 -40.94
N LYS F 112 41.82 12.27 -39.95
CA LYS F 112 40.68 13.13 -39.67
C LYS F 112 39.44 12.33 -39.26
N ASP F 113 39.58 11.02 -39.07
CA ASP F 113 38.46 10.17 -38.70
C ASP F 113 38.27 10.27 -37.19
N TYR F 114 37.64 11.37 -36.78
CA TYR F 114 37.54 11.66 -35.35
C TYR F 114 36.61 10.70 -34.63
N GLN F 115 35.55 10.25 -35.28
CA GLN F 115 34.57 9.40 -34.59
C GLN F 115 35.14 8.02 -34.29
N THR F 116 35.89 7.45 -35.23
CA THR F 116 36.65 6.26 -34.93
C THR F 116 37.63 6.51 -33.79
N ARG F 117 38.21 7.70 -33.76
CA ARG F 117 39.09 8.06 -32.64
C ARG F 117 38.37 7.95 -31.31
N GLU F 118 37.14 8.47 -31.18
CA GLU F 118 36.52 8.37 -29.85
C GLU F 118 36.03 6.95 -29.55
N ILE F 119 35.62 6.20 -30.57
CA ILE F 119 35.30 4.79 -30.32
C ILE F 119 36.52 4.06 -29.77
N LEU F 120 37.68 4.28 -30.38
CA LEU F 120 38.89 3.61 -29.92
C LEU F 120 39.38 4.19 -28.61
N GLU F 121 39.06 5.45 -28.32
CA GLU F 121 39.43 6.02 -27.04
C GLU F 121 38.62 5.41 -25.92
N VAL F 122 37.35 5.13 -26.16
CA VAL F 122 36.55 4.40 -25.17
C VAL F 122 37.10 2.99 -25.00
N LEU F 123 37.51 2.36 -26.10
CA LEU F 123 38.11 1.03 -26.00
C LEU F 123 39.40 1.06 -25.19
N LEU F 124 40.23 2.06 -25.43
CA LEU F 124 41.50 2.18 -24.72
C LEU F 124 41.27 2.51 -23.25
N ASP F 125 40.26 3.32 -22.96
CA ASP F 125 39.93 3.62 -21.58
C ASP F 125 39.48 2.35 -20.85
N ASP F 126 38.67 1.51 -21.49
CA ASP F 126 38.34 0.23 -20.87
C ASP F 126 39.58 -0.64 -20.71
N THR F 127 40.41 -0.76 -21.74
CA THR F 127 41.58 -1.62 -21.68
C THR F 127 42.51 -1.23 -20.53
N GLU F 128 42.72 0.07 -20.34
CA GLU F 128 43.61 0.54 -19.29
C GLU F 128 42.92 0.56 -17.93
N SER F 129 41.79 1.25 -17.82
CA SER F 129 41.17 1.56 -16.56
C SER F 129 40.23 0.46 -16.08
N ASP F 130 40.15 -0.66 -16.79
CA ASP F 130 39.22 -1.71 -16.39
C ASP F 130 39.91 -3.04 -16.12
N HIS F 131 41.00 -3.34 -16.81
CA HIS F 131 41.50 -4.69 -16.67
C HIS F 131 43.02 -4.76 -16.69
N MET F 132 43.70 -3.85 -17.38
CA MET F 132 45.14 -3.74 -17.21
C MET F 132 45.47 -3.34 -15.78
N TYR F 133 44.76 -2.33 -15.27
CA TYR F 133 44.91 -1.90 -13.89
C TYR F 133 44.56 -3.01 -12.91
N TRP F 134 43.46 -3.73 -13.19
CA TRP F 134 43.07 -4.84 -12.33
C TRP F 134 44.12 -5.93 -12.32
N LEU F 135 44.69 -6.27 -13.49
CA LEU F 135 45.70 -7.31 -13.54
C LEU F 135 46.96 -6.91 -12.81
N GLU F 136 47.36 -5.65 -12.94
CA GLU F 136 48.53 -5.18 -12.20
C GLU F 136 48.28 -5.22 -10.70
N LYS F 137 47.07 -4.87 -10.28
CA LYS F 137 46.70 -4.98 -8.87
C LYS F 137 46.75 -6.42 -8.39
N GLN F 138 46.27 -7.36 -9.23
CA GLN F 138 46.26 -8.76 -8.84
C GLN F 138 47.68 -9.31 -8.70
N LEU F 139 48.56 -8.94 -9.62
CA LEU F 139 49.93 -9.42 -9.53
C LEU F 139 50.64 -8.79 -8.33
N GLY F 140 50.33 -7.54 -8.01
CA GLY F 140 50.88 -6.93 -6.82
C GLY F 140 50.36 -7.58 -5.54
N LEU F 141 49.09 -7.97 -5.54
CA LEU F 141 48.55 -8.68 -4.39
C LEU F 141 49.19 -10.04 -4.22
N ILE F 142 49.39 -10.77 -5.33
CA ILE F 142 50.12 -12.03 -5.25
C ILE F 142 51.51 -11.80 -4.64
N ASP F 143 52.13 -10.68 -5.00
CA ASP F 143 53.45 -10.38 -4.45
C ASP F 143 53.38 -10.03 -2.97
N ARG F 144 52.28 -9.42 -2.52
CA ARG F 144 52.19 -8.98 -1.13
C ARG F 144 51.76 -10.09 -0.19
N ILE F 145 50.62 -10.73 -0.47
CA ILE F 145 50.07 -11.74 0.45
C ILE F 145 50.56 -13.14 0.14
N GLY F 146 51.15 -13.37 -1.03
CA GLY F 146 51.50 -14.71 -1.44
C GLY F 146 50.44 -15.32 -2.33
N LEU F 147 50.83 -16.38 -3.02
CA LEU F 147 49.93 -16.98 -3.99
C LEU F 147 48.83 -17.79 -3.32
N ALA F 148 49.14 -18.44 -2.19
CA ALA F 148 48.14 -19.26 -1.51
C ALA F 148 47.10 -18.41 -0.81
N ASN F 149 47.51 -17.27 -0.24
CA ASN F 149 46.53 -16.33 0.29
C ASN F 149 45.74 -15.68 -0.82
N TYR F 150 46.40 -15.36 -1.94
CA TYR F 150 45.71 -14.70 -3.04
C TYR F 150 44.65 -15.61 -3.62
N LEU F 151 44.99 -16.87 -3.84
CA LEU F 151 44.03 -17.82 -4.40
C LEU F 151 42.91 -18.13 -3.42
N GLN F 152 43.17 -18.02 -2.13
CA GLN F 152 42.13 -18.24 -1.14
C GLN F 152 41.04 -17.18 -1.23
N THR F 153 41.41 -15.95 -1.59
CA THR F 153 40.43 -14.88 -1.73
C THR F 153 39.59 -15.02 -2.98
N LYS F 154 40.04 -15.83 -3.93
CA LYS F 154 39.42 -15.95 -5.24
C LYS F 154 38.41 -17.09 -5.32
N MET F 155 38.21 -17.82 -4.23
CA MET F 155 37.27 -18.93 -4.23
C MET F 155 35.84 -18.45 -4.05
N MET G 1 -14.84 29.79 41.42
CA MET G 1 -15.01 31.14 41.94
C MET G 1 -16.41 31.34 42.48
N LYS G 2 -16.61 32.43 43.21
CA LYS G 2 -17.92 32.76 43.76
C LYS G 2 -18.64 33.69 42.79
N GLY G 3 -19.61 33.15 42.07
CA GLY G 3 -20.37 33.94 41.13
C GLY G 3 -21.37 34.84 41.80
N ASP G 4 -21.79 35.86 41.07
CA ASP G 4 -22.83 36.76 41.55
C ASP G 4 -24.14 36.00 41.73
N LYS G 5 -24.87 36.35 42.79
CA LYS G 5 -26.10 35.61 43.12
C LYS G 5 -27.14 35.78 42.02
N ASP G 6 -27.29 37.00 41.48
CA ASP G 6 -28.23 37.23 40.40
C ASP G 6 -27.82 36.50 39.13
N VAL G 7 -26.51 36.40 38.89
CA VAL G 7 -26.05 35.71 37.70
C VAL G 7 -26.36 34.22 37.79
N ILE G 8 -26.24 33.65 38.99
CA ILE G 8 -26.57 32.24 39.17
C ILE G 8 -28.09 32.03 39.05
N ASP G 9 -28.89 32.94 39.59
CA ASP G 9 -30.33 32.80 39.41
C ASP G 9 -30.72 32.85 37.93
N ALA G 10 -30.13 33.77 37.18
CA ALA G 10 -30.45 33.89 35.77
C ALA G 10 -29.95 32.68 35.00
N LEU G 11 -28.78 32.15 35.37
CA LEU G 11 -28.28 30.94 34.74
C LEU G 11 -29.19 29.75 35.02
N ASN G 12 -29.79 29.73 36.22
CA ASN G 12 -30.68 28.63 36.56
C ASN G 12 -32.00 28.73 35.80
N ARG G 13 -32.50 29.95 35.58
CA ARG G 13 -33.67 30.12 34.73
C ARG G 13 -33.38 29.72 33.29
N LEU G 14 -32.20 30.08 32.78
CA LEU G 14 -31.81 29.60 31.47
C LEU G 14 -31.72 28.09 31.42
N LEU G 15 -31.29 27.47 32.52
CA LEU G 15 -31.20 26.01 32.58
C LEU G 15 -32.58 25.38 32.53
N THR G 16 -33.53 25.91 33.30
CA THR G 16 -34.91 25.45 33.20
C THR G 16 -35.43 25.56 31.77
N GLY G 17 -35.14 26.68 31.12
CA GLY G 17 -35.54 26.83 29.73
C GLY G 17 -34.93 25.79 28.81
N GLU G 18 -33.63 25.53 28.96
CA GLU G 18 -32.96 24.57 28.08
C GLU G 18 -33.49 23.16 28.32
N LEU G 19 -33.81 22.83 29.56
CA LEU G 19 -34.31 21.49 29.87
C LEU G 19 -35.71 21.30 29.34
N SER G 20 -36.56 22.33 29.45
CA SER G 20 -37.89 22.26 28.85
C SER G 20 -37.80 22.15 27.33
N ALA G 21 -36.88 22.90 26.72
CA ALA G 21 -36.64 22.78 25.29
C ALA G 21 -36.26 21.36 24.92
N MET G 22 -35.37 20.75 25.70
CA MET G 22 -34.98 19.38 25.45
C MET G 22 -36.17 18.44 25.47
N ASP G 23 -37.03 18.55 26.48
CA ASP G 23 -38.20 17.68 26.55
C ASP G 23 -39.13 17.89 25.37
N GLN G 24 -39.40 19.15 25.02
CA GLN G 24 -40.32 19.43 23.94
C GLN G 24 -39.79 18.94 22.59
N TYR G 25 -38.49 19.19 22.33
CA TYR G 25 -37.89 18.71 21.09
C TYR G 25 -37.85 17.19 21.05
N PHE G 26 -37.68 16.56 22.21
CA PHE G 26 -37.66 15.11 22.29
C PHE G 26 -39.01 14.51 21.90
N VAL G 27 -40.08 15.00 22.53
CA VAL G 27 -41.40 14.44 22.22
C VAL G 27 -41.82 14.81 20.81
N HIS G 28 -41.43 16.00 20.32
CA HIS G 28 -41.77 16.38 18.96
C HIS G 28 -41.03 15.54 17.93
N ALA G 29 -39.74 15.29 18.15
CA ALA G 29 -39.00 14.42 17.25
C ALA G 29 -39.64 13.05 17.18
N HIS G 30 -40.08 12.53 18.32
CA HIS G 30 -40.65 11.20 18.30
C HIS G 30 -42.06 11.19 17.70
N MET G 31 -42.80 12.30 17.84
CA MET G 31 -44.08 12.40 17.15
C MET G 31 -43.88 12.51 15.64
N TYR G 32 -42.77 13.09 15.21
CA TYR G 32 -42.46 13.14 13.79
C TYR G 32 -42.07 11.77 13.28
N GLU G 33 -41.33 11.00 14.07
CA GLU G 33 -40.96 9.65 13.67
C GLU G 33 -42.17 8.73 13.62
N ASP G 34 -43.10 8.90 14.57
CA ASP G 34 -44.32 8.10 14.55
C ASP G 34 -45.12 8.33 13.28
N TRP G 35 -44.96 9.48 12.64
CA TRP G 35 -45.70 9.80 11.43
C TRP G 35 -44.91 9.54 10.15
N GLY G 36 -43.74 8.92 10.24
CA GLY G 36 -42.95 8.66 9.07
C GLY G 36 -42.17 9.83 8.53
N LEU G 37 -42.11 10.94 9.26
CA LEU G 37 -41.45 12.16 8.82
C LEU G 37 -40.03 12.14 9.37
N ASN G 38 -39.20 11.27 8.81
CA ASN G 38 -37.91 10.98 9.42
C ASN G 38 -36.95 12.15 9.38
N GLU G 39 -37.07 13.02 8.38
CA GLU G 39 -36.16 14.16 8.32
C GLU G 39 -36.43 15.15 9.45
N LEU G 40 -37.70 15.43 9.73
CA LEU G 40 -38.04 16.24 10.90
C LEU G 40 -37.66 15.53 12.18
N TYR G 41 -37.87 14.22 12.26
CA TYR G 41 -37.47 13.49 13.46
C TYR G 41 -35.99 13.69 13.73
N GLU G 42 -35.16 13.51 12.71
CA GLU G 42 -33.72 13.61 12.90
C GLU G 42 -33.29 15.03 13.24
N ARG G 43 -33.87 16.01 12.56
CA ARG G 43 -33.52 17.40 12.84
C ARG G 43 -33.89 17.78 14.27
N ILE G 44 -35.11 17.46 14.69
CA ILE G 44 -35.57 17.87 16.01
C ILE G 44 -34.88 17.06 17.10
N ALA G 45 -34.48 15.83 16.81
CA ALA G 45 -33.71 15.06 17.79
C ALA G 45 -32.32 15.64 17.97
N HIS G 46 -31.69 16.06 16.88
CA HIS G 46 -30.39 16.69 17.02
C HIS G 46 -30.51 18.02 17.75
N GLU G 47 -31.64 18.70 17.60
CA GLU G 47 -31.82 19.93 18.37
C GLU G 47 -32.05 19.66 19.84
N SER G 48 -32.72 18.55 20.17
CA SER G 48 -32.81 18.16 21.57
C SER G 48 -31.43 17.84 22.13
N ASP G 49 -30.57 17.23 21.33
CA ASP G 49 -29.21 16.97 21.78
C ASP G 49 -28.43 18.27 21.99
N ASP G 50 -28.62 19.25 21.11
CA ASP G 50 -27.97 20.54 21.31
C ASP G 50 -28.49 21.23 22.56
N GLU G 51 -29.78 21.11 22.86
CA GLU G 51 -30.30 21.64 24.11
C GLU G 51 -29.67 20.94 25.30
N LYS G 52 -29.40 19.63 25.19
CA LYS G 52 -28.71 18.92 26.26
C LYS G 52 -27.28 19.45 26.42
N GLY G 53 -26.61 19.76 25.31
CA GLY G 53 -25.28 20.36 25.41
C GLY G 53 -25.30 21.73 26.06
N HIS G 54 -26.28 22.56 25.72
CA HIS G 54 -26.44 23.85 26.35
C HIS G 54 -26.71 23.71 27.84
N ALA G 55 -27.56 22.76 28.21
CA ALA G 55 -27.87 22.55 29.61
C ALA G 55 -26.64 22.05 30.37
N ALA G 56 -25.81 21.23 29.72
CA ALA G 56 -24.58 20.78 30.34
C ALA G 56 -23.65 21.96 30.59
N LYS G 57 -23.50 22.84 29.60
CA LYS G 57 -22.67 24.03 29.79
C LYS G 57 -23.20 24.91 30.92
N LEU G 58 -24.52 25.08 30.99
CA LEU G 58 -25.09 25.91 32.05
C LEU G 58 -24.90 25.28 33.42
N VAL G 59 -25.06 23.96 33.53
CA VAL G 59 -24.87 23.28 34.80
C VAL G 59 -23.41 23.39 35.24
N GLN G 60 -22.49 23.18 34.30
CA GLN G 60 -21.08 23.33 34.62
C GLN G 60 -20.75 24.74 35.09
N ARG G 61 -21.34 25.75 34.45
CA ARG G 61 -21.09 27.12 34.86
C ARG G 61 -21.70 27.43 36.22
N ILE G 62 -22.88 26.89 36.50
CA ILE G 62 -23.49 27.14 37.81
C ILE G 62 -22.71 26.46 38.91
N LEU G 63 -22.19 25.27 38.64
CA LEU G 63 -21.39 24.60 39.67
C LEU G 63 -20.05 25.29 39.86
N PHE G 64 -19.42 25.73 38.78
CA PHE G 64 -18.17 26.48 38.90
C PHE G 64 -18.37 27.74 39.72
N LEU G 65 -19.47 28.45 39.49
CA LEU G 65 -19.82 29.65 40.23
C LEU G 65 -20.34 29.35 41.62
N GLU G 66 -20.17 28.11 42.09
CA GLU G 66 -20.56 27.68 43.43
C GLU G 66 -22.05 27.89 43.69
N GLY G 67 -22.86 27.59 42.67
CA GLY G 67 -24.29 27.55 42.81
C GLY G 67 -24.81 26.13 42.76
N VAL G 68 -26.11 26.00 42.97
CA VAL G 68 -26.79 24.71 42.97
C VAL G 68 -27.64 24.64 41.69
N PRO G 69 -27.25 23.85 40.69
CA PRO G 69 -28.09 23.75 39.48
C PRO G 69 -29.45 23.16 39.81
N ASN G 70 -30.48 23.74 39.22
CA ASN G 70 -31.85 23.26 39.41
C ASN G 70 -32.27 22.52 38.14
N VAL G 71 -32.09 21.20 38.16
CA VAL G 71 -32.54 20.36 37.07
C VAL G 71 -33.90 19.75 37.35
N ALA G 72 -34.51 20.07 38.49
CA ALA G 72 -35.82 19.51 38.82
C ALA G 72 -36.95 20.32 38.22
N ALA G 73 -36.83 21.65 38.21
CA ALA G 73 -37.91 22.49 37.72
C ALA G 73 -38.02 22.38 36.21
N ARG G 74 -39.26 22.48 35.71
CA ARG G 74 -39.53 22.45 34.28
C ARG G 74 -40.65 23.42 33.97
N GLU G 75 -40.51 24.11 32.85
CA GLU G 75 -41.55 24.98 32.35
C GLU G 75 -42.63 24.15 31.66
N ALA G 76 -43.79 24.77 31.45
CA ALA G 76 -44.86 24.07 30.77
C ALA G 76 -44.50 23.82 29.32
N LEU G 77 -44.66 22.59 28.88
CA LEU G 77 -44.38 22.20 27.50
C LEU G 77 -45.60 22.52 26.65
N ASN G 78 -45.34 23.00 25.43
CA ASN G 78 -46.42 23.30 24.50
C ASN G 78 -46.27 22.33 23.35
N ILE G 79 -46.97 21.20 23.44
CA ILE G 79 -46.88 20.12 22.47
C ILE G 79 -47.94 20.33 21.40
N GLY G 80 -47.52 20.34 20.15
CA GLY G 80 -48.46 20.49 19.05
C GLY G 80 -49.10 19.18 18.67
N SER G 81 -50.17 19.28 17.89
CA SER G 81 -50.88 18.10 17.43
C SER G 81 -50.62 17.78 15.97
N ASN G 82 -50.28 18.78 15.17
CA ASN G 82 -49.92 18.59 13.77
C ASN G 82 -48.63 19.35 13.49
N VAL G 83 -48.03 19.05 12.34
CA VAL G 83 -46.66 19.49 12.05
C VAL G 83 -46.52 21.00 12.17
N GLU G 84 -47.43 21.76 11.55
CA GLU G 84 -47.36 23.21 11.63
C GLU G 84 -47.44 23.69 13.07
N GLU G 85 -48.30 23.06 13.89
CA GLU G 85 -48.43 23.50 15.27
C GLU G 85 -47.17 23.20 16.06
N MET G 86 -46.54 22.05 15.83
CA MET G 86 -45.32 21.74 16.55
C MET G 86 -44.17 22.65 16.11
N LEU G 87 -44.10 22.98 14.82
CA LEU G 87 -43.08 23.91 14.37
C LEU G 87 -43.31 25.29 14.95
N ARG G 88 -44.56 25.72 15.04
CA ARG G 88 -44.86 27.04 15.60
C ARG G 88 -44.60 27.07 17.10
N ASN G 89 -44.85 25.96 17.79
CA ASN G 89 -44.55 25.90 19.22
C ASN G 89 -43.05 25.91 19.45
N ASP G 90 -42.29 25.18 18.64
CA ASP G 90 -40.83 25.24 18.74
C ASP G 90 -40.34 26.66 18.46
N LEU G 91 -40.95 27.35 17.50
CA LEU G 91 -40.51 28.71 17.21
C LEU G 91 -40.85 29.67 18.35
N ALA G 92 -42.08 29.59 18.88
CA ALA G 92 -42.43 30.41 20.02
C ALA G 92 -41.47 30.17 21.17
N TYR G 93 -41.04 28.93 21.36
CA TYR G 93 -40.24 28.64 22.53
C TYR G 93 -38.80 29.09 22.29
N GLU G 94 -38.31 28.98 21.05
CA GLU G 94 -37.00 29.54 20.71
C GLU G 94 -36.99 31.05 20.87
N TYR G 95 -38.06 31.72 20.48
CA TYR G 95 -38.17 33.16 20.71
C TYR G 95 -38.08 33.50 22.20
N LYS G 96 -38.80 32.75 23.04
CA LYS G 96 -38.74 33.02 24.46
C LYS G 96 -37.35 32.78 25.02
N VAL G 97 -36.69 31.70 24.58
CA VAL G 97 -35.34 31.42 25.05
C VAL G 97 -34.37 32.51 24.61
N ALA G 98 -34.52 33.02 23.40
CA ALA G 98 -33.61 34.07 22.93
C ALA G 98 -33.81 35.36 23.70
N ASP G 99 -35.06 35.72 23.98
CA ASP G 99 -35.33 36.90 24.79
C ASP G 99 -34.71 36.75 26.18
N ASP G 100 -34.88 35.59 26.80
CA ASP G 100 -34.39 35.40 28.15
C ASP G 100 -32.86 35.37 28.17
N LEU G 101 -32.26 34.81 27.11
CA LEU G 101 -30.81 34.83 26.98
C LEU G 101 -30.27 36.24 26.84
N ARG G 102 -30.98 37.10 26.08
CA ARG G 102 -30.54 38.48 25.96
C ARG G 102 -30.61 39.20 27.29
N LYS G 103 -31.68 38.99 28.05
CA LYS G 103 -31.77 39.60 29.37
C LYS G 103 -30.60 39.15 30.25
N VAL G 104 -30.25 37.86 30.21
CA VAL G 104 -29.19 37.38 31.08
C VAL G 104 -27.83 37.85 30.59
N ILE G 105 -27.65 38.03 29.28
CA ILE G 105 -26.39 38.57 28.78
C ILE G 105 -26.21 40.01 29.24
N ALA G 106 -27.29 40.79 29.18
CA ALA G 106 -27.22 42.15 29.73
C ALA G 106 -26.87 42.13 31.20
N LEU G 107 -27.48 41.22 31.96
CA LEU G 107 -27.19 41.13 33.40
C LEU G 107 -25.72 40.75 33.65
N CYS G 108 -25.20 39.79 32.89
CA CYS G 108 -23.81 39.39 33.05
C CYS G 108 -22.87 40.52 32.69
N GLU G 109 -23.26 41.37 31.74
CA GLU G 109 -22.44 42.54 31.44
C GLU G 109 -22.45 43.54 32.58
N GLN G 110 -23.62 43.79 33.18
CA GLN G 110 -23.67 44.69 34.32
C GLN G 110 -22.91 44.15 35.52
N LYS G 111 -22.93 42.83 35.73
CA LYS G 111 -22.30 42.22 36.88
C LYS G 111 -20.85 41.84 36.63
N LYS G 112 -20.27 42.32 35.53
CA LYS G 112 -18.87 42.13 35.19
C LYS G 112 -18.51 40.66 34.97
N ASP G 113 -19.52 39.78 34.94
CA ASP G 113 -19.27 38.35 34.76
C ASP G 113 -19.16 38.09 33.26
N TYR G 114 -17.98 38.41 32.73
CA TYR G 114 -17.79 38.35 31.29
C TYR G 114 -17.80 36.93 30.76
N GLN G 115 -17.29 35.97 31.52
CA GLN G 115 -17.18 34.60 31.00
C GLN G 115 -18.55 33.95 30.87
N THR G 116 -19.43 34.17 31.84
CA THR G 116 -20.81 33.78 31.67
C THR G 116 -21.42 34.47 30.46
N ARG G 117 -21.05 35.73 30.22
CA ARG G 117 -21.51 36.42 29.03
C ARG G 117 -21.14 35.66 27.76
N GLU G 118 -19.89 35.20 27.63
CA GLU G 118 -19.57 34.52 26.36
C GLU G 118 -20.18 33.13 26.28
N ILE G 119 -20.34 32.44 27.41
CA ILE G 119 -21.07 31.17 27.38
C ILE G 119 -22.49 31.40 26.87
N LEU G 120 -23.16 32.42 27.39
CA LEU G 120 -24.52 32.70 26.96
C LEU G 120 -24.56 33.27 25.56
N GLU G 121 -23.49 33.91 25.12
CA GLU G 121 -23.46 34.41 23.75
C GLU G 121 -23.33 33.26 22.76
N VAL G 122 -22.57 32.23 23.12
CA VAL G 122 -22.54 31.03 22.29
C VAL G 122 -23.91 30.35 22.27
N LEU G 123 -24.56 30.32 23.43
CA LEU G 123 -25.91 29.75 23.48
C LEU G 123 -26.88 30.53 22.61
N LEU G 124 -26.81 31.87 22.66
CA LEU G 124 -27.70 32.71 21.87
C LEU G 124 -27.39 32.59 20.39
N ASP G 125 -26.12 32.46 20.04
CA ASP G 125 -25.74 32.25 18.66
C ASP G 125 -26.31 30.93 18.13
N ASP G 126 -26.26 29.87 18.92
CA ASP G 126 -26.91 28.63 18.51
C ASP G 126 -28.43 28.81 18.40
N THR G 127 -29.05 29.43 19.39
CA THR G 127 -30.50 29.59 19.38
C THR G 127 -30.98 30.35 18.16
N GLU G 128 -30.27 31.39 17.77
CA GLU G 128 -30.66 32.20 16.62
C GLU G 128 -30.22 31.55 15.31
N SER G 129 -28.92 31.28 15.18
CA SER G 129 -28.32 30.90 13.91
C SER G 129 -28.40 29.41 13.64
N ASP G 130 -29.06 28.64 14.49
CA ASP G 130 -29.11 27.21 14.30
C ASP G 130 -30.54 26.68 14.18
N HIS G 131 -31.50 27.29 14.85
CA HIS G 131 -32.79 26.63 14.86
C HIS G 131 -33.95 27.61 14.81
N MET G 132 -33.80 28.82 15.33
CA MET G 132 -34.80 29.85 15.07
C MET G 132 -34.84 30.17 13.59
N TYR G 133 -33.68 30.35 12.99
CA TYR G 133 -33.56 30.58 11.55
C TYR G 133 -34.10 29.39 10.76
N TRP G 134 -33.77 28.17 11.19
CA TRP G 134 -34.28 26.98 10.52
C TRP G 134 -35.80 26.90 10.60
N LEU G 135 -36.37 27.20 11.77
CA LEU G 135 -37.82 27.14 11.92
C LEU G 135 -38.52 28.19 11.07
N GLU G 136 -37.95 29.39 11.00
CA GLU G 136 -38.54 30.41 10.14
C GLU G 136 -38.46 30.00 8.67
N LYS G 137 -37.35 29.38 8.28
CA LYS G 137 -37.24 28.86 6.92
C LYS G 137 -38.28 27.79 6.65
N GLN G 138 -38.51 26.90 7.62
CA GLN G 138 -39.47 25.82 7.44
C GLN G 138 -40.88 26.36 7.30
N LEU G 139 -41.23 27.36 8.11
CA LEU G 139 -42.57 27.92 8.01
C LEU G 139 -42.74 28.69 6.70
N GLY G 140 -41.68 29.35 6.24
CA GLY G 140 -41.74 29.99 4.94
C GLY G 140 -41.86 29.01 3.80
N LEU G 141 -41.20 27.85 3.91
CA LEU G 141 -41.34 26.82 2.90
C LEU G 141 -42.75 26.24 2.90
N ILE G 142 -43.32 26.01 4.07
CA ILE G 142 -44.72 25.58 4.12
C ILE G 142 -45.60 26.59 3.42
N ASP G 143 -45.31 27.88 3.60
CA ASP G 143 -46.09 28.92 2.94
C ASP G 143 -45.88 28.91 1.43
N ARG G 144 -44.69 28.54 0.96
CA ARG G 144 -44.40 28.62 -0.47
C ARG G 144 -44.88 27.39 -1.22
N ILE G 145 -44.47 26.19 -0.81
CA ILE G 145 -44.80 24.97 -1.54
C ILE G 145 -46.09 24.33 -1.07
N GLY G 146 -46.61 24.72 0.09
CA GLY G 146 -47.76 24.05 0.66
C GLY G 146 -47.34 23.00 1.69
N LEU G 147 -48.31 22.60 2.50
CA LEU G 147 -47.99 21.68 3.59
C LEU G 147 -47.77 20.26 3.09
N ALA G 148 -48.50 19.85 2.06
CA ALA G 148 -48.36 18.49 1.54
C ALA G 148 -47.05 18.31 0.79
N ASN G 149 -46.62 19.33 0.04
CA ASN G 149 -45.29 19.27 -0.56
C ASN G 149 -44.21 19.37 0.50
N TYR G 150 -44.43 20.19 1.52
CA TYR G 150 -43.40 20.36 2.54
C TYR G 150 -43.21 19.06 3.31
N LEU G 151 -44.30 18.40 3.69
CA LEU G 151 -44.21 17.16 4.42
C LEU G 151 -43.65 16.04 3.56
N GLN G 152 -43.84 16.11 2.25
CA GLN G 152 -43.26 15.11 1.35
C GLN G 152 -41.75 15.16 1.35
N THR G 153 -41.16 16.34 1.52
CA THR G 153 -39.73 16.48 1.56
C THR G 153 -39.13 15.98 2.87
N LYS G 154 -39.96 15.82 3.90
CA LYS G 154 -39.50 15.49 5.23
C LYS G 154 -39.53 14.00 5.52
N MET G 155 -39.93 13.18 4.57
CA MET G 155 -39.99 11.75 4.77
C MET G 155 -38.63 11.10 4.60
N MET H 1 -50.61 0.11 16.56
CA MET H 1 -51.70 -0.66 17.15
C MET H 1 -52.27 0.06 18.36
N LYS H 2 -53.44 -0.40 18.81
CA LYS H 2 -54.08 0.17 19.98
C LYS H 2 -53.65 -0.62 21.22
N GLY H 3 -52.77 -0.03 22.02
CA GLY H 3 -52.30 -0.68 23.22
C GLY H 3 -53.34 -0.65 24.33
N ASP H 4 -53.15 -1.56 25.29
CA ASP H 4 -54.01 -1.58 26.46
C ASP H 4 -53.81 -0.30 27.27
N LYS H 5 -54.91 0.20 27.82
CA LYS H 5 -54.87 1.48 28.54
C LYS H 5 -53.98 1.39 29.77
N ASP H 6 -54.08 0.29 30.52
CA ASP H 6 -53.23 0.10 31.69
C ASP H 6 -51.76 -0.04 31.30
N VAL H 7 -51.48 -0.66 30.16
CA VAL H 7 -50.10 -0.81 29.73
C VAL H 7 -49.51 0.53 29.37
N ILE H 8 -50.31 1.42 28.77
CA ILE H 8 -49.81 2.75 28.44
C ILE H 8 -49.61 3.57 29.71
N ASP H 9 -50.52 3.46 30.69
CA ASP H 9 -50.30 4.17 31.95
C ASP H 9 -49.01 3.70 32.63
N ALA H 10 -48.78 2.40 32.65
CA ALA H 10 -47.58 1.88 33.30
C ALA H 10 -46.32 2.28 32.52
N LEU H 11 -46.41 2.30 31.19
CA LEU H 11 -45.29 2.75 30.38
C LEU H 11 -45.00 4.23 30.64
N ASN H 12 -46.04 5.02 30.89
CA ASN H 12 -45.85 6.44 31.16
C ASN H 12 -45.22 6.67 32.53
N ARG H 13 -45.60 5.85 33.52
CA ARG H 13 -44.93 5.92 34.82
C ARG H 13 -43.47 5.51 34.71
N LEU H 14 -43.18 4.47 33.93
CA LEU H 14 -41.78 4.12 33.67
C LEU H 14 -41.05 5.25 32.98
N LEU H 15 -41.74 5.99 32.11
CA LEU H 15 -41.12 7.11 31.42
C LEU H 15 -40.78 8.23 32.39
N THR H 16 -41.72 8.57 33.27
CA THR H 16 -41.42 9.54 34.33
C THR H 16 -40.20 9.12 35.13
N GLY H 17 -40.13 7.83 35.49
CA GLY H 17 -38.98 7.33 36.22
C GLY H 17 -37.68 7.49 35.45
N GLU H 18 -37.69 7.15 34.16
CA GLU H 18 -36.46 7.23 33.37
C GLU H 18 -36.03 8.69 33.21
N LEU H 19 -36.98 9.60 33.08
CA LEU H 19 -36.63 11.00 32.90
C LEU H 19 -36.07 11.59 34.18
N SER H 20 -36.66 11.24 35.32
CA SER H 20 -36.10 11.66 36.60
C SER H 20 -34.70 11.08 36.81
N ALA H 21 -34.50 9.82 36.44
CA ALA H 21 -33.18 9.22 36.50
C ALA H 21 -32.19 10.00 35.65
N MET H 22 -32.59 10.39 34.45
CA MET H 22 -31.74 11.18 33.59
C MET H 22 -31.32 12.48 34.26
N ASP H 23 -32.28 13.20 34.83
CA ASP H 23 -31.94 14.47 35.50
C ASP H 23 -30.99 14.25 36.66
N GLN H 24 -31.28 13.24 37.49
CA GLN H 24 -30.44 13.02 38.67
C GLN H 24 -29.03 12.60 38.28
N TYR H 25 -28.89 11.70 37.31
CA TYR H 25 -27.58 11.29 36.85
C TYR H 25 -26.84 12.43 36.20
N PHE H 26 -27.57 13.33 35.54
CA PHE H 26 -26.97 14.49 34.90
C PHE H 26 -26.36 15.43 35.93
N VAL H 27 -27.14 15.81 36.95
CA VAL H 27 -26.62 16.73 37.95
C VAL H 27 -25.54 16.06 38.78
N HIS H 28 -25.65 14.76 39.02
CA HIS H 28 -24.63 14.06 39.79
C HIS H 28 -23.33 13.94 39.01
N ALA H 29 -23.40 13.64 37.71
CA ALA H 29 -22.19 13.60 36.91
C ALA H 29 -21.50 14.95 36.92
N HIS H 30 -22.27 16.03 36.84
CA HIS H 30 -21.63 17.33 36.81
C HIS H 30 -21.12 17.75 38.18
N MET H 31 -21.75 17.28 39.26
CA MET H 31 -21.19 17.52 40.59
C MET H 31 -19.91 16.73 40.79
N TYR H 32 -19.80 15.58 40.14
CA TYR H 32 -18.55 14.81 40.19
C TYR H 32 -17.46 15.50 39.41
N GLU H 33 -17.81 16.09 38.26
CA GLU H 33 -16.82 16.80 37.46
C GLU H 33 -16.36 18.07 38.17
N ASP H 34 -17.28 18.76 38.85
CA ASP H 34 -16.91 19.95 39.60
C ASP H 34 -15.88 19.63 40.69
N TRP H 35 -15.85 18.38 41.16
CA TRP H 35 -14.93 17.98 42.21
C TRP H 35 -13.68 17.30 41.68
N GLY H 36 -13.46 17.28 40.38
CA GLY H 36 -12.30 16.64 39.82
C GLY H 36 -12.36 15.14 39.74
N LEU H 37 -13.52 14.55 39.98
CA LEU H 37 -13.68 13.09 39.99
C LEU H 37 -14.17 12.66 38.61
N ASN H 38 -13.26 12.73 37.64
CA ASN H 38 -13.65 12.61 36.24
C ASN H 38 -14.15 11.22 35.89
N GLU H 39 -13.67 10.18 36.58
CA GLU H 39 -14.14 8.84 36.26
C GLU H 39 -15.60 8.66 36.65
N LEU H 40 -15.98 9.14 37.83
CA LEU H 40 -17.40 9.14 38.20
C LEU H 40 -18.22 10.05 37.29
N TYR H 41 -17.67 11.20 36.92
CA TYR H 41 -18.39 12.08 36.00
C TYR H 41 -18.72 11.34 34.72
N GLU H 42 -17.73 10.68 34.14
CA GLU H 42 -17.94 10.01 32.86
C GLU H 42 -18.89 8.83 33.00
N ARG H 43 -18.75 8.05 34.06
CA ARG H 43 -19.64 6.91 34.26
C ARG H 43 -21.08 7.36 34.42
N ILE H 44 -21.32 8.36 35.29
CA ILE H 44 -22.67 8.80 35.57
C ILE H 44 -23.27 9.54 34.38
N ALA H 45 -22.43 10.21 33.58
CA ALA H 45 -22.94 10.85 32.37
C ALA H 45 -23.36 9.82 31.35
N HIS H 46 -22.58 8.75 31.20
CA HIS H 46 -23.00 7.71 30.28
C HIS H 46 -24.26 7.03 30.77
N GLU H 47 -24.45 6.96 32.09
CA GLU H 47 -25.70 6.38 32.59
C GLU H 47 -26.88 7.31 32.36
N SER H 48 -26.67 8.61 32.41
CA SER H 48 -27.72 9.53 32.03
C SER H 48 -28.07 9.38 30.55
N ASP H 49 -27.07 9.12 29.71
CA ASP H 49 -27.34 8.87 28.30
C ASP H 49 -28.12 7.58 28.10
N ASP H 50 -27.80 6.54 28.87
CA ASP H 50 -28.57 5.31 28.78
C ASP H 50 -30.00 5.51 29.25
N GLU H 51 -30.21 6.32 30.28
CA GLU H 51 -31.57 6.68 30.67
C GLU H 51 -32.31 7.41 29.56
N LYS H 52 -31.59 8.26 28.83
CA LYS H 52 -32.21 8.93 27.68
C LYS H 52 -32.60 7.92 26.60
N GLY H 53 -31.76 6.91 26.38
CA GLY H 53 -32.11 5.87 25.43
C GLY H 53 -33.32 5.07 25.86
N HIS H 54 -33.40 4.72 27.15
CA HIS H 54 -34.58 4.04 27.68
C HIS H 54 -35.82 4.88 27.54
N ALA H 55 -35.72 6.18 27.82
CA ALA H 55 -36.86 7.07 27.69
C ALA H 55 -37.29 7.19 26.24
N ALA H 56 -36.33 7.19 25.31
CA ALA H 56 -36.67 7.21 23.89
C ALA H 56 -37.43 5.96 23.50
N LYS H 57 -36.97 4.79 23.95
CA LYS H 57 -37.68 3.55 23.67
C LYS H 57 -39.09 3.57 24.26
N LEU H 58 -39.24 4.08 25.47
CA LEU H 58 -40.56 4.12 26.08
C LEU H 58 -41.49 5.09 25.36
N VAL H 59 -40.97 6.23 24.94
CA VAL H 59 -41.78 7.20 24.20
C VAL H 59 -42.21 6.62 22.86
N GLN H 60 -41.28 5.96 22.16
CA GLN H 60 -41.63 5.32 20.90
C GLN H 60 -42.69 4.26 21.10
N ARG H 61 -42.59 3.47 22.17
CA ARG H 61 -43.59 2.45 22.44
C ARG H 61 -44.94 3.05 22.79
N ILE H 62 -44.95 4.14 23.56
CA ILE H 62 -46.23 4.75 23.92
C ILE H 62 -46.88 5.37 22.69
N LEU H 63 -46.10 5.96 21.81
CA LEU H 63 -46.68 6.52 20.60
C LEU H 63 -47.17 5.44 19.65
N PHE H 64 -46.42 4.35 19.51
CA PHE H 64 -46.87 3.23 18.69
C PHE H 64 -48.17 2.67 19.20
N LEU H 65 -48.30 2.53 20.52
CA LEU H 65 -49.52 2.06 21.16
C LEU H 65 -50.62 3.11 21.19
N GLU H 66 -50.45 4.19 20.43
CA GLU H 66 -51.45 5.25 20.30
C GLU H 66 -51.78 5.90 21.65
N GLY H 67 -50.75 6.09 22.46
CA GLY H 67 -50.87 6.84 23.69
C GLY H 67 -50.16 8.18 23.58
N VAL H 68 -50.30 8.98 24.62
CA VAL H 68 -49.69 10.31 24.69
C VAL H 68 -48.54 10.24 25.69
N PRO H 69 -47.29 10.27 25.25
CA PRO H 69 -46.17 10.25 26.21
C PRO H 69 -46.19 11.48 27.09
N ASN H 70 -45.94 11.27 28.38
CA ASN H 70 -45.89 12.36 29.35
C ASN H 70 -44.43 12.62 29.69
N VAL H 71 -43.83 13.57 28.99
CA VAL H 71 -42.47 14.00 29.29
C VAL H 71 -42.46 15.23 30.17
N ALA H 72 -43.61 15.73 30.60
CA ALA H 72 -43.66 16.91 31.44
C ALA H 72 -43.50 16.56 32.91
N ALA H 73 -44.10 15.47 33.35
CA ALA H 73 -44.06 15.10 34.76
C ALA H 73 -42.67 14.62 35.16
N ARG H 74 -42.29 14.91 36.40
CA ARG H 74 -41.01 14.50 36.94
C ARG H 74 -41.19 14.13 38.39
N GLU H 75 -40.51 13.06 38.80
CA GLU H 75 -40.48 12.66 40.20
C GLU H 75 -39.48 13.53 40.95
N ALA H 76 -39.60 13.51 42.28
CA ALA H 76 -38.67 14.28 43.10
C ALA H 76 -37.28 13.71 42.98
N LEU H 77 -36.31 14.58 42.72
CA LEU H 77 -34.91 14.19 42.62
C LEU H 77 -34.30 14.16 44.00
N ASN H 78 -33.44 13.17 44.24
CA ASN H 78 -32.77 13.06 45.53
C ASN H 78 -31.29 13.28 45.25
N ILE H 79 -30.86 14.53 45.38
CA ILE H 79 -29.49 14.95 45.07
C ILE H 79 -28.66 14.83 46.33
N GLY H 80 -27.54 14.12 46.24
CA GLY H 80 -26.65 14.00 47.36
C GLY H 80 -25.70 15.16 47.48
N SER H 81 -25.07 15.27 48.65
CA SER H 81 -24.12 16.34 48.88
C SER H 81 -22.67 15.87 48.85
N ASN H 82 -22.42 14.60 49.14
CA ASN H 82 -21.09 14.01 49.05
C ASN H 82 -21.19 12.69 48.28
N VAL H 83 -20.03 12.19 47.88
CA VAL H 83 -19.97 11.09 46.91
C VAL H 83 -20.77 9.88 47.39
N GLU H 84 -20.57 9.47 48.64
CA GLU H 84 -21.33 8.32 49.15
C GLU H 84 -22.82 8.58 49.11
N GLU H 85 -23.26 9.80 49.43
CA GLU H 85 -24.69 10.08 49.43
C GLU H 85 -25.25 10.05 48.02
N MET H 86 -24.51 10.56 47.04
CA MET H 86 -24.99 10.52 45.66
C MET H 86 -25.01 9.11 45.12
N LEU H 87 -24.02 8.29 45.47
CA LEU H 87 -24.05 6.90 45.06
C LEU H 87 -25.21 6.15 45.70
N ARG H 88 -25.49 6.43 46.97
CA ARG H 88 -26.60 5.77 47.65
C ARG H 88 -27.95 6.23 47.11
N ASN H 89 -28.04 7.50 46.72
CA ASN H 89 -29.27 7.99 46.10
C ASN H 89 -29.49 7.38 44.74
N ASP H 90 -28.43 7.26 43.94
CA ASP H 90 -28.53 6.57 42.66
C ASP H 90 -28.94 5.13 42.86
N LEU H 91 -28.42 4.48 43.90
CA LEU H 91 -28.78 3.09 44.14
C LEU H 91 -30.24 2.95 44.58
N ALA H 92 -30.67 3.80 45.52
CA ALA H 92 -32.07 3.80 45.91
C ALA H 92 -32.98 4.00 44.71
N TYR H 93 -32.56 4.85 43.79
CA TYR H 93 -33.46 5.17 42.70
C TYR H 93 -33.46 4.06 41.66
N GLU H 94 -32.30 3.41 41.46
CA GLU H 94 -32.25 2.22 40.61
C GLU H 94 -33.10 1.09 41.17
N TYR H 95 -33.07 0.91 42.50
CA TYR H 95 -33.94 -0.08 43.13
C TYR H 95 -35.40 0.23 42.86
N LYS H 96 -35.80 1.48 43.01
CA LYS H 96 -37.20 1.84 42.76
C LYS H 96 -37.57 1.59 41.30
N VAL H 97 -36.69 1.96 40.37
CA VAL H 97 -36.95 1.74 38.95
C VAL H 97 -37.08 0.25 38.65
N ALA H 98 -36.23 -0.58 39.25
CA ALA H 98 -36.29 -2.02 38.99
C ALA H 98 -37.59 -2.62 39.53
N ASP H 99 -37.99 -2.21 40.73
CA ASP H 99 -39.26 -2.67 41.27
C ASP H 99 -40.42 -2.29 40.35
N ASP H 100 -40.44 -1.04 39.89
CA ASP H 100 -41.54 -0.57 39.07
C ASP H 100 -41.54 -1.25 37.71
N LEU H 101 -40.34 -1.53 37.17
CA LEU H 101 -40.23 -2.27 35.92
C LEU H 101 -40.75 -3.69 36.07
N ARG H 102 -40.49 -4.34 37.21
CA ARG H 102 -41.01 -5.68 37.42
C ARG H 102 -42.53 -5.68 37.48
N LYS H 103 -43.11 -4.70 38.19
CA LYS H 103 -44.56 -4.59 38.21
C LYS H 103 -45.14 -4.42 36.81
N VAL H 104 -44.49 -3.59 35.99
CA VAL H 104 -45.04 -3.36 34.65
C VAL H 104 -44.81 -4.56 33.74
N ILE H 105 -43.74 -5.33 33.95
CA ILE H 105 -43.53 -6.54 33.17
C ILE H 105 -44.61 -7.57 33.50
N ALA H 106 -44.93 -7.70 34.80
CA ALA H 106 -46.04 -8.57 35.18
C ALA H 106 -47.33 -8.12 34.52
N LEU H 107 -47.59 -6.81 34.52
CA LEU H 107 -48.81 -6.30 33.92
C LEU H 107 -48.86 -6.58 32.41
N CYS H 108 -47.74 -6.39 31.72
CA CYS H 108 -47.69 -6.66 30.29
C CYS H 108 -47.89 -8.13 30.00
N GLU H 109 -47.45 -9.00 30.90
CA GLU H 109 -47.71 -10.42 30.73
C GLU H 109 -49.18 -10.73 30.90
N GLN H 110 -49.84 -10.13 31.91
CA GLN H 110 -51.27 -10.35 32.07
C GLN H 110 -52.07 -9.78 30.91
N LYS H 111 -51.65 -8.67 30.34
CA LYS H 111 -52.38 -8.01 29.27
C LYS H 111 -51.97 -8.50 27.89
N LYS H 112 -51.22 -9.59 27.82
CA LYS H 112 -50.82 -10.23 26.56
C LYS H 112 -49.95 -9.34 25.71
N ASP H 113 -49.52 -8.18 26.24
CA ASP H 113 -48.69 -7.26 25.48
C ASP H 113 -47.24 -7.72 25.59
N TYR H 114 -46.92 -8.72 24.80
CA TYR H 114 -45.63 -9.36 24.92
C TYR H 114 -44.49 -8.46 24.47
N GLN H 115 -44.71 -7.63 23.45
CA GLN H 115 -43.62 -6.82 22.91
C GLN H 115 -43.21 -5.72 23.88
N THR H 116 -44.18 -5.09 24.53
CA THR H 116 -43.85 -4.20 25.63
C THR H 116 -43.10 -4.95 26.72
N ARG H 117 -43.47 -6.21 26.96
CA ARG H 117 -42.73 -7.03 27.91
C ARG H 117 -41.25 -7.14 27.56
N GLU H 118 -40.92 -7.40 26.28
CA GLU H 118 -39.48 -7.53 26.01
C GLU H 118 -38.77 -6.18 25.98
N ILE H 119 -39.46 -5.11 25.59
CA ILE H 119 -38.85 -3.79 25.73
C ILE H 119 -38.50 -3.52 27.19
N LEU H 120 -39.44 -3.78 28.08
CA LEU H 120 -39.19 -3.55 29.50
C LEU H 120 -38.22 -4.54 30.08
N GLU H 121 -38.11 -5.74 29.49
CA GLU H 121 -37.14 -6.69 29.97
C GLU H 121 -35.73 -6.25 29.61
N VAL H 122 -35.56 -5.65 28.43
CA VAL H 122 -34.27 -5.07 28.08
C VAL H 122 -33.95 -3.90 29.02
N LEU H 123 -34.96 -3.09 29.33
CA LEU H 123 -34.75 -1.99 30.27
C LEU H 123 -34.35 -2.51 31.66
N LEU H 124 -35.01 -3.57 32.12
CA LEU H 124 -34.71 -4.14 33.44
C LEU H 124 -33.34 -4.80 33.44
N ASP H 125 -32.95 -5.42 32.33
CA ASP H 125 -31.63 -6.00 32.22
C ASP H 125 -30.56 -4.93 32.29
N ASP H 126 -30.78 -3.79 31.64
CA ASP H 126 -29.84 -2.68 31.80
C ASP H 126 -29.82 -2.16 33.22
N THR H 127 -30.99 -1.95 33.82
CA THR H 127 -31.07 -1.39 35.17
C THR H 127 -30.33 -2.27 36.17
N GLU H 128 -30.48 -3.59 36.06
CA GLU H 128 -29.82 -4.50 37.00
C GLU H 128 -28.36 -4.73 36.63
N SER H 129 -28.11 -5.18 35.40
CA SER H 129 -26.81 -5.68 34.99
C SER H 129 -25.89 -4.58 34.50
N ASP H 130 -26.29 -3.32 34.59
CA ASP H 130 -25.46 -2.25 34.08
C ASP H 130 -25.10 -1.22 35.14
N HIS H 131 -25.99 -0.97 36.10
CA HIS H 131 -25.70 0.15 36.97
C HIS H 131 -26.12 -0.09 38.41
N MET H 132 -27.15 -0.90 38.65
CA MET H 132 -27.39 -1.35 40.02
C MET H 132 -26.22 -2.19 40.53
N TYR H 133 -25.76 -3.12 39.69
CA TYR H 133 -24.60 -3.93 40.01
C TYR H 133 -23.35 -3.07 40.17
N TRP H 134 -23.17 -2.10 39.29
CA TRP H 134 -22.03 -1.20 39.40
C TRP H 134 -22.07 -0.39 40.68
N LEU H 135 -23.24 0.12 41.06
CA LEU H 135 -23.35 0.90 42.27
C LEU H 135 -23.09 0.06 43.51
N GLU H 136 -23.58 -1.18 43.52
CA GLU H 136 -23.29 -2.06 44.65
C GLU H 136 -21.80 -2.37 44.73
N LYS H 137 -21.16 -2.56 43.58
CA LYS H 137 -19.71 -2.76 43.57
C LYS H 137 -18.98 -1.54 44.11
N GLN H 138 -19.44 -0.34 43.74
CA GLN H 138 -18.78 0.88 44.18
C GLN H 138 -18.91 1.06 45.68
N LEU H 139 -20.09 0.77 46.22
CA LEU H 139 -20.28 0.92 47.66
C LEU H 139 -19.47 -0.14 48.41
N GLY H 140 -19.36 -1.34 47.85
CA GLY H 140 -18.51 -2.36 48.46
C GLY H 140 -17.04 -1.98 48.41
N LEU H 141 -16.61 -1.35 47.32
CA LEU H 141 -15.22 -0.87 47.25
C LEU H 141 -14.96 0.24 48.25
N ILE H 142 -15.90 1.17 48.41
CA ILE H 142 -15.75 2.17 49.44
C ILE H 142 -15.61 1.51 50.81
N ASP H 143 -16.36 0.42 51.02
CA ASP H 143 -16.25 -0.29 52.29
C ASP H 143 -14.91 -0.99 52.45
N ARG H 144 -14.33 -1.46 51.34
CA ARG H 144 -13.09 -2.23 51.43
C ARG H 144 -11.85 -1.35 51.52
N ILE H 145 -11.67 -0.44 50.57
CA ILE H 145 -10.46 0.37 50.52
C ILE H 145 -10.58 1.68 51.29
N GLY H 146 -11.78 2.09 51.66
CA GLY H 146 -12.00 3.37 52.27
C GLY H 146 -12.42 4.42 51.24
N LEU H 147 -12.95 5.53 51.75
CA LEU H 147 -13.49 6.54 50.85
C LEU H 147 -12.39 7.34 50.19
N ALA H 148 -11.29 7.58 50.89
CA ALA H 148 -10.20 8.38 50.32
C ALA H 148 -9.45 7.60 49.26
N ASN H 149 -9.24 6.30 49.46
CA ASN H 149 -8.69 5.48 48.39
C ASN H 149 -9.66 5.33 47.24
N TYR H 150 -10.95 5.20 47.55
CA TYR H 150 -11.94 5.02 46.49
C TYR H 150 -12.01 6.25 45.61
N LEU H 151 -12.04 7.43 46.22
CA LEU H 151 -12.11 8.67 45.46
C LEU H 151 -10.83 8.93 44.69
N GLN H 152 -9.70 8.43 45.18
CA GLN H 152 -8.45 8.58 44.46
C GLN H 152 -8.46 7.83 43.13
N THR H 153 -9.14 6.70 43.08
CA THR H 153 -9.24 5.94 41.84
C THR H 153 -10.17 6.59 40.83
N LYS H 154 -11.01 7.52 41.27
CA LYS H 154 -12.04 8.10 40.44
C LYS H 154 -11.60 9.40 39.78
N MET H 155 -10.39 9.85 40.02
CA MET H 155 -9.89 11.08 39.44
C MET H 155 -9.45 10.88 38.00
N MET I 1 -22.39 -15.85 -45.79
CA MET I 1 -23.30 -16.78 -46.45
C MET I 1 -24.34 -16.04 -47.26
N LYS I 2 -25.05 -16.78 -48.12
CA LYS I 2 -26.10 -16.19 -48.93
C LYS I 2 -27.43 -16.33 -48.21
N GLY I 3 -27.92 -15.23 -47.66
CA GLY I 3 -29.18 -15.25 -46.95
C GLY I 3 -30.37 -15.31 -47.89
N ASP I 4 -31.50 -15.72 -47.33
CA ASP I 4 -32.75 -15.75 -48.09
C ASP I 4 -33.14 -14.32 -48.46
N LYS I 5 -33.69 -14.17 -49.66
CA LYS I 5 -34.02 -12.84 -50.16
C LYS I 5 -35.10 -12.18 -49.32
N ASP I 6 -36.12 -12.95 -48.92
CA ASP I 6 -37.18 -12.42 -48.08
C ASP I 6 -36.65 -12.06 -46.70
N VAL I 7 -35.69 -12.82 -46.19
CA VAL I 7 -35.14 -12.53 -44.87
C VAL I 7 -34.36 -11.23 -44.91
N ILE I 8 -33.65 -10.97 -46.01
CA ILE I 8 -32.92 -9.71 -46.14
C ILE I 8 -33.89 -8.55 -46.30
N ASP I 9 -34.96 -8.72 -47.07
CA ASP I 9 -35.95 -7.65 -47.16
C ASP I 9 -36.56 -7.32 -45.80
N ALA I 10 -36.90 -8.35 -45.03
CA ALA I 10 -37.49 -8.12 -43.72
C ALA I 10 -36.48 -7.49 -42.76
N LEU I 11 -35.22 -7.90 -42.86
CA LEU I 11 -34.19 -7.29 -42.04
C LEU I 11 -33.99 -5.82 -42.41
N ASN I 12 -34.17 -5.49 -43.68
CA ASN I 12 -34.01 -4.11 -44.11
C ASN I 12 -35.18 -3.25 -43.65
N ARG I 13 -36.39 -3.81 -43.62
CA ARG I 13 -37.52 -3.10 -43.05
C ARG I 13 -37.34 -2.88 -41.54
N LEU I 14 -36.83 -3.89 -40.85
CA LEU I 14 -36.50 -3.71 -39.43
C LEU I 14 -35.43 -2.64 -39.25
N LEU I 15 -34.50 -2.55 -40.20
CA LEU I 15 -33.45 -1.53 -40.12
C LEU I 15 -34.04 -0.13 -40.29
N THR I 16 -34.92 0.04 -41.27
CA THR I 16 -35.62 1.31 -41.41
C THR I 16 -36.35 1.68 -40.12
N GLY I 17 -37.03 0.70 -39.51
CA GLY I 17 -37.70 0.96 -38.26
C GLY I 17 -36.76 1.39 -37.16
N GLU I 18 -35.62 0.71 -37.02
CA GLU I 18 -34.68 1.05 -35.96
C GLU I 18 -34.07 2.43 -36.18
N LEU I 19 -33.84 2.79 -37.43
CA LEU I 19 -33.24 4.09 -37.72
C LEU I 19 -34.24 5.22 -37.46
N SER I 20 -35.50 5.01 -37.82
CA SER I 20 -36.53 5.99 -37.49
C SER I 20 -36.71 6.11 -35.99
N ALA I 21 -36.66 4.99 -35.27
CA ALA I 21 -36.70 5.03 -33.81
C ALA I 21 -35.56 5.85 -33.26
N MET I 22 -34.36 5.66 -33.79
CA MET I 22 -33.21 6.45 -33.36
C MET I 22 -33.45 7.94 -33.54
N ASP I 23 -33.93 8.35 -34.71
CA ASP I 23 -34.19 9.77 -34.94
C ASP I 23 -35.23 10.32 -33.99
N GLN I 24 -36.33 9.58 -33.80
CA GLN I 24 -37.41 10.06 -32.95
C GLN I 24 -36.96 10.17 -31.50
N TYR I 25 -36.25 9.15 -31.00
CA TYR I 25 -35.75 9.19 -29.64
C TYR I 25 -34.72 10.30 -29.46
N PHE I 26 -33.95 10.57 -30.51
CA PHE I 26 -32.96 11.63 -30.46
C PHE I 26 -33.62 12.99 -30.29
N VAL I 27 -34.57 13.31 -31.17
CA VAL I 27 -35.22 14.61 -31.09
C VAL I 27 -36.06 14.73 -29.82
N HIS I 28 -36.66 13.62 -29.36
CA HIS I 28 -37.43 13.66 -28.13
C HIS I 28 -36.54 13.86 -26.90
N ALA I 29 -35.41 13.18 -26.85
CA ALA I 29 -34.48 13.40 -25.75
C ALA I 29 -34.04 14.85 -25.70
N HIS I 30 -33.79 15.45 -26.86
CA HIS I 30 -33.32 16.82 -26.84
C HIS I 30 -34.45 17.80 -26.55
N MET I 31 -35.68 17.46 -26.91
CA MET I 31 -36.82 18.28 -26.50
C MET I 31 -37.05 18.18 -25.00
N TYR I 32 -36.73 17.04 -24.41
CA TYR I 32 -36.82 16.91 -22.96
C TYR I 32 -35.74 17.72 -22.27
N GLU I 33 -34.54 17.72 -22.84
CA GLU I 33 -33.45 18.51 -22.26
C GLU I 33 -33.73 20.01 -22.38
N ASP I 34 -34.32 20.43 -23.50
CA ASP I 34 -34.67 21.84 -23.66
C ASP I 34 -35.65 22.30 -22.60
N TRP I 35 -36.43 21.38 -22.03
CA TRP I 35 -37.42 21.71 -21.02
C TRP I 35 -36.93 21.48 -19.60
N GLY I 36 -35.66 21.17 -19.40
CA GLY I 36 -35.15 20.91 -18.08
C GLY I 36 -35.48 19.56 -17.50
N LEU I 37 -36.03 18.65 -18.29
CA LEU I 37 -36.45 17.33 -17.82
C LEU I 37 -35.31 16.36 -18.08
N ASN I 38 -34.25 16.50 -17.29
CA ASN I 38 -32.99 15.82 -17.61
C ASN I 38 -33.09 14.30 -17.47
N GLU I 39 -33.96 13.81 -16.60
CA GLU I 39 -34.07 12.37 -16.44
C GLU I 39 -34.70 11.73 -17.68
N LEU I 40 -35.74 12.34 -18.23
CA LEU I 40 -36.28 11.88 -19.50
C LEU I 40 -35.28 12.06 -20.64
N TYR I 41 -34.54 13.17 -20.63
CA TYR I 41 -33.52 13.36 -21.67
C TYR I 41 -32.54 12.20 -21.65
N GLU I 42 -32.03 11.86 -20.48
CA GLU I 42 -31.01 10.82 -20.39
C GLU I 42 -31.59 9.46 -20.75
N ARG I 43 -32.79 9.15 -20.28
CA ARG I 43 -33.39 7.86 -20.59
C ARG I 43 -33.63 7.72 -22.09
N ILE I 44 -34.22 8.74 -22.72
CA ILE I 44 -34.55 8.66 -24.14
C ILE I 44 -33.30 8.71 -25.00
N ALA I 45 -32.25 9.39 -24.54
CA ALA I 45 -30.99 9.37 -25.27
C ALA I 45 -30.34 8.00 -25.22
N HIS I 46 -30.37 7.36 -24.06
CA HIS I 46 -29.83 6.01 -24.00
C HIS I 46 -30.65 5.05 -24.85
N GLU I 47 -31.95 5.31 -24.98
CA GLU I 47 -32.74 4.46 -25.86
C GLU I 47 -32.43 4.70 -27.32
N SER I 48 -32.11 5.94 -27.68
CA SER I 48 -31.64 6.19 -29.04
C SER I 48 -30.31 5.47 -29.30
N ASP I 49 -29.45 5.42 -28.29
CA ASP I 49 -28.20 4.67 -28.43
C ASP I 49 -28.46 3.17 -28.58
N ASP I 50 -29.43 2.63 -27.85
CA ASP I 50 -29.77 1.22 -28.02
C ASP I 50 -30.35 0.96 -29.40
N GLU I 51 -31.15 1.89 -29.93
CA GLU I 51 -31.61 1.75 -31.30
C GLU I 51 -30.45 1.76 -32.28
N LYS I 52 -29.43 2.57 -32.02
CA LYS I 52 -28.24 2.55 -32.86
C LYS I 52 -27.52 1.22 -32.79
N GLY I 53 -27.47 0.61 -31.60
CA GLY I 53 -26.89 -0.72 -31.47
C GLY I 53 -27.68 -1.78 -32.23
N HIS I 54 -29.00 -1.72 -32.15
CA HIS I 54 -29.85 -2.63 -32.91
C HIS I 54 -29.66 -2.45 -34.40
N ALA I 55 -29.57 -1.20 -34.86
CA ALA I 55 -29.35 -0.94 -36.27
C ALA I 55 -27.98 -1.44 -36.72
N ALA I 56 -26.97 -1.33 -35.85
CA ALA I 56 -25.66 -1.87 -36.17
C ALA I 56 -25.73 -3.38 -36.33
N LYS I 57 -26.40 -4.07 -35.41
CA LYS I 57 -26.56 -5.52 -35.53
C LYS I 57 -27.30 -5.89 -36.81
N LEU I 58 -28.35 -5.15 -37.16
CA LEU I 58 -29.09 -5.47 -38.37
C LEU I 58 -28.27 -5.23 -39.62
N VAL I 59 -27.49 -4.15 -39.64
CA VAL I 59 -26.63 -3.87 -40.80
C VAL I 59 -25.56 -4.93 -40.94
N GLN I 60 -24.95 -5.34 -39.83
CA GLN I 60 -23.96 -6.41 -39.87
C GLN I 60 -24.58 -7.70 -40.38
N ARG I 61 -25.79 -8.02 -39.95
CA ARG I 61 -26.45 -9.24 -40.41
C ARG I 61 -26.80 -9.15 -41.89
N ILE I 62 -27.24 -7.99 -42.36
CA ILE I 62 -27.60 -7.87 -43.78
C ILE I 62 -26.36 -7.97 -44.64
N LEU I 63 -25.23 -7.41 -44.18
CA LEU I 63 -24.01 -7.51 -44.96
C LEU I 63 -23.46 -8.93 -44.94
N PHE I 64 -23.53 -9.60 -43.79
CA PHE I 64 -23.09 -11.00 -43.73
C PHE I 64 -23.92 -11.87 -44.67
N LEU I 65 -25.23 -11.64 -44.72
CA LEU I 65 -26.11 -12.36 -45.61
C LEU I 65 -26.01 -11.89 -47.05
N GLU I 66 -24.97 -11.11 -47.38
CA GLU I 66 -24.70 -10.63 -48.74
C GLU I 66 -25.85 -9.82 -49.29
N GLY I 67 -26.45 -8.99 -48.44
CA GLY I 67 -27.43 -8.02 -48.86
C GLY I 67 -26.87 -6.60 -48.80
N VAL I 68 -27.67 -5.66 -49.26
CA VAL I 68 -27.31 -4.24 -49.27
C VAL I 68 -28.14 -3.54 -48.19
N PRO I 69 -27.54 -3.13 -47.08
CA PRO I 69 -28.31 -2.42 -46.06
C PRO I 69 -28.84 -1.10 -46.60
N ASN I 70 -30.08 -0.80 -46.27
CA ASN I 70 -30.71 0.45 -46.69
C ASN I 70 -30.78 1.37 -45.47
N VAL I 71 -29.77 2.23 -45.35
CA VAL I 71 -29.76 3.24 -44.30
C VAL I 71 -30.29 4.58 -44.81
N ALA I 72 -30.70 4.66 -46.06
CA ALA I 72 -31.20 5.92 -46.60
C ALA I 72 -32.68 6.12 -46.30
N ALA I 73 -33.47 5.05 -46.38
CA ALA I 73 -34.91 5.18 -46.18
C ALA I 73 -35.22 5.44 -44.72
N ARG I 74 -36.28 6.22 -44.49
CA ARG I 74 -36.74 6.54 -43.14
C ARG I 74 -38.26 6.58 -43.14
N GLU I 75 -38.85 6.06 -42.07
CA GLU I 75 -40.28 6.14 -41.87
C GLU I 75 -40.63 7.52 -41.34
N ALA I 76 -41.92 7.85 -41.41
CA ALA I 76 -42.38 9.13 -40.91
C ALA I 76 -42.23 9.18 -39.39
N LEU I 77 -41.63 10.24 -38.90
CA LEU I 77 -41.45 10.44 -37.47
C LEU I 77 -42.71 11.08 -36.90
N ASN I 78 -43.08 10.64 -35.70
CA ASN I 78 -44.25 11.20 -35.03
C ASN I 78 -43.72 11.90 -33.80
N ILE I 79 -43.47 13.21 -33.93
CA ILE I 79 -42.88 14.02 -32.89
C ILE I 79 -44.00 14.63 -32.07
N GLY I 80 -43.96 14.45 -30.76
CA GLY I 80 -44.95 15.04 -29.89
C GLY I 80 -44.63 16.48 -29.54
N SER I 81 -45.62 17.16 -28.99
CA SER I 81 -45.45 18.55 -28.59
C SER I 81 -45.34 18.72 -27.08
N ASN I 82 -45.93 17.81 -26.32
CA ASN I 82 -45.82 17.81 -24.87
C ASN I 82 -45.46 16.41 -24.40
N VAL I 83 -45.05 16.32 -23.13
CA VAL I 83 -44.41 15.10 -22.61
C VAL I 83 -45.30 13.88 -22.82
N GLU I 84 -46.57 13.97 -22.46
CA GLU I 84 -47.47 12.84 -22.65
C GLU I 84 -47.55 12.43 -24.11
N GLU I 85 -47.60 13.40 -25.03
CA GLU I 85 -47.70 13.07 -26.44
C GLU I 85 -46.43 12.39 -26.93
N MET I 86 -45.26 12.85 -26.49
CA MET I 86 -44.03 12.21 -26.91
C MET I 86 -43.89 10.81 -26.34
N LEU I 87 -44.32 10.62 -25.09
CA LEU I 87 -44.30 9.28 -24.52
C LEU I 87 -45.27 8.35 -25.25
N ARG I 88 -46.44 8.85 -25.62
CA ARG I 88 -47.41 8.03 -26.33
C ARG I 88 -46.94 7.73 -27.75
N ASN I 89 -46.24 8.67 -28.39
CA ASN I 89 -45.69 8.41 -29.71
C ASN I 89 -44.58 7.39 -29.65
N ASP I 90 -43.71 7.48 -28.64
CA ASP I 90 -42.68 6.46 -28.46
C ASP I 90 -43.31 5.10 -28.20
N LEU I 91 -44.42 5.06 -27.44
CA LEU I 91 -45.07 3.78 -27.18
C LEU I 91 -45.71 3.22 -28.44
N ALA I 92 -46.43 4.05 -29.19
CA ALA I 92 -46.99 3.59 -30.45
C ALA I 92 -45.92 3.04 -31.36
N TYR I 93 -44.75 3.67 -31.35
CA TYR I 93 -43.75 3.26 -32.31
C TYR I 93 -43.04 2.00 -31.83
N GLU I 94 -42.87 1.83 -30.52
CA GLU I 94 -42.37 0.58 -29.97
C GLU I 94 -43.33 -0.57 -30.25
N TYR I 95 -44.63 -0.31 -30.13
CA TYR I 95 -45.61 -1.34 -30.50
C TYR I 95 -45.47 -1.75 -31.95
N LYS I 96 -45.33 -0.79 -32.85
CA LYS I 96 -45.18 -1.12 -34.26
C LYS I 96 -43.89 -1.92 -34.51
N VAL I 97 -42.80 -1.52 -33.87
CA VAL I 97 -41.54 -2.25 -34.02
C VAL I 97 -41.66 -3.67 -33.51
N ALA I 98 -42.35 -3.86 -32.38
CA ALA I 98 -42.49 -5.20 -31.82
C ALA I 98 -43.33 -6.09 -32.73
N ASP I 99 -44.42 -5.55 -33.27
CA ASP I 99 -45.23 -6.30 -34.22
C ASP I 99 -44.40 -6.71 -35.43
N ASP I 100 -43.63 -5.77 -35.98
CA ASP I 100 -42.87 -6.06 -37.19
C ASP I 100 -41.75 -7.05 -36.89
N LEU I 101 -41.16 -6.97 -35.70
CA LEU I 101 -40.15 -7.94 -35.28
C LEU I 101 -40.74 -9.33 -35.16
N ARG I 102 -41.96 -9.44 -34.63
CA ARG I 102 -42.59 -10.75 -34.53
C ARG I 102 -42.85 -11.35 -35.91
N LYS I 103 -43.33 -10.53 -36.84
CA LYS I 103 -43.52 -11.02 -38.20
C LYS I 103 -42.22 -11.52 -38.80
N VAL I 104 -41.12 -10.80 -38.58
CA VAL I 104 -39.85 -11.21 -39.18
C VAL I 104 -39.28 -12.43 -38.46
N ILE I 105 -39.53 -12.59 -37.17
CA ILE I 105 -39.09 -13.79 -36.47
C ILE I 105 -39.83 -15.00 -36.99
N ALA I 106 -41.13 -14.87 -37.22
CA ALA I 106 -41.88 -15.96 -37.86
C ALA I 106 -41.30 -16.29 -39.23
N LEU I 107 -40.98 -15.26 -40.02
CA LEU I 107 -40.42 -15.50 -41.34
C LEU I 107 -39.07 -16.20 -41.28
N CYS I 108 -38.22 -15.79 -40.34
CA CYS I 108 -36.92 -16.42 -40.19
C CYS I 108 -37.06 -17.87 -39.74
N GLU I 109 -38.09 -18.17 -38.96
CA GLU I 109 -38.34 -19.56 -38.59
C GLU I 109 -38.79 -20.38 -39.80
N GLN I 110 -39.67 -19.82 -40.63
CA GLN I 110 -40.07 -20.55 -41.84
C GLN I 110 -38.92 -20.73 -42.81
N LYS I 111 -38.01 -19.76 -42.91
CA LYS I 111 -36.92 -19.81 -43.86
C LYS I 111 -35.68 -20.47 -43.29
N LYS I 112 -35.81 -21.14 -42.15
CA LYS I 112 -34.73 -21.90 -41.52
C LYS I 112 -33.55 -21.03 -41.11
N ASP I 113 -33.69 -19.70 -41.21
CA ASP I 113 -32.61 -18.78 -40.86
C ASP I 113 -32.66 -18.56 -39.37
N TYR I 114 -32.12 -19.53 -38.64
CA TYR I 114 -32.24 -19.52 -37.19
C TYR I 114 -31.42 -18.42 -36.56
N GLN I 115 -30.25 -18.10 -37.12
CA GLN I 115 -29.38 -17.12 -36.48
C GLN I 115 -29.95 -15.71 -36.57
N THR I 116 -30.54 -15.37 -37.72
CA THR I 116 -31.31 -14.13 -37.80
C THR I 116 -32.45 -14.16 -36.78
N ARG I 117 -33.06 -15.32 -36.58
CA ARG I 117 -34.09 -15.45 -35.56
C ARG I 117 -33.59 -15.04 -34.19
N GLU I 118 -32.40 -15.51 -33.76
CA GLU I 118 -31.98 -15.12 -32.42
C GLU I 118 -31.51 -13.67 -32.35
N ILE I 119 -30.94 -13.14 -33.43
CA ILE I 119 -30.63 -11.71 -33.45
C ILE I 119 -31.91 -10.90 -33.24
N LEU I 120 -32.95 -11.25 -33.97
CA LEU I 120 -34.21 -10.52 -33.84
C LEU I 120 -34.91 -10.81 -32.52
N GLU I 121 -34.65 -11.98 -31.93
CA GLU I 121 -35.23 -12.27 -30.63
C GLU I 121 -34.58 -11.42 -29.55
N VAL I 122 -33.27 -11.18 -29.66
CA VAL I 122 -32.63 -10.26 -28.74
C VAL I 122 -33.16 -8.85 -28.95
N LEU I 123 -33.39 -8.47 -30.21
CA LEU I 123 -33.96 -7.15 -30.48
C LEU I 123 -35.36 -7.02 -29.89
N LEU I 124 -36.18 -8.07 -30.03
CA LEU I 124 -37.54 -8.04 -29.50
C LEU I 124 -37.54 -8.05 -27.98
N ASP I 125 -36.60 -8.77 -27.39
CA ASP I 125 -36.47 -8.77 -25.94
C ASP I 125 -36.12 -7.37 -25.43
N ASP I 126 -35.21 -6.68 -26.12
CA ASP I 126 -34.95 -5.29 -25.74
C ASP I 126 -36.18 -4.41 -25.93
N THR I 127 -36.83 -4.52 -27.10
CA THR I 127 -37.98 -3.68 -27.38
C THR I 127 -39.09 -3.84 -26.34
N GLU I 128 -39.35 -5.07 -25.91
CA GLU I 128 -40.39 -5.31 -24.93
C GLU I 128 -39.92 -5.03 -23.50
N SER I 129 -38.83 -5.68 -23.09
CA SER I 129 -38.40 -5.70 -21.70
C SER I 129 -37.53 -4.52 -21.34
N ASP I 130 -37.32 -3.57 -22.24
CA ASP I 130 -36.44 -2.46 -21.95
C ASP I 130 -37.13 -1.12 -22.06
N HIS I 131 -38.10 -0.98 -22.97
CA HIS I 131 -38.60 0.37 -23.18
C HIS I 131 -40.08 0.42 -23.45
N MET I 132 -40.67 -0.62 -24.02
CA MET I 132 -42.13 -0.70 -24.04
C MET I 132 -42.68 -0.81 -22.63
N TYR I 133 -42.08 -1.67 -21.82
CA TYR I 133 -42.44 -1.81 -20.42
C TYR I 133 -42.20 -0.51 -19.66
N TRP I 134 -41.06 0.14 -19.92
CA TRP I 134 -40.78 1.42 -19.26
C TRP I 134 -41.80 2.48 -19.64
N LEU I 135 -42.18 2.55 -20.92
CA LEU I 135 -43.14 3.56 -21.34
C LEU I 135 -44.52 3.30 -20.73
N GLU I 136 -44.92 2.04 -20.66
CA GLU I 136 -46.19 1.73 -20.02
C GLU I 136 -46.16 2.09 -18.54
N LYS I 137 -45.03 1.84 -17.88
CA LYS I 137 -44.88 2.25 -16.49
C LYS I 137 -44.97 3.76 -16.34
N GLN I 138 -44.36 4.50 -17.27
CA GLN I 138 -44.37 5.96 -17.19
C GLN I 138 -45.78 6.50 -17.38
N LEU I 139 -46.53 5.94 -18.32
CA LEU I 139 -47.88 6.42 -18.54
C LEU I 139 -48.78 6.05 -17.36
N GLY I 140 -48.54 4.89 -16.75
CA GLY I 140 -49.28 4.55 -15.54
C GLY I 140 -48.94 5.45 -14.37
N LEU I 141 -47.67 5.86 -14.26
CA LEU I 141 -47.30 6.80 -13.21
C LEU I 141 -47.93 8.16 -13.45
N ILE I 142 -47.95 8.62 -14.69
CA ILE I 142 -48.66 9.87 -14.99
C ILE I 142 -50.11 9.76 -14.56
N ASP I 143 -50.71 8.58 -14.77
CA ASP I 143 -52.09 8.39 -14.37
C ASP I 143 -52.26 8.37 -12.86
N ARG I 144 -51.24 7.88 -12.13
CA ARG I 144 -51.38 7.74 -10.69
C ARG I 144 -51.05 9.02 -9.94
N ILE I 145 -49.89 9.61 -10.17
CA ILE I 145 -49.47 10.79 -9.42
C ILE I 145 -49.86 12.09 -10.09
N GLY I 146 -50.27 12.06 -11.35
CA GLY I 146 -50.53 13.27 -12.08
C GLY I 146 -49.33 13.71 -12.92
N LEU I 147 -49.60 14.59 -13.87
CA LEU I 147 -48.54 14.98 -14.79
C LEU I 147 -47.54 15.93 -14.14
N ALA I 148 -48.00 16.79 -13.24
CA ALA I 148 -47.10 17.75 -12.61
C ALA I 148 -46.19 17.07 -11.60
N ASN I 149 -46.71 16.08 -10.87
CA ASN I 149 -45.84 15.28 -10.01
C ASN I 149 -44.91 14.42 -10.84
N TYR I 150 -45.41 13.86 -11.94
CA TYR I 150 -44.56 12.99 -12.75
C TYR I 150 -43.41 13.77 -13.35
N LEU I 151 -43.69 14.95 -13.88
CA LEU I 151 -42.64 15.78 -14.48
C LEU I 151 -41.67 16.30 -13.44
N GLN I 152 -42.12 16.46 -12.20
CA GLN I 152 -41.23 16.90 -11.13
C GLN I 152 -40.16 15.86 -10.83
N THR I 153 -40.50 14.58 -10.98
CA THR I 153 -39.54 13.51 -10.75
C THR I 153 -38.52 13.39 -11.86
N LYS I 154 -38.80 13.98 -13.01
CA LYS I 154 -37.98 13.83 -14.20
C LYS I 154 -36.96 14.92 -14.37
N MET I 155 -36.90 15.88 -13.44
CA MET I 155 -35.96 16.97 -13.54
C MET I 155 -34.57 16.55 -13.06
N MET J 1 -33.45 31.86 -26.27
CA MET J 1 -33.62 33.11 -27.02
C MET J 1 -34.28 32.86 -28.36
N LYS J 2 -34.72 33.92 -29.00
CA LYS J 2 -35.33 33.83 -30.32
C LYS J 2 -34.27 34.05 -31.38
N GLY J 3 -33.86 32.97 -32.03
CA GLY J 3 -32.85 33.06 -33.07
C GLY J 3 -33.41 33.62 -34.36
N ASP J 4 -32.49 34.10 -35.19
CA ASP J 4 -32.87 34.60 -36.51
C ASP J 4 -33.42 33.45 -37.35
N LYS J 5 -34.43 33.75 -38.15
CA LYS J 5 -35.10 32.71 -38.92
C LYS J 5 -34.15 32.10 -39.96
N ASP J 6 -33.35 32.94 -40.62
CA ASP J 6 -32.38 32.43 -41.59
C ASP J 6 -31.30 31.59 -40.91
N VAL J 7 -30.91 31.97 -39.69
CA VAL J 7 -29.89 31.22 -38.99
C VAL J 7 -30.41 29.84 -38.62
N ILE J 8 -31.70 29.75 -38.25
CA ILE J 8 -32.28 28.44 -37.93
C ILE J 8 -32.43 27.60 -39.19
N ASP J 9 -32.82 28.22 -40.31
CA ASP J 9 -32.87 27.44 -41.56
C ASP J 9 -31.50 26.89 -41.93
N ALA J 10 -30.47 27.71 -41.82
CA ALA J 10 -29.13 27.26 -42.17
C ALA J 10 -28.64 26.20 -41.20
N LEU J 11 -28.97 26.33 -39.92
CA LEU J 11 -28.62 25.32 -38.95
C LEU J 11 -29.32 24.01 -39.24
N ASN J 12 -30.55 24.08 -39.76
CA ASN J 12 -31.29 22.86 -40.08
C ASN J 12 -30.72 22.19 -41.32
N ARG J 13 -30.26 22.96 -42.29
CA ARG J 13 -29.57 22.38 -43.44
C ARG J 13 -28.25 21.72 -43.02
N LEU J 14 -27.52 22.37 -42.11
CA LEU J 14 -26.32 21.74 -41.57
C LEU J 14 -26.66 20.46 -40.83
N LEU J 15 -27.82 20.43 -40.17
CA LEU J 15 -28.24 19.23 -39.46
C LEU J 15 -28.55 18.09 -40.42
N THR J 16 -29.28 18.38 -41.49
CA THR J 16 -29.49 17.39 -42.53
C THR J 16 -28.17 16.85 -43.05
N GLY J 17 -27.21 17.74 -43.29
CA GLY J 17 -25.90 17.29 -43.74
C GLY J 17 -25.21 16.38 -42.75
N GLU J 18 -25.23 16.74 -41.46
CA GLU J 18 -24.56 15.93 -40.45
C GLU J 18 -25.22 14.58 -40.31
N LEU J 19 -26.54 14.52 -40.44
CA LEU J 19 -27.26 13.26 -40.30
C LEU J 19 -26.99 12.35 -41.49
N SER J 20 -26.95 12.91 -42.70
CA SER J 20 -26.57 12.12 -43.86
C SER J 20 -25.14 11.63 -43.76
N ALA J 21 -24.23 12.47 -43.26
CA ALA J 21 -22.86 12.04 -43.01
C ALA J 21 -22.82 10.87 -42.05
N MET J 22 -23.61 10.94 -40.98
CA MET J 22 -23.68 9.84 -40.03
C MET J 22 -24.09 8.55 -40.70
N ASP J 23 -25.16 8.59 -41.50
CA ASP J 23 -25.61 7.38 -42.17
C ASP J 23 -24.56 6.83 -43.11
N GLN J 24 -23.93 7.69 -43.90
CA GLN J 24 -22.95 7.23 -44.88
C GLN J 24 -21.72 6.65 -44.19
N TYR J 25 -21.23 7.31 -43.15
CA TYR J 25 -20.08 6.78 -42.41
C TYR J 25 -20.43 5.49 -41.70
N PHE J 26 -21.68 5.35 -41.27
CA PHE J 26 -22.13 4.13 -40.61
C PHE J 26 -22.10 2.95 -41.58
N VAL J 27 -22.72 3.10 -42.74
CA VAL J 27 -22.76 1.99 -43.68
C VAL J 27 -21.37 1.72 -44.25
N HIS J 28 -20.54 2.76 -44.41
CA HIS J 28 -19.18 2.54 -44.90
C HIS J 28 -18.32 1.83 -43.87
N ALA J 29 -18.42 2.21 -42.60
CA ALA J 29 -17.67 1.49 -41.57
C ALA J 29 -18.07 0.04 -41.55
N HIS J 30 -19.35 -0.26 -41.71
CA HIS J 30 -19.74 -1.66 -41.64
C HIS J 30 -19.38 -2.41 -42.91
N MET J 31 -19.32 -1.73 -44.05
CA MET J 31 -18.81 -2.37 -45.26
C MET J 31 -17.32 -2.64 -45.14
N TYR J 32 -16.60 -1.80 -44.40
CA TYR J 32 -15.19 -2.05 -44.15
C TYR J 32 -15.01 -3.23 -43.23
N GLU J 33 -15.86 -3.34 -42.21
CA GLU J 33 -15.78 -4.47 -41.29
C GLU J 33 -16.14 -5.78 -41.99
N ASP J 34 -17.12 -5.74 -42.88
CA ASP J 34 -17.48 -6.94 -43.64
C ASP J 34 -16.32 -7.46 -44.47
N TRP J 35 -15.38 -6.58 -44.83
CA TRP J 35 -14.24 -6.96 -45.65
C TRP J 35 -12.98 -7.23 -44.84
N GLY J 36 -13.08 -7.26 -43.51
CA GLY J 36 -11.91 -7.51 -42.69
C GLY J 36 -10.99 -6.33 -42.51
N LEU J 37 -11.39 -5.13 -42.94
CA LEU J 37 -10.55 -3.94 -42.88
C LEU J 37 -10.89 -3.20 -41.59
N ASN J 38 -10.46 -3.77 -40.47
CA ASN J 38 -10.95 -3.32 -39.17
C ASN J 38 -10.46 -1.92 -38.82
N GLU J 39 -9.30 -1.51 -39.33
CA GLU J 39 -8.82 -0.17 -39.00
C GLU J 39 -9.68 0.89 -39.67
N LEU J 40 -10.06 0.69 -40.93
CA LEU J 40 -11.00 1.60 -41.57
C LEU J 40 -12.37 1.52 -40.90
N TYR J 41 -12.81 0.33 -40.52
CA TYR J 41 -14.09 0.22 -39.83
C TYR J 41 -14.10 1.08 -38.59
N GLU J 42 -13.05 0.98 -37.77
CA GLU J 42 -13.01 1.70 -36.51
C GLU J 42 -12.90 3.21 -36.75
N ARG J 43 -12.08 3.62 -37.71
CA ARG J 43 -11.93 5.04 -37.98
C ARG J 43 -13.25 5.64 -38.47
N ILE J 44 -13.90 4.98 -39.42
CA ILE J 44 -15.12 5.52 -40.00
C ILE J 44 -16.28 5.44 -39.01
N ALA J 45 -16.28 4.45 -38.12
CA ALA J 45 -17.31 4.40 -37.09
C ALA J 45 -17.13 5.52 -36.08
N HIS J 46 -15.90 5.83 -35.71
CA HIS J 46 -15.68 6.96 -34.82
C HIS J 46 -16.06 8.27 -35.50
N GLU J 47 -15.89 8.34 -36.82
CA GLU J 47 -16.32 9.55 -37.51
C GLU J 47 -17.84 9.66 -37.58
N SER J 48 -18.53 8.52 -37.69
CA SER J 48 -19.98 8.56 -37.59
C SER J 48 -20.42 9.02 -36.20
N ASP J 49 -19.69 8.61 -35.17
CA ASP J 49 -20.00 9.08 -33.82
C ASP J 49 -19.75 10.59 -33.69
N ASP J 50 -18.68 11.10 -34.30
CA ASP J 50 -18.45 12.54 -34.27
C ASP J 50 -19.54 13.29 -35.03
N GLU J 51 -20.02 12.74 -36.14
CA GLU J 51 -21.16 13.34 -36.82
C GLU J 51 -22.39 13.35 -35.92
N LYS J 52 -22.58 12.30 -35.13
CA LYS J 52 -23.70 12.30 -34.18
C LYS J 52 -23.52 13.38 -33.12
N GLY J 53 -22.30 13.60 -32.67
CA GLY J 53 -22.04 14.70 -31.73
C GLY J 53 -22.32 16.06 -32.33
N HIS J 54 -21.90 16.27 -33.59
CA HIS J 54 -22.19 17.51 -34.28
C HIS J 54 -23.69 17.71 -34.46
N ALA J 55 -24.41 16.65 -34.80
CA ALA J 55 -25.85 16.75 -34.96
C ALA J 55 -26.52 17.04 -33.64
N ALA J 56 -26.01 16.49 -32.54
CA ALA J 56 -26.55 16.80 -31.23
C ALA J 56 -26.36 18.28 -30.90
N LYS J 57 -25.16 18.81 -31.17
CA LYS J 57 -24.91 20.24 -30.94
C LYS J 57 -25.84 21.10 -31.79
N LEU J 58 -26.05 20.72 -33.05
CA LEU J 58 -26.92 21.51 -33.91
C LEU J 58 -28.36 21.46 -33.45
N VAL J 59 -28.83 20.28 -33.02
CA VAL J 59 -30.20 20.16 -32.54
C VAL J 59 -30.39 20.96 -31.26
N GLN J 60 -29.42 20.90 -30.35
CA GLN J 60 -29.49 21.72 -29.14
C GLN J 60 -29.53 23.19 -29.47
N ARG J 61 -28.73 23.63 -30.44
CA ARG J 61 -28.73 25.04 -30.81
C ARG J 61 -30.03 25.45 -31.46
N ILE J 62 -30.62 24.59 -32.30
CA ILE J 62 -31.87 24.93 -32.95
C ILE J 62 -33.00 25.00 -31.93
N LEU J 63 -32.99 24.10 -30.94
CA LEU J 63 -34.02 24.16 -29.92
C LEU J 63 -33.85 25.36 -29.02
N PHE J 64 -32.61 25.69 -28.66
CA PHE J 64 -32.36 26.89 -27.85
C PHE J 64 -32.84 28.14 -28.58
N LEU J 65 -32.59 28.21 -29.88
CA LEU J 65 -33.03 29.33 -30.71
C LEU J 65 -34.52 29.26 -31.03
N GLU J 66 -35.26 28.40 -30.33
CA GLU J 66 -36.72 28.27 -30.48
C GLU J 66 -37.11 27.90 -31.91
N GLY J 67 -36.33 27.01 -32.52
CA GLY J 67 -36.67 26.43 -33.79
C GLY J 67 -37.06 24.97 -33.64
N VAL J 68 -37.48 24.39 -34.75
CA VAL J 68 -37.90 22.99 -34.79
C VAL J 68 -36.82 22.21 -35.55
N PRO J 69 -36.01 21.39 -34.87
CA PRO J 69 -35.00 20.60 -35.59
C PRO J 69 -35.65 19.62 -36.54
N ASN J 70 -35.09 19.52 -37.74
CA ASN J 70 -35.57 18.60 -38.76
C ASN J 70 -34.62 17.42 -38.82
N VAL J 71 -34.94 16.36 -38.08
CA VAL J 71 -34.18 15.13 -38.14
C VAL J 71 -34.80 14.11 -39.10
N ALA J 72 -35.89 14.48 -39.76
CA ALA J 72 -36.53 13.56 -40.69
C ALA J 72 -35.90 13.60 -42.08
N ALA J 73 -35.53 14.79 -42.54
CA ALA J 73 -34.99 14.93 -43.89
C ALA J 73 -33.59 14.35 -43.96
N ARG J 74 -33.25 13.77 -45.13
CA ARG J 74 -31.94 13.20 -45.36
C ARG J 74 -31.55 13.49 -46.80
N GLU J 75 -30.28 13.82 -47.00
CA GLU J 75 -29.71 13.99 -48.32
C GLU J 75 -29.42 12.62 -48.93
N ALA J 76 -29.22 12.61 -50.23
CA ALA J 76 -28.90 11.36 -50.91
C ALA J 76 -27.53 10.88 -50.49
N LEU J 77 -27.45 9.61 -50.11
CA LEU J 77 -26.20 8.99 -49.70
C LEU J 77 -25.46 8.51 -50.93
N ASN J 78 -24.14 8.66 -50.94
CA ASN J 78 -23.32 8.21 -52.04
C ASN J 78 -22.45 7.09 -51.48
N ILE J 79 -22.93 5.86 -51.63
CA ILE J 79 -22.28 4.68 -51.09
C ILE J 79 -21.34 4.12 -52.15
N GLY J 80 -20.09 3.92 -51.78
CA GLY J 80 -19.13 3.35 -52.70
C GLY J 80 -19.20 1.83 -52.72
N SER J 81 -18.57 1.24 -53.74
CA SER J 81 -18.53 -0.20 -53.86
C SER J 81 -17.18 -0.79 -53.51
N ASN J 82 -16.11 -0.03 -53.65
CA ASN J 82 -14.77 -0.45 -53.25
C ASN J 82 -14.13 0.65 -52.43
N VAL J 83 -13.02 0.31 -51.77
CA VAL J 83 -12.44 1.16 -50.73
C VAL J 83 -12.15 2.56 -51.26
N GLU J 84 -11.48 2.64 -52.42
CA GLU J 84 -11.18 3.96 -52.99
C GLU J 84 -12.44 4.76 -53.25
N GLU J 85 -13.49 4.10 -53.75
CA GLU J 85 -14.72 4.83 -54.04
C GLU J 85 -15.39 5.33 -52.77
N MET J 86 -15.38 4.53 -51.71
CA MET J 86 -15.97 4.99 -50.46
C MET J 86 -15.16 6.10 -49.83
N LEU J 87 -13.83 6.04 -49.92
CA LEU J 87 -13.02 7.13 -49.41
C LEU J 87 -13.25 8.40 -50.22
N ARG J 88 -13.39 8.28 -51.54
CA ARG J 88 -13.63 9.46 -52.37
C ARG J 88 -15.02 10.03 -52.14
N ASN J 89 -16.00 9.18 -51.86
CA ASN J 89 -17.34 9.67 -51.55
C ASN J 89 -17.36 10.37 -50.20
N ASP J 90 -16.66 9.82 -49.21
CA ASP J 90 -16.54 10.50 -47.93
C ASP J 90 -15.84 11.84 -48.09
N LEU J 91 -14.83 11.91 -48.97
CA LEU J 91 -14.14 13.17 -49.18
C LEU J 91 -15.01 14.19 -49.88
N ALA J 92 -15.71 13.76 -50.94
CA ALA J 92 -16.65 14.67 -51.60
C ALA J 92 -17.67 15.21 -50.62
N TYR J 93 -18.11 14.36 -49.69
CA TYR J 93 -19.19 14.80 -48.84
C TYR J 93 -18.66 15.70 -47.73
N GLU J 94 -17.44 15.45 -47.26
CA GLU J 94 -16.78 16.38 -46.33
C GLU J 94 -16.54 17.73 -46.98
N TYR J 95 -16.15 17.74 -48.24
CA TYR J 95 -16.01 19.00 -48.96
C TYR J 95 -17.32 19.76 -49.01
N LYS J 96 -18.41 19.07 -49.32
CA LYS J 96 -19.70 19.75 -49.38
C LYS J 96 -20.10 20.29 -48.01
N VAL J 97 -19.88 19.50 -46.96
CA VAL J 97 -20.21 19.95 -45.60
C VAL J 97 -19.38 21.16 -45.22
N ALA J 98 -18.10 21.19 -45.59
CA ALA J 98 -17.25 22.33 -45.24
C ALA J 98 -17.69 23.58 -45.97
N ASP J 99 -18.02 23.45 -47.26
CA ASP J 99 -18.54 24.59 -48.00
C ASP J 99 -19.80 25.14 -47.36
N ASP J 100 -20.73 24.25 -47.01
CA ASP J 100 -22.00 24.68 -46.46
C ASP J 100 -21.81 25.30 -45.07
N LEU J 101 -20.87 24.76 -44.29
CA LEU J 101 -20.53 25.34 -43.00
C LEU J 101 -19.96 26.74 -43.14
N ARG J 102 -19.12 26.95 -44.15
CA ARG J 102 -18.57 28.29 -44.36
C ARG J 102 -19.67 29.28 -44.72
N LYS J 103 -20.60 28.87 -45.59
CA LYS J 103 -21.72 29.75 -45.91
C LYS J 103 -22.52 30.11 -44.67
N VAL J 104 -22.76 29.13 -43.79
CA VAL J 104 -23.57 29.41 -42.62
C VAL J 104 -22.79 30.23 -41.59
N ILE J 105 -21.47 30.08 -41.53
CA ILE J 105 -20.68 30.92 -40.64
C ILE J 105 -20.71 32.37 -41.10
N ALA J 106 -20.60 32.58 -42.41
CA ALA J 106 -20.77 33.93 -42.95
C ALA J 106 -22.14 34.49 -42.59
N LEU J 107 -23.18 33.68 -42.74
CA LEU J 107 -24.53 34.15 -42.42
C LEU J 107 -24.67 34.50 -40.95
N CYS J 108 -24.12 33.68 -40.06
CA CYS J 108 -24.18 33.96 -38.63
C CYS J 108 -23.42 35.22 -38.28
N GLU J 109 -22.35 35.51 -39.01
CA GLU J 109 -21.64 36.75 -38.79
C GLU J 109 -22.47 37.96 -39.23
N GLN J 110 -23.14 37.85 -40.38
CA GLN J 110 -24.01 38.95 -40.81
C GLN J 110 -25.19 39.14 -39.87
N LYS J 111 -25.73 38.06 -39.31
CA LYS J 111 -26.91 38.14 -38.46
C LYS J 111 -26.55 38.34 -37.00
N LYS J 112 -25.31 38.67 -36.70
CA LYS J 112 -24.84 38.98 -35.35
C LYS J 112 -24.96 37.80 -34.40
N ASP J 113 -25.31 36.62 -34.91
CA ASP J 113 -25.46 35.43 -34.08
C ASP J 113 -24.08 34.82 -33.88
N TYR J 114 -23.34 35.42 -32.96
CA TYR J 114 -21.95 35.03 -32.78
C TYR J 114 -21.82 33.65 -32.17
N GLN J 115 -22.72 33.26 -31.28
CA GLN J 115 -22.57 31.97 -30.60
C GLN J 115 -22.80 30.80 -31.54
N THR J 116 -23.80 30.92 -32.42
CA THR J 116 -23.92 29.95 -33.50
C THR J 116 -22.67 29.93 -34.36
N ARG J 117 -22.06 31.10 -34.58
CA ARG J 117 -20.80 31.16 -35.31
C ARG J 117 -19.73 30.29 -34.65
N GLU J 118 -19.56 30.36 -33.33
CA GLU J 118 -18.48 29.54 -32.77
C GLU J 118 -18.85 28.07 -32.70
N ILE J 119 -20.13 27.74 -32.53
CA ILE J 119 -20.53 26.35 -32.64
C ILE J 119 -20.18 25.80 -34.02
N LEU J 120 -20.51 26.55 -35.06
CA LEU J 120 -20.21 26.10 -36.42
C LEU J 120 -18.73 26.16 -36.71
N GLU J 121 -17.99 27.03 -36.04
CA GLU J 121 -16.54 27.06 -36.24
C GLU J 121 -15.89 25.84 -35.64
N VAL J 122 -16.39 25.36 -34.49
CA VAL J 122 -15.90 24.10 -33.95
C VAL J 122 -16.25 22.96 -34.88
N LEU J 123 -17.46 22.99 -35.46
CA LEU J 123 -17.84 21.96 -36.41
C LEU J 123 -16.94 21.97 -37.64
N LEU J 124 -16.64 23.17 -38.16
CA LEU J 124 -15.78 23.30 -39.33
C LEU J 124 -14.35 22.88 -39.03
N ASP J 125 -13.89 23.19 -37.82
CA ASP J 125 -12.56 22.76 -37.40
C ASP J 125 -12.47 21.24 -37.34
N ASP J 126 -13.51 20.58 -36.82
CA ASP J 126 -13.52 19.12 -36.88
C ASP J 126 -13.58 18.61 -38.32
N THR J 127 -14.45 19.18 -39.15
CA THR J 127 -14.60 18.71 -40.52
C THR J 127 -13.30 18.81 -41.29
N GLU J 128 -12.55 19.90 -41.11
CA GLU J 128 -11.30 20.08 -41.83
C GLU J 128 -10.16 19.32 -41.16
N SER J 129 -9.92 19.59 -39.88
CA SER J 129 -8.73 19.14 -39.20
C SER J 129 -8.86 17.74 -38.61
N ASP J 130 -9.98 17.05 -38.88
CA ASP J 130 -10.18 15.74 -38.28
C ASP J 130 -10.39 14.66 -39.33
N HIS J 131 -11.01 14.99 -40.46
CA HIS J 131 -11.36 13.89 -41.33
C HIS J 131 -11.23 14.24 -42.80
N MET J 132 -11.39 15.50 -43.19
CA MET J 132 -11.01 15.89 -44.54
C MET J 132 -9.51 15.71 -44.74
N TYR J 133 -8.72 16.17 -43.77
CA TYR J 133 -7.28 15.99 -43.79
C TYR J 133 -6.91 14.51 -43.76
N TRP J 134 -7.59 13.73 -42.94
CA TRP J 134 -7.34 12.29 -42.88
C TRP J 134 -7.64 11.62 -44.21
N LEU J 135 -8.75 11.99 -44.85
CA LEU J 135 -9.12 11.37 -46.12
C LEU J 135 -8.13 11.74 -47.21
N GLU J 136 -7.67 12.99 -47.22
CA GLU J 136 -6.66 13.37 -48.21
C GLU J 136 -5.36 12.62 -47.97
N LYS J 137 -4.99 12.42 -46.70
CA LYS J 137 -3.80 11.63 -46.39
C LYS J 137 -3.97 10.19 -46.87
N GLN J 138 -5.16 9.62 -46.68
CA GLN J 138 -5.40 8.24 -47.08
C GLN J 138 -5.32 8.08 -48.59
N LEU J 139 -5.89 9.02 -49.33
CA LEU J 139 -5.83 8.93 -50.77
C LEU J 139 -4.40 9.14 -51.27
N GLY J 140 -3.64 10.01 -50.62
CA GLY J 140 -2.24 10.15 -50.97
C GLY J 140 -1.43 8.91 -50.65
N LEU J 141 -1.74 8.24 -49.55
CA LEU J 141 -1.06 6.99 -49.24
C LEU J 141 -1.40 5.91 -50.25
N ILE J 142 -2.67 5.81 -50.66
CA ILE J 142 -3.02 4.88 -51.73
C ILE J 142 -2.21 5.18 -52.98
N ASP J 143 -2.00 6.46 -53.26
CA ASP J 143 -1.21 6.83 -54.43
C ASP J 143 0.26 6.47 -54.26
N ARG J 144 0.78 6.51 -53.03
CA ARG J 144 2.21 6.27 -52.83
C ARG J 144 2.54 4.79 -52.72
N ILE J 145 1.88 4.06 -51.82
CA ILE J 145 2.22 2.66 -51.60
C ILE J 145 1.42 1.71 -52.47
N GLY J 146 0.35 2.17 -53.09
CA GLY J 146 -0.53 1.29 -53.82
C GLY J 146 -1.72 0.85 -52.99
N LEU J 147 -2.74 0.34 -53.68
CA LEU J 147 -3.98 0.01 -52.98
C LEU J 147 -3.83 -1.26 -52.17
N ALA J 148 -3.05 -2.22 -52.66
CA ALA J 148 -2.91 -3.49 -51.94
C ALA J 148 -2.05 -3.33 -50.69
N ASN J 149 -1.01 -2.50 -50.76
CA ASN J 149 -0.27 -2.17 -49.54
C ASN J 149 -1.10 -1.32 -48.60
N TYR J 150 -1.90 -0.40 -49.14
CA TYR J 150 -2.69 0.46 -48.28
C TYR J 150 -3.73 -0.34 -47.52
N LEU J 151 -4.41 -1.25 -48.23
CA LEU J 151 -5.42 -2.07 -47.59
C LEU J 151 -4.82 -3.06 -46.61
N GLN J 152 -3.57 -3.47 -46.82
CA GLN J 152 -2.91 -4.35 -45.88
C GLN J 152 -2.68 -3.68 -44.54
N THR J 153 -2.45 -2.38 -44.53
CA THR J 153 -2.25 -1.64 -43.28
C THR J 153 -3.55 -1.44 -42.52
N LYS J 154 -4.69 -1.62 -43.19
CA LYS J 154 -5.99 -1.33 -42.62
C LYS J 154 -6.66 -2.53 -41.99
N MET J 155 -6.00 -3.69 -42.02
CA MET J 155 -6.59 -4.89 -41.43
C MET J 155 -6.41 -4.92 -39.93
N MET K 1 -7.17 20.62 -48.41
CA MET K 1 -7.97 21.48 -49.26
C MET K 1 -7.10 22.49 -49.97
N LYS K 2 -7.67 23.15 -50.98
CA LYS K 2 -6.95 24.18 -51.72
C LYS K 2 -7.23 25.53 -51.10
N GLY K 3 -6.26 26.07 -50.38
CA GLY K 3 -6.41 27.36 -49.76
C GLY K 3 -6.30 28.50 -50.74
N ASP K 4 -6.83 29.65 -50.33
CA ASP K 4 -6.71 30.85 -51.14
C ASP K 4 -5.25 31.26 -51.26
N LYS K 5 -4.89 31.75 -52.45
CA LYS K 5 -3.49 32.07 -52.71
C LYS K 5 -3.01 33.21 -51.81
N ASP K 6 -3.84 34.23 -51.61
CA ASP K 6 -3.48 35.34 -50.74
C ASP K 6 -3.38 34.88 -49.28
N VAL K 7 -4.21 33.93 -48.88
CA VAL K 7 -4.16 33.45 -47.51
C VAL K 7 -2.86 32.68 -47.27
N ILE K 8 -2.41 31.93 -48.28
CA ILE K 8 -1.14 31.22 -48.14
C ILE K 8 0.03 32.19 -48.13
N ASP K 9 -0.01 33.24 -48.97
CA ASP K 9 1.05 34.24 -48.92
C ASP K 9 1.12 34.89 -47.55
N ALA K 10 -0.03 35.26 -47.00
CA ALA K 10 -0.04 35.92 -45.70
C ALA K 10 0.41 34.97 -44.60
N LEU K 11 0.04 33.69 -44.70
CA LEU K 11 0.50 32.70 -43.74
C LEU K 11 2.01 32.52 -43.83
N ASN K 12 2.56 32.64 -45.03
CA ASN K 12 4.00 32.49 -45.20
C ASN K 12 4.75 33.70 -44.63
N ARG K 13 4.18 34.89 -44.77
CA ARG K 13 4.77 36.06 -44.13
C ARG K 13 4.71 35.95 -42.61
N LEU K 14 3.60 35.45 -42.08
CA LEU K 14 3.53 35.19 -40.64
C LEU K 14 4.56 34.15 -40.23
N LEU K 15 4.83 33.18 -41.09
CA LEU K 15 5.82 32.16 -40.78
C LEU K 15 7.22 32.75 -40.72
N THR K 16 7.57 33.59 -41.70
CA THR K 16 8.84 34.30 -41.65
C THR K 16 8.96 35.10 -40.36
N GLY K 17 7.88 35.78 -39.96
CA GLY K 17 7.90 36.52 -38.71
C GLY K 17 8.14 35.64 -37.51
N GLU K 18 7.46 34.49 -37.43
CA GLU K 18 7.60 33.61 -36.28
C GLU K 18 9.00 33.02 -36.22
N LEU K 19 9.59 32.73 -37.39
CA LEU K 19 10.92 32.14 -37.40
C LEU K 19 11.97 33.16 -36.99
N SER K 20 11.83 34.41 -37.46
CA SER K 20 12.71 35.47 -37.00
C SER K 20 12.57 35.72 -35.51
N ALA K 21 11.33 35.68 -35.00
CA ALA K 21 11.11 35.79 -33.56
C ALA K 21 11.83 34.69 -32.81
N MET K 22 11.75 33.46 -33.32
CA MET K 22 12.45 32.35 -32.70
C MET K 22 13.94 32.60 -32.62
N ASP K 23 14.56 33.03 -33.72
CA ASP K 23 15.99 33.30 -33.70
C ASP K 23 16.35 34.40 -32.72
N GLN K 24 15.59 35.49 -32.71
CA GLN K 24 15.91 36.61 -31.84
C GLN K 24 15.74 36.23 -30.37
N TYR K 25 14.66 35.53 -30.04
CA TYR K 25 14.46 35.10 -28.66
C TYR K 25 15.52 34.10 -28.25
N PHE K 26 15.98 33.28 -29.19
CA PHE K 26 17.03 32.31 -28.90
C PHE K 26 18.33 32.99 -28.53
N VAL K 27 18.79 33.91 -29.37
CA VAL K 27 20.06 34.58 -29.09
C VAL K 27 19.93 35.48 -27.86
N HIS K 28 18.75 36.08 -27.64
CA HIS K 28 18.57 36.91 -26.46
C HIS K 28 18.55 36.09 -25.18
N ALA K 29 17.89 34.94 -25.19
CA ALA K 29 17.91 34.07 -24.02
C ALA K 29 19.33 33.66 -23.70
N HIS K 30 20.13 33.36 -24.71
CA HIS K 30 21.48 32.91 -24.42
C HIS K 30 22.38 34.08 -24.02
N MET K 31 22.10 35.29 -24.49
CA MET K 31 22.83 36.45 -24.00
C MET K 31 22.46 36.75 -22.56
N TYR K 32 21.23 36.43 -22.16
CA TYR K 32 20.83 36.59 -20.76
C TYR K 32 21.51 35.56 -19.89
N GLU K 33 21.63 34.33 -20.40
CA GLU K 33 22.32 33.28 -19.63
C GLU K 33 23.81 33.58 -19.49
N ASP K 34 24.42 34.12 -20.54
CA ASP K 34 25.83 34.49 -20.47
C ASP K 34 26.07 35.53 -19.38
N TRP K 35 25.07 36.31 -19.03
CA TRP K 35 25.21 37.36 -18.03
C TRP K 35 24.72 36.93 -16.65
N GLY K 36 24.39 35.67 -16.46
CA GLY K 36 23.90 35.21 -15.17
C GLY K 36 22.47 35.54 -14.86
N LEU K 37 21.71 36.04 -15.83
CA LEU K 37 20.33 36.47 -15.63
C LEU K 37 19.42 35.30 -16.00
N ASN K 38 19.42 34.27 -15.15
CA ASN K 38 18.83 32.99 -15.53
C ASN K 38 17.31 33.08 -15.66
N GLU K 39 16.66 33.98 -14.93
CA GLU K 39 15.21 34.07 -15.05
C GLU K 39 14.81 34.63 -16.41
N LEU K 40 15.50 35.66 -16.89
CA LEU K 40 15.27 36.13 -18.25
C LEU K 40 15.66 35.09 -19.28
N TYR K 41 16.75 34.37 -19.05
CA TYR K 41 17.14 33.31 -19.98
C TYR K 41 16.01 32.30 -20.13
N GLU K 42 15.46 31.85 -19.01
CA GLU K 42 14.42 30.81 -19.06
C GLU K 42 13.15 31.35 -19.68
N ARG K 43 12.76 32.58 -19.33
CA ARG K 43 11.54 33.14 -19.91
C ARG K 43 11.67 33.31 -21.41
N ILE K 44 12.78 33.87 -21.88
CA ILE K 44 12.95 34.14 -23.30
C ILE K 44 13.17 32.85 -24.07
N ALA K 45 13.75 31.83 -23.44
CA ALA K 45 13.89 30.55 -24.12
C ALA K 45 12.54 29.87 -24.28
N HIS K 46 11.69 29.96 -23.26
CA HIS K 46 10.36 29.39 -23.41
C HIS K 46 9.55 30.15 -24.46
N GLU K 47 9.83 31.45 -24.61
CA GLU K 47 9.13 32.20 -25.67
C GLU K 47 9.64 31.81 -27.05
N SER K 48 10.93 31.50 -27.16
CA SER K 48 11.43 30.97 -28.43
C SER K 48 10.78 29.63 -28.74
N ASP K 49 10.55 28.80 -27.71
CA ASP K 49 9.84 27.54 -27.93
C ASP K 49 8.40 27.77 -28.37
N ASP K 50 7.73 28.76 -27.78
CA ASP K 50 6.37 29.08 -28.22
C ASP K 50 6.36 29.58 -29.65
N GLU K 51 7.36 30.37 -30.05
CA GLU K 51 7.47 30.77 -31.44
C GLU K 51 7.66 29.56 -32.35
N LYS K 52 8.42 28.56 -31.89
CA LYS K 52 8.57 27.34 -32.67
C LYS K 52 7.23 26.60 -32.80
N GLY K 53 6.43 26.60 -31.73
CA GLY K 53 5.11 26.01 -31.83
C GLY K 53 4.19 26.75 -32.79
N HIS K 54 4.23 28.08 -32.77
CA HIS K 54 3.46 28.87 -33.72
C HIS K 54 3.91 28.61 -35.15
N ALA K 55 5.22 28.51 -35.37
CA ALA K 55 5.73 28.24 -36.69
C ALA K 55 5.33 26.85 -37.16
N ALA K 56 5.30 25.89 -36.24
CA ALA K 56 4.83 24.55 -36.60
C ALA K 56 3.37 24.58 -37.03
N LYS K 57 2.53 25.29 -36.27
CA LYS K 57 1.12 25.41 -36.66
C LYS K 57 0.98 26.09 -38.02
N LEU K 58 1.76 27.13 -38.28
CA LEU K 58 1.66 27.82 -39.57
C LEU K 58 2.13 26.93 -40.71
N VAL K 59 3.21 26.17 -40.50
CA VAL K 59 3.69 25.27 -41.54
C VAL K 59 2.68 24.18 -41.83
N GLN K 60 2.09 23.61 -40.77
CA GLN K 60 1.04 22.61 -40.96
C GLN K 60 -0.14 23.18 -41.72
N ARG K 61 -0.53 24.41 -41.41
CA ARG K 61 -1.65 25.02 -42.11
C ARG K 61 -1.32 25.31 -43.57
N ILE K 62 -0.09 25.74 -43.85
CA ILE K 62 0.28 26.04 -45.23
C ILE K 62 0.36 24.76 -46.04
N LEU K 63 0.83 23.67 -45.44
CA LEU K 63 0.88 22.40 -46.15
C LEU K 63 -0.52 21.84 -46.37
N PHE K 64 -1.39 21.94 -45.37
CA PHE K 64 -2.77 21.49 -45.53
C PHE K 64 -3.46 22.26 -46.64
N LEU K 65 -3.23 23.56 -46.73
CA LEU K 65 -3.78 24.40 -47.78
C LEU K 65 -3.07 24.24 -49.10
N GLU K 66 -2.23 23.20 -49.23
CA GLU K 66 -1.52 22.87 -50.46
C GLU K 66 -0.63 24.01 -50.92
N GLY K 67 0.03 24.66 -49.96
CA GLY K 67 1.06 25.64 -50.25
C GLY K 67 2.43 25.10 -49.91
N VAL K 68 3.45 25.90 -50.23
CA VAL K 68 4.84 25.55 -49.96
C VAL K 68 5.33 26.44 -48.83
N PRO K 69 5.54 25.90 -47.62
CA PRO K 69 6.06 26.73 -46.53
C PRO K 69 7.44 27.25 -46.85
N ASN K 70 7.67 28.52 -46.53
CA ASN K 70 8.97 29.14 -46.75
C ASN K 70 9.65 29.28 -45.40
N VAL K 71 10.48 28.29 -45.07
CA VAL K 71 11.30 28.35 -43.86
C VAL K 71 12.69 28.86 -44.13
N ALA K 72 13.00 29.23 -45.37
CA ALA K 72 14.33 29.72 -45.70
C ALA K 72 14.46 31.22 -45.44
N ALA K 73 13.43 32.00 -45.75
CA ALA K 73 13.50 33.43 -45.60
C ALA K 73 13.50 33.82 -44.13
N ARG K 74 14.21 34.90 -43.81
CA ARG K 74 14.27 35.42 -42.46
C ARG K 74 14.31 36.94 -42.52
N GLU K 75 13.59 37.56 -41.60
CA GLU K 75 13.63 39.01 -41.45
C GLU K 75 14.89 39.41 -40.70
N ALA K 76 15.21 40.70 -40.77
CA ALA K 76 16.39 41.19 -40.07
C ALA K 76 16.16 41.12 -38.57
N LEU K 77 17.13 40.56 -37.86
CA LEU K 77 17.06 40.45 -36.42
C LEU K 77 17.57 41.74 -35.80
N ASN K 78 16.93 42.17 -34.71
CA ASN K 78 17.34 43.37 -34.02
C ASN K 78 17.83 42.91 -32.64
N ILE K 79 19.13 42.67 -32.54
CA ILE K 79 19.75 42.14 -31.33
C ILE K 79 20.19 43.32 -30.48
N GLY K 80 19.77 43.33 -29.21
CA GLY K 80 20.19 44.37 -28.31
C GLY K 80 21.54 44.08 -27.68
N SER K 81 22.12 45.11 -27.07
CA SER K 81 23.41 44.96 -26.43
C SER K 81 23.30 44.94 -24.91
N ASN K 82 22.27 45.55 -24.34
CA ASN K 82 22.00 45.51 -22.91
C ASN K 82 20.55 45.14 -22.69
N VAL K 83 20.23 44.79 -21.43
CA VAL K 83 18.94 44.17 -21.11
C VAL K 83 17.77 45.01 -21.58
N GLU K 84 17.79 46.31 -21.27
CA GLU K 84 16.70 47.17 -21.70
C GLU K 84 16.56 47.18 -23.22
N GLU K 85 17.68 47.21 -23.94
CA GLU K 85 17.60 47.24 -25.40
C GLU K 85 17.04 45.94 -25.95
N MET K 86 17.42 44.81 -25.37
CA MET K 86 16.88 43.54 -25.85
C MET K 86 15.40 43.40 -25.52
N LEU K 87 14.98 43.89 -24.36
CA LEU K 87 13.55 43.87 -24.03
C LEU K 87 12.77 44.79 -24.96
N ARG K 88 13.33 45.96 -25.29
CA ARG K 88 12.64 46.87 -26.18
C ARG K 88 12.61 46.34 -27.61
N ASN K 89 13.65 45.63 -28.03
CA ASN K 89 13.63 45.01 -29.35
C ASN K 89 12.62 43.88 -29.43
N ASP K 90 12.54 43.06 -28.38
CA ASP K 90 11.51 42.03 -28.33
C ASP K 90 10.12 42.65 -28.35
N LEU K 91 9.94 43.78 -27.67
CA LEU K 91 8.63 44.43 -27.67
C LEU K 91 8.29 45.01 -29.03
N ALA K 92 9.24 45.70 -29.66
CA ALA K 92 9.02 46.20 -31.01
C ALA K 92 8.65 45.08 -31.95
N TYR K 93 9.27 43.92 -31.77
CA TYR K 93 9.06 42.87 -32.74
C TYR K 93 7.72 42.17 -32.47
N GLU K 94 7.33 42.05 -31.20
CA GLU K 94 6.00 41.56 -30.85
C GLU K 94 4.91 42.49 -31.39
N TYR K 95 5.13 43.80 -31.29
CA TYR K 95 4.18 44.74 -31.88
C TYR K 95 4.04 44.53 -33.37
N LYS K 96 5.15 44.36 -34.08
CA LYS K 96 5.07 44.14 -35.52
C LYS K 96 4.35 42.84 -35.84
N VAL K 97 4.64 41.77 -35.08
CA VAL K 97 3.96 40.50 -35.31
C VAL K 97 2.47 40.62 -35.06
N ALA K 98 2.07 41.36 -34.02
CA ALA K 98 0.64 41.50 -33.72
C ALA K 98 -0.07 42.28 -34.81
N ASP K 99 0.55 43.36 -35.30
CA ASP K 99 -0.02 44.11 -36.40
C ASP K 99 -0.20 43.23 -37.64
N ASP K 100 0.82 42.44 -37.97
CA ASP K 100 0.77 41.62 -39.17
C ASP K 100 -0.26 40.50 -39.00
N LEU K 101 -0.38 39.96 -37.79
CA LEU K 101 -1.40 38.96 -37.50
C LEU K 101 -2.80 39.54 -37.66
N ARG K 102 -3.01 40.77 -37.22
CA ARG K 102 -4.32 41.38 -37.39
C ARG K 102 -4.66 41.58 -38.86
N LYS K 103 -3.69 42.02 -39.65
CA LYS K 103 -3.93 42.15 -41.09
C LYS K 103 -4.31 40.80 -41.70
N VAL K 104 -3.62 39.73 -41.30
CA VAL K 104 -3.91 38.44 -41.91
C VAL K 104 -5.24 37.88 -41.39
N ILE K 105 -5.63 38.19 -40.16
CA ILE K 105 -6.93 37.76 -39.66
C ILE K 105 -8.05 38.45 -40.44
N ALA K 106 -7.88 39.75 -40.70
CA ALA K 106 -8.83 40.44 -41.56
C ALA K 106 -8.91 39.80 -42.94
N LEU K 107 -7.76 39.47 -43.51
CA LEU K 107 -7.75 38.84 -44.83
C LEU K 107 -8.44 37.48 -44.83
N CYS K 108 -8.20 36.68 -43.80
CA CYS K 108 -8.84 35.37 -43.69
C CYS K 108 -10.35 35.51 -43.53
N GLU K 109 -10.79 36.58 -42.86
CA GLU K 109 -12.22 36.82 -42.76
C GLU K 109 -12.82 37.20 -44.12
N GLN K 110 -12.13 38.05 -44.88
CA GLN K 110 -12.62 38.39 -46.21
C GLN K 110 -12.62 37.18 -47.15
N LYS K 111 -11.64 36.30 -47.02
CA LYS K 111 -11.51 35.16 -47.92
C LYS K 111 -12.26 33.93 -47.41
N LYS K 112 -13.11 34.10 -46.41
CA LYS K 112 -13.97 33.04 -45.87
C LYS K 112 -13.18 31.90 -45.27
N ASP K 113 -11.86 32.06 -45.13
CA ASP K 113 -11.00 31.01 -44.58
C ASP K 113 -11.06 31.13 -43.07
N TYR K 114 -12.15 30.61 -42.50
CA TYR K 114 -12.40 30.79 -41.08
C TYR K 114 -11.42 30.01 -40.23
N GLN K 115 -10.99 28.83 -40.66
CA GLN K 115 -10.14 28.00 -39.82
C GLN K 115 -8.74 28.60 -39.68
N THR K 116 -8.20 29.13 -40.77
CA THR K 116 -6.98 29.92 -40.65
C THR K 116 -7.19 31.11 -39.73
N ARG K 117 -8.38 31.72 -39.77
CA ARG K 117 -8.69 32.79 -38.84
C ARG K 117 -8.54 32.35 -37.39
N GLU K 118 -9.06 31.17 -37.00
CA GLU K 118 -8.93 30.82 -35.58
C GLU K 118 -7.51 30.38 -35.24
N ILE K 119 -6.79 29.77 -36.18
CA ILE K 119 -5.38 29.48 -35.92
C ILE K 119 -4.63 30.78 -35.63
N LEU K 120 -4.85 31.78 -36.47
CA LEU K 120 -4.16 33.06 -36.27
C LEU K 120 -4.70 33.80 -35.06
N GLU K 121 -5.94 33.57 -34.67
CA GLU K 121 -6.47 34.19 -33.47
C GLU K 121 -5.82 33.61 -32.23
N VAL K 122 -5.56 32.30 -32.23
CA VAL K 122 -4.81 31.71 -31.13
C VAL K 122 -3.39 32.25 -31.11
N LEU K 123 -2.79 32.43 -32.28
CA LEU K 123 -1.45 33.02 -32.35
C LEU K 123 -1.44 34.44 -31.82
N LEU K 124 -2.45 35.23 -32.18
CA LEU K 124 -2.53 36.62 -31.72
C LEU K 124 -2.81 36.70 -30.23
N ASP K 125 -3.62 35.77 -29.72
CA ASP K 125 -3.88 35.70 -28.30
C ASP K 125 -2.60 35.40 -27.53
N ASP K 126 -1.78 34.47 -28.03
CA ASP K 126 -0.48 34.25 -27.40
C ASP K 126 0.41 35.48 -27.50
N THR K 127 0.50 36.09 -28.69
CA THR K 127 1.38 37.23 -28.87
C THR K 127 1.02 38.37 -27.93
N GLU K 128 -0.27 38.64 -27.73
CA GLU K 128 -0.69 39.73 -26.86
C GLU K 128 -0.67 39.32 -25.39
N SER K 129 -1.37 38.24 -25.06
CA SER K 129 -1.64 37.87 -23.68
C SER K 129 -0.54 37.03 -23.06
N ASP K 130 0.56 36.81 -23.77
CA ASP K 130 1.61 35.95 -23.24
C ASP K 130 2.95 36.67 -23.14
N HIS K 131 3.24 37.59 -24.04
CA HIS K 131 4.59 38.09 -24.04
C HIS K 131 4.69 39.57 -24.36
N MET K 132 3.76 40.11 -25.14
CA MET K 132 3.67 41.57 -25.25
C MET K 132 3.32 42.18 -23.91
N TYR K 133 2.33 41.60 -23.24
CA TYR K 133 1.94 42.02 -21.91
C TYR K 133 3.07 41.84 -20.92
N TRP K 134 3.77 40.71 -21.00
CA TRP K 134 4.90 40.48 -20.12
C TRP K 134 6.01 41.49 -20.34
N LEU K 135 6.31 41.82 -21.60
CA LEU K 135 7.36 42.78 -21.89
C LEU K 135 6.99 44.17 -21.40
N GLU K 136 5.73 44.56 -21.57
CA GLU K 136 5.30 45.86 -21.05
C GLU K 136 5.39 45.89 -19.53
N LYS K 137 5.04 44.78 -18.88
CA LYS K 137 5.20 44.71 -17.43
C LYS K 137 6.65 44.83 -17.02
N GLN K 138 7.55 44.19 -17.78
CA GLN K 138 8.98 44.23 -17.43
C GLN K 138 9.54 45.63 -17.59
N LEU K 139 9.15 46.32 -18.65
CA LEU K 139 9.64 47.68 -18.84
C LEU K 139 9.06 48.62 -17.79
N GLY K 140 7.81 48.40 -17.39
CA GLY K 140 7.26 49.19 -16.30
C GLY K 140 7.94 48.92 -14.97
N LEU K 141 8.32 47.66 -14.73
CA LEU K 141 9.06 47.35 -13.51
C LEU K 141 10.43 47.99 -13.52
N ILE K 142 11.12 47.96 -14.67
CA ILE K 142 12.39 48.67 -14.77
C ILE K 142 12.19 50.14 -14.44
N ASP K 143 11.07 50.71 -14.89
CA ASP K 143 10.80 52.12 -14.59
C ASP K 143 10.50 52.34 -13.11
N ARG K 144 9.90 51.36 -12.44
CA ARG K 144 9.50 51.56 -11.05
C ARG K 144 10.64 51.29 -10.08
N ILE K 145 11.26 50.11 -10.14
CA ILE K 145 12.29 49.75 -9.17
C ILE K 145 13.69 50.14 -9.61
N GLY K 146 13.88 50.47 -10.87
CA GLY K 146 15.21 50.73 -11.40
C GLY K 146 15.78 49.51 -12.07
N LEU K 147 16.83 49.73 -12.86
CA LEU K 147 17.38 48.65 -13.66
C LEU K 147 18.20 47.69 -12.80
N ALA K 148 18.89 48.21 -11.78
CA ALA K 148 19.72 47.35 -10.95
C ALA K 148 18.88 46.48 -10.02
N ASN K 149 17.77 47.01 -9.50
CA ASN K 149 16.84 46.16 -8.77
C ASN K 149 16.14 45.19 -9.69
N TYR K 150 15.79 45.63 -10.91
CA TYR K 150 15.10 44.74 -11.82
C TYR K 150 15.97 43.57 -12.21
N LEU K 151 17.23 43.84 -12.53
CA LEU K 151 18.15 42.78 -12.92
C LEU K 151 18.48 41.86 -11.76
N GLN K 152 18.42 42.37 -10.53
CA GLN K 152 18.66 41.53 -9.37
C GLN K 152 17.58 40.47 -9.20
N THR K 153 16.35 40.79 -9.59
CA THR K 153 15.27 39.82 -9.51
C THR K 153 15.37 38.75 -10.58
N LYS K 154 16.16 38.98 -11.62
CA LYS K 154 16.21 38.11 -12.78
C LYS K 154 17.34 37.10 -12.69
N MET K 155 18.11 37.09 -11.61
CA MET K 155 19.21 36.16 -11.46
C MET K 155 18.72 34.79 -11.00
N MET L 1 35.96 33.27 -21.33
CA MET L 1 37.31 33.43 -21.83
C MET L 1 37.30 34.04 -23.23
N LYS L 2 38.46 34.50 -23.68
CA LYS L 2 38.58 35.05 -25.02
C LYS L 2 39.01 33.95 -25.99
N GLY L 3 38.06 33.50 -26.81
CA GLY L 3 38.35 32.46 -27.77
C GLY L 3 39.13 32.99 -28.96
N ASP L 4 39.75 32.06 -29.66
CA ASP L 4 40.47 32.40 -30.89
C ASP L 4 39.49 32.90 -31.93
N LYS L 5 39.91 33.90 -32.70
CA LYS L 5 39.02 34.51 -33.68
C LYS L 5 38.60 33.52 -34.76
N ASP L 6 39.55 32.72 -35.24
CA ASP L 6 39.24 31.71 -36.25
C ASP L 6 38.32 30.63 -35.69
N VAL L 7 38.48 30.29 -34.41
CA VAL L 7 37.62 29.28 -33.81
C VAL L 7 36.20 29.78 -33.71
N ILE L 8 36.02 31.07 -33.41
CA ILE L 8 34.68 31.63 -33.35
C ILE L 8 34.07 31.73 -34.74
N ASP L 9 34.85 32.09 -35.76
CA ASP L 9 34.32 32.09 -37.11
C ASP L 9 33.86 30.70 -37.53
N ALA L 10 34.67 29.69 -37.23
CA ALA L 10 34.30 28.33 -37.61
C ALA L 10 33.10 27.84 -36.83
N LEU L 11 33.01 28.22 -35.55
CA LEU L 11 31.83 27.87 -34.76
C LEU L 11 30.58 28.55 -35.31
N ASN L 12 30.73 29.75 -35.85
CA ASN L 12 29.58 30.46 -36.41
C ASN L 12 29.14 29.84 -37.72
N ARG L 13 30.09 29.36 -38.53
CA ARG L 13 29.72 28.62 -39.73
C ARG L 13 29.02 27.30 -39.38
N LEU L 14 29.51 26.60 -38.36
CA LEU L 14 28.81 25.42 -37.89
C LEU L 14 27.42 25.75 -37.39
N LEU L 15 27.25 26.93 -36.79
CA LEU L 15 25.94 27.35 -36.32
C LEU L 15 24.99 27.60 -37.48
N THR L 16 25.45 28.30 -38.51
CA THR L 16 24.65 28.46 -39.72
C THR L 16 24.23 27.11 -40.28
N GLY L 17 25.16 26.16 -40.32
CA GLY L 17 24.82 24.82 -40.79
C GLY L 17 23.76 24.15 -39.94
N GLU L 18 23.89 24.23 -38.62
CA GLU L 18 22.93 23.57 -37.75
C GLU L 18 21.55 24.21 -37.88
N LEU L 19 21.50 25.52 -38.06
CA LEU L 19 20.22 26.21 -38.17
C LEU L 19 19.54 25.89 -39.49
N SER L 20 20.31 25.82 -40.57
CA SER L 20 19.75 25.39 -41.85
C SER L 20 19.27 23.94 -41.78
N ALA L 21 20.02 23.07 -41.10
CA ALA L 21 19.58 21.71 -40.88
C ALA L 21 18.25 21.67 -40.15
N MET L 22 18.13 22.50 -39.11
CA MET L 22 16.87 22.57 -38.36
C MET L 22 15.71 22.94 -39.27
N ASP L 23 15.87 23.98 -40.09
CA ASP L 23 14.79 24.38 -40.99
C ASP L 23 14.43 23.28 -41.97
N GLN L 24 15.44 22.65 -42.57
CA GLN L 24 15.18 21.62 -43.57
C GLN L 24 14.49 20.41 -42.96
N TYR L 25 14.96 19.97 -41.79
CA TYR L 25 14.34 18.83 -41.11
C TYR L 25 12.93 19.18 -40.67
N PHE L 26 12.70 20.44 -40.31
CA PHE L 26 11.38 20.88 -39.89
C PHE L 26 10.38 20.79 -41.05
N VAL L 27 10.73 21.38 -42.19
CA VAL L 27 9.80 21.36 -43.32
C VAL L 27 9.66 19.95 -43.86
N HIS L 28 10.71 19.14 -43.82
CA HIS L 28 10.61 17.76 -44.28
C HIS L 28 9.75 16.92 -43.37
N ALA L 29 9.89 17.07 -42.05
CA ALA L 29 9.02 16.35 -41.14
C ALA L 29 7.57 16.70 -41.38
N HIS L 30 7.29 17.97 -41.64
CA HIS L 30 5.90 18.35 -41.84
C HIS L 30 5.39 17.92 -43.21
N MET L 31 6.26 17.84 -44.21
CA MET L 31 5.85 17.28 -45.49
C MET L 31 5.59 15.78 -45.37
N TYR L 32 6.30 15.11 -44.47
CA TYR L 32 6.03 13.69 -44.21
C TYR L 32 4.71 13.52 -43.49
N GLU L 33 4.40 14.41 -42.55
CA GLU L 33 3.12 14.33 -41.84
C GLU L 33 1.96 14.64 -42.77
N ASP L 34 2.13 15.60 -43.68
CA ASP L 34 1.08 15.90 -44.64
C ASP L 34 0.75 14.70 -45.51
N TRP L 35 1.69 13.77 -45.69
CA TRP L 35 1.47 12.59 -46.50
C TRP L 35 1.07 11.36 -45.72
N GLY L 36 0.81 11.49 -44.42
CA GLY L 36 0.44 10.36 -43.61
C GLY L 36 1.58 9.46 -43.20
N LEU L 37 2.83 9.88 -43.43
CA LEU L 37 4.01 9.07 -43.12
C LEU L 37 4.50 9.46 -41.74
N ASN L 38 3.75 9.06 -40.72
CA ASN L 38 3.96 9.60 -39.37
C ASN L 38 5.28 9.16 -38.77
N GLU L 39 5.79 7.98 -39.15
CA GLU L 39 7.06 7.55 -38.59
C GLU L 39 8.21 8.40 -39.08
N LEU L 40 8.23 8.73 -40.37
CA LEU L 40 9.22 9.68 -40.87
C LEU L 40 9.01 11.07 -40.29
N TYR L 41 7.75 11.49 -40.13
CA TYR L 41 7.51 12.79 -39.52
C TYR L 41 8.14 12.85 -38.14
N GLU L 42 7.91 11.84 -37.32
CA GLU L 42 8.41 11.86 -35.95
C GLU L 42 9.92 11.77 -35.91
N ARG L 43 10.51 10.92 -36.76
CA ARG L 43 11.96 10.81 -36.78
C ARG L 43 12.62 12.11 -37.20
N ILE L 44 12.13 12.72 -38.28
CA ILE L 44 12.74 13.93 -38.79
C ILE L 44 12.47 15.12 -37.88
N ALA L 45 11.35 15.13 -37.17
CA ALA L 45 11.09 16.19 -36.21
C ALA L 45 12.03 16.06 -35.02
N HIS L 46 12.28 14.84 -34.54
CA HIS L 46 13.23 14.69 -33.46
C HIS L 46 14.64 15.07 -33.91
N GLU L 47 14.95 14.87 -35.19
CA GLU L 47 16.25 15.29 -35.68
C GLU L 47 16.34 16.82 -35.78
N SER L 48 15.24 17.48 -36.12
CA SER L 48 15.23 18.93 -36.07
C SER L 48 15.44 19.43 -34.63
N ASP L 49 14.86 18.72 -33.66
CA ASP L 49 15.09 19.08 -32.26
C ASP L 49 16.54 18.88 -31.86
N ASP L 50 17.17 17.79 -32.33
CA ASP L 50 18.58 17.60 -32.04
C ASP L 50 19.44 18.67 -32.69
N GLU L 51 19.08 19.11 -33.90
CA GLU L 51 19.78 20.24 -34.50
C GLU L 51 19.62 21.49 -33.67
N LYS L 52 18.44 21.70 -33.08
CA LYS L 52 18.25 22.84 -32.19
C LYS L 52 19.14 22.73 -30.95
N GLY L 53 19.30 21.51 -30.42
CA GLY L 53 20.21 21.32 -29.30
C GLY L 53 21.65 21.60 -29.66
N HIS L 54 22.08 21.14 -30.84
CA HIS L 54 23.43 21.44 -31.31
C HIS L 54 23.64 22.93 -31.50
N ALA L 55 22.63 23.62 -32.06
CA ALA L 55 22.74 25.06 -32.25
C ALA L 55 22.78 25.78 -30.92
N ALA L 56 22.06 25.29 -29.92
CA ALA L 56 22.12 25.87 -28.59
C ALA L 56 23.52 25.73 -28.01
N LYS L 57 24.11 24.54 -28.13
CA LYS L 57 25.47 24.33 -27.65
C LYS L 57 26.46 25.24 -28.36
N LEU L 58 26.30 25.41 -29.67
CA LEU L 58 27.23 26.26 -30.41
C LEU L 58 27.07 27.72 -30.03
N VAL L 59 25.83 28.18 -29.82
CA VAL L 59 25.59 29.56 -29.42
C VAL L 59 26.17 29.80 -28.04
N GLN L 60 25.97 28.87 -27.11
CA GLN L 60 26.54 29.00 -25.79
C GLN L 60 28.06 29.05 -25.84
N ARG L 61 28.67 28.23 -26.69
CA ARG L 61 30.12 28.25 -26.81
C ARG L 61 30.62 29.55 -27.44
N ILE L 62 29.91 30.08 -28.42
CA ILE L 62 30.34 31.32 -29.05
C ILE L 62 30.21 32.48 -28.08
N LEU L 63 29.16 32.48 -27.27
CA LEU L 63 29.01 33.55 -26.28
C LEU L 63 30.04 33.43 -25.18
N PHE L 64 30.32 32.21 -24.71
CA PHE L 64 31.36 32.02 -23.71
C PHE L 64 32.72 32.49 -24.22
N LEU L 65 33.02 32.21 -25.48
CA LEU L 65 34.26 32.65 -26.11
C LEU L 65 34.22 34.12 -26.49
N GLU L 66 33.24 34.87 -25.98
CA GLU L 66 33.12 36.31 -26.21
C GLU L 66 33.01 36.65 -27.69
N GLY L 67 32.25 35.84 -28.42
CA GLY L 67 31.90 36.11 -29.79
C GLY L 67 30.43 36.48 -29.91
N VAL L 68 30.04 36.85 -31.13
CA VAL L 68 28.66 37.24 -31.43
C VAL L 68 28.05 36.12 -32.26
N PRO L 69 27.13 35.31 -31.71
CA PRO L 69 26.50 34.26 -32.52
C PRO L 69 25.70 34.86 -33.65
N ASN L 70 25.81 34.25 -34.82
CA ASN L 70 25.09 34.68 -36.01
C ASN L 70 23.95 33.70 -36.24
N VAL L 71 22.77 34.04 -35.72
CA VAL L 71 21.57 33.24 -35.96
C VAL L 71 20.74 33.82 -37.11
N ALA L 72 21.20 34.88 -37.75
CA ALA L 72 20.45 35.47 -38.84
C ALA L 72 20.74 34.80 -40.17
N ALA L 73 22.00 34.44 -40.41
CA ALA L 73 22.38 33.85 -41.68
C ALA L 73 21.84 32.44 -41.81
N ARG L 74 21.49 32.06 -43.04
CA ARG L 74 21.00 30.72 -43.33
C ARG L 74 21.54 30.28 -44.68
N GLU L 75 21.91 29.02 -44.76
CA GLU L 75 22.32 28.42 -46.02
C GLU L 75 21.09 28.07 -46.84
N ALA L 76 21.31 27.83 -48.13
CA ALA L 76 20.21 27.46 -49.00
C ALA L 76 19.67 26.09 -48.61
N LEU L 77 18.36 26.00 -48.46
CA LEU L 77 17.71 24.75 -48.13
C LEU L 77 17.45 23.96 -49.40
N ASN L 78 17.63 22.66 -49.32
CA ASN L 78 17.39 21.78 -50.47
C ASN L 78 16.20 20.91 -50.08
N ILE L 79 15.01 21.36 -50.45
CA ILE L 79 13.76 20.70 -50.11
C ILE L 79 13.42 19.71 -51.22
N GLY L 80 13.18 18.46 -50.85
CA GLY L 80 12.78 17.47 -51.82
C GLY L 80 11.30 17.50 -52.10
N SER L 81 10.91 16.83 -53.18
CA SER L 81 9.51 16.76 -53.56
C SER L 81 8.88 15.41 -53.26
N ASN L 82 9.67 14.35 -53.24
CA ASN L 82 9.21 13.01 -52.87
C ASN L 82 10.16 12.42 -51.84
N VAL L 83 9.73 11.34 -51.22
CA VAL L 83 10.39 10.81 -50.02
C VAL L 83 11.86 10.52 -50.28
N GLU L 84 12.16 9.83 -51.39
CA GLU L 84 13.56 9.53 -51.70
C GLU L 84 14.38 10.80 -51.86
N GLU L 85 13.80 11.82 -52.51
CA GLU L 85 14.55 13.06 -52.71
C GLU L 85 14.80 13.77 -51.40
N MET L 86 13.83 13.78 -50.49
CA MET L 86 14.05 14.42 -49.20
C MET L 86 15.05 13.66 -48.35
N LEU L 87 15.03 12.33 -48.41
CA LEU L 87 16.02 11.55 -47.70
C LEU L 87 17.41 11.78 -48.27
N ARG L 88 17.52 11.88 -49.59
CA ARG L 88 18.82 12.11 -50.21
C ARG L 88 19.32 13.52 -49.94
N ASN L 89 18.42 14.49 -49.85
CA ASN L 89 18.83 15.86 -49.50
C ASN L 89 19.29 15.93 -48.05
N ASP L 90 18.58 15.26 -47.14
CA ASP L 90 19.02 15.19 -45.77
C ASP L 90 20.38 14.52 -45.67
N LEU L 91 20.61 13.48 -46.47
CA LEU L 91 21.90 12.81 -46.43
C LEU L 91 23.02 13.69 -46.98
N ALA L 92 22.78 14.34 -48.13
CA ALA L 92 23.77 15.26 -48.66
C ALA L 92 24.10 16.33 -47.62
N TYR L 93 23.11 16.78 -46.88
CA TYR L 93 23.36 17.90 -46.01
C TYR L 93 24.07 17.43 -44.74
N GLU L 94 23.76 16.22 -44.27
CA GLU L 94 24.51 15.62 -43.17
C GLU L 94 25.96 15.38 -43.56
N TYR L 95 26.21 14.94 -44.79
CA TYR L 95 27.58 14.80 -45.27
C TYR L 95 28.32 16.13 -45.23
N LYS L 96 27.67 17.20 -45.70
CA LYS L 96 28.33 18.50 -45.68
C LYS L 96 28.61 18.96 -44.25
N VAL L 97 27.66 18.75 -43.35
CA VAL L 97 27.86 19.14 -41.95
C VAL L 97 29.00 18.35 -41.32
N ALA L 98 29.11 17.05 -41.64
CA ALA L 98 30.17 16.25 -41.06
C ALA L 98 31.54 16.68 -41.57
N ASP L 99 31.63 16.97 -42.87
CA ASP L 99 32.88 17.48 -43.43
C ASP L 99 33.28 18.79 -42.75
N ASP L 100 32.32 19.70 -42.59
CA ASP L 100 32.64 21.00 -42.02
C ASP L 100 33.00 20.87 -40.54
N LEU L 101 32.34 19.95 -39.84
CA LEU L 101 32.69 19.66 -38.45
C LEU L 101 34.10 19.12 -38.33
N ARG L 102 34.51 18.24 -39.24
CA ARG L 102 35.88 17.72 -39.20
C ARG L 102 36.89 18.83 -39.42
N LYS L 103 36.63 19.71 -40.38
CA LYS L 103 37.53 20.85 -40.59
C LYS L 103 37.65 21.70 -39.32
N VAL L 104 36.53 21.94 -38.65
CA VAL L 104 36.59 22.80 -37.47
C VAL L 104 37.23 22.07 -36.30
N ILE L 105 37.08 20.75 -36.21
CA ILE L 105 37.77 20.00 -35.15
C ILE L 105 39.27 20.06 -35.36
N ALA L 106 39.72 19.91 -36.60
CA ALA L 106 41.13 20.08 -36.89
C ALA L 106 41.61 21.48 -36.50
N LEU L 107 40.82 22.50 -36.82
CA LEU L 107 41.21 23.87 -36.48
C LEU L 107 41.29 24.07 -34.97
N CYS L 108 40.32 23.52 -34.23
CA CYS L 108 40.35 23.65 -32.77
C CYS L 108 41.54 22.91 -32.18
N GLU L 109 41.97 21.82 -32.80
CA GLU L 109 43.17 21.15 -32.34
C GLU L 109 44.41 22.00 -32.59
N GLN L 110 44.51 22.62 -33.76
CA GLN L 110 45.65 23.50 -34.03
C GLN L 110 45.65 24.71 -33.11
N LYS L 111 44.48 25.25 -32.77
CA LYS L 111 44.39 26.46 -31.96
C LYS L 111 44.34 26.16 -30.48
N LYS L 112 44.63 24.92 -30.08
CA LYS L 112 44.71 24.50 -28.68
C LYS L 112 43.37 24.64 -27.96
N ASP L 113 42.30 24.95 -28.68
CA ASP L 113 40.98 25.10 -28.08
C ASP L 113 40.36 23.72 -27.93
N TYR L 114 40.79 23.01 -26.90
CA TYR L 114 40.41 21.62 -26.74
C TYR L 114 38.94 21.48 -26.39
N GLN L 115 38.38 22.40 -25.61
CA GLN L 115 37.00 22.24 -25.16
C GLN L 115 36.01 22.42 -26.30
N THR L 116 36.27 23.39 -27.18
CA THR L 116 35.50 23.46 -28.42
C THR L 116 35.66 22.18 -29.22
N ARG L 117 36.86 21.59 -29.21
CA ARG L 117 37.06 20.30 -29.87
C ARG L 117 36.10 19.25 -29.34
N GLU L 118 35.94 19.11 -28.02
CA GLU L 118 35.05 18.04 -27.57
C GLU L 118 33.59 18.39 -27.79
N ILE L 119 33.21 19.67 -27.72
CA ILE L 119 31.85 20.03 -28.08
C ILE L 119 31.57 19.62 -29.53
N LEU L 120 32.49 19.93 -30.43
CA LEU L 120 32.28 19.57 -31.83
C LEU L 120 32.42 18.08 -32.05
N GLU L 121 33.17 17.39 -31.22
CA GLU L 121 33.26 15.94 -31.35
C GLU L 121 31.96 15.27 -30.95
N VAL L 122 31.29 15.81 -29.94
CA VAL L 122 29.96 15.31 -29.59
C VAL L 122 28.98 15.61 -30.73
N LEU L 123 29.09 16.80 -31.33
CA LEU L 123 28.24 17.12 -32.47
C LEU L 123 28.49 16.19 -33.64
N LEU L 124 29.76 15.88 -33.93
CA LEU L 124 30.11 14.99 -35.04
C LEU L 124 29.67 13.56 -34.74
N ASP L 125 29.76 13.15 -33.49
CA ASP L 125 29.29 11.83 -33.11
C ASP L 125 27.79 11.71 -33.32
N ASP L 126 27.03 12.75 -32.96
CA ASP L 126 25.60 12.73 -33.27
C ASP L 126 25.36 12.73 -34.77
N THR L 127 26.05 13.59 -35.52
CA THR L 127 25.83 13.68 -36.96
C THR L 127 26.08 12.35 -37.66
N GLU L 128 27.12 11.64 -37.26
CA GLU L 128 27.46 10.36 -37.89
C GLU L 128 26.61 9.22 -37.33
N SER L 129 26.64 9.04 -36.01
CA SER L 129 26.10 7.86 -35.37
C SER L 129 24.62 7.99 -35.05
N ASP L 130 23.97 9.07 -35.46
CA ASP L 130 22.57 9.27 -35.13
C ASP L 130 21.69 9.41 -36.35
N HIS L 131 22.20 10.01 -37.43
CA HIS L 131 21.27 10.32 -38.50
C HIS L 131 21.87 10.13 -39.88
N MET L 132 23.18 10.31 -40.04
CA MET L 132 23.81 9.90 -41.28
C MET L 132 23.70 8.38 -41.46
N TYR L 133 23.98 7.65 -40.40
CA TYR L 133 23.84 6.19 -40.39
C TYR L 133 22.39 5.79 -40.62
N TRP L 134 21.45 6.49 -39.97
CA TRP L 134 20.03 6.19 -40.15
C TRP L 134 19.60 6.45 -41.58
N LEU L 135 20.06 7.55 -42.19
CA LEU L 135 19.68 7.85 -43.56
C LEU L 135 20.24 6.83 -44.53
N GLU L 136 21.48 6.41 -44.31
CA GLU L 136 22.05 5.38 -45.17
C GLU L 136 21.29 4.06 -45.03
N LYS L 137 20.88 3.73 -43.81
CA LYS L 137 20.06 2.54 -43.60
C LYS L 137 18.73 2.67 -44.32
N GLN L 138 18.11 3.85 -44.29
CA GLN L 138 16.81 4.04 -44.92
C GLN L 138 16.92 3.91 -46.43
N LEU L 139 17.98 4.48 -47.01
CA LEU L 139 18.15 4.37 -48.45
C LEU L 139 18.46 2.93 -48.86
N GLY L 140 19.21 2.21 -48.03
CA GLY L 140 19.44 0.80 -48.30
C GLY L 140 18.18 -0.03 -48.18
N LEU L 141 17.30 0.30 -47.22
CA LEU L 141 16.03 -0.39 -47.12
C LEU L 141 15.14 -0.11 -48.32
N ILE L 142 15.11 1.14 -48.78
CA ILE L 142 14.37 1.44 -50.00
C ILE L 142 14.90 0.60 -51.15
N ASP L 143 16.22 0.40 -51.19
CA ASP L 143 16.80 -0.42 -52.25
C ASP L 143 16.43 -1.90 -52.10
N ARG L 144 16.26 -2.37 -50.86
CA ARG L 144 16.02 -3.78 -50.64
C ARG L 144 14.55 -4.15 -50.79
N ILE L 145 13.65 -3.48 -50.06
CA ILE L 145 12.24 -3.85 -50.07
C ILE L 145 11.44 -3.09 -51.12
N GLY L 146 11.98 -2.03 -51.70
CA GLY L 146 11.24 -1.20 -52.60
C GLY L 146 10.65 0.01 -51.90
N LEU L 147 10.25 0.99 -52.70
CA LEU L 147 9.78 2.25 -52.13
C LEU L 147 8.39 2.11 -51.54
N ALA L 148 7.54 1.28 -52.17
CA ALA L 148 6.17 1.14 -51.68
C ALA L 148 6.12 0.32 -50.39
N ASN L 149 6.97 -0.70 -50.27
CA ASN L 149 7.08 -1.39 -48.99
C ASN L 149 7.74 -0.51 -47.95
N TYR L 150 8.74 0.28 -48.35
CA TYR L 150 9.42 1.13 -47.38
C TYR L 150 8.48 2.17 -46.82
N LEU L 151 7.69 2.81 -47.69
CA LEU L 151 6.75 3.82 -47.25
C LEU L 151 5.62 3.23 -46.43
N GLN L 152 5.28 1.97 -46.66
CA GLN L 152 4.25 1.32 -45.87
C GLN L 152 4.67 1.15 -44.42
N THR L 153 5.96 0.94 -44.17
CA THR L 153 6.47 0.81 -42.82
C THR L 153 6.52 2.14 -42.08
N LYS L 154 6.44 3.25 -42.81
CA LYS L 154 6.61 4.57 -42.25
C LYS L 154 5.30 5.23 -41.86
N MET L 155 4.18 4.56 -42.06
CA MET L 155 2.89 5.13 -41.73
C MET L 155 2.58 5.00 -40.24
N MET M 1 3.17 -51.50 -13.41
CA MET M 1 3.76 -52.16 -14.56
C MET M 1 4.81 -53.14 -14.09
N LYS M 2 4.76 -54.37 -14.59
CA LYS M 2 5.73 -55.38 -14.17
C LYS M 2 7.05 -55.12 -14.89
N GLY M 3 8.07 -54.77 -14.12
CA GLY M 3 9.38 -54.47 -14.68
C GLY M 3 10.24 -55.71 -14.84
N HIS M 4 11.32 -55.53 -15.59
CA HIS M 4 12.26 -56.62 -15.79
C HIS M 4 12.96 -56.95 -14.48
N PRO M 5 13.18 -58.24 -14.20
CA PRO M 5 13.89 -58.59 -12.95
C PRO M 5 15.30 -58.05 -12.89
N LYS M 6 16.00 -58.00 -14.02
CA LYS M 6 17.35 -57.44 -14.04
C LYS M 6 17.33 -55.96 -13.75
N VAL M 7 16.36 -55.24 -14.29
CA VAL M 7 16.29 -53.80 -14.06
C VAL M 7 15.95 -53.53 -12.60
N VAL M 8 15.07 -54.34 -12.01
CA VAL M 8 14.72 -54.15 -10.61
C VAL M 8 15.90 -54.49 -9.71
N GLY M 9 16.68 -55.51 -10.08
CA GLY M 9 17.88 -55.81 -9.33
C GLY M 9 18.91 -54.70 -9.39
N GLN M 10 19.13 -54.15 -10.58
CA GLN M 10 20.04 -53.01 -10.72
C GLN M 10 19.55 -51.80 -9.95
N LEU M 11 18.24 -51.54 -9.98
CA LEU M 11 17.71 -50.40 -9.24
C LEU M 11 17.86 -50.62 -7.74
N ASN M 12 17.72 -51.87 -7.29
CA ASN M 12 17.88 -52.16 -5.88
C ASN M 12 19.33 -52.01 -5.45
N ARG M 13 20.26 -52.33 -6.34
CA ARG M 13 21.67 -52.17 -6.03
C ARG M 13 22.07 -50.70 -6.01
N VAL M 14 21.58 -49.93 -6.98
CA VAL M 14 21.78 -48.48 -6.94
C VAL M 14 21.13 -47.89 -5.69
N LEU M 15 20.04 -48.50 -5.22
CA LEU M 15 19.40 -48.01 -4.00
C LEU M 15 20.24 -48.29 -2.76
N THR M 16 20.76 -49.51 -2.64
CA THR M 16 21.71 -49.81 -1.57
C THR M 16 22.83 -48.79 -1.55
N CYS M 17 23.36 -48.46 -2.73
CA CYS M 17 24.51 -47.58 -2.77
C CYS M 17 24.10 -46.14 -2.46
N GLU M 18 22.89 -45.74 -2.83
CA GLU M 18 22.40 -44.40 -2.50
C GLU M 18 22.16 -44.26 -1.01
N LEU M 19 21.67 -45.32 -0.36
CA LEU M 19 21.48 -45.29 1.09
C LEU M 19 22.80 -45.24 1.83
N THR M 20 23.77 -46.04 1.39
CA THR M 20 25.11 -45.94 1.95
C THR M 20 25.68 -44.53 1.79
N ALA M 21 25.44 -43.91 0.63
CA ALA M 21 25.89 -42.54 0.43
C ALA M 21 25.19 -41.59 1.39
N ILE M 22 23.89 -41.73 1.60
CA ILE M 22 23.19 -40.88 2.55
C ILE M 22 23.85 -40.96 3.92
N ASN M 23 24.09 -42.18 4.38
CA ASN M 23 24.64 -42.35 5.72
C ASN M 23 26.04 -41.75 5.82
N GLN M 24 26.89 -42.03 4.84
CA GLN M 24 28.26 -41.52 4.88
C GLN M 24 28.29 -40.00 4.79
N TYR M 25 27.46 -39.41 3.93
CA TYR M 25 27.43 -37.96 3.79
C TYR M 25 26.91 -37.31 5.05
N PHE M 26 25.94 -37.91 5.73
CA PHE M 26 25.44 -37.28 6.95
C PHE M 26 26.45 -37.39 8.08
N LEU M 27 27.08 -38.55 8.22
CA LEU M 27 28.12 -38.66 9.24
C LEU M 27 29.23 -37.66 8.98
N HIS M 28 29.62 -37.48 7.72
CA HIS M 28 30.69 -36.55 7.40
C HIS M 28 30.26 -35.11 7.62
N ALA M 29 29.02 -34.77 7.28
CA ALA M 29 28.52 -33.42 7.53
C ALA M 29 28.53 -33.10 9.01
N ARG M 30 28.16 -34.07 9.85
CA ARG M 30 28.10 -33.78 11.27
C ARG M 30 29.49 -33.83 11.91
N MET M 31 30.41 -34.62 11.37
CA MET M 31 31.81 -34.51 11.77
C MET M 31 32.38 -33.15 11.40
N PHE M 32 31.96 -32.59 10.27
CA PHE M 32 32.43 -31.26 9.88
C PHE M 32 31.84 -30.18 10.79
N LYS M 33 30.55 -30.28 11.09
CA LYS M 33 29.93 -29.37 12.05
C LYS M 33 30.60 -29.44 13.41
N HIS M 34 31.00 -30.64 13.83
CA HIS M 34 31.64 -30.79 15.13
C HIS M 34 32.97 -30.07 15.19
N TRP M 35 33.64 -29.90 14.05
CA TRP M 35 34.92 -29.21 13.94
C TRP M 35 34.77 -27.74 13.61
N GLY M 36 33.55 -27.22 13.50
CA GLY M 36 33.35 -25.84 13.17
C GLY M 36 33.49 -25.49 11.72
N LEU M 37 33.73 -26.48 10.85
CA LEU M 37 33.78 -26.24 9.42
C LEU M 37 32.35 -26.24 8.91
N GLU M 38 31.75 -25.07 8.82
CA GLU M 38 30.32 -24.95 8.62
C GLU M 38 29.95 -25.04 7.14
N LYS M 39 30.78 -24.52 6.25
CA LYS M 39 30.44 -24.56 4.83
C LYS M 39 30.57 -25.99 4.31
N LEU M 40 31.51 -26.75 4.87
CA LEU M 40 31.63 -28.17 4.53
C LEU M 40 30.45 -28.96 5.07
N ASN M 41 30.05 -28.68 6.30
CA ASN M 41 28.77 -29.15 6.82
C ASN M 41 27.65 -28.92 5.83
N HIS M 42 27.47 -27.69 5.38
CA HIS M 42 26.35 -27.34 4.53
C HIS M 42 26.39 -28.13 3.23
N VAL M 43 27.57 -28.22 2.62
CA VAL M 43 27.68 -28.95 1.36
C VAL M 43 27.36 -30.43 1.56
N GLU M 44 27.96 -31.06 2.58
CA GLU M 44 27.75 -32.48 2.77
C GLU M 44 26.33 -32.80 3.18
N TYR M 45 25.69 -31.88 3.90
CA TYR M 45 24.29 -32.06 4.27
C TYR M 45 23.38 -31.92 3.07
N LYS M 46 23.59 -30.93 2.21
CA LYS M 46 22.73 -30.84 1.03
C LYS M 46 22.99 -31.99 0.09
N LYS M 47 24.21 -32.54 0.07
CA LYS M 47 24.48 -33.72 -0.72
C LYS M 47 23.79 -34.96 -0.16
N SER M 48 23.73 -35.08 1.16
CA SER M 48 23.00 -36.19 1.76
C SER M 48 21.50 -36.05 1.51
N ILE M 49 20.97 -34.82 1.55
CA ILE M 49 19.58 -34.58 1.17
C ILE M 49 19.35 -34.96 -0.29
N GLU M 50 20.32 -34.68 -1.14
CA GLU M 50 20.17 -34.99 -2.56
C GLU M 50 20.15 -36.50 -2.78
N ASP M 51 21.06 -37.23 -2.16
CA ASP M 51 21.02 -38.69 -2.24
C ASP M 51 19.79 -39.26 -1.58
N MET M 52 19.22 -38.52 -0.63
CA MET M 52 17.94 -38.85 -0.03
C MET M 52 16.83 -38.82 -1.07
N LYS M 53 16.77 -37.73 -1.84
CA LYS M 53 15.82 -37.65 -2.96
C LYS M 53 16.06 -38.75 -3.99
N HIS M 54 17.32 -39.06 -4.26
CA HIS M 54 17.64 -40.13 -5.21
C HIS M 54 17.12 -41.47 -4.72
N ALA M 55 17.33 -41.78 -3.44
CA ALA M 55 16.84 -43.02 -2.88
C ALA M 55 15.33 -43.06 -2.91
N ASP M 56 14.69 -41.93 -2.65
CA ASP M 56 13.23 -41.85 -2.74
C ASP M 56 12.75 -42.21 -4.14
N LYS M 57 13.37 -41.62 -5.16
CA LYS M 57 12.99 -41.92 -6.54
C LYS M 57 13.25 -43.38 -6.90
N LEU M 58 14.36 -43.95 -6.44
CA LEU M 58 14.62 -45.35 -6.72
C LEU M 58 13.62 -46.27 -6.04
N ILE M 59 13.25 -45.96 -4.79
CA ILE M 59 12.23 -46.75 -4.10
C ILE M 59 10.91 -46.67 -4.84
N GLU M 60 10.52 -45.47 -5.28
CA GLU M 60 9.26 -45.33 -5.99
C GLU M 60 9.29 -46.07 -7.32
N ARG M 61 10.45 -46.08 -8.00
CA ARG M 61 10.54 -46.80 -9.26
C ARG M 61 10.50 -48.30 -9.05
N VAL M 62 11.17 -48.79 -8.01
CA VAL M 62 11.16 -50.24 -7.74
C VAL M 62 9.77 -50.68 -7.32
N LEU M 63 9.02 -49.80 -6.65
CA LEU M 63 7.66 -50.14 -6.26
C LEU M 63 6.73 -50.12 -7.47
N PHE M 64 6.85 -49.11 -8.33
CA PHE M 64 6.06 -49.06 -9.55
C PHE M 64 6.30 -50.28 -10.43
N LEU M 65 7.54 -50.77 -10.46
CA LEU M 65 7.89 -51.94 -11.25
C LEU M 65 7.56 -53.24 -10.55
N GLU M 66 6.73 -53.18 -9.51
CA GLU M 66 6.26 -54.35 -8.76
C GLU M 66 7.42 -55.15 -8.18
N GLY M 67 8.48 -54.47 -7.78
CA GLY M 67 9.58 -55.06 -7.07
C GLY M 67 9.53 -54.73 -5.58
N LEU M 68 10.49 -55.27 -4.85
CA LEU M 68 10.60 -55.04 -3.42
C LEU M 68 11.81 -54.18 -3.12
N PRO M 69 11.64 -52.91 -2.75
CA PRO M 69 12.80 -52.09 -2.41
C PRO M 69 13.55 -52.68 -1.23
N ASN M 70 14.87 -52.72 -1.34
CA ASN M 70 15.73 -53.27 -0.31
C ASN M 70 16.39 -52.12 0.42
N LEU M 71 15.75 -51.67 1.50
CA LEU M 71 16.33 -50.66 2.37
C LEU M 71 17.09 -51.26 3.53
N GLN M 72 17.18 -52.57 3.61
CA GLN M 72 17.82 -53.22 4.74
C GLN M 72 19.34 -53.25 4.57
N GLN M 73 19.81 -53.57 3.37
CA GLN M 73 21.24 -53.70 3.15
C GLN M 73 21.89 -52.33 3.01
N LEU M 74 23.09 -52.20 3.58
CA LEU M 74 23.97 -51.09 3.29
C LEU M 74 25.37 -51.59 3.02
N GLU M 75 26.10 -50.83 2.23
CA GLU M 75 27.49 -51.11 1.92
C GLU M 75 28.37 -50.62 3.07
N LYS M 76 29.66 -50.94 2.99
CA LYS M 76 30.58 -50.50 4.03
C LYS M 76 30.82 -49.00 3.90
N LEU M 77 30.79 -48.31 5.03
CA LEU M 77 30.99 -46.86 5.03
C LEU M 77 32.47 -46.56 5.16
N ARG M 78 32.95 -45.62 4.35
CA ARG M 78 34.31 -45.10 4.47
C ARG M 78 34.24 -43.77 5.19
N ILE M 79 34.55 -43.79 6.48
CA ILE M 79 34.50 -42.61 7.33
C ILE M 79 35.94 -42.16 7.56
N GLY M 80 36.26 -40.93 7.17
CA GLY M 80 37.60 -40.42 7.36
C GLY M 80 37.79 -39.80 8.72
N GLU M 81 39.06 -39.60 9.07
CA GLU M 81 39.41 -38.96 10.33
C GLU M 81 39.60 -37.45 10.20
N HIS M 82 40.09 -36.97 9.06
CA HIS M 82 40.31 -35.55 8.84
C HIS M 82 39.68 -35.16 7.52
N ALA M 83 39.67 -33.85 7.26
CA ALA M 83 38.92 -33.31 6.12
C ALA M 83 39.36 -33.93 4.80
N GLN M 84 40.68 -33.97 4.54
CA GLN M 84 41.16 -34.53 3.28
C GLN M 84 40.76 -35.99 3.13
N GLU M 85 40.89 -36.77 4.19
CA GLU M 85 40.52 -38.18 4.11
C GLU M 85 39.03 -38.34 3.88
N MET M 86 38.21 -37.51 4.52
CA MET M 86 36.77 -37.58 4.30
C MET M 86 36.41 -37.21 2.87
N LEU M 87 37.08 -36.21 2.31
CA LEU M 87 36.81 -35.83 0.93
C LEU M 87 37.27 -36.92 -0.03
N ASP M 88 38.38 -37.59 0.26
CA ASP M 88 38.82 -38.70 -0.58
C ASP M 88 37.86 -39.89 -0.48
N CYS M 89 37.33 -40.16 0.71
CA CYS M 89 36.36 -41.25 0.84
C CYS M 89 35.08 -40.93 0.08
N ASP M 90 34.63 -39.67 0.16
CA ASP M 90 33.48 -39.24 -0.62
C ASP M 90 33.74 -39.37 -2.10
N LEU M 91 34.96 -39.01 -2.54
CA LEU M 91 35.33 -39.13 -3.95
C LEU M 91 35.28 -40.59 -4.39
N ALA M 92 35.89 -41.49 -3.62
CA ALA M 92 35.89 -42.90 -3.96
C ALA M 92 34.48 -43.44 -4.05
N MET M 93 33.61 -43.04 -3.13
CA MET M 93 32.24 -43.53 -3.16
C MET M 93 31.48 -42.99 -4.36
N VAL M 94 31.67 -41.71 -4.70
CA VAL M 94 31.03 -41.16 -5.89
C VAL M 94 31.50 -41.88 -7.14
N GLN M 95 32.79 -42.22 -7.21
CA GLN M 95 33.30 -42.89 -8.40
C GLN M 95 32.74 -44.29 -8.55
N GLU M 96 32.74 -45.05 -7.45
CA GLU M 96 32.13 -46.38 -7.47
C GLU M 96 30.65 -46.30 -7.86
N GLN M 97 29.96 -45.30 -7.34
CA GLN M 97 28.53 -45.20 -7.55
C GLN M 97 28.23 -44.76 -8.97
N LEU M 98 29.15 -44.00 -9.59
CA LEU M 98 29.00 -43.61 -10.98
C LEU M 98 29.22 -44.79 -11.92
N THR M 99 30.23 -45.60 -11.62
CA THR M 99 30.41 -46.85 -12.39
C THR M 99 29.15 -47.70 -12.32
N LEU M 100 28.59 -47.85 -11.12
CA LEU M 100 27.35 -48.60 -10.95
C LEU M 100 26.21 -48.00 -11.77
N LEU M 101 26.06 -46.67 -11.72
CA LEU M 101 24.99 -46.03 -12.48
C LEU M 101 25.14 -46.24 -13.96
N ARG M 102 26.39 -46.25 -14.46
CA ARG M 102 26.59 -46.42 -15.89
C ARG M 102 26.23 -47.84 -16.32
N ASP M 103 26.62 -48.82 -15.51
CA ASP M 103 26.20 -50.19 -15.77
C ASP M 103 24.69 -50.33 -15.77
N ALA M 104 24.02 -49.68 -14.83
CA ALA M 104 22.57 -49.78 -14.74
C ALA M 104 21.89 -49.09 -15.93
N ILE M 105 22.46 -47.97 -16.40
CA ILE M 105 21.89 -47.29 -17.56
C ILE M 105 22.05 -48.14 -18.81
N THR M 106 23.20 -48.78 -18.95
CA THR M 106 23.41 -49.70 -20.07
C THR M 106 22.38 -50.83 -20.04
N LEU M 107 22.18 -51.42 -18.87
CA LEU M 107 21.22 -52.52 -18.78
C LEU M 107 19.79 -52.04 -19.04
N CYS M 108 19.44 -50.86 -18.52
CA CYS M 108 18.10 -50.32 -18.73
C CYS M 108 17.86 -50.06 -20.20
N GLU M 109 18.88 -49.62 -20.93
CA GLU M 109 18.73 -49.46 -22.37
C GLU M 109 18.59 -50.80 -23.07
N ALA M 110 19.34 -51.80 -22.63
CA ALA M 110 19.25 -53.11 -23.27
C ALA M 110 17.89 -53.76 -23.07
N GLU M 111 17.19 -53.41 -21.99
CA GLU M 111 15.88 -53.95 -21.68
C GLU M 111 14.73 -53.04 -22.10
N GLN M 112 15.02 -52.00 -22.89
CA GLN M 112 14.03 -50.99 -23.27
C GLN M 112 13.28 -50.41 -22.07
N ASP M 113 13.93 -50.31 -20.92
CA ASP M 113 13.36 -49.60 -19.78
C ASP M 113 13.88 -48.16 -19.84
N TYR M 114 13.11 -47.30 -20.50
CA TYR M 114 13.60 -45.98 -20.83
C TYR M 114 13.31 -44.95 -19.76
N VAL M 115 12.28 -45.17 -18.92
CA VAL M 115 12.04 -44.23 -17.83
C VAL M 115 12.92 -44.56 -16.64
N SER M 116 13.22 -45.85 -16.44
CA SER M 116 14.28 -46.20 -15.51
C SER M 116 15.60 -45.56 -15.95
N ARG M 117 15.86 -45.57 -17.25
CA ARG M 117 17.09 -44.96 -17.76
C ARG M 117 17.10 -43.45 -17.55
N ASP M 118 15.95 -42.79 -17.74
CA ASP M 118 15.88 -41.35 -17.49
C ASP M 118 16.11 -41.04 -16.01
N LEU M 119 15.50 -41.82 -15.12
CA LEU M 119 15.76 -41.70 -13.70
C LEU M 119 17.24 -41.82 -13.39
N LEU M 120 17.86 -42.89 -13.89
CA LEU M 120 19.26 -43.12 -13.60
C LEU M 120 20.15 -42.06 -14.22
N GLU M 121 19.71 -41.44 -15.32
CA GLU M 121 20.51 -40.38 -15.92
C GLU M 121 20.44 -39.10 -15.09
N ASP M 122 19.29 -38.81 -14.48
CA ASP M 122 19.26 -37.71 -13.52
C ASP M 122 20.17 -37.99 -12.33
N ILE M 123 20.13 -39.21 -11.80
CA ILE M 123 21.03 -39.54 -10.70
C ILE M 123 22.48 -39.42 -11.13
N LEU M 124 22.77 -39.78 -12.38
CA LEU M 124 24.13 -39.71 -12.90
C LEU M 124 24.61 -38.27 -13.00
N GLU M 125 23.78 -37.38 -13.55
CA GLU M 125 24.21 -35.99 -13.66
C GLU M 125 24.42 -35.38 -12.29
N ASP M 126 23.57 -35.72 -11.31
CA ASP M 126 23.77 -35.18 -9.97
C ASP M 126 25.05 -35.71 -9.33
N GLU M 127 25.26 -37.01 -9.40
CA GLU M 127 26.45 -37.61 -8.80
C GLU M 127 27.71 -37.08 -9.45
N GLU M 128 27.62 -36.71 -10.72
CA GLU M 128 28.81 -36.31 -11.44
C GLU M 128 29.06 -34.81 -11.30
N GLU M 129 28.02 -34.03 -10.99
CA GLU M 129 28.22 -32.69 -10.48
C GLU M 129 28.91 -32.70 -9.10
N HIS M 130 28.52 -33.63 -8.22
CA HIS M 130 29.23 -33.71 -6.95
C HIS M 130 30.65 -34.22 -7.12
N LEU M 131 30.88 -35.13 -8.07
CA LEU M 131 32.25 -35.50 -8.42
C LEU M 131 33.06 -34.28 -8.85
N ASP M 132 32.45 -33.42 -9.68
CA ASP M 132 33.11 -32.18 -10.06
C ASP M 132 33.46 -31.32 -8.86
N TRP M 133 32.51 -31.19 -7.92
CA TRP M 133 32.76 -30.37 -6.73
C TRP M 133 33.89 -30.95 -5.89
N LEU M 134 33.92 -32.27 -5.72
CA LEU M 134 34.97 -32.88 -4.91
C LEU M 134 36.34 -32.72 -5.57
N GLU M 135 36.40 -32.83 -6.90
CA GLU M 135 37.66 -32.60 -7.59
C GLU M 135 38.09 -31.15 -7.47
N SER M 136 37.13 -30.22 -7.52
CA SER M 136 37.44 -28.81 -7.29
C SER M 136 38.03 -28.61 -5.90
N GLN M 137 37.46 -29.26 -4.89
CA GLN M 137 37.97 -29.12 -3.53
C GLN M 137 39.38 -29.67 -3.41
N ARG M 138 39.66 -30.78 -4.06
CA ARG M 138 41.01 -31.33 -4.01
C ARG M 138 42.00 -30.39 -4.70
N GLU M 139 41.61 -29.81 -5.83
CA GLU M 139 42.48 -28.85 -6.49
C GLU M 139 42.69 -27.61 -5.62
N LEU M 140 41.65 -27.18 -4.92
CA LEU M 140 41.78 -26.01 -4.05
C LEU M 140 42.69 -26.29 -2.87
N ILE M 141 42.65 -27.51 -2.32
CA ILE M 141 43.58 -27.86 -1.27
C ILE M 141 45.00 -27.88 -1.80
N GLY M 142 45.18 -28.37 -3.03
CA GLY M 142 46.51 -28.35 -3.62
C GLY M 142 47.00 -26.96 -3.94
N LEU M 143 46.08 -26.02 -4.16
CA LEU M 143 46.44 -24.67 -4.57
C LEU M 143 46.70 -23.76 -3.37
N THR M 144 45.76 -23.72 -2.43
CA THR M 144 45.87 -22.81 -1.30
C THR M 144 46.40 -23.48 -0.04
N GLY M 145 46.59 -24.78 -0.04
CA GLY M 145 46.97 -25.49 1.15
C GLY M 145 45.78 -25.91 1.99
N ILE M 146 46.01 -26.85 2.89
CA ILE M 146 44.90 -27.40 3.67
C ILE M 146 44.48 -26.42 4.76
N GLN M 147 45.41 -25.66 5.31
CA GLN M 147 45.06 -24.70 6.36
C GLN M 147 44.27 -23.53 5.79
N ASN M 148 44.65 -23.04 4.62
CA ASN M 148 43.88 -21.98 3.98
C ASN M 148 42.54 -22.51 3.49
N TYR M 149 42.51 -23.74 2.98
CA TYR M 149 41.26 -24.30 2.49
C TYR M 149 40.27 -24.48 3.63
N LEU M 150 40.73 -25.01 4.75
CA LEU M 150 39.86 -25.24 5.89
C LEU M 150 39.39 -23.93 6.51
N GLN M 151 40.20 -22.88 6.42
CA GLN M 151 39.79 -21.57 6.91
C GLN M 151 38.63 -21.02 6.09
N SER M 152 38.54 -21.39 4.81
CA SER M 152 37.45 -20.93 3.97
C SER M 152 36.15 -21.65 4.25
N GLN M 153 36.17 -22.73 5.03
CA GLN M 153 34.99 -23.51 5.36
C GLN M 153 34.43 -23.16 6.72
N ILE M 154 35.07 -22.26 7.46
CA ILE M 154 34.61 -21.91 8.79
C ILE M 154 33.23 -21.29 8.76
N SER M 155 33.00 -20.36 7.85
CA SER M 155 31.73 -19.66 7.75
C SER M 155 30.88 -20.31 6.66
N GLU M 156 29.61 -20.54 6.98
CA GLU M 156 28.76 -21.33 6.08
C GLU M 156 28.41 -20.54 4.83
N SER M 157 28.34 -19.22 4.93
CA SER M 157 28.07 -18.38 3.76
C SER M 157 28.88 -17.09 3.84
N MET N 1 33.33 -32.46 25.19
CA MET N 1 33.30 -33.05 26.52
C MET N 1 33.37 -34.56 26.40
N LYS N 2 34.24 -35.19 27.18
CA LYS N 2 34.38 -36.63 27.12
C LYS N 2 33.23 -37.28 27.89
N GLY N 3 32.36 -37.98 27.18
CA GLY N 3 31.21 -38.62 27.78
C GLY N 3 31.52 -40.00 28.31
N HIS N 4 30.60 -40.50 29.12
CA HIS N 4 30.73 -41.84 29.66
C HIS N 4 30.66 -42.88 28.55
N PRO N 5 31.48 -43.92 28.60
CA PRO N 5 31.40 -44.96 27.56
C PRO N 5 30.05 -45.66 27.51
N LYS N 6 29.43 -45.89 28.68
CA LYS N 6 28.12 -46.52 28.70
C LYS N 6 27.07 -45.63 28.07
N VAL N 7 27.13 -44.32 28.32
CA VAL N 7 26.15 -43.42 27.75
C VAL N 7 26.34 -43.33 26.24
N VAL N 8 27.58 -43.35 25.77
CA VAL N 8 27.83 -43.30 24.34
C VAL N 8 27.38 -44.60 23.68
N GLY N 9 27.57 -45.73 24.35
CA GLY N 9 27.06 -46.98 23.82
C GLY N 9 25.54 -47.01 23.73
N GLN N 10 24.87 -46.54 24.78
CA GLN N 10 23.41 -46.45 24.74
C GLN N 10 22.93 -45.50 23.66
N LEU N 11 23.61 -44.37 23.49
CA LEU N 11 23.21 -43.44 22.45
C LEU N 11 23.43 -44.02 21.08
N ASN N 12 24.48 -44.83 20.91
CA ASN N 12 24.74 -45.46 19.63
C ASN N 12 23.71 -46.54 19.33
N ARG N 13 23.22 -47.21 20.38
CA ARG N 13 22.20 -48.22 20.17
C ARG N 13 20.84 -47.59 19.87
N VAL N 14 20.51 -46.50 20.56
CA VAL N 14 19.32 -45.74 20.20
C VAL N 14 19.44 -45.18 18.80
N LEU N 15 20.67 -44.88 18.36
CA LEU N 15 20.88 -44.38 17.00
C LEU N 15 20.64 -45.45 15.97
N THR N 16 21.21 -46.65 16.19
CA THR N 16 20.89 -47.79 15.33
C THR N 16 19.39 -47.98 15.19
N CYS N 17 18.67 -47.88 16.31
CA CYS N 17 17.24 -48.14 16.26
C CYS N 17 16.49 -47.01 15.58
N GLU N 18 16.98 -45.77 15.71
CA GLU N 18 16.36 -44.63 15.04
C GLU N 18 16.57 -44.72 13.53
N LEU N 19 17.75 -45.19 13.11
CA LEU N 19 18.01 -45.37 11.68
C LEU N 19 17.16 -46.48 11.09
N THR N 20 17.05 -47.60 11.80
CA THR N 20 16.13 -48.66 11.39
C THR N 20 14.71 -48.14 11.26
N ALA N 21 14.30 -47.30 12.21
CA ALA N 21 12.97 -46.70 12.14
C ALA N 21 12.82 -45.82 10.91
N ILE N 22 13.83 -45.00 10.60
CA ILE N 22 13.78 -44.16 9.41
C ILE N 22 13.53 -45.01 8.18
N ASN N 23 14.32 -46.09 8.04
CA ASN N 23 14.21 -46.91 6.85
C ASN N 23 12.85 -47.58 6.75
N GLN N 24 12.38 -48.15 7.86
CA GLN N 24 11.09 -48.84 7.85
C GLN N 24 9.94 -47.87 7.57
N TYR N 25 9.97 -46.69 8.19
CA TYR N 25 8.92 -45.71 7.97
C TYR N 25 8.91 -45.21 6.54
N PHE N 26 10.08 -45.04 5.93
CA PHE N 26 10.08 -44.56 4.55
C PHE N 26 9.60 -45.63 3.59
N LEU N 27 10.05 -46.87 3.78
CA LEU N 27 9.55 -47.95 2.95
C LEU N 27 8.03 -48.07 3.09
N HIS N 28 7.51 -47.93 4.30
CA HIS N 28 6.07 -48.05 4.51
C HIS N 28 5.33 -46.87 3.90
N ALA N 29 5.88 -45.67 4.01
CA ALA N 29 5.25 -44.50 3.41
C ALA N 29 5.15 -44.65 1.90
N ARG N 30 6.19 -45.20 1.28
CA ARG N 30 6.17 -45.30 -0.17
C ARG N 30 5.35 -46.50 -0.63
N MET N 31 5.26 -47.55 0.19
CA MET N 31 4.29 -48.60 -0.08
C MET N 31 2.86 -48.08 0.02
N PHE N 32 2.61 -47.13 0.94
CA PHE N 32 1.28 -46.54 1.05
C PHE N 32 0.98 -45.65 -0.14
N LYS N 33 1.95 -44.83 -0.55
CA LYS N 33 1.79 -44.01 -1.75
C LYS N 33 1.53 -44.87 -2.98
N HIS N 34 2.19 -46.03 -3.07
CA HIS N 34 2.02 -46.90 -4.22
C HIS N 34 0.60 -47.44 -4.30
N TRP N 35 -0.09 -47.55 -3.17
CA TRP N 35 -1.47 -48.02 -3.10
C TRP N 35 -2.49 -46.90 -3.14
N GLY N 36 -2.06 -45.65 -3.28
CA GLY N 36 -2.98 -44.54 -3.31
C GLY N 36 -3.48 -44.08 -1.97
N LEU N 37 -3.00 -44.67 -0.87
CA LEU N 37 -3.36 -44.23 0.46
C LEU N 37 -2.45 -43.07 0.81
N GLU N 38 -2.92 -41.86 0.54
CA GLU N 38 -2.07 -40.68 0.56
C GLU N 38 -1.91 -40.12 1.96
N LYS N 39 -2.95 -40.19 2.80
CA LYS N 39 -2.83 -39.63 4.15
C LYS N 39 -1.93 -40.51 5.00
N LEU N 40 -1.93 -41.82 4.73
CA LEU N 40 -1.02 -42.73 5.42
C LEU N 40 0.41 -42.50 4.95
N ASN N 41 0.61 -42.32 3.65
CA ASN N 41 1.87 -41.80 3.12
C ASN N 41 2.34 -40.59 3.91
N HIS N 42 1.51 -39.58 4.02
CA HIS N 42 1.93 -38.33 4.65
C HIS N 42 2.33 -38.56 6.10
N VAL N 43 1.55 -39.33 6.84
CA VAL N 43 1.88 -39.59 8.24
C VAL N 43 3.20 -40.34 8.36
N GLU N 44 3.36 -41.42 7.58
CA GLU N 44 4.57 -42.23 7.71
C GLU N 44 5.79 -41.47 7.24
N TYR N 45 5.63 -40.59 6.25
CA TYR N 45 6.73 -39.76 5.79
C TYR N 45 7.13 -38.72 6.83
N LYS N 46 6.17 -38.04 7.45
CA LYS N 46 6.55 -37.08 8.47
C LYS N 46 7.13 -37.78 9.68
N LYS N 47 6.70 -39.01 9.94
CA LYS N 47 7.31 -39.78 11.03
C LYS N 47 8.73 -40.19 10.70
N SER N 48 9.01 -40.54 9.44
CA SER N 48 10.38 -40.84 9.04
C SER N 48 11.25 -39.60 9.10
N ILE N 49 10.70 -38.45 8.73
CA ILE N 49 11.42 -37.18 8.88
C ILE N 49 11.70 -36.91 10.36
N GLU N 50 10.75 -37.24 11.22
CA GLU N 50 10.94 -37.00 12.64
C GLU N 50 12.04 -37.89 13.21
N ASP N 51 12.03 -39.18 12.87
CA ASP N 51 13.11 -40.05 13.30
C ASP N 51 14.43 -39.66 12.66
N MET N 52 14.37 -39.00 11.51
CA MET N 52 15.54 -38.41 10.87
C MET N 52 16.15 -37.33 11.75
N LYS N 53 15.31 -36.41 12.23
CA LYS N 53 15.76 -35.41 13.19
C LYS N 53 16.30 -36.03 14.47
N HIS N 54 15.66 -37.09 14.94
CA HIS N 54 16.13 -37.78 16.13
C HIS N 54 17.52 -38.37 15.93
N ALA N 55 17.73 -39.03 14.79
CA ALA N 55 19.03 -39.59 14.49
C ALA N 55 20.08 -38.50 14.36
N ASP N 56 19.70 -37.36 13.78
CA ASP N 56 20.61 -36.23 13.69
C ASP N 56 21.05 -35.77 15.08
N LYS N 57 20.10 -35.62 15.99
CA LYS N 57 20.42 -35.20 17.35
C LYS N 57 21.28 -36.23 18.07
N LEU N 58 21.00 -37.52 17.87
CA LEU N 58 21.83 -38.54 18.51
C LEU N 58 23.25 -38.55 17.95
N ILE N 59 23.40 -38.37 16.64
CA ILE N 59 24.74 -38.29 16.04
C ILE N 59 25.49 -37.10 16.61
N GLU N 60 24.82 -35.95 16.70
CA GLU N 60 25.49 -34.76 17.22
C GLU N 60 25.87 -34.94 18.69
N ARG N 61 25.04 -35.63 19.46
CA ARG N 61 25.37 -35.86 20.87
C ARG N 61 26.52 -36.84 21.01
N VAL N 62 26.54 -37.90 20.19
CA VAL N 62 27.63 -38.86 20.26
C VAL N 62 28.94 -38.22 19.82
N LEU N 63 28.86 -37.27 18.88
CA LEU N 63 30.07 -36.58 18.45
C LEU N 63 30.56 -35.61 19.51
N PHE N 64 29.64 -34.86 20.11
CA PHE N 64 30.00 -33.95 21.20
C PHE N 64 30.64 -34.70 22.36
N LEU N 65 30.17 -35.90 22.64
CA LEU N 65 30.71 -36.72 23.72
C LEU N 65 31.96 -37.47 23.30
N GLU N 66 32.57 -37.07 22.20
CA GLU N 66 33.83 -37.65 21.70
C GLU N 66 33.71 -39.15 21.45
N GLY N 67 32.53 -39.58 21.02
CA GLY N 67 32.31 -40.94 20.58
C GLY N 67 32.24 -41.03 19.07
N LEU N 68 32.08 -42.26 18.59
CA LEU N 68 32.00 -42.52 17.17
C LEU N 68 30.59 -42.94 16.80
N PRO N 69 29.81 -42.10 16.13
CA PRO N 69 28.46 -42.51 15.73
C PRO N 69 28.51 -43.71 14.80
N ASN N 70 27.64 -44.67 15.06
CA ASN N 70 27.59 -45.90 14.29
C ASN N 70 26.37 -45.82 13.38
N LEU N 71 26.57 -45.33 12.16
CA LEU N 71 25.54 -45.30 11.15
C LEU N 71 25.59 -46.52 10.25
N GLN N 72 26.52 -47.45 10.49
CA GLN N 72 26.65 -48.60 9.62
C GLN N 72 25.66 -49.69 9.94
N GLN N 73 25.44 -49.96 11.23
CA GLN N 73 24.56 -51.03 11.63
C GLN N 73 23.10 -50.61 11.52
N LEU N 74 22.27 -51.53 11.07
CA LEU N 74 20.82 -51.40 11.16
C LEU N 74 20.23 -52.70 11.70
N GLU N 75 19.09 -52.56 12.36
CA GLU N 75 18.33 -53.68 12.87
C GLU N 75 17.51 -54.29 11.75
N LYS N 76 16.87 -55.42 12.03
CA LYS N 76 16.04 -56.06 11.02
C LYS N 76 14.77 -55.26 10.82
N LEU N 77 14.39 -55.05 9.56
CA LEU N 77 13.19 -54.28 9.24
C LEU N 77 11.98 -55.21 9.21
N ARG N 78 10.89 -54.78 9.82
CA ARG N 78 9.62 -55.47 9.72
C ARG N 78 8.77 -54.73 8.71
N ILE N 79 8.70 -55.28 7.50
CA ILE N 79 7.95 -54.70 6.39
C ILE N 79 6.69 -55.52 6.22
N GLY N 80 5.54 -54.89 6.35
CA GLY N 80 4.28 -55.58 6.18
C GLY N 80 3.84 -55.65 4.75
N GLU N 81 2.88 -56.54 4.49
CA GLU N 81 2.30 -56.68 3.16
C GLU N 81 1.06 -55.83 2.96
N HIS N 82 0.26 -55.62 4.00
CA HIS N 82 -0.95 -54.82 3.90
C HIS N 82 -0.96 -53.80 5.01
N ALA N 83 -1.95 -52.89 4.96
CA ALA N 83 -1.97 -51.74 5.85
C ALA N 83 -1.95 -52.15 7.32
N GLN N 84 -2.82 -53.07 7.72
CA GLN N 84 -2.86 -53.49 9.12
C GLN N 84 -1.55 -54.08 9.56
N GLU N 85 -0.93 -54.93 8.74
CA GLU N 85 0.34 -55.54 9.10
C GLU N 85 1.43 -54.49 9.21
N MET N 86 1.43 -53.51 8.31
CA MET N 86 2.43 -52.45 8.38
C MET N 86 2.25 -51.61 9.64
N LEU N 87 1.01 -51.33 10.01
CA LEU N 87 0.76 -50.56 11.24
C LEU N 87 1.16 -51.37 12.47
N ASP N 88 0.93 -52.68 12.46
CA ASP N 88 1.37 -53.52 13.58
C ASP N 88 2.88 -53.58 13.66
N CYS N 89 3.57 -53.65 12.52
CA CYS N 89 5.04 -53.66 12.54
C CYS N 89 5.57 -52.34 13.07
N ASP N 90 4.96 -51.23 12.64
CA ASP N 90 5.33 -49.93 13.17
C ASP N 90 5.09 -49.85 14.67
N LEU N 91 3.98 -50.40 15.14
CA LEU N 91 3.68 -50.44 16.56
C LEU N 91 4.73 -51.21 17.33
N ALA N 92 5.06 -52.42 16.85
CA ALA N 92 6.06 -53.25 17.52
C ALA N 92 7.40 -52.53 17.59
N MET N 93 7.77 -51.85 16.51
CA MET N 93 9.05 -51.16 16.51
C MET N 93 9.04 -49.97 17.45
N VAL N 94 7.94 -49.21 17.50
CA VAL N 94 7.84 -48.12 18.46
C VAL N 94 7.92 -48.63 19.88
N GLN N 95 7.30 -49.77 20.17
CA GLN N 95 7.32 -50.28 21.54
C GLN N 95 8.72 -50.74 21.94
N GLU N 96 9.39 -51.48 21.06
CA GLU N 96 10.78 -51.87 21.33
C GLU N 96 11.66 -50.65 21.54
N GLN N 97 11.44 -49.62 20.72
CA GLN N 97 12.32 -48.46 20.75
C GLN N 97 12.04 -47.61 21.98
N LEU N 98 10.80 -47.67 22.50
CA LEU N 98 10.46 -46.99 23.74
C LEU N 98 11.07 -47.68 24.94
N THR N 99 11.03 -49.01 24.97
CA THR N 99 11.76 -49.75 26.00
C THR N 99 13.23 -49.38 26.01
N LEU N 100 13.84 -49.34 24.82
CA LEU N 100 15.24 -48.96 24.71
C LEU N 100 15.48 -47.54 25.23
N LEU N 101 14.61 -46.60 24.86
CA LEU N 101 14.77 -45.22 25.32
C LEU N 101 14.67 -45.13 26.83
N ARG N 102 13.79 -45.92 27.44
CA ARG N 102 13.64 -45.85 28.89
C ARG N 102 14.87 -46.39 29.59
N ASP N 103 15.42 -47.48 29.08
CA ASP N 103 16.68 -48.00 29.62
C ASP N 103 17.80 -46.97 29.49
N ALA N 104 17.86 -46.29 28.35
CA ALA N 104 18.91 -45.31 28.14
C ALA N 104 18.74 -44.09 29.04
N ILE N 105 17.48 -43.67 29.30
CA ILE N 105 17.25 -42.56 30.21
C ILE N 105 17.63 -42.92 31.62
N THR N 106 17.32 -44.15 32.04
CA THR N 106 17.73 -44.61 33.36
C THR N 106 19.25 -44.59 33.49
N LEU N 107 19.96 -45.09 32.48
CA LEU N 107 21.41 -45.11 32.55
C LEU N 107 21.99 -43.70 32.52
N CYS N 108 21.42 -42.81 31.71
CA CYS N 108 21.90 -41.44 31.65
C CYS N 108 21.71 -40.74 32.99
N GLU N 109 20.63 -41.04 33.69
CA GLU N 109 20.45 -40.48 35.02
C GLU N 109 21.46 -41.07 36.01
N ALA N 110 21.75 -42.36 35.89
CA ALA N 110 22.70 -42.98 36.81
C ALA N 110 24.11 -42.44 36.62
N GLU N 111 24.44 -41.97 35.42
CA GLU N 111 25.74 -41.42 35.11
C GLU N 111 25.79 -39.89 35.18
N GLN N 112 24.75 -39.26 35.72
CA GLN N 112 24.64 -37.80 35.76
C GLN N 112 24.85 -37.16 34.39
N ASP N 113 24.44 -37.84 33.32
CA ASP N 113 24.43 -37.24 31.98
C ASP N 113 23.02 -36.69 31.76
N TYR N 114 22.83 -35.43 32.12
CA TYR N 114 21.50 -34.87 32.18
C TYR N 114 21.05 -34.25 30.86
N VAL N 115 21.99 -33.84 30.00
CA VAL N 115 21.58 -33.31 28.70
C VAL N 115 21.36 -34.44 27.72
N SER N 116 22.12 -35.53 27.86
CA SER N 116 21.76 -36.76 27.17
C SER N 116 20.37 -37.22 27.57
N ARG N 117 20.05 -37.11 28.86
CA ARG N 117 18.74 -37.51 29.35
C ARG N 117 17.65 -36.60 28.79
N ASP N 118 17.91 -35.29 28.69
CA ASP N 118 16.93 -34.39 28.10
C ASP N 118 16.69 -34.70 26.63
N LEU N 119 17.78 -34.95 25.89
CA LEU N 119 17.66 -35.40 24.51
C LEU N 119 16.78 -36.65 24.39
N LEU N 120 17.10 -37.66 25.19
CA LEU N 120 16.36 -38.91 25.13
C LEU N 120 14.92 -38.74 25.57
N GLU N 121 14.65 -37.76 26.43
CA GLU N 121 13.28 -37.52 26.85
C GLU N 121 12.47 -36.86 25.74
N ASP N 122 13.09 -35.98 24.96
CA ASP N 122 12.40 -35.47 23.77
C ASP N 122 12.11 -36.60 22.79
N ILE N 123 13.10 -37.47 22.56
CA ILE N 123 12.85 -38.59 21.66
C ILE N 123 11.74 -39.49 22.21
N LEU N 124 11.68 -39.63 23.54
CA LEU N 124 10.67 -40.48 24.16
C LEU N 124 9.28 -39.89 23.97
N GLU N 125 9.12 -38.59 24.20
CA GLU N 125 7.81 -37.98 24.03
C GLU N 125 7.35 -38.07 22.59
N ASP N 126 8.28 -37.89 21.63
CA ASP N 126 7.89 -38.01 20.22
C ASP N 126 7.49 -39.44 19.88
N GLU N 127 8.30 -40.41 20.27
CA GLU N 127 8.00 -41.80 19.95
C GLU N 127 6.69 -42.23 20.60
N GLU N 128 6.36 -41.64 21.72
CA GLU N 128 5.18 -42.09 22.46
C GLU N 128 3.93 -41.34 22.00
N GLU N 129 4.10 -40.16 21.40
CA GLU N 129 3.01 -39.57 20.60
C GLU N 129 2.72 -40.41 19.35
N HIS N 130 3.75 -40.92 18.68
CA HIS N 130 3.47 -41.80 17.54
C HIS N 130 2.86 -43.13 17.99
N LEU N 131 3.27 -43.66 19.13
CA LEU N 131 2.59 -44.81 19.71
C LEU N 131 1.12 -44.52 19.91
N ASP N 132 0.79 -43.34 20.45
CA ASP N 132 -0.60 -42.94 20.61
C ASP N 132 -1.33 -42.93 19.28
N TRP N 133 -0.70 -42.37 18.24
CA TRP N 133 -1.33 -42.32 16.93
C TRP N 133 -1.58 -43.71 16.37
N LEU N 134 -0.61 -44.62 16.52
CA LEU N 134 -0.79 -45.97 16.00
C LEU N 134 -1.89 -46.71 16.74
N GLU N 135 -1.97 -46.52 18.05
CA GLU N 135 -3.06 -47.13 18.79
C GLU N 135 -4.42 -46.54 18.39
N SER N 136 -4.45 -45.24 18.11
CA SER N 136 -5.66 -44.63 17.59
C SER N 136 -6.07 -45.25 16.27
N GLN N 137 -5.11 -45.49 15.38
CA GLN N 137 -5.41 -46.10 14.09
C GLN N 137 -5.94 -47.51 14.25
N ARG N 138 -5.38 -48.27 15.18
CA ARG N 138 -5.89 -49.62 15.40
C ARG N 138 -7.30 -49.59 15.94
N GLU N 139 -7.59 -48.67 16.85
CA GLU N 139 -8.95 -48.54 17.37
C GLU N 139 -9.91 -48.11 16.27
N LEU N 140 -9.45 -47.23 15.36
CA LEU N 140 -10.30 -46.79 14.27
C LEU N 140 -10.58 -47.91 13.29
N ILE N 141 -9.60 -48.79 13.04
CA ILE N 141 -9.86 -49.95 12.20
C ILE N 141 -10.85 -50.88 12.88
N GLY N 142 -10.74 -51.04 14.20
CA GLY N 142 -11.71 -51.85 14.90
C GLY N 142 -13.10 -51.24 14.94
N LEU N 143 -13.19 -49.92 14.83
CA LEU N 143 -14.47 -49.24 14.95
C LEU N 143 -15.18 -49.13 13.61
N THR N 144 -14.49 -48.65 12.58
CA THR N 144 -15.10 -48.40 11.30
C THR N 144 -14.85 -49.52 10.30
N GLY N 145 -14.01 -50.48 10.62
CA GLY N 145 -13.62 -51.50 9.67
C GLY N 145 -12.43 -51.08 8.83
N ILE N 146 -11.79 -52.07 8.21
CA ILE N 146 -10.57 -51.78 7.47
C ILE N 146 -10.88 -51.10 6.14
N GLN N 147 -12.02 -51.44 5.53
CA GLN N 147 -12.37 -50.82 4.25
C GLN N 147 -12.76 -49.35 4.44
N ASN N 148 -13.50 -49.05 5.51
CA ASN N 148 -13.83 -47.66 5.80
C ASN N 148 -12.60 -46.89 6.25
N TYR N 149 -11.72 -47.53 7.01
CA TYR N 149 -10.52 -46.86 7.50
C TYR N 149 -9.61 -46.51 6.34
N LEU N 150 -9.41 -47.46 5.42
CA LEU N 150 -8.54 -47.22 4.28
C LEU N 150 -9.12 -46.19 3.32
N GLN N 151 -10.45 -46.10 3.25
CA GLN N 151 -11.09 -45.09 2.43
C GLN N 151 -10.80 -43.69 2.96
N SER N 152 -10.59 -43.55 4.28
CA SER N 152 -10.29 -42.27 4.87
C SER N 152 -8.85 -41.83 4.63
N GLN N 153 -8.00 -42.72 4.14
CA GLN N 153 -6.61 -42.42 3.88
C GLN N 153 -6.34 -42.11 2.42
N ILE N 154 -7.35 -42.18 1.56
CA ILE N 154 -7.16 -41.95 0.13
C ILE N 154 -6.70 -40.52 -0.13
N SER N 155 -7.32 -39.54 0.52
CA SER N 155 -6.99 -38.15 0.31
C SER N 155 -6.07 -37.67 1.42
N GLU N 156 -5.00 -36.97 1.04
CA GLU N 156 -3.96 -36.63 2.00
C GLU N 156 -4.43 -35.57 2.99
N SER N 157 -5.34 -34.70 2.57
CA SER N 157 -5.90 -33.72 3.47
C SER N 157 -7.38 -33.51 3.18
N MET O 1 33.94 37.67 17.64
CA MET O 1 34.57 37.86 18.95
C MET O 1 36.07 37.85 18.78
N LYS O 2 36.75 38.84 19.36
CA LYS O 2 38.20 38.92 19.24
C LYS O 2 38.82 37.90 20.18
N GLY O 3 39.49 36.90 19.61
CA GLY O 3 40.11 35.86 20.39
C GLY O 3 41.52 36.21 20.83
N HIS O 4 42.02 35.43 21.77
CA HIS O 4 43.38 35.62 22.25
C HIS O 4 44.38 35.31 21.13
N PRO O 5 45.45 36.09 21.01
CA PRO O 5 46.45 35.80 19.97
C PRO O 5 47.12 34.44 20.16
N LYS O 6 47.36 34.03 21.40
CA LYS O 6 47.96 32.72 21.64
C LYS O 6 47.02 31.60 21.23
N VAL O 7 45.73 31.76 21.50
CA VAL O 7 44.77 30.73 21.13
C VAL O 7 44.64 30.64 19.62
N VAL O 8 44.68 31.78 18.94
CA VAL O 8 44.59 31.78 17.48
C VAL O 8 45.85 31.17 16.88
N GLY O 9 47.00 31.45 17.48
CA GLY O 9 48.23 30.80 17.01
C GLY O 9 48.22 29.30 17.19
N GLN O 10 47.76 28.83 18.36
CA GLN O 10 47.63 27.40 18.57
C GLN O 10 46.63 26.77 17.62
N LEU O 11 45.51 27.44 17.37
CA LEU O 11 44.54 26.89 16.43
C LEU O 11 45.10 26.85 15.03
N ASN O 12 45.91 27.82 14.66
CA ASN O 12 46.51 27.83 13.34
C ASN O 12 47.56 26.73 13.20
N ARG O 13 48.25 26.41 14.29
CA ARG O 13 49.22 25.34 14.25
C ARG O 13 48.54 23.98 14.19
N VAL O 14 47.47 23.80 14.98
CA VAL O 14 46.66 22.60 14.86
C VAL O 14 46.06 22.49 13.46
N LEU O 15 45.78 23.63 12.83
CA LEU O 15 45.25 23.61 11.47
C LEU O 15 46.29 23.16 10.46
N THR O 16 47.50 23.71 10.55
CA THR O 16 48.61 23.22 9.72
C THR O 16 48.73 21.72 9.85
N CYS O 17 48.65 21.21 11.08
CA CYS O 17 48.89 19.79 11.27
C CYS O 17 47.70 18.97 10.76
N GLU O 18 46.49 19.50 10.84
CA GLU O 18 45.32 18.82 10.32
C GLU O 18 45.36 18.75 8.80
N LEU O 19 45.85 19.82 8.16
CA LEU O 19 45.98 19.82 6.70
C LEU O 19 47.06 18.85 6.24
N THR O 20 48.20 18.84 6.94
CA THR O 20 49.22 17.83 6.65
C THR O 20 48.65 16.41 6.80
N ALA O 21 47.83 16.20 7.83
CA ALA O 21 47.19 14.90 8.00
C ALA O 21 46.27 14.57 6.85
N ILE O 22 45.47 15.54 6.40
CA ILE O 22 44.60 15.30 5.25
C ILE O 22 45.40 14.82 4.06
N ASN O 23 46.49 15.53 3.75
CA ASN O 23 47.27 15.18 2.57
C ASN O 23 47.90 13.80 2.71
N GLN O 24 48.50 13.52 3.87
CA GLN O 24 49.15 12.23 4.06
C GLN O 24 48.14 11.08 4.02
N TYR O 25 46.99 11.26 4.66
CA TYR O 25 45.97 10.21 4.65
C TYR O 25 45.43 9.97 3.27
N PHE O 26 45.26 11.03 2.46
CA PHE O 26 44.73 10.79 1.11
C PHE O 26 45.77 10.13 0.23
N LEU O 27 47.03 10.56 0.30
CA LEU O 27 48.06 9.87 -0.46
C LEU O 27 48.15 8.41 -0.06
N HIS O 28 48.04 8.12 1.23
CA HIS O 28 48.12 6.73 1.68
C HIS O 28 46.90 5.92 1.25
N ALA O 29 45.72 6.54 1.30
CA ALA O 29 44.52 5.84 0.85
C ALA O 29 44.61 5.48 -0.63
N ARG O 30 45.17 6.38 -1.43
CA ARG O 30 45.23 6.10 -2.86
C ARG O 30 46.39 5.17 -3.20
N MET O 31 47.46 5.18 -2.41
CA MET O 31 48.47 4.15 -2.53
C MET O 31 47.92 2.79 -2.17
N PHE O 32 47.00 2.73 -1.19
CA PHE O 32 46.37 1.47 -0.83
C PHE O 32 45.43 0.98 -1.93
N LYS O 33 44.63 1.89 -2.47
CA LYS O 33 43.78 1.55 -3.62
C LYS O 33 44.59 1.05 -4.80
N HIS O 34 45.76 1.65 -5.03
CA HIS O 34 46.58 1.24 -6.16
C HIS O 34 47.08 -0.19 -6.00
N TRP O 35 47.21 -0.67 -4.78
CA TRP O 35 47.65 -2.02 -4.47
C TRP O 35 46.50 -3.00 -4.30
N GLY O 36 45.26 -2.56 -4.48
CA GLY O 36 44.12 -3.43 -4.32
C GLY O 36 43.69 -3.67 -2.89
N LEU O 37 44.34 -3.04 -1.92
CA LEU O 37 43.92 -3.14 -0.53
C LEU O 37 42.80 -2.14 -0.32
N GLU O 38 41.57 -2.62 -0.46
CA GLU O 38 40.41 -1.74 -0.56
C GLU O 38 39.90 -1.32 0.81
N LYS O 39 39.97 -2.19 1.81
CA LYS O 39 39.47 -1.82 3.12
C LYS O 39 40.40 -0.81 3.78
N LEU O 40 41.70 -0.91 3.49
CA LEU O 40 42.64 0.09 3.96
C LEU O 40 42.43 1.42 3.27
N ASN O 41 42.22 1.39 1.95
CA ASN O 41 41.72 2.55 1.23
C ASN O 41 40.55 3.20 1.95
N HIS O 42 39.51 2.43 2.24
CA HIS O 42 38.30 2.99 2.82
C HIS O 42 38.58 3.64 4.16
N VAL O 43 39.37 2.97 5.01
CA VAL O 43 39.67 3.53 6.32
C VAL O 43 40.46 4.82 6.18
N GLU O 44 41.52 4.82 5.37
CA GLU O 44 42.37 6.00 5.25
C GLU O 44 41.62 7.15 4.59
N TYR O 45 40.71 6.84 3.68
CA TYR O 45 39.90 7.87 3.05
C TYR O 45 38.90 8.48 4.03
N LYS O 46 38.21 7.65 4.83
CA LYS O 46 37.30 8.24 5.79
C LYS O 46 38.05 9.01 6.86
N LYS O 47 39.28 8.60 7.17
CA LYS O 47 40.10 9.36 8.10
C LYS O 47 40.54 10.70 7.51
N SER O 48 40.85 10.72 6.23
CA SER O 48 41.18 11.99 5.59
C SER O 48 39.97 12.90 5.52
N ILE O 49 38.79 12.34 5.27
CA ILE O 49 37.54 13.11 5.33
C ILE O 49 37.32 13.66 6.74
N GLU O 50 37.66 12.86 7.76
CA GLU O 50 37.47 13.30 9.12
C GLU O 50 38.41 14.45 9.47
N ASP O 51 39.68 14.33 9.10
CA ASP O 51 40.59 15.46 9.30
C ASP O 51 40.22 16.66 8.45
N MET O 52 39.52 16.42 7.35
CA MET O 52 38.95 17.47 6.53
C MET O 52 37.91 18.26 7.32
N LYS O 53 36.98 17.55 7.96
CA LYS O 53 36.02 18.20 8.86
C LYS O 53 36.71 18.93 10.00
N HIS O 54 37.77 18.35 10.55
CA HIS O 54 38.50 19.00 11.63
C HIS O 54 39.12 20.31 11.16
N ALA O 55 39.75 20.29 9.97
CA ALA O 55 40.34 21.51 9.44
C ALA O 55 39.26 22.55 9.16
N ASP O 56 38.09 22.11 8.69
CA ASP O 56 36.99 23.03 8.47
C ASP O 56 36.58 23.71 9.77
N LYS O 57 36.44 22.94 10.84
CA LYS O 57 36.07 23.52 12.14
C LYS O 57 37.15 24.45 12.67
N LEU O 58 38.42 24.11 12.48
CA LEU O 58 39.48 24.99 12.93
C LEU O 58 39.52 26.29 12.13
N ILE O 59 39.30 26.22 10.83
CA ILE O 59 39.23 27.43 10.00
C ILE O 59 38.08 28.31 10.46
N GLU O 60 36.91 27.71 10.69
CA GLU O 60 35.76 28.49 11.13
C GLU O 60 36.00 29.12 12.49
N ARG O 61 36.70 28.42 13.38
CA ARG O 61 36.98 28.97 14.70
C ARG O 61 38.00 30.10 14.62
N VAL O 62 39.02 29.95 13.78
CA VAL O 62 40.02 31.01 13.63
C VAL O 62 39.40 32.24 12.97
N LEU O 63 38.42 32.02 12.10
CA LEU O 63 37.75 33.16 11.48
C LEU O 63 36.82 33.85 12.45
N PHE O 64 36.06 33.08 13.24
CA PHE O 64 35.20 33.67 14.26
C PHE O 64 36.00 34.47 15.27
N LEU O 65 37.21 34.01 15.60
CA LEU O 65 38.08 34.70 16.54
C LEU O 65 38.84 35.85 15.89
N GLU O 66 38.42 36.28 14.70
CA GLU O 66 39.01 37.40 13.98
C GLU O 66 40.50 37.19 13.71
N GLY O 67 40.89 35.94 13.48
CA GLY O 67 42.23 35.60 13.06
C GLY O 67 42.27 35.27 11.58
N LEU O 68 43.48 34.98 11.11
CA LEU O 68 43.70 34.64 9.71
C LEU O 68 44.06 33.18 9.59
N PRO O 69 43.18 32.31 9.09
CA PRO O 69 43.54 30.90 8.92
C PRO O 69 44.71 30.76 7.97
N ASN O 70 45.65 29.91 8.35
CA ASN O 70 46.86 29.69 7.57
C ASN O 70 46.72 28.33 6.89
N LEU O 71 46.19 28.34 5.68
CA LEU O 71 46.10 27.14 4.85
C LEU O 71 47.29 26.99 3.92
N GLN O 72 48.25 27.91 3.98
CA GLN O 72 49.37 27.86 3.06
C GLN O 72 50.45 26.91 3.54
N GLN O 73 50.76 26.91 4.83
CA GLN O 73 51.82 26.07 5.35
C GLN O 73 51.36 24.63 5.50
N LEU O 74 52.25 23.70 5.18
CA LEU O 74 52.08 22.30 5.54
C LEU O 74 53.37 21.77 6.13
N GLU O 75 53.23 20.78 6.99
CA GLU O 75 54.35 20.09 7.60
C GLU O 75 54.90 19.06 6.62
N LYS O 76 56.02 18.44 6.98
CA LYS O 76 56.60 17.43 6.12
C LYS O 76 55.75 16.17 6.16
N LEU O 77 55.50 15.58 5.01
CA LEU O 77 54.69 14.37 4.92
C LEU O 77 55.58 13.16 5.07
N ARG O 78 55.14 12.20 5.88
CA ARG O 78 55.80 10.90 5.99
C ARG O 78 55.00 9.91 5.16
N ILE O 79 55.51 9.62 3.97
CA ILE O 79 54.87 8.70 3.03
C ILE O 79 55.66 7.41 3.05
N GLY O 80 55.00 6.31 3.41
CA GLY O 80 55.65 5.02 3.45
C GLY O 80 55.66 4.33 2.11
N GLU O 81 56.52 3.32 2.00
CA GLU O 81 56.60 2.51 0.79
C GLU O 81 55.71 1.28 0.83
N HIS O 82 55.51 0.67 2.00
CA HIS O 82 54.68 -0.50 2.14
C HIS O 82 53.69 -0.28 3.27
N ALA O 83 52.76 -1.23 3.41
CA ALA O 83 51.64 -1.05 4.33
C ALA O 83 52.09 -0.79 5.75
N GLN O 84 53.00 -1.61 6.28
CA GLN O 84 53.47 -1.43 7.65
C GLN O 84 54.11 -0.06 7.85
N GLU O 85 54.94 0.36 6.90
CA GLU O 85 55.60 1.66 7.02
C GLU O 85 54.58 2.79 6.96
N MET O 86 53.57 2.66 6.11
CA MET O 86 52.54 3.68 6.01
C MET O 86 51.73 3.76 7.31
N LEU O 87 51.44 2.61 7.91
CA LEU O 87 50.71 2.60 9.17
C LEU O 87 51.55 3.19 10.29
N ASP O 88 52.87 2.93 10.28
CA ASP O 88 53.75 3.52 11.28
C ASP O 88 53.86 5.03 11.11
N CYS O 89 53.91 5.50 9.86
CA CYS O 89 53.96 6.94 9.62
C CYS O 89 52.67 7.61 10.07
N ASP O 90 51.53 6.97 9.80
CA ASP O 90 50.25 7.46 10.29
C ASP O 90 50.22 7.50 11.81
N LEU O 91 50.76 6.46 12.45
CA LEU O 91 50.83 6.42 13.90
C LEU O 91 51.66 7.56 14.46
N ALA O 92 52.85 7.76 13.89
CA ALA O 92 53.73 8.84 14.35
C ALA O 92 53.05 10.19 14.20
N MET O 93 52.35 10.40 13.09
CA MET O 93 51.69 11.68 12.88
C MET O 93 50.53 11.87 13.84
N VAL O 94 49.75 10.82 14.10
CA VAL O 94 48.68 10.91 15.10
C VAL O 94 49.24 11.23 16.47
N GLN O 95 50.37 10.64 16.83
CA GLN O 95 50.93 10.88 18.15
C GLN O 95 51.43 12.31 18.30
N GLU O 96 52.17 12.79 17.29
CA GLU O 96 52.60 14.20 17.31
C GLU O 96 51.41 15.14 17.39
N GLN O 97 50.35 14.81 16.65
CA GLN O 97 49.21 15.71 16.55
C GLN O 97 48.40 15.68 17.84
N LEU O 98 48.44 14.56 18.56
CA LEU O 98 47.79 14.46 19.86
C LEU O 98 48.53 15.26 20.91
N THR O 99 49.86 15.18 20.91
CA THR O 99 50.65 16.04 21.79
C THR O 99 50.33 17.51 21.54
N LEU O 100 50.27 17.91 20.27
CA LEU O 100 49.92 19.28 19.91
C LEU O 100 48.53 19.64 20.43
N LEU O 101 47.55 18.76 20.24
CA LEU O 101 46.20 19.04 20.70
C LEU O 101 46.14 19.21 22.21
N ARG O 102 46.93 18.42 22.94
CA ARG O 102 46.90 18.53 24.39
C ARG O 102 47.49 19.84 24.85
N ASP O 103 48.60 20.27 24.23
CA ASP O 103 49.16 21.58 24.53
C ASP O 103 48.16 22.69 24.23
N ALA O 104 47.43 22.57 23.11
CA ALA O 104 46.48 23.61 22.74
C ALA O 104 45.29 23.63 23.70
N ILE O 105 44.85 22.46 24.18
CA ILE O 105 43.75 22.42 25.15
C ILE O 105 44.18 23.04 26.47
N THR O 106 45.40 22.76 26.90
CA THR O 106 45.92 23.38 28.10
C THR O 106 45.94 24.90 27.97
N LEU O 107 46.43 25.40 26.83
CA LEU O 107 46.49 26.84 26.64
C LEU O 107 45.10 27.45 26.56
N CYS O 108 44.16 26.77 25.87
CA CYS O 108 42.80 27.28 25.78
C CYS O 108 42.15 27.36 27.14
N GLU O 109 42.44 26.40 28.02
CA GLU O 109 41.91 26.48 29.38
C GLU O 109 42.57 27.63 30.15
N ALA O 110 43.86 27.85 29.95
CA ALA O 110 44.54 28.92 30.68
C ALA O 110 44.02 30.30 30.24
N GLU O 111 43.52 30.42 29.02
CA GLU O 111 43.00 31.68 28.51
C GLU O 111 41.48 31.78 28.60
N GLN O 112 40.83 30.88 29.34
CA GLN O 112 39.37 30.81 29.43
C GLN O 112 38.70 30.80 28.06
N ASP O 113 39.33 30.20 27.06
CA ASP O 113 38.69 29.96 25.77
C ASP O 113 38.09 28.56 25.81
N TYR O 114 36.84 28.48 26.23
CA TYR O 114 36.25 27.19 26.54
C TYR O 114 35.57 26.54 25.34
N VAL O 115 35.16 27.32 24.35
CA VAL O 115 34.59 26.71 23.15
C VAL O 115 35.68 26.28 22.19
N SER O 116 36.79 27.02 22.16
CA SER O 116 37.98 26.51 21.51
C SER O 116 38.41 25.19 22.15
N ARG O 117 38.35 25.11 23.48
CA ARG O 117 38.71 23.89 24.17
C ARG O 117 37.76 22.75 23.84
N ASP O 118 36.46 23.04 23.74
CA ASP O 118 35.51 21.98 23.36
C ASP O 118 35.77 21.49 21.93
N LEU O 119 36.03 22.41 21.00
CA LEU O 119 36.43 22.05 19.65
C LEU O 119 37.64 21.13 19.67
N LEU O 120 38.70 21.54 20.37
CA LEU O 120 39.92 20.77 20.39
C LEU O 120 39.73 19.44 21.10
N GLU O 121 38.77 19.34 22.03
CA GLU O 121 38.51 18.08 22.68
C GLU O 121 37.79 17.10 21.75
N ASP O 122 36.90 17.61 20.89
CA ASP O 122 36.34 16.74 19.86
C ASP O 122 37.43 16.25 18.91
N ILE O 123 38.31 17.15 18.49
CA ILE O 123 39.41 16.71 17.62
C ILE O 123 40.29 15.69 18.33
N LEU O 124 40.48 15.86 19.64
CA LEU O 124 41.30 14.95 20.41
C LEU O 124 40.68 13.56 20.49
N GLU O 125 39.38 13.50 20.78
CA GLU O 125 38.73 12.19 20.86
C GLU O 125 38.76 11.48 19.51
N ASP O 126 38.59 12.23 18.42
CA ASP O 126 38.65 11.60 17.10
C ASP O 126 40.05 11.09 16.79
N GLU O 127 41.05 11.93 17.01
CA GLU O 127 42.42 11.54 16.71
C GLU O 127 42.85 10.36 17.56
N GLU O 128 42.27 10.23 18.75
CA GLU O 128 42.72 9.20 19.65
C GLU O 128 41.93 7.91 19.45
N GLU O 129 40.73 8.00 18.86
CA GLU O 129 40.09 6.82 18.28
C GLU O 129 40.87 6.28 17.09
N HIS O 130 41.39 7.17 16.23
CA HIS O 130 42.23 6.66 15.14
C HIS O 130 43.55 6.10 15.64
N LEU O 131 44.12 6.70 16.69
CA LEU O 131 45.28 6.08 17.34
C LEU O 131 44.96 4.68 17.81
N ASP O 132 43.78 4.50 18.43
CA ASP O 132 43.36 3.16 18.85
C ASP O 132 43.28 2.21 17.66
N TRP O 133 42.71 2.67 16.54
CA TRP O 133 42.60 1.81 15.37
C TRP O 133 43.96 1.43 14.82
N LEU O 134 44.90 2.38 14.77
CA LEU O 134 46.22 2.07 14.25
C LEU O 134 46.95 1.09 15.15
N GLU O 135 46.80 1.23 16.47
CA GLU O 135 47.42 0.28 17.38
C GLU O 135 46.78 -1.10 17.23
N SER O 136 45.47 -1.15 17.00
CA SER O 136 44.81 -2.41 16.72
C SER O 136 45.39 -3.06 15.47
N GLN O 137 45.61 -2.28 14.43
CA GLN O 137 46.17 -2.83 13.19
C GLN O 137 47.57 -3.36 13.40
N ARG O 138 48.37 -2.66 14.20
CA ARG O 138 49.72 -3.17 14.46
C ARG O 138 49.67 -4.47 15.25
N GLU O 139 48.77 -4.56 16.23
CA GLU O 139 48.62 -5.80 16.98
C GLU O 139 48.13 -6.93 16.07
N LEU O 140 47.25 -6.61 15.13
CA LEU O 140 46.74 -7.63 14.21
C LEU O 140 47.84 -8.11 13.27
N ILE O 141 48.71 -7.21 12.83
CA ILE O 141 49.84 -7.65 12.01
C ILE O 141 50.76 -8.54 12.83
N GLY O 142 50.97 -8.20 14.10
CA GLY O 142 51.78 -9.06 14.95
C GLY O 142 51.14 -10.40 15.25
N LEU O 143 49.82 -10.47 15.20
CA LEU O 143 49.10 -11.68 15.55
C LEU O 143 48.92 -12.62 14.36
N THR O 144 48.42 -12.09 13.25
CA THR O 144 48.13 -12.92 12.08
C THR O 144 49.22 -12.89 11.03
N GLY O 145 50.22 -12.03 11.18
CA GLY O 145 51.22 -11.85 10.15
C GLY O 145 50.79 -10.81 9.12
N ILE O 146 51.77 -10.32 8.37
CA ILE O 146 51.50 -9.24 7.43
C ILE O 146 50.76 -9.77 6.20
N GLN O 147 51.05 -11.00 5.79
CA GLN O 147 50.38 -11.55 4.61
C GLN O 147 48.93 -11.85 4.91
N ASN O 148 48.63 -12.39 6.09
CA ASN O 148 47.24 -12.61 6.47
C ASN O 148 46.52 -11.30 6.71
N TYR O 149 47.22 -10.32 7.30
CA TYR O 149 46.58 -9.04 7.58
C TYR O 149 46.22 -8.33 6.29
N LEU O 150 47.15 -8.32 5.33
CA LEU O 150 46.90 -7.66 4.06
C LEU O 150 45.83 -8.36 3.25
N GLN O 151 45.69 -9.69 3.42
CA GLN O 151 44.64 -10.42 2.75
C GLN O 151 43.26 -9.99 3.26
N SER O 152 43.18 -9.56 4.51
CA SER O 152 41.92 -9.12 5.08
C SER O 152 41.51 -7.73 4.61
N GLN O 153 42.41 -7.02 3.95
CA GLN O 153 42.14 -5.68 3.44
C GLN O 153 41.79 -5.66 1.97
N ILE O 154 41.80 -6.81 1.31
CA ILE O 154 41.53 -6.86 -0.12
C ILE O 154 40.11 -6.41 -0.42
N SER O 155 39.14 -6.87 0.35
CA SER O 155 37.74 -6.55 0.13
C SER O 155 37.34 -5.42 1.07
N GLU O 156 36.64 -4.42 0.52
CA GLU O 156 36.37 -3.22 1.29
C GLU O 156 35.33 -3.47 2.38
N SER O 157 34.42 -4.41 2.15
CA SER O 157 33.45 -4.78 3.16
C SER O 157 33.19 -6.27 3.15
N MET P 1 50.98 0.46 -15.48
CA MET P 1 51.59 0.81 -16.76
C MET P 1 52.61 1.91 -16.53
N LYS P 2 53.82 1.75 -17.07
CA LYS P 2 54.85 2.76 -16.88
C LYS P 2 54.58 3.92 -17.82
N GLY P 3 54.28 5.09 -17.25
CA GLY P 3 53.97 6.26 -18.02
C GLY P 3 55.20 7.06 -18.39
N HIS P 4 55.01 7.97 -19.32
CA HIS P 4 56.10 8.84 -19.74
C HIS P 4 56.51 9.76 -18.60
N PRO P 5 57.81 10.01 -18.41
CA PRO P 5 58.23 10.92 -17.34
C PRO P 5 57.70 12.34 -17.52
N LYS P 6 57.62 12.82 -18.76
CA LYS P 6 57.09 14.15 -19.00
C LYS P 6 55.60 14.22 -18.64
N VAL P 7 54.85 13.18 -18.97
CA VAL P 7 53.43 13.18 -18.65
C VAL P 7 53.22 13.11 -17.15
N VAL P 8 54.04 12.35 -16.45
CA VAL P 8 53.92 12.26 -15.00
C VAL P 8 54.30 13.59 -14.36
N GLY P 9 55.32 14.26 -14.90
CA GLY P 9 55.68 15.58 -14.40
C GLY P 9 54.57 16.60 -14.60
N GLN P 10 53.96 16.61 -15.79
CA GLN P 10 52.84 17.50 -16.04
C GLN P 10 51.66 17.18 -15.15
N LEU P 11 51.39 15.90 -14.92
CA LEU P 11 50.28 15.54 -14.05
C LEU P 11 50.56 15.96 -12.61
N ASN P 12 51.82 15.89 -12.20
CA ASN P 12 52.18 16.29 -10.85
C ASN P 12 52.08 17.80 -10.70
N ARG P 13 52.37 18.54 -11.76
CA ARG P 13 52.25 19.99 -11.70
C ARG P 13 50.78 20.42 -11.70
N VAL P 14 49.96 19.77 -12.52
CA VAL P 14 48.51 20.00 -12.46
C VAL P 14 47.97 19.61 -11.09
N LEU P 15 48.59 18.62 -10.45
CA LEU P 15 48.15 18.21 -9.11
C LEU P 15 48.50 19.26 -8.06
N THR P 16 49.73 19.77 -8.10
CA THR P 16 50.09 20.90 -7.24
C THR P 16 49.10 22.03 -7.39
N CYS P 17 48.71 22.34 -8.62
CA CYS P 17 47.84 23.49 -8.84
C CYS P 17 46.42 23.17 -8.39
N GLU P 18 45.98 21.92 -8.51
CA GLU P 18 44.66 21.53 -8.04
C GLU P 18 44.58 21.58 -6.52
N LEU P 19 45.67 21.19 -5.84
CA LEU P 19 45.70 21.26 -4.39
C LEU P 19 45.70 22.71 -3.90
N THR P 20 46.50 23.56 -4.55
CA THR P 20 46.44 24.99 -4.25
C THR P 20 45.04 25.53 -4.44
N ALA P 21 44.35 25.10 -5.51
CA ALA P 21 42.98 25.53 -5.73
C ALA P 21 42.06 25.05 -4.62
N ILE P 22 42.21 23.80 -4.18
CA ILE P 22 41.39 23.30 -3.08
C ILE P 22 41.55 24.21 -1.86
N ASN P 23 42.79 24.52 -1.51
CA ASN P 23 43.02 25.30 -0.30
C ASN P 23 42.45 26.70 -0.44
N GLN P 24 42.69 27.35 -1.57
CA GLN P 24 42.20 28.71 -1.76
C GLN P 24 40.68 28.75 -1.78
N TYR P 25 40.04 27.80 -2.46
CA TYR P 25 38.59 27.77 -2.51
C TYR P 25 37.98 27.51 -1.15
N PHE P 26 38.60 26.66 -0.34
CA PHE P 26 38.03 26.42 0.98
C PHE P 26 38.20 27.61 1.89
N LEU P 27 39.38 28.23 1.88
CA LEU P 27 39.55 29.44 2.67
C LEU P 27 38.56 30.51 2.25
N HIS P 28 38.32 30.65 0.95
CA HIS P 28 37.38 31.67 0.48
C HIS P 28 35.95 31.32 0.84
N ALA P 29 35.58 30.04 0.76
CA ALA P 29 34.24 29.63 1.15
C ALA P 29 33.99 29.92 2.61
N ARG P 30 34.99 29.71 3.46
CA ARG P 30 34.77 29.91 4.88
C ARG P 30 34.86 31.38 5.26
N MET P 31 35.64 32.17 4.51
CA MET P 31 35.57 33.62 4.65
C MET P 31 34.20 34.15 4.23
N PHE P 32 33.58 33.53 3.23
CA PHE P 32 32.24 33.95 2.82
C PHE P 32 31.21 33.57 3.87
N LYS P 33 31.30 32.35 4.41
CA LYS P 33 30.42 31.94 5.50
C LYS P 33 30.57 32.85 6.71
N HIS P 34 31.79 33.30 6.99
CA HIS P 34 32.01 34.16 8.14
C HIS P 34 31.32 35.50 7.98
N TRP P 35 31.10 35.94 6.76
CA TRP P 35 30.42 37.19 6.44
C TRP P 35 28.93 37.02 6.21
N GLY P 36 28.39 35.82 6.34
CA GLY P 36 26.99 35.59 6.12
C GLY P 36 26.58 35.46 4.68
N LEU P 37 27.52 35.51 3.75
CA LEU P 37 27.22 35.30 2.33
C LEU P 37 27.19 33.80 2.10
N GLU P 38 26.00 33.23 2.19
CA GLU P 38 25.85 31.79 2.25
C GLU P 38 25.87 31.15 0.88
N LYS P 39 25.31 31.80 -0.14
CA LYS P 39 25.29 31.21 -1.46
C LYS P 39 26.70 31.22 -2.08
N LEU P 40 27.49 32.22 -1.72
CA LEU P 40 28.89 32.25 -2.15
C LEU P 40 29.70 31.17 -1.43
N ASN P 41 29.47 31.01 -0.13
CA ASN P 41 29.94 29.84 0.60
C ASN P 41 29.66 28.55 -0.16
N HIS P 42 28.39 28.33 -0.51
CA HIS P 42 28.00 27.07 -1.13
C HIS P 42 28.72 26.86 -2.45
N VAL P 43 28.81 27.90 -3.27
CA VAL P 43 29.48 27.76 -4.56
C VAL P 43 30.96 27.46 -4.36
N GLU P 44 31.64 28.21 -3.50
CA GLU P 44 33.07 28.02 -3.34
C GLU P 44 33.38 26.68 -2.68
N TYR P 45 32.50 26.21 -1.81
CA TYR P 45 32.67 24.91 -1.20
C TYR P 45 32.47 23.78 -2.22
N LYS P 46 31.44 23.85 -3.05
CA LYS P 46 31.27 22.80 -4.04
C LYS P 46 32.40 22.85 -5.07
N LYS P 47 32.95 24.03 -5.32
CA LYS P 47 34.10 24.13 -6.22
C LYS P 47 35.35 23.53 -5.59
N SER P 48 35.53 23.72 -4.28
CA SER P 48 36.66 23.07 -3.61
C SER P 48 36.50 21.57 -3.57
N ILE P 49 35.27 21.09 -3.39
CA ILE P 49 34.99 19.65 -3.48
C ILE P 49 35.29 19.14 -4.89
N GLU P 50 34.98 19.95 -5.90
CA GLU P 50 35.23 19.53 -7.27
C GLU P 50 36.72 19.43 -7.55
N ASP P 51 37.50 20.44 -7.14
CA ASP P 51 38.94 20.34 -7.28
C ASP P 51 39.52 19.23 -6.42
N MET P 52 38.83 18.88 -5.35
CA MET P 52 39.18 17.72 -4.54
C MET P 52 39.07 16.44 -5.36
N LYS P 53 37.95 16.25 -6.06
CA LYS P 53 37.81 15.12 -6.98
C LYS P 53 38.85 15.15 -8.08
N HIS P 54 39.18 16.33 -8.59
CA HIS P 54 40.20 16.44 -9.62
C HIS P 54 41.56 16.00 -9.11
N ALA P 55 41.92 16.43 -7.90
CA ALA P 55 43.19 16.02 -7.32
C ALA P 55 43.21 14.53 -7.07
N ASP P 56 42.08 13.97 -6.65
CA ASP P 56 41.98 12.53 -6.47
C ASP P 56 42.26 11.79 -7.76
N LYS P 57 41.64 12.23 -8.86
CA LYS P 57 41.86 11.59 -10.15
C LYS P 57 43.30 11.74 -10.62
N LEU P 58 43.92 12.91 -10.39
CA LEU P 58 45.30 13.08 -10.78
C LEU P 58 46.24 12.21 -9.96
N ILE P 59 45.98 12.08 -8.66
CA ILE P 59 46.79 11.19 -7.82
C ILE P 59 46.66 9.76 -8.31
N GLU P 60 45.44 9.31 -8.60
CA GLU P 60 45.25 7.95 -9.07
C GLU P 60 45.93 7.72 -10.41
N ARG P 61 45.92 8.72 -11.28
CA ARG P 61 46.58 8.57 -12.58
C ARG P 61 48.09 8.54 -12.44
N VAL P 62 48.65 9.38 -11.56
CA VAL P 62 50.09 9.38 -11.35
C VAL P 62 50.53 8.08 -10.70
N LEU P 63 49.68 7.50 -9.87
CA LEU P 63 50.02 6.22 -9.25
C LEU P 63 49.94 5.08 -10.25
N PHE P 64 48.88 5.07 -11.08
CA PHE P 64 48.77 4.07 -12.13
C PHE P 64 49.95 4.12 -13.09
N LEU P 65 50.45 5.32 -13.37
CA LEU P 65 51.58 5.49 -14.27
C LEU P 65 52.91 5.26 -13.57
N GLU P 66 52.89 4.64 -12.39
CA GLU P 66 54.08 4.30 -11.63
C GLU P 66 54.93 5.52 -11.31
N GLY P 67 54.27 6.66 -11.08
CA GLY P 67 54.93 7.85 -10.60
C GLY P 67 54.66 8.09 -9.13
N LEU P 68 55.25 9.16 -8.62
CA LEU P 68 55.09 9.53 -7.21
C LEU P 68 54.27 10.79 -7.11
N PRO P 69 53.01 10.72 -6.66
CA PRO P 69 52.22 11.94 -6.50
C PRO P 69 52.88 12.89 -5.51
N ASN P 70 52.91 14.16 -5.87
CA ASN P 70 53.53 15.18 -5.04
C ASN P 70 52.42 15.99 -4.40
N LEU P 71 52.02 15.58 -3.20
CA LEU P 71 51.05 16.32 -2.41
C LEU P 71 51.71 17.28 -1.43
N GLN P 72 53.05 17.35 -1.43
CA GLN P 72 53.74 18.18 -0.47
C GLN P 72 53.79 19.64 -0.91
N GLN P 73 54.05 19.88 -2.20
CA GLN P 73 54.19 21.23 -2.69
C GLN P 73 52.83 21.88 -2.89
N LEU P 74 52.74 23.17 -2.54
CA LEU P 74 51.62 24.00 -2.94
C LEU P 74 52.14 25.31 -3.48
N GLU P 75 51.35 25.91 -4.37
CA GLU P 75 51.63 27.20 -4.95
C GLU P 75 51.21 28.29 -3.96
N LYS P 76 51.54 29.53 -4.29
CA LYS P 76 51.17 30.64 -3.42
C LYS P 76 49.66 30.88 -3.52
N LEU P 77 49.01 31.08 -2.38
CA LEU P 77 47.57 31.31 -2.35
C LEU P 77 47.30 32.80 -2.49
N ARG P 78 46.33 33.14 -3.33
CA ARG P 78 45.84 34.50 -3.44
C ARG P 78 44.54 34.59 -2.66
N ILE P 79 44.62 35.14 -1.45
CA ILE P 79 43.48 35.28 -0.56
C ILE P 79 43.07 36.74 -0.58
N GLY P 80 41.83 37.01 -0.98
CA GLY P 80 41.34 38.36 -1.02
C GLY P 80 40.80 38.82 0.32
N GLU P 81 40.62 40.14 0.44
CA GLU P 81 40.05 40.73 1.62
C GLU P 81 38.54 40.93 1.53
N HIS P 82 38.02 41.21 0.34
CA HIS P 82 36.59 41.42 0.14
C HIS P 82 36.13 40.55 -1.02
N ALA P 83 34.80 40.53 -1.21
CA ALA P 83 34.20 39.60 -2.16
C ALA P 83 34.76 39.77 -3.57
N GLN P 84 34.81 41.01 -4.06
CA GLN P 84 35.32 41.24 -5.41
C GLN P 84 36.75 40.79 -5.56
N GLU P 85 37.59 41.09 -4.58
CA GLU P 85 38.99 40.69 -4.65
C GLU P 85 39.13 39.17 -4.61
N MET P 86 38.30 38.51 -3.79
CA MET P 86 38.35 37.05 -3.73
C MET P 86 37.91 36.44 -5.05
N LEU P 87 36.89 37.01 -5.68
CA LEU P 87 36.44 36.50 -6.97
C LEU P 87 37.49 36.75 -8.06
N ASP P 88 38.19 37.88 -7.99
CA ASP P 88 39.27 38.14 -8.95
C ASP P 88 40.44 37.18 -8.74
N CYS P 89 40.77 36.88 -7.49
CA CYS P 89 41.84 35.92 -7.21
C CYS P 89 41.47 34.54 -7.71
N ASP P 90 40.22 34.14 -7.49
CA ASP P 90 39.72 32.87 -8.02
C ASP P 90 39.79 32.85 -9.55
N LEU P 91 39.43 33.97 -10.18
CA LEU P 91 39.50 34.08 -11.63
C LEU P 91 40.93 33.91 -12.12
N ALA P 92 41.86 34.64 -11.51
CA ALA P 92 43.26 34.54 -11.91
C ALA P 92 43.78 33.13 -11.77
N MET P 93 43.41 32.45 -10.69
CA MET P 93 43.89 31.09 -10.48
C MET P 93 43.28 30.13 -11.49
N VAL P 94 41.99 30.29 -11.80
CA VAL P 94 41.37 29.45 -12.83
C VAL P 94 42.04 29.66 -14.17
N GLN P 95 42.40 30.91 -14.50
CA GLN P 95 43.01 31.18 -15.79
C GLN P 95 44.40 30.57 -15.89
N GLU P 96 45.21 30.76 -14.85
CA GLU P 96 46.53 30.12 -14.81
C GLU P 96 46.41 28.61 -14.92
N GLN P 97 45.43 28.04 -14.24
CA GLN P 97 45.30 26.59 -14.17
C GLN P 97 44.78 26.04 -15.49
N LEU P 98 44.02 26.86 -16.23
CA LEU P 98 43.55 26.46 -17.55
C LEU P 98 44.68 26.48 -18.56
N THR P 99 45.53 27.51 -18.51
CA THR P 99 46.73 27.51 -19.34
C THR P 99 47.57 26.26 -19.07
N LEU P 100 47.77 25.94 -17.81
CA LEU P 100 48.51 24.74 -17.44
C LEU P 100 47.86 23.48 -18.01
N LEU P 101 46.54 23.36 -17.88
CA LEU P 101 45.84 22.19 -18.38
C LEU P 101 45.99 22.06 -19.89
N ARG P 102 45.99 23.19 -20.60
CA ARG P 102 46.10 23.12 -22.05
C ARG P 102 47.49 22.66 -22.46
N ASP P 103 48.51 23.16 -21.78
CA ASP P 103 49.87 22.69 -22.03
C ASP P 103 49.99 21.19 -21.75
N ALA P 104 49.37 20.72 -20.68
CA ALA P 104 49.45 19.31 -20.33
C ALA P 104 48.69 18.45 -21.33
N ILE P 105 47.57 18.93 -21.84
CA ILE P 105 46.83 18.18 -22.85
C ILE P 105 47.63 18.09 -24.14
N THR P 106 48.27 19.18 -24.53
CA THR P 106 49.14 19.15 -25.71
C THR P 106 50.25 18.13 -25.54
N LEU P 107 50.90 18.12 -24.38
CA LEU P 107 51.99 17.18 -24.16
C LEU P 107 51.48 15.75 -24.12
N CYS P 108 50.32 15.52 -23.49
CA CYS P 108 49.75 14.18 -23.43
C CYS P 108 49.42 13.66 -24.82
N GLU P 109 48.96 14.55 -25.71
CA GLU P 109 48.73 14.13 -27.08
C GLU P 109 50.03 13.84 -27.81
N ALA P 110 51.07 14.63 -27.55
CA ALA P 110 52.35 14.40 -28.23
C ALA P 110 52.98 13.08 -27.80
N GLU P 111 52.67 12.61 -26.59
CA GLU P 111 53.21 11.36 -26.08
C GLU P 111 52.26 10.18 -26.23
N GLN P 112 51.19 10.34 -27.02
CA GLN P 112 50.15 9.33 -27.16
C GLN P 112 49.62 8.81 -25.82
N ASP P 113 49.58 9.66 -24.81
CA ASP P 113 48.91 9.33 -23.55
C ASP P 113 47.49 9.86 -23.64
N TYR P 114 46.58 9.00 -24.11
CA TYR P 114 45.25 9.46 -24.47
C TYR P 114 44.26 9.39 -23.31
N VAL P 115 44.52 8.53 -22.32
CA VAL P 115 43.63 8.51 -21.16
C VAL P 115 44.02 9.59 -20.16
N SER P 116 45.32 9.90 -20.08
CA SER P 116 45.74 11.11 -19.38
C SER P 116 45.10 12.33 -20.02
N ARG P 117 45.04 12.36 -21.36
CA ARG P 117 44.43 13.47 -22.06
C ARG P 117 42.94 13.55 -21.79
N ASP P 118 42.25 12.40 -21.73
CA ASP P 118 40.83 12.42 -21.41
C ASP P 118 40.58 12.92 -19.98
N LEU P 119 41.39 12.47 -19.03
CA LEU P 119 41.35 12.98 -17.67
C LEU P 119 41.50 14.50 -17.66
N LEU P 120 42.55 14.99 -18.30
CA LEU P 120 42.82 16.42 -18.30
C LEU P 120 41.74 17.20 -19.03
N GLU P 121 41.07 16.58 -19.99
CA GLU P 121 39.97 17.27 -20.69
C GLU P 121 38.75 17.39 -19.79
N ASP P 122 38.47 16.37 -18.97
CA ASP P 122 37.42 16.55 -17.98
C ASP P 122 37.75 17.65 -17.00
N ILE P 123 39.01 17.68 -16.52
CA ILE P 123 39.39 18.76 -15.62
C ILE P 123 39.28 20.11 -16.31
N LEU P 124 39.58 20.16 -17.61
CA LEU P 124 39.51 21.41 -18.36
C LEU P 124 38.08 21.89 -18.49
N GLU P 125 37.15 21.00 -18.83
CA GLU P 125 35.75 21.41 -18.96
C GLU P 125 35.21 21.89 -17.63
N ASP P 126 35.59 21.24 -16.52
CA ASP P 126 35.11 21.68 -15.23
C ASP P 126 35.68 23.05 -14.85
N GLU P 127 36.99 23.22 -15.02
CA GLU P 127 37.62 24.49 -14.67
C GLU P 127 37.09 25.62 -15.53
N GLU P 128 36.65 25.30 -16.74
CA GLU P 128 36.24 26.34 -17.65
C GLU P 128 34.75 26.65 -17.50
N GLU P 129 33.98 25.70 -16.97
CA GLU P 129 32.66 26.02 -16.43
C GLU P 129 32.74 26.94 -15.22
N HIS P 130 33.71 26.71 -14.32
CA HIS P 130 33.86 27.64 -13.21
C HIS P 130 34.37 29.00 -13.66
N LEU P 131 35.24 29.03 -14.68
CA LEU P 131 35.62 30.30 -15.29
C LEU P 131 34.39 31.03 -15.81
N ASP P 132 33.48 30.32 -16.46
CA ASP P 132 32.23 30.92 -16.92
C ASP P 132 31.44 31.49 -15.76
N TRP P 133 31.33 30.74 -14.66
CA TRP P 133 30.59 31.23 -13.51
C TRP P 133 31.21 32.48 -12.91
N LEU P 134 32.53 32.51 -12.81
CA LEU P 134 33.20 33.68 -12.25
C LEU P 134 33.02 34.90 -13.13
N GLU P 135 33.08 34.71 -14.45
CA GLU P 135 32.84 35.83 -15.35
C GLU P 135 31.39 36.31 -15.26
N SER P 136 30.45 35.37 -15.07
CA SER P 136 29.06 35.74 -14.84
C SER P 136 28.93 36.59 -13.59
N GLN P 137 29.62 36.21 -12.52
CA GLN P 137 29.55 36.96 -11.27
C GLN P 137 30.12 38.36 -11.43
N ARG P 138 31.20 38.49 -12.19
CA ARG P 138 31.77 39.82 -12.41
C ARG P 138 30.81 40.68 -13.22
N GLU P 139 30.17 40.10 -14.23
CA GLU P 139 29.20 40.85 -15.00
C GLU P 139 27.99 41.24 -14.14
N LEU P 140 27.59 40.37 -13.23
CA LEU P 140 26.47 40.68 -12.35
C LEU P 140 26.81 41.78 -11.37
N ILE P 141 28.06 41.81 -10.88
CA ILE P 141 28.47 42.92 -10.03
C ILE P 141 28.48 44.21 -10.83
N GLY P 142 28.92 44.16 -12.08
CA GLY P 142 28.89 45.35 -12.91
C GLY P 142 27.48 45.80 -13.26
N LEU P 143 26.53 44.88 -13.27
CA LEU P 143 25.16 45.19 -13.67
C LEU P 143 24.32 45.68 -12.51
N THR P 144 24.30 44.94 -11.40
CA THR P 144 23.46 45.26 -10.28
C THR P 144 24.18 46.02 -9.17
N GLY P 145 25.49 46.16 -9.26
CA GLY P 145 26.26 46.76 -8.19
C GLY P 145 26.69 45.72 -7.17
N ILE P 146 27.69 46.10 -6.37
CA ILE P 146 28.25 45.14 -5.42
C ILE P 146 27.32 44.94 -4.23
N GLN P 147 26.60 45.99 -3.83
CA GLN P 147 25.69 45.85 -2.69
C GLN P 147 24.48 44.99 -3.05
N ASN P 148 23.94 45.17 -4.26
CA ASN P 148 22.85 44.31 -4.69
C ASN P 148 23.33 42.89 -4.94
N TYR P 149 24.54 42.74 -5.49
CA TYR P 149 25.05 41.41 -5.77
C TYR P 149 25.28 40.64 -4.47
N LEU P 150 25.87 41.29 -3.47
CA LEU P 150 26.14 40.64 -2.21
C LEU P 150 24.86 40.32 -1.46
N GLN P 151 23.82 41.13 -1.65
CA GLN P 151 22.52 40.85 -1.04
C GLN P 151 21.92 39.57 -1.59
N SER P 152 22.23 39.24 -2.85
CA SER P 152 21.71 38.01 -3.46
C SER P 152 22.43 36.76 -2.97
N GLN P 153 23.54 36.92 -2.26
CA GLN P 153 24.32 35.80 -1.75
C GLN P 153 24.03 35.50 -0.29
N ILE P 154 23.17 36.28 0.35
CA ILE P 154 22.88 36.10 1.77
C ILE P 154 22.24 34.74 2.01
N SER P 155 21.27 34.37 1.19
CA SER P 155 20.55 33.12 1.37
C SER P 155 21.13 32.07 0.44
N GLU P 156 21.37 30.87 0.97
CA GLU P 156 22.09 29.86 0.21
C GLU P 156 21.25 29.31 -0.92
N SER P 157 19.92 29.27 -0.74
CA SER P 157 19.04 28.83 -1.81
C SER P 157 17.76 29.67 -1.82
N MET Q 1 21.62 16.68 45.61
CA MET Q 1 23.00 16.86 46.02
C MET Q 1 23.20 18.29 46.47
N LYS Q 2 23.82 18.50 47.62
CA LYS Q 2 24.04 19.83 48.13
C LYS Q 2 25.21 20.46 47.38
N GLY Q 3 24.92 21.51 46.61
CA GLY Q 3 25.93 22.18 45.82
C GLY Q 3 26.65 23.27 46.60
N HIS Q 4 27.76 23.71 46.04
CA HIS Q 4 28.53 24.78 46.64
C HIS Q 4 27.72 26.08 46.62
N PRO Q 5 27.77 26.88 47.69
CA PRO Q 5 27.04 28.15 47.66
C PRO Q 5 27.51 29.11 46.58
N LYS Q 6 28.82 29.12 46.31
CA LYS Q 6 29.33 29.99 45.25
C LYS Q 6 28.83 29.55 43.88
N VAL Q 7 28.78 28.24 43.65
CA VAL Q 7 28.30 27.75 42.36
C VAL Q 7 26.82 28.04 42.20
N VAL Q 8 26.04 27.92 43.28
CA VAL Q 8 24.62 28.22 43.19
C VAL Q 8 24.40 29.71 42.97
N GLY Q 9 25.23 30.55 43.60
CA GLY Q 9 25.14 31.99 43.35
C GLY Q 9 25.47 32.34 41.93
N GLN Q 10 26.53 31.76 41.37
CA GLN Q 10 26.86 31.99 39.97
C GLN Q 10 25.78 31.49 39.04
N LEU Q 11 25.20 30.33 39.34
CA LEU Q 11 24.13 29.82 38.50
C LEU Q 11 22.91 30.72 38.57
N ASN Q 12 22.63 31.30 39.75
CA ASN Q 12 21.50 32.20 39.89
C ASN Q 12 21.73 33.49 39.15
N ARG Q 13 22.99 33.94 39.09
CA ARG Q 13 23.30 35.16 38.36
C ARG Q 13 23.23 34.93 36.85
N VAL Q 14 23.74 33.79 36.39
CA VAL Q 14 23.57 33.41 34.99
C VAL Q 14 22.09 33.26 34.66
N LEU Q 15 21.28 32.84 35.65
CA LEU Q 15 19.84 32.69 35.42
C LEU Q 15 19.17 34.05 35.28
N THR Q 16 19.48 34.99 36.17
CA THR Q 16 19.00 36.36 36.01
C THR Q 16 19.31 36.87 34.62
N CYS Q 17 20.53 36.63 34.15
CA CYS Q 17 20.93 37.20 32.87
C CYS Q 17 20.25 36.47 31.71
N GLU Q 18 19.98 35.17 31.87
CA GLU Q 18 19.26 34.43 30.84
C GLU Q 18 17.81 34.88 30.75
N LEU Q 19 17.20 35.19 31.89
CA LEU Q 19 15.82 35.69 31.89
C LEU Q 19 15.74 37.07 31.26
N THR Q 20 16.68 37.95 31.61
CA THR Q 20 16.77 39.25 30.95
C THR Q 20 16.92 39.09 29.45
N ALA Q 21 17.75 38.13 29.02
CA ALA Q 21 17.89 37.86 27.60
C ALA Q 21 16.59 37.40 26.97
N ILE Q 22 15.87 36.51 27.63
CA ILE Q 22 14.57 36.06 27.11
C ILE Q 22 13.67 37.25 26.86
N ASN Q 23 13.56 38.13 27.85
CA ASN Q 23 12.64 39.26 27.72
C ASN Q 23 13.07 40.20 26.61
N GLN Q 24 14.37 40.53 26.54
CA GLN Q 24 14.84 41.45 25.52
C GLN Q 24 14.69 40.85 24.13
N TYR Q 25 15.00 39.57 23.96
CA TYR Q 25 14.87 38.93 22.66
C TYR Q 25 13.43 38.85 22.22
N PHE Q 26 12.50 38.61 23.15
CA PHE Q 26 11.11 38.55 22.73
C PHE Q 26 10.56 39.92 22.37
N LEU Q 27 10.88 40.93 23.17
CA LEU Q 27 10.47 42.27 22.81
C LEU Q 27 11.03 42.67 21.45
N HIS Q 28 12.29 42.32 21.17
CA HIS Q 28 12.88 42.67 19.90
C HIS Q 28 12.26 41.88 18.75
N ALA Q 29 11.97 40.61 18.97
CA ALA Q 29 11.32 39.81 17.93
C ALA Q 29 9.96 40.38 17.58
N ARG Q 30 9.22 40.85 18.57
CA ARG Q 30 7.89 41.36 18.28
C ARG Q 30 7.92 42.78 17.73
N MET Q 31 8.95 43.55 18.09
CA MET Q 31 9.18 44.82 17.41
C MET Q 31 9.55 44.60 15.95
N PHE Q 32 10.27 43.52 15.66
CA PHE Q 32 10.61 43.20 14.27
C PHE Q 32 9.38 42.75 13.50
N LYS Q 33 8.56 41.90 14.10
CA LYS Q 33 7.30 41.50 13.48
C LYS Q 33 6.40 42.70 13.22
N HIS Q 34 6.40 43.66 14.13
CA HIS Q 34 5.55 44.83 13.95
C HIS Q 34 5.96 45.66 12.75
N TRP Q 35 7.23 45.59 12.37
CA TRP Q 35 7.78 46.31 11.22
C TRP Q 35 7.77 45.48 9.95
N GLY Q 36 7.25 44.26 9.98
CA GLY Q 36 7.24 43.41 8.82
C GLY Q 36 8.53 42.71 8.50
N LEU Q 37 9.55 42.87 9.34
CA LEU Q 37 10.82 42.17 9.15
C LEU Q 37 10.64 40.79 9.77
N GLU Q 38 10.26 39.82 8.94
CA GLU Q 38 9.80 38.54 9.42
C GLU Q 38 10.95 37.59 9.72
N LYS Q 39 12.03 37.63 8.93
CA LYS Q 39 13.13 36.72 9.19
C LYS Q 39 13.89 37.13 10.44
N LEU Q 40 13.92 38.43 10.74
CA LEU Q 40 14.51 38.90 11.98
C LEU Q 40 13.63 38.51 13.17
N ASN Q 41 12.31 38.67 13.04
CA ASN Q 41 11.38 38.06 13.96
C ASN Q 41 11.73 36.61 14.26
N HIS Q 42 11.85 35.80 13.21
CA HIS Q 42 12.06 34.37 13.40
C HIS Q 42 13.35 34.10 14.15
N VAL Q 43 14.43 34.80 13.78
CA VAL Q 43 15.70 34.58 14.44
C VAL Q 43 15.62 34.98 15.91
N GLU Q 44 15.08 36.16 16.20
CA GLU Q 44 15.04 36.64 17.57
C GLU Q 44 14.10 35.80 18.42
N TYR Q 45 13.04 35.28 17.83
CA TYR Q 45 12.13 34.40 18.54
C TYR Q 45 12.78 33.05 18.86
N LYS Q 46 13.47 32.45 17.89
CA LYS Q 46 14.12 31.18 18.20
C LYS Q 46 15.25 31.39 19.19
N LYS Q 47 15.88 32.56 19.18
CA LYS Q 47 16.90 32.86 20.18
C LYS Q 47 16.29 33.03 21.57
N SER Q 48 15.12 33.65 21.65
CA SER Q 48 14.45 33.76 22.94
C SER Q 48 13.99 32.39 23.44
N ILE Q 49 13.54 31.53 22.54
CA ILE Q 49 13.22 30.15 22.91
C ILE Q 49 14.47 29.42 23.40
N GLU Q 50 15.61 29.70 22.77
CA GLU Q 50 16.84 29.05 23.18
C GLU Q 50 17.27 29.49 24.57
N ASP Q 51 17.22 30.80 24.83
CA ASP Q 51 17.51 31.28 26.18
C ASP Q 51 16.48 30.81 27.19
N MET Q 52 15.27 30.52 26.70
CA MET Q 52 14.24 29.90 27.52
C MET Q 52 14.66 28.51 27.98
N LYS Q 53 15.16 27.69 27.04
CA LYS Q 53 15.71 26.39 27.40
C LYS Q 53 16.91 26.52 28.34
N HIS Q 54 17.75 27.52 28.12
CA HIS Q 54 18.89 27.74 29.01
C HIS Q 54 18.44 28.06 30.42
N ALA Q 55 17.46 28.94 30.56
CA ALA Q 55 16.95 29.28 31.87
C ALA Q 55 16.32 28.07 32.53
N ASP Q 56 15.63 27.24 31.75
CA ASP Q 56 15.05 26.02 32.28
C ASP Q 56 16.14 25.11 32.86
N LYS Q 57 17.23 24.92 32.10
CA LYS Q 57 18.32 24.08 32.59
C LYS Q 57 18.99 24.67 33.82
N LEU Q 58 19.14 26.00 33.87
CA LEU Q 58 19.74 26.60 35.05
C LEU Q 58 18.84 26.48 36.27
N ILE Q 59 17.53 26.63 36.09
CA ILE Q 59 16.60 26.44 37.20
C ILE Q 59 16.66 25.01 37.71
N GLU Q 60 16.69 24.04 36.80
CA GLU Q 60 16.74 22.65 37.21
C GLU Q 60 18.05 22.33 37.92
N ARG Q 61 19.16 22.94 37.48
CA ARG Q 61 20.43 22.70 38.15
C ARG Q 61 20.47 23.35 39.52
N VAL Q 62 19.92 24.56 39.66
CA VAL Q 62 19.90 25.21 40.97
C VAL Q 62 18.99 24.45 41.93
N LEU Q 63 17.94 23.84 41.40
CA LEU Q 63 17.05 23.07 42.26
C LEU Q 63 17.70 21.76 42.68
N PHE Q 64 18.36 21.08 41.73
CA PHE Q 64 19.08 19.86 42.07
C PHE Q 64 20.16 20.10 43.11
N LEU Q 65 20.82 21.26 43.04
CA LEU Q 65 21.85 21.62 44.00
C LEU Q 65 21.29 22.16 45.29
N GLU Q 66 19.99 21.97 45.53
CA GLU Q 66 19.32 22.38 46.76
C GLU Q 66 19.43 23.89 47.00
N GLY Q 67 19.44 24.66 45.91
CA GLY Q 67 19.38 26.10 45.99
C GLY Q 67 18.00 26.62 45.64
N LEU Q 68 17.86 27.94 45.71
CA LEU Q 68 16.60 28.60 45.42
C LEU Q 68 16.73 29.38 44.12
N PRO Q 69 16.12 28.94 43.02
CA PRO Q 69 16.20 29.71 41.79
C PRO Q 69 15.58 31.08 41.96
N ASN Q 70 16.25 32.10 41.46
CA ASN Q 70 15.81 33.47 41.58
C ASN Q 70 15.27 33.91 40.22
N LEU Q 71 13.97 33.72 40.03
CA LEU Q 71 13.28 34.20 38.84
C LEU Q 71 12.69 35.58 39.02
N GLN Q 72 12.86 36.19 40.19
CA GLN Q 72 12.25 37.48 40.46
C GLN Q 72 13.07 38.62 39.88
N GLN Q 73 14.39 38.56 40.01
CA GLN Q 73 15.24 39.65 39.56
C GLN Q 73 15.43 39.60 38.06
N LEU Q 74 15.43 40.77 37.42
CA LEU Q 74 15.88 40.91 36.05
C LEU Q 74 16.82 42.10 35.96
N GLU Q 75 17.72 42.03 34.99
CA GLU Q 75 18.65 43.10 34.69
C GLU Q 75 17.94 44.15 33.84
N LYS Q 76 18.62 45.26 33.60
CA LYS Q 76 18.04 46.32 32.79
C LYS Q 76 18.01 45.88 31.33
N LEU Q 77 16.90 46.11 30.65
CA LEU Q 77 16.76 45.73 29.26
C LEU Q 77 17.25 46.86 28.38
N ARG Q 78 18.01 46.51 27.35
CA ARG Q 78 18.42 47.46 26.32
C ARG Q 78 17.54 47.23 25.10
N ILE Q 79 16.54 48.08 24.95
CA ILE Q 79 15.58 47.99 23.85
C ILE Q 79 15.93 49.09 22.85
N GLY Q 80 16.23 48.69 21.62
CA GLY Q 80 16.57 49.65 20.60
C GLY Q 80 15.34 50.20 19.89
N GLU Q 81 15.55 51.30 19.18
CA GLU Q 81 14.50 51.93 18.40
C GLU Q 81 14.45 51.45 16.96
N HIS Q 82 15.60 51.13 16.36
CA HIS Q 82 15.67 50.66 14.99
C HIS Q 82 16.50 49.39 14.94
N ALA Q 83 16.51 48.77 13.76
CA ALA Q 83 17.11 47.44 13.61
C ALA Q 83 18.56 47.42 14.05
N GLN Q 84 19.37 48.36 13.56
CA GLN Q 84 20.79 48.37 13.92
C GLN Q 84 20.98 48.53 15.42
N GLU Q 85 20.22 49.43 16.05
CA GLU Q 85 20.36 49.63 17.48
C GLU Q 85 19.94 48.39 18.25
N MET Q 86 18.88 47.72 17.80
CA MET Q 86 18.45 46.49 18.46
C MET Q 86 19.49 45.40 18.33
N LEU Q 87 20.13 45.29 17.16
CA LEU Q 87 21.18 44.30 16.99
C LEU Q 87 22.40 44.63 17.83
N ASP Q 88 22.73 45.90 17.98
CA ASP Q 88 23.84 46.29 18.84
C ASP Q 88 23.53 46.02 20.30
N CYS Q 89 22.29 46.25 20.73
CA CYS Q 89 21.92 45.94 22.11
C CYS Q 89 21.97 44.45 22.37
N ASP Q 90 21.51 43.65 21.41
CA ASP Q 90 21.62 42.20 21.51
C ASP Q 90 23.08 41.77 21.58
N LEU Q 91 23.94 42.40 20.77
CA LEU Q 91 25.36 42.10 20.79
C LEU Q 91 25.97 42.40 22.16
N ALA Q 92 25.69 43.59 22.69
CA ALA Q 92 26.21 43.98 24.00
C ALA Q 92 25.78 43.00 25.07
N MET Q 93 24.51 42.58 25.02
CA MET Q 93 24.02 41.67 26.03
C MET Q 93 24.66 40.30 25.91
N VAL Q 94 24.83 39.80 24.67
CA VAL Q 94 25.52 38.53 24.47
C VAL Q 94 26.95 38.60 24.99
N GLN Q 95 27.63 39.72 24.77
CA GLN Q 95 29.01 39.83 25.22
C GLN Q 95 29.12 39.85 26.74
N GLU Q 96 28.27 40.65 27.39
CA GLU Q 96 28.24 40.65 28.85
C GLU Q 96 27.93 39.26 29.39
N GLN Q 97 27.00 38.57 28.75
CA GLN Q 97 26.54 37.28 29.25
C GLN Q 97 27.60 36.22 29.02
N LEU Q 98 28.42 36.39 27.98
CA LEU Q 98 29.53 35.47 27.73
C LEU Q 98 30.64 35.66 28.75
N THR Q 99 30.96 36.91 29.08
CA THR Q 99 31.91 37.17 30.17
C THR Q 99 31.43 36.51 31.45
N LEU Q 100 30.14 36.68 31.77
CA LEU Q 100 29.58 36.05 32.96
C LEU Q 100 29.70 34.54 32.91
N LEU Q 101 29.39 33.94 31.77
CA LEU Q 101 29.47 32.48 31.65
C LEU Q 101 30.90 32.00 31.84
N ARG Q 102 31.88 32.76 31.35
CA ARG Q 102 33.26 32.32 31.49
C ARG Q 102 33.71 32.38 32.94
N ASP Q 103 33.31 33.44 33.64
CA ASP Q 103 33.59 33.51 35.07
C ASP Q 103 32.96 32.35 35.82
N ALA Q 104 31.72 32.01 35.46
CA ALA Q 104 31.03 30.92 36.14
C ALA Q 104 31.66 29.57 35.84
N ILE Q 105 32.15 29.38 34.61
CA ILE Q 105 32.81 28.12 34.27
C ILE Q 105 34.14 27.99 35.03
N THR Q 106 34.87 29.10 35.14
CA THR Q 106 36.09 29.09 35.93
C THR Q 106 35.80 28.71 37.38
N LEU Q 107 34.77 29.31 37.97
CA LEU Q 107 34.44 29.00 39.36
C LEU Q 107 33.96 27.57 39.51
N CYS Q 108 33.16 27.07 38.56
CA CYS Q 108 32.68 25.71 38.63
C CYS Q 108 33.84 24.71 38.55
N GLU Q 109 34.86 25.04 37.76
CA GLU Q 109 36.04 24.18 37.72
C GLU Q 109 36.82 24.25 39.03
N ALA Q 110 36.91 25.44 39.62
CA ALA Q 110 37.65 25.57 40.88
C ALA Q 110 36.97 24.82 42.01
N GLU Q 111 35.66 24.63 41.94
CA GLU Q 111 34.90 23.93 42.97
C GLU Q 111 34.62 22.48 42.61
N GLN Q 112 35.28 21.94 41.58
CA GLN Q 112 35.02 20.59 41.08
C GLN Q 112 33.54 20.32 40.82
N ASP Q 113 32.79 21.34 40.40
CA ASP Q 113 31.41 21.14 39.95
C ASP Q 113 31.47 20.98 38.44
N TYR Q 114 31.58 19.73 37.99
CA TYR Q 114 31.88 19.48 36.59
C TYR Q 114 30.63 19.35 35.73
N VAL Q 115 29.48 19.00 36.32
CA VAL Q 115 28.25 18.95 35.53
C VAL Q 115 27.64 20.34 35.42
N SER Q 116 27.80 21.15 36.46
CA SER Q 116 27.50 22.58 36.31
C SER Q 116 28.36 23.18 35.21
N ARG Q 117 29.63 22.79 35.16
CA ARG Q 117 30.52 23.30 34.13
C ARG Q 117 30.11 22.83 32.74
N ASP Q 118 29.67 21.58 32.61
CA ASP Q 118 29.18 21.10 31.32
C ASP Q 118 27.93 21.85 30.88
N LEU Q 119 26.99 22.06 31.80
CA LEU Q 119 25.82 22.89 31.54
C LEU Q 119 26.23 24.27 31.02
N LEU Q 120 27.11 24.93 31.76
CA LEU Q 120 27.51 26.28 31.39
C LEU Q 120 28.28 26.30 30.09
N GLU Q 121 28.95 25.20 29.74
CA GLU Q 121 29.66 25.15 28.47
C GLU Q 121 28.70 25.00 27.30
N ASP Q 122 27.60 24.25 27.49
CA ASP Q 122 26.57 24.26 26.45
C ASP Q 122 25.96 25.64 26.29
N ILE Q 123 25.66 26.32 27.39
CA ILE Q 123 25.13 27.67 27.29
C ILE Q 123 26.14 28.58 26.60
N LEU Q 124 27.43 28.37 26.85
CA LEU Q 124 28.47 29.20 26.26
C LEU Q 124 28.55 29.00 24.76
N GLU Q 125 28.52 27.73 24.30
CA GLU Q 125 28.58 27.49 22.87
C GLU Q 125 27.37 28.07 22.16
N ASP Q 126 26.19 27.97 22.78
CA ASP Q 126 25.00 28.55 22.17
C ASP Q 126 25.07 30.07 22.09
N GLU Q 127 25.45 30.71 23.20
CA GLU Q 127 25.52 32.16 23.23
C GLU Q 127 26.57 32.66 22.26
N GLU Q 128 27.60 31.87 22.01
CA GLU Q 128 28.69 32.33 21.18
C GLU Q 128 28.44 32.02 19.71
N GLU Q 129 27.58 31.04 19.42
CA GLU Q 129 27.00 30.93 18.08
C GLU Q 129 26.08 32.12 17.77
N HIS Q 130 25.29 32.57 18.74
CA HIS Q 130 24.49 33.77 18.47
C HIS Q 130 25.35 35.02 18.35
N LEU Q 131 26.43 35.10 19.12
CA LEU Q 131 27.39 36.18 18.91
C LEU Q 131 27.93 36.15 17.49
N ASP Q 132 28.26 34.97 16.98
CA ASP Q 132 28.70 34.84 15.60
C ASP Q 132 27.65 35.35 14.63
N TRP Q 133 26.38 34.98 14.86
CA TRP Q 133 25.31 35.42 13.97
C TRP Q 133 25.15 36.94 14.00
N LEU Q 134 25.22 37.54 15.18
CA LEU Q 134 25.07 38.99 15.28
C LEU Q 134 26.23 39.71 14.59
N GLU Q 135 27.44 39.19 14.72
CA GLU Q 135 28.56 39.79 14.03
C GLU Q 135 28.43 39.64 12.52
N SER Q 136 27.89 38.50 12.08
CA SER Q 136 27.60 38.31 10.66
C SER Q 136 26.60 39.35 10.17
N GLN Q 137 25.56 39.62 10.96
CA GLN Q 137 24.55 40.60 10.56
C GLN Q 137 25.15 41.99 10.48
N ARG Q 138 26.03 42.34 11.41
CA ARG Q 138 26.67 43.64 11.35
C ARG Q 138 27.56 43.77 10.12
N GLU Q 139 28.29 42.71 9.79
CA GLU Q 139 29.11 42.73 8.58
C GLU Q 139 28.24 42.82 7.34
N LEU Q 140 27.09 42.16 7.34
CA LEU Q 140 26.19 42.22 6.19
C LEU Q 140 25.59 43.61 6.03
N ILE Q 141 25.28 44.28 7.13
CA ILE Q 141 24.81 45.67 7.03
C ILE Q 141 25.92 46.56 6.49
N GLY Q 142 27.15 46.32 6.91
CA GLY Q 142 28.25 47.09 6.38
C GLY Q 142 28.54 46.81 4.91
N LEU Q 143 28.17 45.61 4.45
CA LEU Q 143 28.49 45.20 3.08
C LEU Q 143 27.39 45.62 2.10
N THR Q 144 26.14 45.29 2.41
CA THR Q 144 25.03 45.56 1.50
C THR Q 144 24.27 46.82 1.83
N GLY Q 145 24.56 47.47 2.95
CA GLY Q 145 23.79 48.61 3.39
C GLY Q 145 22.58 48.19 4.22
N ILE Q 146 22.04 49.15 4.95
CA ILE Q 146 20.95 48.83 5.88
C ILE Q 146 19.65 48.62 5.11
N GLN Q 147 19.44 49.34 4.02
CA GLN Q 147 18.22 49.19 3.25
C GLN Q 147 18.18 47.84 2.53
N ASN Q 148 19.31 47.42 1.97
CA ASN Q 148 19.37 46.10 1.35
C ASN Q 148 19.30 45.00 2.39
N TYR Q 149 19.92 45.21 3.55
CA TYR Q 149 19.90 44.19 4.59
C TYR Q 149 18.50 44.00 5.12
N LEU Q 150 17.78 45.09 5.37
CA LEU Q 150 16.42 45.01 5.89
C LEU Q 150 15.47 44.42 4.86
N GLN Q 151 15.74 44.64 3.57
CA GLN Q 151 14.93 44.03 2.53
C GLN Q 151 15.05 42.52 2.54
N SER Q 152 16.19 41.99 2.97
CA SER Q 152 16.39 40.55 3.02
C SER Q 152 15.69 39.92 4.21
N GLN Q 153 15.19 40.71 5.14
CA GLN Q 153 14.50 40.21 6.33
C GLN Q 153 12.99 40.26 6.20
N ILE Q 154 12.47 40.77 5.08
CA ILE Q 154 11.04 40.91 4.90
C ILE Q 154 10.36 39.54 4.89
N SER Q 155 10.93 38.58 4.18
CA SER Q 155 10.35 37.25 4.07
C SER Q 155 11.03 36.31 5.05
N GLU Q 156 10.23 35.53 5.78
CA GLU Q 156 10.78 34.74 6.87
C GLU Q 156 11.61 33.57 6.34
N SER Q 157 11.28 33.06 5.17
CA SER Q 157 12.07 31.99 4.55
C SER Q 157 12.15 32.19 3.05
N MET R 1 -2.26 51.36 14.39
CA MET R 1 -3.37 52.18 14.88
C MET R 1 -3.01 52.75 16.23
N LYS R 2 -3.21 54.05 16.42
CA LYS R 2 -2.87 54.68 17.69
C LYS R 2 -3.96 54.35 18.70
N GLY R 3 -3.60 53.59 19.74
CA GLY R 3 -4.54 53.19 20.75
C GLY R 3 -4.66 54.21 21.87
N HIS R 4 -5.70 54.02 22.67
CA HIS R 4 -5.93 54.89 23.81
C HIS R 4 -4.82 54.71 24.84
N PRO R 5 -4.34 55.79 25.45
CA PRO R 5 -3.30 55.63 26.48
C PRO R 5 -3.74 54.80 27.66
N LYS R 6 -5.00 54.93 28.07
CA LYS R 6 -5.50 54.13 29.18
C LYS R 6 -5.54 52.64 28.83
N VAL R 7 -5.94 52.33 27.60
CA VAL R 7 -5.99 50.93 27.19
C VAL R 7 -4.58 50.35 27.10
N VAL R 8 -3.62 51.14 26.62
CA VAL R 8 -2.25 50.65 26.54
C VAL R 8 -1.66 50.48 27.94
N GLY R 9 -2.01 51.38 28.87
CA GLY R 9 -1.57 51.19 30.24
C GLY R 9 -2.15 49.95 30.89
N GLN R 10 -3.44 49.71 30.69
CA GLN R 10 -4.06 48.49 31.20
C GLN R 10 -3.45 47.24 30.57
N LEU R 11 -3.18 47.29 29.27
CA LEU R 11 -2.58 46.13 28.61
C LEU R 11 -1.17 45.89 29.14
N ASN R 12 -0.44 46.97 29.44
CA ASN R 12 0.90 46.82 29.98
C ASN R 12 0.88 46.27 31.39
N ARG R 13 -0.16 46.61 32.15
CA ARG R 13 -0.27 46.08 33.50
C ARG R 13 -0.68 44.61 33.49
N VAL R 14 -1.61 44.25 32.60
CA VAL R 14 -1.93 42.84 32.39
C VAL R 14 -0.72 42.08 31.89
N LEU R 15 0.16 42.75 31.15
CA LEU R 15 1.38 42.10 30.66
C LEU R 15 2.37 41.85 31.79
N THR R 16 2.60 42.86 32.64
CA THR R 16 3.40 42.64 33.84
C THR R 16 2.89 41.44 34.63
N CYS R 17 1.57 41.34 34.78
CA CYS R 17 1.04 40.28 35.61
C CYS R 17 1.13 38.93 34.90
N GLU R 18 1.04 38.92 33.57
CA GLU R 18 1.19 37.68 32.82
C GLU R 18 2.64 37.18 32.87
N LEU R 19 3.61 38.11 32.84
CA LEU R 19 5.01 37.73 32.96
C LEU R 19 5.33 37.20 34.35
N THR R 20 4.82 37.86 35.38
CA THR R 20 4.95 37.34 36.74
C THR R 20 4.35 35.94 36.84
N ALA R 21 3.20 35.71 36.20
CA ALA R 21 2.61 34.40 36.20
C ALA R 21 3.49 33.37 35.50
N ILE R 22 4.08 33.74 34.35
CA ILE R 22 4.99 32.82 33.66
C ILE R 22 6.10 32.40 34.60
N ASN R 23 6.74 33.36 35.27
CA ASN R 23 7.88 33.04 36.12
C ASN R 23 7.46 32.15 37.29
N GLN R 24 6.36 32.50 37.95
CA GLN R 24 5.91 31.72 39.10
C GLN R 24 5.51 30.31 38.69
N TYR R 25 4.80 30.17 37.58
CA TYR R 25 4.38 28.85 37.12
C TYR R 25 5.57 28.00 36.72
N PHE R 26 6.59 28.59 36.12
CA PHE R 26 7.74 27.77 35.74
C PHE R 26 8.54 27.36 36.96
N LEU R 27 8.76 28.27 37.90
CA LEU R 27 9.45 27.89 39.12
C LEU R 27 8.69 26.78 39.84
N HIS R 28 7.35 26.87 39.88
CA HIS R 28 6.57 25.86 40.56
C HIS R 28 6.60 24.53 39.81
N ALA R 29 6.55 24.57 38.48
CA ALA R 29 6.63 23.34 37.70
C ALA R 29 7.96 22.63 37.93
N ARG R 30 9.04 23.39 38.03
CA ARG R 30 10.34 22.76 38.21
C ARG R 30 10.57 22.33 39.66
N MET R 31 9.96 23.02 40.62
CA MET R 31 9.94 22.51 41.98
C MET R 31 9.15 21.22 42.08
N PHE R 32 8.09 21.09 41.28
CA PHE R 32 7.31 19.85 41.27
C PHE R 32 8.11 18.72 40.62
N LYS R 33 8.76 19.00 39.50
CA LYS R 33 9.64 18.01 38.88
C LYS R 33 10.75 17.57 39.82
N HIS R 34 11.28 18.49 40.61
CA HIS R 34 12.36 18.14 41.52
C HIS R 34 11.89 17.17 42.60
N TRP R 35 10.61 17.19 42.93
CA TRP R 35 10.01 16.29 43.91
C TRP R 35 9.43 15.03 43.31
N GLY R 36 9.56 14.83 42.00
CA GLY R 36 9.01 13.66 41.36
C GLY R 36 7.54 13.71 41.09
N LEU R 37 6.87 14.81 41.39
CA LEU R 37 5.45 14.97 41.07
C LEU R 37 5.37 15.42 39.63
N GLU R 38 5.21 14.46 38.73
CA GLU R 38 5.38 14.71 37.30
C GLU R 38 4.13 15.27 36.67
N LYS R 39 2.95 14.85 37.10
CA LYS R 39 1.72 15.36 36.50
C LYS R 39 1.49 16.81 36.90
N LEU R 40 1.92 17.17 38.11
CA LEU R 40 1.86 18.57 38.53
C LEU R 40 2.86 19.41 37.76
N ASN R 41 4.07 18.90 37.58
CA ASN R 41 5.01 19.47 36.62
C ASN R 41 4.33 19.77 35.28
N HIS R 42 3.71 18.76 34.69
CA HIS R 42 3.14 18.91 33.36
C HIS R 42 2.07 19.99 33.34
N VAL R 43 1.20 20.00 34.34
CA VAL R 43 0.14 21.00 34.37
C VAL R 43 0.73 22.40 34.52
N GLU R 44 1.64 22.58 35.46
CA GLU R 44 2.19 23.91 35.71
C GLU R 44 3.02 24.40 34.54
N TYR R 45 3.69 23.48 33.85
CA TYR R 45 4.45 23.84 32.66
C TYR R 45 3.55 24.24 31.52
N LYS R 46 2.47 23.49 31.25
CA LYS R 46 1.59 23.90 30.17
C LYS R 46 0.87 25.20 30.52
N LYS R 47 0.64 25.45 31.82
CA LYS R 47 0.06 26.72 32.23
C LYS R 47 1.04 27.87 32.03
N SER R 48 2.33 27.64 32.30
CA SER R 48 3.31 28.67 32.04
C SER R 48 3.46 28.93 30.54
N ILE R 49 3.39 27.89 29.72
CA ILE R 49 3.36 28.05 28.27
C ILE R 49 2.15 28.85 27.85
N GLU R 50 1.01 28.61 28.50
CA GLU R 50 -0.21 29.32 28.14
C GLU R 50 -0.10 30.81 28.49
N ASP R 51 0.39 31.13 29.68
CA ASP R 51 0.63 32.52 30.02
C ASP R 51 1.71 33.14 29.15
N MET R 52 2.61 32.31 28.63
CA MET R 52 3.58 32.74 27.65
C MET R 52 2.90 33.22 26.37
N LYS R 53 1.97 32.43 25.85
CA LYS R 53 1.17 32.85 24.70
C LYS R 53 0.36 34.11 25.01
N HIS R 54 -0.17 34.21 26.22
CA HIS R 54 -0.93 35.41 26.60
C HIS R 54 -0.04 36.64 26.59
N ALA R 55 1.16 36.53 27.14
CA ALA R 55 2.08 37.66 27.14
C ALA R 55 2.48 38.03 25.73
N ASP R 56 2.66 37.02 24.87
CA ASP R 56 2.96 37.29 23.47
C ASP R 56 1.85 38.10 22.82
N LYS R 57 0.60 37.70 23.02
CA LYS R 57 -0.52 38.43 22.45
C LYS R 57 -0.62 39.84 23.02
N LEU R 58 -0.37 40.01 24.31
CA LEU R 58 -0.43 41.36 24.88
C LEU R 58 0.69 42.24 24.35
N ILE R 59 1.90 41.69 24.18
CA ILE R 59 2.99 42.46 23.58
C ILE R 59 2.63 42.87 22.16
N GLU R 60 2.09 41.95 21.37
CA GLU R 60 1.73 42.28 20.00
C GLU R 60 0.63 43.33 19.95
N ARG R 61 -0.31 43.27 20.88
CA ARG R 61 -1.39 44.26 20.90
C ARG R 61 -0.86 45.63 21.32
N VAL R 62 0.04 45.67 22.32
CA VAL R 62 0.60 46.95 22.74
C VAL R 62 1.46 47.55 21.65
N LEU R 63 2.11 46.69 20.85
CA LEU R 63 2.92 47.21 19.75
C LEU R 63 2.05 47.71 18.62
N PHE R 64 0.99 46.97 18.28
CA PHE R 64 0.05 47.42 17.26
C PHE R 64 -0.58 48.75 17.64
N LEU R 65 -0.86 48.96 18.92
CA LEU R 65 -1.45 50.20 19.40
C LEU R 65 -0.42 51.29 19.59
N GLU R 66 0.77 51.13 19.02
CA GLU R 66 1.85 52.12 19.06
C GLU R 66 2.24 52.48 20.49
N GLY R 67 2.18 51.50 21.39
CA GLY R 67 2.68 51.63 22.73
C GLY R 67 4.01 50.92 22.91
N LEU R 68 4.54 51.04 24.11
CA LEU R 68 5.81 50.41 24.45
C LEU R 68 5.58 49.27 25.42
N PRO R 69 5.71 48.01 25.00
CA PRO R 69 5.54 46.91 25.93
C PRO R 69 6.56 46.97 27.05
N ASN R 70 6.10 46.76 28.28
CA ASN R 70 6.95 46.83 29.45
C ASN R 70 7.21 45.40 29.92
N LEU R 71 8.30 44.82 29.42
CA LEU R 71 8.76 43.50 29.87
C LEU R 71 9.76 43.59 30.99
N GLN R 72 10.08 44.80 31.46
CA GLN R 72 11.10 44.95 32.48
C GLN R 72 10.54 44.70 33.88
N GLN R 73 9.35 45.22 34.15
CA GLN R 73 8.76 45.11 35.48
C GLN R 73 8.17 43.73 35.69
N LEU R 74 8.35 43.20 36.90
CA LEU R 74 7.61 42.04 37.36
C LEU R 74 7.08 42.29 38.75
N GLU R 75 5.97 41.64 39.06
CA GLU R 75 5.36 41.68 40.37
C GLU R 75 6.09 40.74 41.31
N LYS R 76 5.73 40.78 42.58
CA LYS R 76 6.36 39.89 43.55
C LYS R 76 5.86 38.47 43.33
N LEU R 77 6.78 37.51 43.35
CA LEU R 77 6.42 36.12 43.15
C LEU R 77 6.07 35.48 44.49
N ARG R 78 4.99 34.71 44.51
CA ARG R 78 4.62 33.91 45.67
C ARG R 78 5.04 32.48 45.38
N ILE R 79 6.17 32.08 45.96
CA ILE R 79 6.73 30.75 45.78
C ILE R 79 6.46 29.97 47.05
N GLY R 80 5.75 28.86 46.94
CA GLY R 80 5.45 28.04 48.08
C GLY R 80 6.55 27.05 48.39
N GLU R 81 6.48 26.49 49.60
CA GLU R 81 7.43 25.47 50.03
C GLU R 81 6.94 24.05 49.76
N HIS R 82 5.63 23.81 49.85
CA HIS R 82 5.07 22.49 49.62
C HIS R 82 3.92 22.62 48.64
N ALA R 83 3.40 21.46 48.21
CA ALA R 83 2.43 21.42 47.13
C ALA R 83 1.20 22.26 47.42
N GLN R 84 0.60 22.10 48.62
CA GLN R 84 -0.59 22.85 48.95
C GLN R 84 -0.33 24.36 48.94
N GLU R 85 0.81 24.78 49.50
CA GLU R 85 1.12 26.20 49.52
C GLU R 85 1.35 26.73 48.12
N MET R 86 2.00 25.95 47.26
CA MET R 86 2.21 26.37 45.89
C MET R 86 0.90 26.49 45.13
N LEU R 87 -0.02 25.56 45.37
CA LEU R 87 -1.33 25.64 44.73
C LEU R 87 -2.13 26.83 45.24
N ASP R 88 -2.02 27.14 46.53
CA ASP R 88 -2.69 28.32 47.07
C ASP R 88 -2.10 29.61 46.51
N CYS R 89 -0.78 29.67 46.34
CA CYS R 89 -0.15 30.84 45.75
C CYS R 89 -0.59 31.02 44.31
N ASP R 90 -0.65 29.92 43.56
CA ASP R 90 -1.15 29.96 42.20
C ASP R 90 -2.60 30.43 42.16
N LEU R 91 -3.42 29.96 43.10
CA LEU R 91 -4.81 30.38 43.19
C LEU R 91 -4.91 31.88 43.45
N ALA R 92 -4.16 32.38 44.43
CA ALA R 92 -4.19 33.80 44.75
C ALA R 92 -3.77 34.64 43.55
N MET R 93 -2.75 34.19 42.82
CA MET R 93 -2.30 34.95 41.67
C MET R 93 -3.33 34.93 40.54
N VAL R 94 -3.97 33.78 40.31
CA VAL R 94 -5.02 33.71 39.31
C VAL R 94 -6.18 34.64 39.68
N GLN R 95 -6.53 34.70 40.96
CA GLN R 95 -7.66 35.54 41.36
C GLN R 95 -7.33 37.02 41.19
N GLU R 96 -6.15 37.44 41.63
CA GLU R 96 -5.72 38.82 41.42
C GLU R 96 -5.70 39.16 39.93
N GLN R 97 -5.23 38.22 39.11
CA GLN R 97 -5.05 38.49 37.70
C GLN R 97 -6.40 38.53 36.99
N LEU R 98 -7.38 37.79 37.52
CA LEU R 98 -8.73 37.82 36.98
C LEU R 98 -9.43 39.14 37.31
N THR R 99 -9.27 39.62 38.54
CA THR R 99 -9.76 40.95 38.88
C THR R 99 -9.18 42.00 37.95
N LEU R 100 -7.86 41.93 37.72
CA LEU R 100 -7.21 42.86 36.80
C LEU R 100 -7.79 42.76 35.39
N LEU R 101 -7.98 41.53 34.90
CA LEU R 101 -8.52 41.36 33.56
C LEU R 101 -9.92 41.93 33.44
N ARG R 102 -10.72 41.81 34.51
CA ARG R 102 -12.09 42.32 34.44
C ARG R 102 -12.09 43.84 34.40
N ASP R 103 -11.23 44.46 35.20
CA ASP R 103 -11.08 45.91 35.14
C ASP R 103 -10.64 46.36 33.74
N ALA R 104 -9.70 45.63 33.14
CA ALA R 104 -9.21 46.01 31.83
C ALA R 104 -10.28 45.81 30.76
N ILE R 105 -11.10 44.79 30.88
CA ILE R 105 -12.18 44.58 29.90
C ILE R 105 -13.22 45.69 30.03
N THR R 106 -13.54 46.09 31.26
CA THR R 106 -14.46 47.20 31.46
C THR R 106 -13.92 48.47 30.82
N LEU R 107 -12.63 48.76 31.02
CA LEU R 107 -12.06 49.97 30.45
C LEU R 107 -12.00 49.89 28.93
N CYS R 108 -11.66 48.71 28.39
CA CYS R 108 -11.61 48.55 26.94
C CYS R 108 -12.98 48.76 26.32
N GLU R 109 -14.03 48.32 27.01
CA GLU R 109 -15.38 48.59 26.51
C GLU R 109 -15.72 50.07 26.60
N ALA R 110 -15.30 50.74 27.67
CA ALA R 110 -15.60 52.15 27.81
C ALA R 110 -14.90 52.99 26.75
N GLU R 111 -13.76 52.52 26.23
CA GLU R 111 -13.01 53.23 25.21
C GLU R 111 -13.28 52.72 23.80
N GLN R 112 -14.31 51.90 23.62
CA GLN R 112 -14.61 51.26 22.34
C GLN R 112 -13.40 50.56 21.72
N ASP R 113 -12.52 50.01 22.55
CA ASP R 113 -11.44 49.16 22.07
C ASP R 113 -11.93 47.72 22.15
N TYR R 114 -12.53 47.25 21.05
CA TYR R 114 -13.26 45.99 21.08
C TYR R 114 -12.37 44.80 20.76
N VAL R 115 -11.27 44.99 20.03
CA VAL R 115 -10.37 43.87 19.78
C VAL R 115 -9.43 43.67 20.95
N SER R 116 -9.05 44.75 21.63
CA SER R 116 -8.41 44.61 22.92
C SER R 116 -9.30 43.86 23.88
N ARG R 117 -10.60 44.15 23.86
CA ARG R 117 -11.54 43.46 24.73
C ARG R 117 -11.66 41.99 24.37
N ASP R 118 -11.66 41.66 23.07
CA ASP R 118 -11.71 40.27 22.67
C ASP R 118 -10.45 39.51 23.11
N LEU R 119 -9.28 40.13 22.94
CA LEU R 119 -8.04 39.58 23.46
C LEU R 119 -8.13 39.29 24.95
N LEU R 120 -8.56 40.30 25.72
CA LEU R 120 -8.62 40.15 27.16
C LEU R 120 -9.67 39.14 27.56
N GLU R 121 -10.70 38.94 26.76
CA GLU R 121 -11.71 37.93 27.07
C GLU R 121 -11.19 36.53 26.85
N ASP R 122 -10.35 36.33 25.81
CA ASP R 122 -9.68 35.05 25.69
C ASP R 122 -8.75 34.79 26.87
N ILE R 123 -7.99 35.80 27.28
CA ILE R 123 -7.13 35.62 28.45
C ILE R 123 -7.96 35.32 29.68
N LEU R 124 -9.14 35.93 29.78
CA LEU R 124 -10.01 35.73 30.94
C LEU R 124 -10.54 34.30 30.98
N GLU R 125 -11.02 33.79 29.83
CA GLU R 125 -11.52 32.42 29.82
C GLU R 125 -10.42 31.43 30.15
N ASP R 126 -9.20 31.66 29.66
CA ASP R 126 -8.11 30.75 29.98
C ASP R 126 -7.76 30.80 31.46
N GLU R 127 -7.61 32.01 32.01
CA GLU R 127 -7.25 32.14 33.41
C GLU R 127 -8.32 31.56 34.31
N GLU R 128 -9.55 31.58 33.85
CA GLU R 128 -10.65 31.14 34.71
C GLU R 128 -10.90 29.65 34.56
N GLU R 129 -10.48 29.05 33.43
CA GLU R 129 -10.33 27.60 33.37
C GLU R 129 -9.23 27.09 34.31
N HIS R 130 -8.10 27.82 34.39
CA HIS R 130 -7.09 27.40 35.36
C HIS R 130 -7.53 27.62 36.79
N LEU R 131 -8.30 28.68 37.05
CA LEU R 131 -8.92 28.83 38.36
C LEU R 131 -9.80 27.63 38.69
N ASP R 132 -10.59 27.18 37.71
CA ASP R 132 -11.40 25.98 37.91
C ASP R 132 -10.54 24.77 38.25
N TRP R 133 -9.43 24.60 37.53
CA TRP R 133 -8.55 23.46 37.80
C TRP R 133 -7.96 23.53 39.19
N LEU R 134 -7.52 24.72 39.62
CA LEU R 134 -6.93 24.85 40.95
C LEU R 134 -7.95 24.59 42.03
N GLU R 135 -9.19 25.04 41.84
CA GLU R 135 -10.23 24.75 42.81
C GLU R 135 -10.54 23.26 42.85
N SER R 136 -10.52 22.60 41.68
CA SER R 136 -10.68 21.15 41.64
C SER R 136 -9.59 20.46 42.43
N GLN R 137 -8.34 20.91 42.30
CA GLN R 137 -7.24 20.31 43.02
C GLN R 137 -7.40 20.49 44.52
N ARG R 138 -7.85 21.66 44.95
CA ARG R 138 -8.07 21.87 46.37
C ARG R 138 -9.17 20.96 46.90
N GLU R 139 -10.25 20.80 46.13
CA GLU R 139 -11.31 19.90 46.55
C GLU R 139 -10.83 18.45 46.59
N LEU R 140 -9.96 18.08 45.64
CA LEU R 140 -9.42 16.72 45.64
C LEU R 140 -8.51 16.47 46.82
N ILE R 141 -7.73 17.48 47.22
CA ILE R 141 -6.91 17.32 48.42
C ILE R 141 -7.81 17.18 49.65
N GLY R 142 -8.91 17.94 49.69
CA GLY R 142 -9.84 17.80 50.79
C GLY R 142 -10.56 16.48 50.80
N LEU R 143 -10.71 15.85 49.64
CA LEU R 143 -11.47 14.62 49.53
C LEU R 143 -10.61 13.39 49.78
N THR R 144 -9.47 13.28 49.09
CA THR R 144 -8.64 12.11 49.18
C THR R 144 -7.47 12.27 50.14
N GLY R 145 -7.24 13.46 50.67
CA GLY R 145 -6.08 13.72 51.48
C GLY R 145 -4.88 14.13 50.64
N ILE R 146 -3.90 14.73 51.31
CA ILE R 146 -2.75 15.26 50.59
C ILE R 146 -1.82 14.14 50.15
N GLN R 147 -1.71 13.08 50.94
CA GLN R 147 -0.84 11.97 50.57
C GLN R 147 -1.39 11.20 49.39
N ASN R 148 -2.71 10.97 49.36
CA ASN R 148 -3.32 10.31 48.21
C ASN R 148 -3.29 11.22 47.00
N TYR R 149 -3.50 12.52 47.20
CA TYR R 149 -3.50 13.45 46.07
C TYR R 149 -2.13 13.52 45.44
N LEU R 150 -1.08 13.62 46.26
CA LEU R 150 0.27 13.70 45.74
C LEU R 150 0.70 12.41 45.07
N GLN R 151 0.18 11.27 45.53
CA GLN R 151 0.46 10.00 44.89
C GLN R 151 -0.09 9.95 43.48
N SER R 152 -1.19 10.66 43.22
CA SER R 152 -1.78 10.69 41.90
C SER R 152 -1.01 11.57 40.92
N GLN R 153 -0.06 12.36 41.41
CA GLN R 153 0.73 13.25 40.59
C GLN R 153 2.10 12.68 40.26
N ILE R 154 2.42 11.50 40.77
CA ILE R 154 3.74 10.91 40.53
C ILE R 154 3.96 10.62 39.06
N SER R 155 2.97 10.05 38.40
CA SER R 155 3.07 9.69 36.99
C SER R 155 2.43 10.76 36.14
N GLU R 156 3.13 11.18 35.07
CA GLU R 156 2.67 12.32 34.31
C GLU R 156 1.43 12.00 33.50
N SER R 157 1.28 10.75 33.08
CA SER R 157 0.07 10.34 32.37
C SER R 157 -0.34 8.94 32.79
N MET S 1 -36.13 36.64 12.45
CA MET S 1 -36.28 37.48 13.62
C MET S 1 -36.30 38.93 13.20
N LYS S 2 -37.26 39.70 13.68
CA LYS S 2 -37.36 41.10 13.32
C LYS S 2 -36.33 41.90 14.09
N GLY S 3 -35.35 42.46 13.38
CA GLY S 3 -34.29 43.22 13.99
C GLY S 3 -34.64 44.68 14.19
N HIS S 4 -33.83 45.33 15.00
CA HIS S 4 -34.02 46.76 15.23
C HIS S 4 -33.77 47.55 13.95
N PRO S 5 -34.57 48.58 13.66
CA PRO S 5 -34.32 49.37 12.45
C PRO S 5 -32.96 50.06 12.46
N LYS S 6 -32.51 50.53 13.62
CA LYS S 6 -31.20 51.17 13.72
C LYS S 6 -30.09 50.17 13.43
N VAL S 7 -30.22 48.95 13.93
CA VAL S 7 -29.19 47.95 13.71
C VAL S 7 -29.15 47.56 12.24
N VAL S 8 -30.32 47.46 11.60
CA VAL S 8 -30.35 47.12 10.19
C VAL S 8 -29.79 48.25 9.34
N GLY S 9 -30.05 49.49 9.73
CA GLY S 9 -29.45 50.63 9.04
C GLY S 9 -27.94 50.64 9.16
N GLN S 10 -27.43 50.40 10.37
CA GLN S 10 -25.98 50.32 10.55
C GLN S 10 -25.37 49.18 9.78
N LEU S 11 -26.05 48.02 9.75
CA LEU S 11 -25.52 46.90 8.99
C LEU S 11 -25.53 47.20 7.51
N ASN S 12 -26.53 47.94 7.03
CA ASN S 12 -26.59 48.30 5.61
C ASN S 12 -25.51 49.29 5.26
N ARG S 13 -25.16 50.17 6.20
CA ARG S 13 -24.09 51.13 5.95
C ARG S 13 -22.72 50.46 5.97
N VAL S 14 -22.51 49.55 6.91
CA VAL S 14 -21.31 48.73 6.90
C VAL S 14 -21.24 47.90 5.63
N LEU S 15 -22.40 47.50 5.09
CA LEU S 15 -22.42 46.73 3.85
C LEU S 15 -22.03 47.58 2.66
N THR S 16 -22.58 48.79 2.55
CA THR S 16 -22.13 49.73 1.53
C THR S 16 -20.63 49.89 1.57
N CYS S 17 -20.08 50.03 2.77
CA CYS S 17 -18.65 50.30 2.88
C CYS S 17 -17.83 49.05 2.55
N GLU S 18 -18.35 47.86 2.87
CA GLU S 18 -17.67 46.63 2.54
C GLU S 18 -17.67 46.39 1.03
N LEU S 19 -18.75 46.76 0.35
CA LEU S 19 -18.81 46.63 -1.10
C LEU S 19 -17.87 47.61 -1.78
N THR S 20 -17.84 48.86 -1.30
CA THR S 20 -16.85 49.81 -1.80
C THR S 20 -15.44 49.29 -1.60
N ALA S 21 -15.17 48.66 -0.46
CA ALA S 21 -13.86 48.08 -0.22
C ALA S 21 -13.56 46.96 -1.19
N ILE S 22 -14.53 46.09 -1.47
CA ILE S 22 -14.32 45.03 -2.45
C ILE S 22 -13.90 45.62 -3.78
N ASN S 23 -14.63 46.63 -4.24
CA ASN S 23 -14.34 47.19 -5.56
C ASN S 23 -12.96 47.84 -5.58
N GLN S 24 -12.64 48.63 -4.56
CA GLN S 24 -11.36 49.31 -4.53
C GLN S 24 -10.20 48.32 -4.44
N TYR S 25 -10.34 47.30 -3.60
CA TYR S 25 -9.29 46.30 -3.46
C TYR S 25 -9.09 45.51 -4.74
N PHE S 26 -10.16 45.20 -5.47
CA PHE S 26 -9.97 44.45 -6.71
C PHE S 26 -9.34 45.32 -7.78
N LEU S 27 -9.79 46.56 -7.91
CA LEU S 27 -9.15 47.45 -8.88
C LEU S 27 -7.67 47.61 -8.55
N HIS S 28 -7.32 47.73 -7.27
CA HIS S 28 -5.93 47.90 -6.90
C HIS S 28 -5.13 46.63 -7.14
N ALA S 29 -5.71 45.47 -6.85
CA ALA S 29 -5.03 44.21 -7.11
C ALA S 29 -4.72 44.05 -8.59
N ARG S 30 -5.65 44.44 -9.45
CA ARG S 30 -5.43 44.26 -10.87
C ARG S 30 -4.52 45.33 -11.45
N MET S 31 -4.53 46.52 -10.86
CA MET S 31 -3.51 47.52 -11.20
C MET S 31 -2.12 47.04 -10.78
N PHE S 32 -2.02 46.30 -9.67
CA PHE S 32 -0.73 45.76 -9.26
C PHE S 32 -0.29 44.65 -10.18
N LYS S 33 -1.20 43.75 -10.54
CA LYS S 33 -0.89 42.70 -11.52
C LYS S 33 -0.45 43.30 -12.85
N HIS S 34 -1.06 44.41 -13.26
CA HIS S 34 -0.70 45.02 -14.53
C HIS S 34 0.72 45.55 -14.52
N TRP S 35 1.24 45.90 -13.35
CA TRP S 35 2.60 46.38 -13.18
C TRP S 35 3.59 45.29 -12.84
N GLY S 36 3.17 44.04 -12.79
CA GLY S 36 4.07 42.96 -12.46
C GLY S 36 4.36 42.79 -11.00
N LEU S 37 3.74 43.59 -10.13
CA LEU S 37 3.91 43.43 -8.68
C LEU S 37 2.93 42.36 -8.24
N GLU S 38 3.41 41.12 -8.19
CA GLU S 38 2.55 39.96 -8.04
C GLU S 38 2.18 39.70 -6.59
N LYS S 39 3.09 39.95 -5.65
CA LYS S 39 2.76 39.68 -4.26
C LYS S 39 1.77 40.71 -3.73
N LEU S 40 1.84 41.93 -4.26
CA LEU S 40 0.85 42.95 -3.91
C LEU S 40 -0.50 42.62 -4.53
N ASN S 41 -0.52 42.17 -5.77
CA ASN S 41 -1.70 41.54 -6.36
C ASN S 41 -2.31 40.52 -5.42
N HIS S 42 -1.50 39.55 -4.97
CA HIS S 42 -2.04 38.46 -4.17
C HIS S 42 -2.64 38.97 -2.87
N VAL S 43 -1.95 39.91 -2.20
CA VAL S 43 -2.47 40.43 -0.95
C VAL S 43 -3.78 41.18 -1.18
N GLU S 44 -3.82 42.07 -2.17
CA GLU S 44 -5.01 42.87 -2.39
C GLU S 44 -6.17 42.03 -2.86
N TYR S 45 -5.89 40.97 -3.62
CA TYR S 45 -6.93 40.04 -4.05
C TYR S 45 -7.49 39.25 -2.89
N LYS S 46 -6.63 38.71 -2.01
CA LYS S 46 -7.17 37.98 -0.88
C LYS S 46 -7.91 38.90 0.07
N LYS S 47 -7.50 40.17 0.14
CA LYS S 47 -8.23 41.14 0.94
C LYS S 47 -9.60 41.46 0.33
N SER S 48 -9.68 41.54 -0.99
CA SER S 48 -10.97 41.75 -1.63
C SER S 48 -11.87 40.53 -1.45
N ILE S 49 -11.30 39.33 -1.50
CA ILE S 49 -12.06 38.12 -1.19
C ILE S 49 -12.55 38.14 0.25
N GLU S 50 -11.73 38.66 1.16
CA GLU S 50 -12.11 38.72 2.56
C GLU S 50 -13.26 39.69 2.77
N ASP S 51 -13.18 40.88 2.18
CA ASP S 51 -14.30 41.81 2.26
C ASP S 51 -15.52 41.28 1.53
N MET S 52 -15.31 40.41 0.55
CA MET S 52 -16.39 39.69 -0.10
C MET S 52 -17.13 38.80 0.89
N LYS S 53 -16.39 38.01 1.66
CA LYS S 53 -17.00 37.22 2.72
C LYS S 53 -17.69 38.09 3.76
N HIS S 54 -17.11 39.24 4.09
CA HIS S 54 -17.74 40.14 5.04
C HIS S 54 -19.06 40.67 4.52
N ALA S 55 -19.09 41.06 3.25
CA ALA S 55 -20.33 41.55 2.66
C ALA S 55 -21.37 40.44 2.62
N ASP S 56 -20.94 39.21 2.34
CA ASP S 56 -21.85 38.08 2.35
C ASP S 56 -22.49 37.91 3.73
N LYS S 57 -21.67 37.96 4.79
CA LYS S 57 -22.20 37.83 6.14
C LYS S 57 -23.13 38.97 6.50
N LEU S 58 -22.81 40.20 6.08
CA LEU S 58 -23.69 41.32 6.37
C LEU S 58 -25.01 41.20 5.62
N ILE S 59 -24.99 40.76 4.38
CA ILE S 59 -26.22 40.54 3.62
C ILE S 59 -27.07 39.48 4.31
N GLU S 60 -26.45 38.37 4.73
CA GLU S 60 -27.21 37.32 5.38
C GLU S 60 -27.78 37.79 6.71
N ARG S 61 -27.06 38.64 7.44
CA ARG S 61 -27.57 39.15 8.70
C ARG S 61 -28.72 40.13 8.48
N VAL S 62 -28.61 40.99 7.46
CA VAL S 62 -29.69 41.93 7.18
C VAL S 62 -30.92 41.20 6.70
N LEU S 63 -30.73 40.09 6.00
CA LEU S 63 -31.88 39.31 5.55
C LEU S 63 -32.53 38.56 6.70
N PHE S 64 -31.72 37.97 7.58
CA PHE S 64 -32.26 37.30 8.76
C PHE S 64 -33.03 38.27 9.63
N LEU S 65 -32.58 39.51 9.73
CA LEU S 65 -33.25 40.52 10.52
C LEU S 65 -34.42 41.16 9.80
N GLU S 66 -34.88 40.53 8.71
CA GLU S 66 -36.04 40.98 7.94
C GLU S 66 -35.86 42.40 7.40
N GLY S 67 -34.61 42.75 7.07
CA GLY S 67 -34.32 43.99 6.39
C GLY S 67 -34.04 43.77 4.92
N LEU S 68 -33.77 44.88 4.23
CA LEU S 68 -33.49 44.84 2.80
C LEU S 68 -32.03 45.19 2.57
N PRO S 69 -31.19 44.23 2.20
CA PRO S 69 -29.78 44.56 1.92
C PRO S 69 -29.68 45.54 0.77
N ASN S 70 -28.83 46.55 0.95
CA ASN S 70 -28.65 47.60 -0.05
C ASN S 70 -27.31 47.35 -0.74
N LEU S 71 -27.37 46.60 -1.84
CA LEU S 71 -26.19 46.38 -2.67
C LEU S 71 -26.09 47.39 -3.80
N GLN S 72 -27.02 48.33 -3.88
CA GLN S 72 -27.02 49.28 -4.99
C GLN S 72 -26.05 50.43 -4.76
N GLN S 73 -26.01 50.95 -3.53
CA GLN S 73 -25.17 52.10 -3.23
C GLN S 73 -23.72 51.68 -3.05
N LEU S 74 -22.82 52.50 -3.56
CA LEU S 74 -21.40 52.41 -3.23
C LEU S 74 -20.87 53.79 -2.90
N GLU S 75 -19.84 53.81 -2.06
CA GLU S 75 -19.14 55.01 -1.69
C GLU S 75 -18.16 55.39 -2.79
N LYS S 76 -17.54 56.56 -2.66
CA LYS S 76 -16.57 56.98 -3.64
C LYS S 76 -15.29 56.17 -3.50
N LEU S 77 -14.74 55.71 -4.62
CA LEU S 77 -13.52 54.91 -4.60
C LEU S 77 -12.31 55.82 -4.65
N ARG S 78 -11.33 55.52 -3.82
CA ARG S 78 -10.03 56.20 -3.87
C ARG S 78 -9.05 55.27 -4.59
N ILE S 79 -8.81 55.56 -5.86
CA ILE S 79 -7.93 54.78 -6.70
C ILE S 79 -6.64 55.56 -6.86
N GLY S 80 -5.53 54.98 -6.44
CA GLY S 80 -4.25 55.63 -6.56
C GLY S 80 -3.61 55.41 -7.91
N GLU S 81 -2.60 56.24 -8.20
CA GLU S 81 -1.83 56.11 -9.43
C GLU S 81 -0.60 55.24 -9.28
N HIS S 82 0.05 55.26 -8.11
CA HIS S 82 1.25 54.48 -7.87
C HIS S 82 1.07 53.70 -6.58
N ALA S 83 2.03 52.82 -6.31
CA ALA S 83 1.91 51.87 -5.21
C ALA S 83 1.69 52.57 -3.87
N GLN S 84 2.51 53.57 -3.55
CA GLN S 84 2.37 54.26 -2.28
C GLN S 84 1.00 54.93 -2.14
N GLU S 85 0.54 55.57 -3.21
CA GLU S 85 -0.76 56.23 -3.16
C GLU S 85 -1.88 55.22 -3.00
N MET S 86 -1.77 54.08 -3.67
CA MET S 86 -2.79 53.04 -3.53
C MET S 86 -2.80 52.47 -2.12
N LEU S 87 -1.63 52.29 -1.51
CA LEU S 87 -1.57 51.81 -0.15
C LEU S 87 -2.13 52.84 0.83
N ASP S 88 -1.88 54.12 0.58
CA ASP S 88 -2.45 55.16 1.44
C ASP S 88 -3.97 55.24 1.29
N CYS S 89 -4.48 55.06 0.07
CA CYS S 89 -5.93 55.06 -0.12
C CYS S 89 -6.57 53.86 0.58
N ASP S 90 -5.93 52.70 0.49
CA ASP S 90 -6.39 51.52 1.22
C ASP S 90 -6.37 51.77 2.72
N LEU S 91 -5.31 52.42 3.21
CA LEU S 91 -5.22 52.74 4.63
C LEU S 91 -6.35 53.65 5.06
N ALA S 92 -6.59 54.73 4.31
CA ALA S 92 -7.65 55.66 4.64
C ALA S 92 -9.00 54.97 4.67
N MET S 93 -9.24 54.08 3.71
CA MET S 93 -10.52 53.39 3.66
C MET S 93 -10.66 52.42 4.83
N VAL S 94 -9.59 51.70 5.19
CA VAL S 94 -9.65 50.82 6.35
C VAL S 94 -9.93 51.62 7.62
N GLN S 95 -9.33 52.79 7.75
CA GLN S 95 -9.53 53.58 8.96
C GLN S 95 -10.96 54.09 9.06
N GLU S 96 -11.49 54.64 7.96
CA GLU S 96 -12.89 55.06 7.95
C GLU S 96 -13.82 53.89 8.27
N GLN S 97 -13.51 52.72 7.73
CA GLN S 97 -14.39 51.58 7.86
C GLN S 97 -14.31 51.01 9.27
N LEU S 98 -13.16 51.19 9.93
CA LEU S 98 -13.01 50.77 11.32
C LEU S 98 -13.78 51.69 12.25
N THR S 99 -13.71 53.00 12.01
CA THR S 99 -14.56 53.93 12.77
C THR S 99 -16.03 53.55 12.64
N LEU S 100 -16.46 53.27 11.41
CA LEU S 100 -17.85 52.85 11.17
C LEU S 100 -18.18 51.59 11.94
N LEU S 101 -17.29 50.59 11.90
CA LEU S 101 -17.54 49.34 12.60
C LEU S 101 -17.65 49.55 14.10
N ARG S 102 -16.85 50.46 14.65
CA ARG S 102 -16.90 50.69 16.08
C ARG S 102 -18.21 51.35 16.48
N ASP S 103 -18.67 52.31 15.69
CA ASP S 103 -19.97 52.91 15.93
C ASP S 103 -21.09 51.87 15.85
N ALA S 104 -21.00 50.97 14.88
CA ALA S 104 -22.04 49.95 14.72
C ALA S 104 -22.00 48.95 15.88
N ILE S 105 -20.82 48.61 16.39
CA ILE S 105 -20.73 47.70 17.53
C ILE S 105 -21.31 48.36 18.77
N THR S 106 -21.03 49.65 18.97
CA THR S 106 -21.62 50.36 20.08
C THR S 106 -23.13 50.35 20.00
N LEU S 107 -23.68 50.62 18.82
CA LEU S 107 -25.13 50.64 18.68
C LEU S 107 -25.73 49.25 18.86
N CYS S 108 -25.07 48.22 18.33
CA CYS S 108 -25.56 46.86 18.49
C CYS S 108 -25.58 46.45 19.96
N GLU S 109 -24.60 46.91 20.74
CA GLU S 109 -24.63 46.63 22.17
C GLU S 109 -25.74 47.40 22.86
N ALA S 110 -25.99 48.64 22.43
CA ALA S 110 -27.04 49.43 23.06
C ALA S 110 -28.43 48.85 22.78
N GLU S 111 -28.59 48.13 21.68
CA GLU S 111 -29.86 47.52 21.31
C GLU S 111 -29.94 46.04 21.68
N GLN S 112 -29.01 45.53 22.48
CA GLN S 112 -28.92 44.11 22.83
C GLN S 112 -28.95 43.21 21.60
N ASP S 113 -28.39 43.66 20.48
CA ASP S 113 -28.19 42.80 19.32
C ASP S 113 -26.79 42.23 19.42
N TYR S 114 -26.67 41.07 20.05
CA TYR S 114 -25.37 40.54 20.41
C TYR S 114 -24.75 39.67 19.32
N VAL S 115 -25.56 39.08 18.45
CA VAL S 115 -24.99 38.30 17.35
C VAL S 115 -24.61 39.22 16.20
N SER S 116 -25.36 40.30 16.00
CA SER S 116 -24.88 41.37 15.13
C SER S 116 -23.56 41.91 15.63
N ARG S 117 -23.43 42.07 16.95
CA ARG S 117 -22.18 42.57 17.52
C ARG S 117 -21.04 41.58 17.32
N ASP S 118 -21.31 40.28 17.46
CA ASP S 118 -20.27 39.28 17.21
C ASP S 118 -19.83 39.29 15.75
N LEU S 119 -20.79 39.37 14.83
CA LEU S 119 -20.47 39.53 13.41
C LEU S 119 -19.57 40.73 13.18
N LEU S 120 -19.97 41.88 13.70
CA LEU S 120 -19.21 43.10 13.48
C LEU S 120 -17.86 43.04 14.15
N GLU S 121 -17.72 42.27 15.22
CA GLU S 121 -16.42 42.13 15.87
C GLU S 121 -15.48 41.26 15.05
N ASP S 122 -16.00 40.23 14.39
CA ASP S 122 -15.16 39.50 13.44
C ASP S 122 -14.72 40.40 12.30
N ILE S 123 -15.64 41.20 11.75
CA ILE S 123 -15.25 42.12 10.68
C ILE S 123 -14.21 43.11 11.20
N LEU S 124 -14.34 43.53 12.46
CA LEU S 124 -13.41 44.49 13.04
C LEU S 124 -12.01 43.89 13.18
N GLU S 125 -11.92 42.66 13.69
CA GLU S 125 -10.61 42.05 13.83
C GLU S 125 -9.94 41.84 12.47
N ASP S 126 -10.73 41.46 11.45
CA ASP S 126 -10.15 41.30 10.13
C ASP S 126 -9.67 42.62 9.55
N GLU S 127 -10.51 43.66 9.62
CA GLU S 127 -10.14 44.95 9.07
C GLU S 127 -8.93 45.52 9.78
N GLU S 128 -8.77 45.16 11.05
CA GLU S 128 -7.70 45.77 11.83
C GLU S 128 -6.41 44.97 11.72
N GLU S 129 -6.51 43.68 11.35
CA GLU S 129 -5.35 42.95 10.86
C GLU S 129 -4.86 43.52 9.53
N HIS S 130 -5.77 43.87 8.63
CA HIS S 130 -5.31 44.50 7.38
C HIS S 130 -4.75 45.89 7.62
N LEU S 131 -5.32 46.63 8.56
CA LEU S 131 -4.70 47.89 8.98
C LEU S 131 -3.27 47.67 9.46
N ASP S 132 -3.06 46.62 10.26
CA ASP S 132 -1.71 46.29 10.70
C ASP S 132 -0.80 46.01 9.51
N TRP S 133 -1.29 45.25 8.53
CA TRP S 133 -0.47 44.93 7.36
C TRP S 133 -0.12 46.18 6.56
N LEU S 134 -1.08 47.08 6.39
CA LEU S 134 -0.81 48.30 5.63
C LEU S 134 0.19 49.18 6.35
N GLU S 135 0.09 49.26 7.67
CA GLU S 135 1.08 50.03 8.43
C GLU S 135 2.46 49.39 8.35
N SER S 136 2.51 48.06 8.35
CA SER S 136 3.78 47.36 8.15
C SER S 136 4.38 47.71 6.80
N GLN S 137 3.55 47.75 5.75
CA GLN S 137 4.04 48.08 4.42
C GLN S 137 4.57 49.49 4.35
N ARG S 138 3.90 50.43 5.02
CA ARG S 138 4.39 51.80 5.03
C ARG S 138 5.72 51.90 5.77
N GLU S 139 5.85 51.19 6.89
CA GLU S 139 7.13 51.18 7.59
C GLU S 139 8.22 50.53 6.76
N LEU S 140 7.89 49.49 5.99
CA LEU S 140 8.87 48.85 5.15
C LEU S 140 9.32 49.75 4.01
N ILE S 141 8.38 50.54 3.45
CA ILE S 141 8.79 51.50 2.43
C ILE S 141 9.69 52.56 3.04
N GLY S 142 9.40 52.99 4.27
CA GLY S 142 10.27 53.94 4.93
C GLY S 142 11.63 53.37 5.28
N LEU S 143 11.71 52.06 5.47
CA LEU S 143 12.95 51.42 5.90
C LEU S 143 13.84 51.05 4.72
N THR S 144 13.29 50.35 3.74
CA THR S 144 14.07 49.86 2.62
C THR S 144 13.99 50.74 1.38
N GLY S 145 13.13 51.74 1.38
CA GLY S 145 12.90 52.54 0.20
C GLY S 145 11.83 51.95 -0.69
N ILE S 146 11.31 52.78 -1.60
CA ILE S 146 10.19 52.34 -2.42
C ILE S 146 10.68 51.39 -3.52
N GLN S 147 11.89 51.61 -4.03
CA GLN S 147 12.42 50.74 -5.08
C GLN S 147 12.74 49.35 -4.55
N ASN S 148 13.32 49.28 -3.35
CA ASN S 148 13.57 47.98 -2.74
C ASN S 148 12.28 47.31 -2.32
N TYR S 149 11.32 48.09 -1.83
CA TYR S 149 10.05 47.51 -1.40
C TYR S 149 9.30 46.93 -2.58
N LEU S 150 9.25 47.66 -3.69
CA LEU S 150 8.55 47.19 -4.87
C LEU S 150 9.24 46.00 -5.49
N GLN S 151 10.56 45.90 -5.36
CA GLN S 151 11.29 44.74 -5.86
C GLN S 151 10.89 43.48 -5.10
N SER S 152 10.51 43.62 -3.82
CA SER S 152 10.10 42.48 -3.03
C SER S 152 8.70 41.99 -3.38
N GLN S 153 7.95 42.75 -4.15
CA GLN S 153 6.59 42.40 -4.55
C GLN S 153 6.53 41.79 -5.94
N ILE S 154 7.66 41.68 -6.64
CA ILE S 154 7.66 41.16 -7.99
C ILE S 154 7.22 39.71 -8.02
N SER S 155 7.72 38.89 -7.11
CA SER S 155 7.40 37.48 -7.07
C SER S 155 6.31 37.23 -6.03
N GLU S 156 5.30 36.46 -6.41
CA GLU S 156 4.12 36.32 -5.55
C GLU S 156 4.43 35.50 -4.31
N SER S 157 5.37 34.56 -4.41
CA SER S 157 5.78 33.78 -3.25
C SER S 157 7.29 33.53 -3.28
N MET T 1 -0.39 47.47 -24.48
CA MET T 1 -0.80 47.86 -25.83
C MET T 1 -1.90 48.90 -25.74
N LYS T 2 -1.76 49.99 -26.48
CA LYS T 2 -2.75 51.05 -26.44
C LYS T 2 -3.96 50.62 -27.27
N GLY T 3 -5.09 50.42 -26.60
CA GLY T 3 -6.30 49.99 -27.27
C GLY T 3 -7.11 51.14 -27.82
N HIS T 4 -8.06 50.79 -28.68
CA HIS T 4 -8.96 51.78 -29.24
C HIS T 4 -9.83 52.40 -28.15
N PRO T 5 -10.08 53.70 -28.18
CA PRO T 5 -10.95 54.31 -27.16
C PRO T 5 -12.36 53.76 -27.19
N LYS T 6 -12.90 53.46 -28.38
CA LYS T 6 -14.24 52.89 -28.47
C LYS T 6 -14.29 51.51 -27.87
N VAL T 7 -13.25 50.70 -28.09
CA VAL T 7 -13.24 49.35 -27.54
C VAL T 7 -13.11 49.40 -26.03
N VAL T 8 -12.32 50.35 -25.51
CA VAL T 8 -12.19 50.47 -24.06
C VAL T 8 -13.48 50.97 -23.45
N GLY T 9 -14.18 51.88 -24.13
CA GLY T 9 -15.49 52.31 -23.65
C GLY T 9 -16.50 51.19 -23.62
N GLN T 10 -16.55 50.39 -24.68
CA GLN T 10 -17.45 49.24 -24.70
C GLN T 10 -17.09 48.23 -23.63
N LEU T 11 -15.80 47.99 -23.41
CA LEU T 11 -15.41 47.05 -22.37
C LEU T 11 -15.77 47.58 -20.99
N ASN T 12 -15.68 48.90 -20.80
CA ASN T 12 -16.05 49.49 -19.53
C ASN T 12 -17.54 49.42 -19.30
N ARG T 13 -18.32 49.52 -20.37
CA ARG T 13 -19.77 49.41 -20.23
C ARG T 13 -20.19 47.97 -19.96
N VAL T 14 -19.58 47.01 -20.65
CA VAL T 14 -19.79 45.61 -20.33
C VAL T 14 -19.35 45.30 -18.91
N LEU T 15 -18.33 46.03 -18.41
CA LEU T 15 -17.88 45.83 -17.04
C LEU T 15 -18.89 46.35 -16.03
N THR T 16 -19.40 47.56 -16.26
CA THR T 16 -20.50 48.06 -15.43
C THR T 16 -21.63 47.06 -15.37
N CYS T 17 -21.98 46.47 -16.50
CA CYS T 17 -23.13 45.57 -16.52
C CYS T 17 -22.80 44.24 -15.85
N GLU T 18 -21.54 43.80 -15.93
CA GLU T 18 -21.13 42.57 -15.25
C GLU T 18 -21.12 42.77 -13.75
N LEU T 19 -20.72 43.94 -13.28
CA LEU T 19 -20.73 44.24 -11.85
C LEU T 19 -22.15 44.32 -11.32
N THR T 20 -23.04 44.99 -12.06
CA THR T 20 -24.45 44.99 -11.70
C THR T 20 -24.99 43.58 -11.62
N ALA T 21 -24.60 42.72 -12.57
CA ALA T 21 -25.03 41.33 -12.53
C ALA T 21 -24.51 40.62 -11.30
N ILE T 22 -23.24 40.83 -10.94
CA ILE T 22 -22.70 40.22 -9.73
C ILE T 22 -23.55 40.59 -8.52
N ASN T 23 -23.85 41.88 -8.38
CA ASN T 23 -24.59 42.31 -7.21
C ASN T 23 -26.00 41.72 -7.18
N GLN T 24 -26.69 41.78 -8.32
CA GLN T 24 -28.06 41.26 -8.37
C GLN T 24 -28.09 39.76 -8.13
N TYR T 25 -27.16 39.01 -8.72
CA TYR T 25 -27.13 37.57 -8.52
C TYR T 25 -26.82 37.21 -7.09
N PHE T 26 -25.94 37.96 -6.42
CA PHE T 26 -25.64 37.62 -5.04
C PHE T 26 -26.80 37.95 -4.11
N LEU T 27 -27.42 39.11 -4.32
CA LEU T 27 -28.61 39.42 -3.53
C LEU T 27 -29.68 38.37 -3.72
N HIS T 28 -29.88 37.91 -4.95
CA HIS T 28 -30.91 36.91 -5.21
C HIS T 28 -30.53 35.56 -4.62
N ALA T 29 -29.25 35.18 -4.69
CA ALA T 29 -28.83 33.92 -4.09
C ALA T 29 -29.06 33.93 -2.59
N ARG T 30 -28.82 35.06 -1.94
CA ARG T 30 -28.96 35.10 -0.50
C ARG T 30 -30.42 35.25 -0.09
N MET T 31 -31.24 35.89 -0.93
CA MET T 31 -32.68 35.85 -0.72
C MET T 31 -33.23 34.43 -0.87
N PHE T 32 -32.65 33.64 -1.77
CA PHE T 32 -33.06 32.26 -1.93
C PHE T 32 -32.64 31.42 -0.73
N LYS T 33 -31.40 31.60 -0.27
CA LYS T 33 -30.95 30.92 0.94
C LYS T 33 -31.81 31.28 2.14
N HIS T 34 -32.25 32.53 2.23
CA HIS T 34 -33.07 32.95 3.35
C HIS T 34 -34.41 32.24 3.37
N TRP T 35 -34.90 31.82 2.22
CA TRP T 35 -36.16 31.09 2.06
C TRP T 35 -35.99 29.58 2.09
N GLY T 36 -34.78 29.08 2.28
CA GLY T 36 -34.55 27.66 2.29
C GLY T 36 -34.47 27.00 0.94
N LEU T 37 -34.57 27.77 -0.14
CA LEU T 37 -34.41 27.23 -1.48
C LEU T 37 -32.93 27.16 -1.77
N GLU T 38 -32.34 26.00 -1.51
CA GLU T 38 -30.89 25.86 -1.47
C GLU T 38 -30.31 25.63 -2.84
N LYS T 39 -31.01 24.91 -3.73
CA LYS T 39 -30.45 24.67 -5.05
C LYS T 39 -30.49 25.94 -5.89
N LEU T 40 -31.49 26.79 -5.65
CA LEU T 40 -31.53 28.09 -6.31
C LEU T 40 -30.43 29.01 -5.78
N ASN T 41 -30.23 29.01 -4.47
CA ASN T 41 -29.03 29.60 -3.88
C ASN T 41 -27.78 29.18 -4.62
N HIS T 42 -27.56 27.88 -4.76
CA HIS T 42 -26.33 27.39 -5.35
C HIS T 42 -26.17 27.86 -6.78
N VAL T 43 -27.24 27.81 -7.56
CA VAL T 43 -27.15 28.24 -8.95
C VAL T 43 -26.84 29.73 -9.03
N GLU T 44 -27.57 30.55 -8.27
CA GLU T 44 -27.38 31.99 -8.37
C GLU T 44 -26.02 32.41 -7.82
N TYR T 45 -25.51 31.68 -6.84
CA TYR T 45 -24.18 31.96 -6.31
C TYR T 45 -23.10 31.59 -7.31
N LYS T 46 -23.20 30.42 -7.95
CA LYS T 46 -22.18 30.10 -8.94
C LYS T 46 -22.27 31.02 -10.14
N LYS T 47 -23.47 31.52 -10.45
CA LYS T 47 -23.60 32.50 -11.52
C LYS T 47 -22.98 33.84 -11.14
N SER T 48 -23.13 34.25 -9.89
CA SER T 48 -22.47 35.47 -9.44
C SER T 48 -20.96 35.31 -9.44
N ILE T 49 -20.46 34.14 -9.06
CA ILE T 49 -19.03 33.84 -9.17
C ILE T 49 -18.57 33.89 -10.61
N GLU T 50 -19.42 33.41 -11.53
CA GLU T 50 -19.06 33.41 -12.94
C GLU T 50 -18.98 34.84 -13.48
N ASP T 51 -19.97 35.68 -13.16
CA ASP T 51 -19.89 37.08 -13.56
C ASP T 51 -18.75 37.80 -12.86
N MET T 52 -18.35 37.30 -11.70
CA MET T 52 -17.16 37.78 -11.01
C MET T 52 -15.91 37.54 -11.83
N LYS T 53 -15.75 36.31 -12.34
CA LYS T 53 -14.66 36.00 -13.26
C LYS T 53 -14.73 36.84 -14.53
N HIS T 54 -15.93 37.07 -15.04
CA HIS T 54 -16.08 37.90 -16.23
C HIS T 54 -15.62 39.33 -15.97
N ALA T 55 -16.02 39.90 -14.84
CA ALA T 55 -15.59 41.25 -14.51
C ALA T 55 -14.09 41.30 -14.31
N ASP T 56 -13.51 40.26 -13.73
CA ASP T 56 -12.07 40.20 -13.58
C ASP T 56 -11.37 40.25 -14.94
N LYS T 57 -11.86 39.45 -15.89
CA LYS T 57 -11.26 39.44 -17.23
C LYS T 57 -11.45 40.78 -17.92
N LEU T 58 -12.60 41.42 -17.76
CA LEU T 58 -12.79 42.72 -18.38
C LEU T 58 -11.90 43.78 -17.77
N ILE T 59 -11.72 43.76 -16.45
CA ILE T 59 -10.81 44.70 -15.80
C ILE T 59 -9.39 44.49 -16.31
N GLU T 60 -8.95 43.23 -16.41
CA GLU T 60 -7.61 42.96 -16.89
C GLU T 60 -7.43 43.39 -18.33
N ARG T 61 -8.47 43.23 -19.15
CA ARG T 61 -8.37 43.64 -20.55
C ARG T 61 -8.34 45.17 -20.67
N VAL T 62 -9.14 45.87 -19.87
CA VAL T 62 -9.15 47.33 -19.92
C VAL T 62 -7.83 47.87 -19.41
N LEU T 63 -7.20 47.17 -18.45
CA LEU T 63 -5.91 47.62 -17.96
C LEU T 63 -4.81 47.36 -18.98
N PHE T 64 -4.83 46.19 -19.61
CA PHE T 64 -3.86 45.89 -20.66
C PHE T 64 -3.96 46.88 -21.81
N LEU T 65 -5.16 47.32 -22.13
CA LEU T 65 -5.38 48.29 -23.19
C LEU T 65 -5.12 49.71 -22.75
N GLU T 66 -4.47 49.90 -21.60
CA GLU T 66 -4.09 51.21 -21.07
C GLU T 66 -5.32 52.10 -20.86
N GLY T 67 -6.44 51.49 -20.48
CA GLY T 67 -7.62 52.22 -20.08
C GLY T 67 -7.79 52.20 -18.58
N LEU T 68 -8.85 52.88 -18.13
CA LEU T 68 -9.16 52.97 -16.71
C LEU T 68 -10.41 52.18 -16.41
N PRO T 69 -10.32 51.03 -15.76
CA PRO T 69 -11.53 50.27 -15.42
C PRO T 69 -12.44 51.09 -14.52
N ASN T 70 -13.72 51.07 -14.83
CA ASN T 70 -14.72 51.83 -14.08
C ASN T 70 -15.50 50.85 -13.22
N LEU T 71 -15.04 50.66 -11.99
CA LEU T 71 -15.75 49.85 -11.02
C LEU T 71 -16.66 50.66 -10.14
N GLN T 72 -16.74 51.97 -10.36
CA GLN T 72 -17.55 52.83 -9.51
C GLN T 72 -19.01 52.81 -9.90
N GLN T 73 -19.31 52.83 -11.20
CA GLN T 73 -20.68 52.89 -11.66
C GLN T 73 -21.33 51.52 -11.58
N LEU T 74 -22.59 51.49 -11.19
CA LEU T 74 -23.44 50.32 -11.35
C LEU T 74 -24.78 50.74 -11.93
N GLU T 75 -25.40 49.81 -12.63
CA GLU T 75 -26.72 49.98 -13.19
C GLU T 75 -27.77 49.75 -12.11
N LYS T 76 -29.02 50.01 -12.44
CA LYS T 76 -30.09 49.80 -11.48
C LYS T 76 -30.33 48.30 -11.32
N LEU T 77 -30.48 47.86 -10.07
CA LEU T 77 -30.71 46.46 -9.79
C LEU T 77 -32.20 46.15 -9.82
N ARG T 78 -32.56 45.05 -10.46
CA ARG T 78 -33.93 44.56 -10.43
C ARG T 78 -33.97 43.42 -9.44
N ILE T 79 -34.48 43.71 -8.24
CA ILE T 79 -34.58 42.74 -7.16
C ILE T 79 -36.04 42.34 -7.04
N GLY T 80 -36.31 41.05 -7.21
CA GLY T 80 -37.66 40.56 -7.12
C GLY T 80 -38.07 40.24 -5.69
N GLU T 81 -39.38 40.11 -5.50
CA GLU T 81 -39.93 39.74 -4.20
C GLU T 81 -40.12 38.24 -4.03
N HIS T 82 -40.44 37.52 -5.09
CA HIS T 82 -40.65 36.08 -5.03
C HIS T 82 -39.83 35.42 -6.13
N ALA T 83 -39.81 34.09 -6.09
CA ALA T 83 -38.91 33.32 -6.95
C ALA T 83 -39.15 33.63 -8.43
N GLN T 84 -40.40 33.60 -8.89
CA GLN T 84 -40.68 33.86 -10.29
C GLN T 84 -40.24 35.25 -10.70
N GLU T 85 -40.52 36.25 -9.87
CA GLU T 85 -40.11 37.61 -10.20
C GLU T 85 -38.60 37.75 -10.23
N MET T 86 -37.90 37.09 -9.32
CA MET T 86 -36.45 37.13 -9.32
C MET T 86 -35.88 36.47 -10.57
N LEU T 87 -36.47 35.36 -10.99
CA LEU T 87 -36.02 34.69 -12.20
C LEU T 87 -36.30 35.54 -13.44
N ASP T 88 -37.43 36.24 -13.46
CA ASP T 88 -37.73 37.14 -14.57
C ASP T 88 -36.77 38.32 -14.61
N CYS T 89 -36.42 38.86 -13.44
CA CYS T 89 -35.47 39.97 -13.39
C CYS T 89 -34.10 39.51 -13.87
N ASP T 90 -33.68 38.32 -13.46
CA ASP T 90 -32.44 37.74 -13.94
C ASP T 90 -32.47 37.54 -15.45
N LEU T 91 -33.61 37.08 -15.97
CA LEU T 91 -33.78 36.89 -17.40
C LEU T 91 -33.64 38.21 -18.15
N ALA T 92 -34.35 39.24 -17.68
CA ALA T 92 -34.28 40.55 -18.32
C ALA T 92 -32.86 41.09 -18.33
N MET T 93 -32.14 40.90 -17.22
CA MET T 93 -30.78 41.41 -17.15
C MET T 93 -29.86 40.63 -18.07
N VAL T 94 -30.01 39.31 -18.15
CA VAL T 94 -29.21 38.51 -19.09
C VAL T 94 -29.48 38.95 -20.52
N GLN T 95 -30.73 39.24 -20.85
CA GLN T 95 -31.05 39.62 -22.23
C GLN T 95 -30.46 40.97 -22.58
N GLU T 96 -30.61 41.95 -21.70
CA GLU T 96 -29.99 43.25 -21.92
C GLU T 96 -28.48 43.11 -22.06
N GLN T 97 -27.87 42.26 -21.24
CA GLN T 97 -26.42 42.15 -21.20
C GLN T 97 -25.92 41.41 -22.44
N LEU T 98 -26.76 40.53 -22.99
CA LEU T 98 -26.42 39.84 -24.23
C LEU T 98 -26.48 40.78 -25.42
N THR T 99 -27.51 41.63 -25.48
CA THR T 99 -27.54 42.67 -26.50
C THR T 99 -26.30 43.54 -26.44
N LEU T 100 -25.92 43.95 -25.23
CA LEU T 100 -24.72 44.74 -25.04
C LEU T 100 -23.47 44.00 -25.54
N LEU T 101 -23.35 42.72 -25.18
CA LEU T 101 -22.19 41.94 -25.61
C LEU T 101 -22.13 41.83 -27.12
N ARG T 102 -23.28 41.71 -27.78
CA ARG T 102 -23.26 41.56 -29.23
C ARG T 102 -22.82 42.86 -29.89
N ASP T 103 -23.30 43.99 -29.38
CA ASP T 103 -22.84 45.29 -29.88
C ASP T 103 -21.34 45.44 -29.69
N ALA T 104 -20.83 45.02 -28.53
CA ALA T 104 -19.40 45.16 -28.26
C ALA T 104 -18.58 44.24 -29.14
N ILE T 105 -19.07 43.03 -29.44
CA ILE T 105 -18.35 42.13 -30.33
C ILE T 105 -18.32 42.69 -31.75
N THR T 106 -19.43 43.26 -32.20
CA THR T 106 -19.45 43.91 -33.50
C THR T 106 -18.43 45.03 -33.58
N LEU T 107 -18.38 45.88 -32.55
CA LEU T 107 -17.43 46.98 -32.55
C LEU T 107 -16.00 46.49 -32.48
N CYS T 108 -15.73 45.45 -31.68
CA CYS T 108 -14.39 44.91 -31.56
C CYS T 108 -13.93 44.34 -32.89
N GLU T 109 -14.84 43.73 -33.65
CA GLU T 109 -14.49 43.26 -34.98
C GLU T 109 -14.22 44.41 -35.94
N ALA T 110 -15.01 45.49 -35.83
CA ALA T 110 -14.82 46.62 -36.73
C ALA T 110 -13.49 47.32 -36.46
N GLU T 111 -12.96 47.23 -35.25
CA GLU T 111 -11.70 47.85 -34.88
C GLU T 111 -10.53 46.88 -34.92
N GLN T 112 -10.70 45.69 -35.49
CA GLN T 112 -9.69 44.64 -35.49
C GLN T 112 -9.13 44.35 -34.11
N ASP T 113 -9.94 44.49 -33.06
CA ASP T 113 -9.56 44.05 -31.72
C ASP T 113 -10.08 42.63 -31.54
N TYR T 114 -9.24 41.66 -31.88
CA TYR T 114 -9.70 40.29 -31.99
C TYR T 114 -9.58 39.52 -30.67
N VAL T 115 -8.69 39.93 -29.77
CA VAL T 115 -8.62 39.26 -28.48
C VAL T 115 -9.66 39.83 -27.53
N SER T 116 -9.96 41.11 -27.66
CA SER T 116 -11.15 41.65 -27.00
C SER T 116 -12.39 40.91 -27.48
N ARG T 117 -12.47 40.63 -28.78
CA ARG T 117 -13.61 39.90 -29.32
C ARG T 117 -13.67 38.48 -28.78
N ASP T 118 -12.52 37.81 -28.66
CA ASP T 118 -12.52 36.46 -28.09
C ASP T 118 -12.96 36.47 -26.63
N LEU T 119 -12.47 37.43 -25.85
CA LEU T 119 -12.94 37.62 -24.48
C LEU T 119 -14.45 37.78 -24.44
N LEU T 120 -14.98 38.70 -25.24
CA LEU T 120 -16.40 38.97 -25.22
C LEU T 120 -17.21 37.79 -25.72
N GLU T 121 -16.63 36.95 -26.58
CA GLU T 121 -17.33 35.76 -27.04
C GLU T 121 -17.40 34.71 -25.96
N ASP T 122 -16.37 34.57 -25.13
CA ASP T 122 -16.50 33.70 -23.97
C ASP T 122 -17.57 34.22 -23.01
N ILE T 123 -17.59 35.53 -22.76
CA ILE T 123 -18.63 36.06 -21.89
C ILE T 123 -20.01 35.83 -22.51
N LEU T 124 -20.10 35.90 -23.84
CA LEU T 124 -21.37 35.71 -24.52
C LEU T 124 -21.85 34.27 -24.37
N GLU T 125 -20.97 33.30 -24.59
CA GLU T 125 -21.39 31.91 -24.46
C GLU T 125 -21.81 31.60 -23.02
N ASP T 126 -21.11 32.17 -22.04
CA ASP T 126 -21.52 31.93 -20.65
C ASP T 126 -22.87 32.56 -20.34
N GLU T 127 -23.04 33.81 -20.73
CA GLU T 127 -24.30 34.50 -20.45
C GLU T 127 -25.45 33.83 -21.15
N GLU T 128 -25.19 33.19 -22.29
CA GLU T 128 -26.27 32.62 -23.06
C GLU T 128 -26.55 31.18 -22.64
N GLU T 129 -25.58 30.51 -22.02
CA GLU T 129 -25.88 29.30 -21.26
C GLU T 129 -26.75 29.60 -20.04
N HIS T 130 -26.49 30.71 -19.33
CA HIS T 130 -27.38 31.06 -18.23
C HIS T 130 -28.76 31.49 -18.72
N LEU T 131 -28.84 32.16 -19.86
CA LEU T 131 -30.13 32.42 -20.48
C LEU T 131 -30.87 31.12 -20.75
N ASP T 132 -30.18 30.12 -21.27
CA ASP T 132 -30.78 28.81 -21.48
C ASP T 132 -31.31 28.22 -20.17
N TRP T 133 -30.53 28.32 -19.10
CA TRP T 133 -30.96 27.78 -17.81
C TRP T 133 -32.19 28.51 -17.30
N LEU T 134 -32.23 29.83 -17.42
CA LEU T 134 -33.38 30.58 -16.93
C LEU T 134 -34.63 30.25 -17.73
N GLU T 135 -34.49 30.08 -19.04
CA GLU T 135 -35.63 29.68 -19.84
C GLU T 135 -36.10 28.27 -19.48
N SER T 136 -35.16 27.39 -19.18
CA SER T 136 -35.52 26.05 -18.69
C SER T 136 -36.32 26.14 -17.40
N GLN T 137 -35.90 27.01 -16.48
CA GLN T 137 -36.60 27.16 -15.21
C GLN T 137 -38.00 27.69 -15.42
N ARG T 138 -38.17 28.63 -16.35
CA ARG T 138 -39.50 29.16 -16.61
C ARG T 138 -40.39 28.07 -17.21
N GLU T 139 -39.85 27.27 -18.13
CA GLU T 139 -40.63 26.16 -18.69
C GLU T 139 -40.98 25.14 -17.61
N LEU T 140 -40.06 24.89 -16.68
CA LEU T 140 -40.33 23.94 -15.61
C LEU T 140 -41.41 24.46 -14.67
N ILE T 141 -41.43 25.76 -14.39
CA ILE T 141 -42.50 26.32 -13.58
C ILE T 141 -43.82 26.20 -14.32
N GLY T 142 -43.82 26.41 -15.63
CA GLY T 142 -45.03 26.24 -16.39
C GLY T 142 -45.50 24.79 -16.48
N LEU T 143 -44.56 23.85 -16.35
CA LEU T 143 -44.89 22.44 -16.50
C LEU T 143 -45.33 21.81 -15.19
N THR T 144 -44.55 21.98 -14.13
CA THR T 144 -44.83 21.34 -12.86
C THR T 144 -45.54 22.25 -11.87
N GLY T 145 -45.70 23.53 -12.19
CA GLY T 145 -46.25 24.47 -11.24
C GLY T 145 -45.19 25.08 -10.35
N ILE T 146 -45.53 26.19 -9.72
CA ILE T 146 -44.54 26.92 -8.92
C ILE T 146 -44.29 26.20 -7.60
N GLN T 147 -45.32 25.56 -7.03
CA GLN T 147 -45.13 24.86 -5.77
C GLN T 147 -44.28 23.62 -5.94
N ASN T 148 -44.50 22.87 -7.02
CA ASN T 148 -43.66 21.71 -7.30
C ASN T 148 -42.25 22.14 -7.69
N TYR T 149 -42.13 23.24 -8.43
CA TYR T 149 -40.80 23.70 -8.85
C TYR T 149 -39.99 24.14 -7.64
N LEU T 150 -40.61 24.90 -6.74
CA LEU T 150 -39.91 25.37 -5.56
C LEU T 150 -39.56 24.24 -4.62
N GLN T 151 -40.37 23.19 -4.59
CA GLN T 151 -40.05 22.02 -3.78
C GLN T 151 -38.79 21.33 -4.27
N SER T 152 -38.51 21.42 -5.57
CA SER T 152 -37.31 20.80 -6.13
C SER T 152 -36.05 21.59 -5.82
N GLN T 153 -36.18 22.80 -5.31
CA GLN T 153 -35.04 23.66 -4.99
C GLN T 153 -34.69 23.62 -3.51
N ILE T 154 -35.45 22.89 -2.70
CA ILE T 154 -35.21 22.86 -1.27
C ILE T 154 -33.84 22.27 -0.96
N SER T 155 -33.50 21.16 -1.61
CA SER T 155 -32.23 20.49 -1.36
C SER T 155 -31.22 20.90 -2.43
N GLU T 156 -30.01 21.21 -1.98
CA GLU T 156 -29.03 21.80 -2.89
C GLU T 156 -28.51 20.76 -3.89
N SER T 157 -28.47 19.50 -3.48
CA SER T 157 -28.05 18.43 -4.39
C SER T 157 -28.88 17.18 -4.15
N MET U 1 -0.63 -47.22 25.25
CA MET U 1 0.39 -47.89 26.04
C MET U 1 -0.16 -48.17 27.43
N LYS U 2 -0.01 -49.39 27.91
CA LYS U 2 -0.53 -49.74 29.23
C LYS U 2 0.41 -49.19 30.29
N GLY U 3 -0.09 -48.24 31.08
CA GLY U 3 0.71 -47.60 32.10
C GLY U 3 0.66 -48.36 33.42
N HIS U 4 1.58 -47.99 34.30
CA HIS U 4 1.63 -48.59 35.62
C HIS U 4 0.38 -48.22 36.42
N PRO U 5 -0.19 -49.15 37.18
CA PRO U 5 -1.37 -48.79 37.98
C PRO U 5 -1.09 -47.73 39.02
N LYS U 6 0.10 -47.73 39.62
CA LYS U 6 0.45 -46.71 40.60
C LYS U 6 0.55 -45.34 39.94
N VAL U 7 1.12 -45.27 38.73
CA VAL U 7 1.25 -44.00 38.05
C VAL U 7 -0.11 -43.48 37.64
N VAL U 8 -1.01 -44.37 37.22
CA VAL U 8 -2.35 -43.93 36.84
C VAL U 8 -3.13 -43.48 38.07
N GLY U 9 -2.94 -44.15 39.20
CA GLY U 9 -3.56 -43.70 40.43
C GLY U 9 -3.06 -42.33 40.88
N GLN U 10 -1.76 -42.11 40.80
CA GLN U 10 -1.21 -40.79 41.13
C GLN U 10 -1.69 -39.72 40.17
N LEU U 11 -1.78 -40.04 38.89
CA LEU U 11 -2.27 -39.06 37.93
C LEU U 11 -3.73 -38.75 38.18
N ASN U 12 -4.51 -39.75 38.60
CA ASN U 12 -5.92 -39.52 38.90
C ASN U 12 -6.08 -38.68 40.15
N ARG U 13 -5.18 -38.84 41.11
CA ARG U 13 -5.24 -38.02 42.31
C ARG U 13 -4.82 -36.59 42.03
N VAL U 14 -3.77 -36.40 41.24
CA VAL U 14 -3.40 -35.07 40.78
C VAL U 14 -4.53 -34.45 39.96
N LEU U 15 -5.31 -35.28 39.26
CA LEU U 15 -6.43 -34.77 38.48
C LEU U 15 -7.56 -34.30 39.38
N THR U 16 -7.92 -35.11 40.38
CA THR U 16 -8.88 -34.66 41.39
C THR U 16 -8.48 -33.31 41.96
N CYS U 17 -7.19 -33.16 42.27
CA CYS U 17 -6.76 -31.93 42.92
C CYS U 17 -6.75 -30.76 41.93
N GLU U 18 -6.46 -31.03 40.66
CA GLU U 18 -6.50 -29.98 39.64
C GLU U 18 -7.93 -29.52 39.39
N LEU U 19 -8.90 -30.44 39.42
CA LEU U 19 -10.30 -30.08 39.26
C LEU U 19 -10.81 -29.28 40.44
N THR U 20 -10.45 -29.70 41.65
CA THR U 20 -10.77 -28.89 42.83
C THR U 20 -10.18 -27.50 42.72
N ALA U 21 -8.95 -27.39 42.22
CA ALA U 21 -8.34 -26.09 42.01
C ALA U 21 -9.11 -25.26 40.99
N ILE U 22 -9.53 -25.86 39.89
CA ILE U 22 -10.31 -25.14 38.90
C ILE U 22 -11.55 -24.54 39.55
N ASN U 23 -12.28 -25.36 40.31
CA ASN U 23 -13.52 -24.88 40.90
C ASN U 23 -13.27 -23.76 41.90
N GLN U 24 -12.28 -23.94 42.78
CA GLN U 24 -11.99 -22.92 43.78
C GLN U 24 -11.52 -21.62 43.14
N TYR U 25 -10.64 -21.70 42.14
CA TYR U 25 -10.16 -20.51 41.47
C TYR U 25 -11.27 -19.79 40.74
N PHE U 26 -12.20 -20.52 40.13
CA PHE U 26 -13.27 -19.82 39.44
C PHE U 26 -14.25 -19.16 40.40
N LEU U 27 -14.60 -19.87 41.48
CA LEU U 27 -15.45 -19.23 42.48
C LEU U 27 -14.78 -17.99 43.05
N HIS U 28 -13.47 -18.04 43.29
CA HIS U 28 -12.78 -16.89 43.84
C HIS U 28 -12.68 -15.76 42.84
N ALA U 29 -12.45 -16.08 41.56
CA ALA U 29 -12.41 -15.04 40.53
C ALA U 29 -13.74 -14.33 40.42
N ARG U 30 -14.84 -15.07 40.54
CA ARG U 30 -16.13 -14.43 40.38
C ARG U 30 -16.57 -13.71 41.65
N MET U 31 -16.11 -14.18 42.82
CA MET U 31 -16.27 -13.39 44.04
C MET U 31 -15.48 -12.09 43.96
N PHE U 32 -14.32 -12.11 43.31
CA PHE U 32 -13.55 -10.89 43.15
C PHE U 32 -14.22 -9.93 42.17
N LYS U 33 -14.71 -10.46 41.05
CA LYS U 33 -15.48 -9.65 40.11
C LYS U 33 -16.71 -9.03 40.78
N HIS U 34 -17.36 -9.77 41.65
CA HIS U 34 -18.55 -9.27 42.31
C HIS U 34 -18.24 -8.07 43.22
N TRP U 35 -17.01 -7.99 43.71
CA TRP U 35 -16.55 -6.90 44.56
C TRP U 35 -15.88 -5.78 43.79
N GLY U 36 -15.81 -5.87 42.46
CA GLY U 36 -15.16 -4.86 41.67
C GLY U 36 -13.66 -4.94 41.62
N LEU U 37 -13.06 -5.94 42.25
CA LEU U 37 -11.61 -6.13 42.17
C LEU U 37 -11.34 -6.87 40.88
N GLU U 38 -11.04 -6.12 39.83
CA GLU U 38 -11.00 -6.67 38.48
C GLU U 38 -9.68 -7.34 38.16
N LYS U 39 -8.57 -6.80 38.67
CA LYS U 39 -7.28 -7.41 38.36
C LYS U 39 -7.12 -8.74 39.10
N LEU U 40 -7.73 -8.85 40.28
CA LEU U 40 -7.74 -10.11 41.00
C LEU U 40 -8.63 -11.13 40.29
N ASN U 41 -9.80 -10.69 39.83
CA ASN U 41 -10.60 -11.47 38.89
C ASN U 41 -9.75 -12.03 37.76
N HIS U 42 -9.03 -11.16 37.06
CA HIS U 42 -8.29 -11.58 35.88
C HIS U 42 -7.23 -12.62 36.24
N VAL U 43 -6.50 -12.40 37.34
CA VAL U 43 -5.48 -13.35 37.74
C VAL U 43 -6.09 -14.70 38.10
N GLU U 44 -7.14 -14.69 38.92
CA GLU U 44 -7.73 -15.95 39.36
C GLU U 44 -8.40 -16.68 38.22
N TYR U 45 -8.95 -15.95 37.26
CA TYR U 45 -9.54 -16.56 36.08
C TYR U 45 -8.48 -17.18 35.18
N LYS U 46 -7.38 -16.49 34.92
CA LYS U 46 -6.35 -17.10 34.09
C LYS U 46 -5.71 -18.28 34.82
N LYS U 47 -5.66 -18.25 36.15
CA LYS U 47 -5.17 -19.39 36.90
C LYS U 47 -6.12 -20.57 36.82
N SER U 48 -7.42 -20.32 36.84
CA SER U 48 -8.39 -21.40 36.68
C SER U 48 -8.31 -21.98 35.27
N ILE U 49 -8.11 -21.12 34.26
CA ILE U 49 -7.89 -21.60 32.89
C ILE U 49 -6.63 -22.45 32.82
N GLU U 50 -5.59 -22.05 33.57
CA GLU U 50 -4.34 -22.80 33.54
C GLU U 50 -4.52 -24.17 34.18
N ASP U 51 -5.18 -24.24 35.33
CA ASP U 51 -5.48 -25.54 35.92
C ASP U 51 -6.44 -26.35 35.06
N MET U 52 -7.23 -25.67 34.26
CA MET U 52 -8.08 -26.31 33.25
C MET U 52 -7.22 -27.04 32.22
N LYS U 53 -6.21 -26.36 31.68
CA LYS U 53 -5.26 -27.00 30.77
C LYS U 53 -4.52 -28.15 31.45
N HIS U 54 -4.17 -27.98 32.72
CA HIS U 54 -3.50 -29.06 33.45
C HIS U 54 -4.38 -30.29 33.58
N ALA U 55 -5.65 -30.08 33.93
CA ALA U 55 -6.57 -31.20 34.04
C ALA U 55 -6.77 -31.86 32.69
N ASP U 56 -6.81 -31.07 31.62
CA ASP U 56 -6.92 -31.64 30.28
C ASP U 56 -5.74 -32.55 29.98
N LYS U 57 -4.52 -32.08 30.27
CA LYS U 57 -3.33 -32.90 30.03
C LYS U 57 -3.33 -34.15 30.89
N LEU U 58 -3.77 -34.05 32.14
CA LEU U 58 -3.81 -35.24 32.99
C LEU U 58 -4.85 -36.25 32.50
N ILE U 59 -6.01 -35.76 32.05
CA ILE U 59 -7.02 -36.66 31.48
C ILE U 59 -6.47 -37.36 30.25
N GLU U 60 -5.81 -36.61 29.37
CA GLU U 60 -5.27 -37.22 28.16
C GLU U 60 -4.19 -38.24 28.50
N ARG U 61 -3.38 -37.97 29.52
CA ARG U 61 -2.34 -38.91 29.90
C ARG U 61 -2.93 -40.17 30.52
N VAL U 62 -3.96 -40.02 31.37
CA VAL U 62 -4.59 -41.19 31.98
C VAL U 62 -5.30 -42.01 30.91
N LEU U 63 -5.82 -41.36 29.88
CA LEU U 63 -6.47 -42.11 28.81
C LEU U 63 -5.45 -42.83 27.95
N PHE U 64 -4.34 -42.16 27.61
CA PHE U 64 -3.27 -42.81 26.85
C PHE U 64 -2.72 -44.01 27.59
N LEU U 65 -2.64 -43.93 28.91
CA LEU U 65 -2.13 -45.02 29.72
C LEU U 65 -3.18 -46.08 29.99
N GLU U 66 -4.29 -46.06 29.25
CA GLU U 66 -5.36 -47.04 29.34
C GLU U 66 -5.97 -47.10 30.74
N GLY U 67 -6.02 -45.94 31.40
CA GLY U 67 -6.70 -45.81 32.67
C GLY U 67 -8.03 -45.10 32.50
N LEU U 68 -8.73 -44.96 33.62
CA LEU U 68 -10.03 -44.30 33.64
C LEU U 68 -9.92 -42.97 34.35
N PRO U 69 -9.98 -41.84 33.66
CA PRO U 69 -9.93 -40.55 34.35
C PRO U 69 -11.11 -40.40 35.30
N ASN U 70 -10.81 -39.92 36.49
CA ASN U 70 -11.83 -39.75 37.54
C ASN U 70 -12.13 -38.26 37.64
N LEU U 71 -13.14 -37.82 36.89
CA LEU U 71 -13.63 -36.46 36.97
C LEU U 71 -14.79 -36.32 37.94
N GLN U 72 -15.20 -37.40 38.59
CA GLN U 72 -16.35 -37.35 39.48
C GLN U 72 -15.97 -36.81 40.85
N GLN U 73 -14.84 -37.23 41.39
CA GLN U 73 -14.46 -36.83 42.74
C GLN U 73 -13.88 -35.41 42.73
N LEU U 74 -14.22 -34.65 43.75
CA LEU U 74 -13.54 -33.40 44.06
C LEU U 74 -13.22 -33.34 45.54
N GLU U 75 -12.16 -32.62 45.85
CA GLU U 75 -11.74 -32.38 47.22
C GLU U 75 -12.59 -31.26 47.82
N LYS U 76 -12.41 -31.02 49.11
CA LYS U 76 -13.16 -29.96 49.77
C LYS U 76 -12.62 -28.61 49.32
N LEU U 77 -13.52 -27.68 49.01
CA LEU U 77 -13.12 -26.36 48.57
C LEU U 77 -12.95 -25.44 49.78
N ARG U 78 -11.87 -24.67 49.78
CA ARG U 78 -11.67 -23.64 50.78
C ARG U 78 -12.02 -22.31 50.14
N ILE U 79 -13.21 -21.81 50.46
CA ILE U 79 -13.73 -20.56 49.91
C ILE U 79 -13.64 -19.52 51.02
N GLY U 80 -12.90 -18.45 50.76
CA GLY U 80 -12.76 -17.40 51.74
C GLY U 80 -13.87 -16.38 51.67
N GLU U 81 -13.97 -15.59 52.74
CA GLU U 81 -14.96 -14.52 52.79
C GLU U 81 -14.42 -13.18 52.31
N HIS U 82 -13.14 -12.90 52.53
CA HIS U 82 -12.54 -11.65 52.10
C HIS U 82 -11.26 -11.95 51.33
N ALA U 83 -10.68 -10.91 50.75
CA ALA U 83 -9.56 -11.08 49.83
C ALA U 83 -8.39 -11.82 50.47
N GLN U 84 -7.97 -11.39 51.66
CA GLN U 84 -6.84 -12.04 52.33
C GLN U 84 -7.13 -13.52 52.60
N GLU U 85 -8.32 -13.83 53.07
CA GLU U 85 -8.67 -15.22 53.35
C GLU U 85 -8.70 -16.04 52.07
N MET U 86 -9.20 -15.47 50.98
CA MET U 86 -9.23 -16.18 49.72
C MET U 86 -7.82 -16.43 49.21
N LEU U 87 -6.93 -15.46 49.36
CA LEU U 87 -5.54 -15.65 48.94
C LEU U 87 -4.84 -16.68 49.80
N ASP U 88 -5.14 -16.71 51.11
CA ASP U 88 -4.56 -17.73 51.97
C ASP U 88 -5.08 -19.12 51.62
N CYS U 89 -6.37 -19.24 51.28
CA CYS U 89 -6.92 -20.53 50.89
C CYS U 89 -6.29 -21.00 49.59
N ASP U 90 -6.11 -20.09 48.63
CA ASP U 90 -5.42 -20.40 47.39
C ASP U 90 -3.98 -20.85 47.67
N LEU U 91 -3.31 -20.17 48.59
CA LEU U 91 -1.95 -20.54 48.97
C LEU U 91 -1.90 -21.95 49.55
N ALA U 92 -2.78 -22.23 50.49
CA ALA U 92 -2.82 -23.56 51.11
C ALA U 92 -3.06 -24.64 50.07
N MET U 93 -3.97 -24.38 49.13
CA MET U 93 -4.26 -25.38 48.12
C MET U 93 -3.09 -25.57 47.17
N VAL U 94 -2.41 -24.48 46.78
CA VAL U 94 -1.22 -24.62 45.94
C VAL U 94 -0.14 -25.42 46.67
N GLN U 95 0.03 -25.20 47.97
CA GLN U 95 1.07 -25.91 48.70
C GLN U 95 0.76 -27.40 48.80
N GLU U 96 -0.49 -27.74 49.16
CA GLU U 96 -0.89 -29.14 49.18
C GLU U 96 -0.69 -29.79 47.81
N GLN U 97 -1.04 -29.06 46.75
CA GLN U 97 -1.02 -29.63 45.42
C GLN U 97 0.41 -29.79 44.94
N LEU U 98 1.32 -28.93 45.43
CA LEU U 98 2.74 -29.05 45.10
C LEU U 98 3.36 -30.26 45.80
N THR U 99 3.02 -30.47 47.07
CA THR U 99 3.44 -31.69 47.75
C THR U 99 2.98 -32.92 46.99
N LEU U 100 1.72 -32.93 46.57
CA LEU U 100 1.19 -34.04 45.79
C LEU U 100 1.97 -34.23 44.49
N LEU U 101 2.24 -33.14 43.78
CA LEU U 101 2.97 -33.24 42.52
C LEU U 101 4.37 -33.80 42.74
N ARG U 102 5.01 -33.43 43.84
CA ARG U 102 6.37 -33.93 44.07
C ARG U 102 6.35 -35.42 44.36
N ASP U 103 5.38 -35.87 45.15
CA ASP U 103 5.23 -37.30 45.38
C ASP U 103 4.98 -38.05 44.07
N ALA U 104 4.15 -37.48 43.20
CA ALA U 104 3.84 -38.14 41.94
C ALA U 104 5.05 -38.16 41.01
N ILE U 105 5.86 -37.11 41.02
CA ILE U 105 7.08 -37.10 40.19
C ILE U 105 8.07 -38.13 40.69
N THR U 106 8.21 -38.25 42.01
CA THR U 106 9.07 -39.28 42.57
C THR U 106 8.61 -40.68 42.14
N LEU U 107 7.30 -40.93 42.23
CA LEU U 107 6.80 -42.25 41.85
C LEU U 107 6.96 -42.49 40.36
N CYS U 108 6.72 -41.47 39.54
CA CYS U 108 6.88 -41.62 38.09
C CYS U 108 8.32 -41.93 37.73
N GLU U 109 9.28 -41.34 38.45
CA GLU U 109 10.67 -41.68 38.22
C GLU U 109 10.98 -43.10 38.66
N ALA U 110 10.39 -43.54 39.79
CA ALA U 110 10.66 -44.88 40.27
C ALA U 110 10.11 -45.94 39.32
N GLU U 111 9.06 -45.62 38.56
CA GLU U 111 8.45 -46.54 37.62
C GLU U 111 8.93 -46.33 36.19
N GLN U 112 9.98 -45.55 35.98
CA GLN U 112 10.47 -45.20 34.65
C GLN U 112 9.37 -44.67 33.73
N ASP U 113 8.39 -43.97 34.29
CA ASP U 113 7.40 -43.25 33.49
C ASP U 113 7.90 -41.82 33.33
N TYR U 114 8.64 -41.59 32.25
CA TYR U 114 9.37 -40.34 32.11
C TYR U 114 8.55 -39.25 31.42
N VAL U 115 7.57 -39.62 30.61
CA VAL U 115 6.72 -38.60 30.00
C VAL U 115 5.62 -38.17 30.95
N SER U 116 5.14 -39.09 31.78
CA SER U 116 4.33 -38.69 32.91
C SER U 116 5.09 -37.73 33.81
N ARG U 117 6.37 -38.00 34.03
CA ARG U 117 7.18 -37.13 34.86
C ARG U 117 7.37 -35.76 34.21
N ASP U 118 7.57 -35.72 32.90
CA ASP U 118 7.69 -34.42 32.21
C ASP U 118 6.38 -33.63 32.31
N LEU U 119 5.24 -34.30 32.10
CA LEU U 119 3.95 -33.67 32.30
C LEU U 119 3.83 -33.07 33.70
N LEU U 120 4.13 -33.89 34.71
CA LEU U 120 3.99 -33.42 36.09
C LEU U 120 4.98 -32.32 36.41
N GLU U 121 6.12 -32.29 35.73
CA GLU U 121 7.09 -31.22 35.97
C GLU U 121 6.61 -29.91 35.37
N ASP U 122 5.94 -29.95 34.22
CA ASP U 122 5.30 -28.73 33.73
C ASP U 122 4.23 -28.25 34.68
N ILE U 123 3.39 -29.16 35.19
CA ILE U 123 2.39 -28.75 36.15
C ILE U 123 3.04 -28.18 37.40
N LEU U 124 4.18 -28.74 37.80
CA LEU U 124 4.88 -28.27 38.99
C LEU U 124 5.42 -26.86 38.80
N GLU U 125 6.06 -26.60 37.66
CA GLU U 125 6.58 -25.25 37.43
C GLU U 125 5.45 -24.24 37.37
N ASP U 126 4.32 -24.59 36.78
CA ASP U 126 3.20 -23.65 36.74
C ASP U 126 2.63 -23.39 38.13
N GLU U 127 2.40 -24.45 38.90
CA GLU U 127 1.83 -24.30 40.22
C GLU U 127 2.78 -23.52 41.12
N GLU U 128 4.07 -23.60 40.86
CA GLU U 128 5.03 -22.98 41.75
C GLU U 128 5.32 -21.54 41.32
N GLU U 129 5.07 -21.21 40.05
CA GLU U 129 4.95 -19.80 39.66
C GLU U 129 3.74 -19.14 40.30
N HIS U 130 2.60 -19.85 40.37
CA HIS U 130 1.46 -19.25 41.07
C HIS U 130 1.70 -19.15 42.57
N LEU U 131 2.40 -20.11 43.15
CA LEU U 131 2.83 -19.98 44.54
C LEU U 131 3.67 -18.71 44.73
N ASP U 132 4.60 -18.46 43.79
CA ASP U 132 5.38 -17.24 43.85
C ASP U 132 4.49 -16.01 43.79
N TRP U 133 3.51 -16.01 42.91
CA TRP U 133 2.61 -14.85 42.80
C TRP U 133 1.82 -14.64 44.08
N LEU U 134 1.32 -15.71 44.68
CA LEU U 134 0.54 -15.58 45.91
C LEU U 134 1.40 -15.06 47.05
N GLU U 135 2.65 -15.52 47.13
CA GLU U 135 3.54 -15.01 48.16
C GLU U 135 3.87 -13.54 47.91
N SER U 136 4.01 -13.15 46.64
CA SER U 136 4.20 -11.74 46.31
C SER U 136 3.02 -10.91 46.78
N GLN U 137 1.80 -11.41 46.57
CA GLN U 137 0.61 -10.68 46.99
C GLN U 137 0.55 -10.53 48.50
N ARG U 138 0.93 -11.58 49.23
CA ARG U 138 0.93 -11.47 50.68
C ARG U 138 1.97 -10.46 51.16
N GLU U 139 3.14 -10.45 50.53
CA GLU U 139 4.14 -9.46 50.88
C GLU U 139 3.68 -8.05 50.54
N LEU U 140 2.96 -7.89 49.43
CA LEU U 140 2.44 -6.59 49.05
C LEU U 140 1.37 -6.11 50.02
N ILE U 141 0.53 -7.02 50.51
CA ILE U 141 -0.44 -6.62 51.53
C ILE U 141 0.27 -6.22 52.81
N GLY U 142 1.34 -6.92 53.16
CA GLY U 142 2.10 -6.53 54.34
C GLY U 142 2.83 -5.22 54.17
N LEU U 143 3.16 -4.86 52.93
CA LEU U 143 3.94 -3.66 52.67
C LEU U 143 3.08 -2.42 52.52
N THR U 144 2.05 -2.50 51.67
CA THR U 144 1.22 -1.34 51.38
C THR U 144 -0.08 -1.32 52.18
N GLY U 145 -0.39 -2.37 52.92
CA GLY U 145 -1.67 -2.47 53.60
C GLY U 145 -2.73 -3.08 52.71
N ILE U 146 -3.81 -3.54 53.34
CA ILE U 146 -4.85 -4.24 52.60
C ILE U 146 -5.70 -3.25 51.79
N GLN U 147 -5.90 -2.04 52.32
CA GLN U 147 -6.70 -1.05 51.60
C GLN U 147 -5.97 -0.54 50.37
N ASN U 148 -4.67 -0.30 50.49
CA ASN U 148 -3.89 0.11 49.32
C ASN U 148 -3.75 -1.04 48.34
N TYR U 149 -3.59 -2.27 48.84
CA TYR U 149 -3.44 -3.41 47.95
C TYR U 149 -4.71 -3.64 47.15
N LEU U 150 -5.86 -3.58 47.82
CA LEU U 150 -7.13 -3.80 47.15
C LEU U 150 -7.45 -2.68 46.16
N GLN U 151 -6.99 -1.46 46.45
CA GLN U 151 -7.17 -0.37 45.52
C GLN U 151 -6.42 -0.61 44.21
N SER U 152 -5.30 -1.33 44.26
CA SER U 152 -4.52 -1.64 43.08
C SER U 152 -5.17 -2.72 42.22
N GLN U 153 -6.18 -3.40 42.73
CA GLN U 153 -6.86 -4.47 42.01
C GLN U 153 -8.15 -4.00 41.37
N ILE U 154 -8.54 -2.74 41.56
CA ILE U 154 -9.80 -2.24 41.03
C ILE U 154 -9.80 -2.28 39.51
N SER U 155 -8.72 -1.84 38.89
CA SER U 155 -8.61 -1.79 37.44
C SER U 155 -7.87 -3.01 36.93
N GLU U 156 -8.42 -3.66 35.90
CA GLU U 156 -7.87 -4.93 35.47
C GLU U 156 -6.52 -4.77 34.78
N SER U 157 -6.30 -3.63 34.14
CA SER U 157 -5.00 -3.36 33.53
C SER U 157 -4.63 -1.89 33.70
N MET V 1 -28.23 -7.01 44.60
CA MET V 1 -29.66 -7.12 44.82
C MET V 1 -29.96 -8.43 45.53
N LYS V 2 -30.74 -8.39 46.59
CA LYS V 2 -31.08 -9.60 47.33
C LYS V 2 -32.14 -10.38 46.56
N GLY V 3 -31.75 -11.56 46.08
CA GLY V 3 -32.66 -12.39 45.31
C GLY V 3 -33.51 -13.29 46.18
N HIS V 4 -34.53 -13.86 45.55
CA HIS V 4 -35.40 -14.79 46.24
C HIS V 4 -34.63 -16.05 46.62
N PRO V 5 -34.85 -16.60 47.81
CA PRO V 5 -34.16 -17.85 48.17
C PRO V 5 -34.49 -19.01 47.25
N LYS V 6 -35.74 -19.10 46.79
CA LYS V 6 -36.11 -20.18 45.87
C LYS V 6 -35.40 -20.02 44.54
N VAL V 7 -35.27 -18.79 44.04
CA VAL V 7 -34.60 -18.58 42.77
C VAL V 7 -33.12 -18.89 42.90
N VAL V 8 -32.51 -18.54 44.03
CA VAL V 8 -31.10 -18.84 44.23
C VAL V 8 -30.89 -20.34 44.36
N GLY V 9 -31.81 -21.03 45.03
CA GLY V 9 -31.72 -22.48 45.10
C GLY V 9 -31.84 -23.15 43.74
N GLN V 10 -32.80 -22.69 42.92
CA GLN V 10 -32.92 -23.23 41.57
C GLN V 10 -31.70 -22.92 40.73
N LEU V 11 -31.14 -21.72 40.86
CA LEU V 11 -29.94 -21.39 40.10
C LEU V 11 -28.76 -22.25 40.55
N ASN V 12 -28.69 -22.55 41.84
CA ASN V 12 -27.61 -23.39 42.34
C ASN V 12 -27.76 -24.82 41.86
N ARG V 13 -29.01 -25.28 41.72
CA ARG V 13 -29.23 -26.64 41.21
C ARG V 13 -28.93 -26.72 39.72
N VAL V 14 -29.33 -25.71 38.96
CA VAL V 14 -28.94 -25.64 37.55
C VAL V 14 -27.43 -25.53 37.43
N LEU V 15 -26.77 -24.92 38.41
CA LEU V 15 -25.32 -24.81 38.38
C LEU V 15 -24.66 -26.15 38.63
N THR V 16 -25.12 -26.88 39.64
CA THR V 16 -24.66 -28.26 39.84
C THR V 16 -24.77 -29.06 38.56
N CYS V 17 -25.90 -28.93 37.87
CA CYS V 17 -26.11 -29.75 36.70
C CYS V 17 -25.25 -29.28 35.53
N GLU V 18 -24.97 -27.98 35.45
CA GLU V 18 -24.10 -27.46 34.41
C GLU V 18 -22.66 -27.91 34.63
N LEU V 19 -22.23 -27.97 35.90
CA LEU V 19 -20.88 -28.44 36.21
C LEU V 19 -20.74 -29.92 35.91
N THR V 20 -21.74 -30.71 36.29
CA THR V 20 -21.75 -32.13 35.91
C THR V 20 -21.68 -32.29 34.39
N ALA V 21 -22.41 -31.45 33.66
CA ALA V 21 -22.35 -31.49 32.20
C ALA V 21 -20.95 -31.16 31.70
N ILE V 22 -20.30 -30.13 32.26
CA ILE V 22 -18.94 -29.80 31.86
C ILE V 22 -18.04 -31.01 32.00
N ASN V 23 -18.10 -31.66 33.16
CA ASN V 23 -17.20 -32.78 33.42
C ASN V 23 -17.48 -33.93 32.47
N GLN V 24 -18.75 -34.28 32.28
CA GLN V 24 -19.09 -35.39 31.41
C GLN V 24 -18.71 -35.12 29.97
N TYR V 25 -18.98 -33.89 29.48
CA TYR V 25 -18.63 -33.54 28.11
C TYR V 25 -17.14 -33.54 27.90
N PHE V 26 -16.35 -33.10 28.88
CA PHE V 26 -14.90 -33.12 28.67
C PHE V 26 -14.36 -34.53 28.70
N LEU V 27 -14.82 -35.35 29.64
CA LEU V 27 -14.38 -36.75 29.63
C LEU V 27 -14.74 -37.42 28.31
N HIS V 28 -15.93 -37.14 27.78
CA HIS V 28 -16.34 -37.76 26.53
C HIS V 28 -15.55 -37.23 25.35
N ALA V 29 -15.25 -35.93 25.34
CA ALA V 29 -14.44 -35.37 24.27
C ALA V 29 -13.05 -35.99 24.25
N ARG V 30 -12.48 -36.23 25.42
CA ARG V 30 -11.13 -36.77 25.45
C ARG V 30 -11.12 -38.28 25.21
N MET V 31 -12.19 -38.97 25.57
CA MET V 31 -12.36 -40.36 25.14
C MET V 31 -12.50 -40.45 23.63
N PHE V 32 -13.14 -39.46 23.00
CA PHE V 32 -13.26 -39.45 21.54
C PHE V 32 -11.92 -39.17 20.89
N LYS V 33 -11.18 -38.18 21.42
CA LYS V 33 -9.83 -37.92 20.93
C LYS V 33 -8.93 -39.13 21.07
N HIS V 34 -9.09 -39.89 22.15
CA HIS V 34 -8.25 -41.06 22.36
C HIS V 34 -8.49 -42.13 21.31
N TRP V 35 -9.69 -42.16 20.73
CA TRP V 35 -10.08 -43.09 19.68
C TRP V 35 -9.86 -42.56 18.29
N GLY V 36 -9.33 -41.35 18.14
CA GLY V 36 -9.11 -40.78 16.83
C GLY V 36 -10.33 -40.17 16.19
N LEU V 37 -11.47 -40.16 16.87
CA LEU V 37 -12.67 -39.51 16.36
C LEU V 37 -12.56 -38.04 16.70
N GLU V 38 -12.04 -37.27 15.75
CA GLU V 38 -11.63 -35.90 16.01
C GLU V 38 -12.78 -34.92 15.93
N LYS V 39 -13.74 -35.14 15.01
CA LYS V 39 -14.84 -34.21 14.90
C LYS V 39 -15.79 -34.35 16.09
N LEU V 40 -15.89 -35.56 16.64
CA LEU V 40 -16.67 -35.77 17.85
C LEU V 40 -15.98 -35.13 19.05
N ASN V 41 -14.66 -35.29 19.15
CA ASN V 41 -13.85 -34.49 20.06
C ASN V 41 -14.21 -33.02 19.99
N HIS V 42 -14.16 -32.44 18.79
CA HIS V 42 -14.35 -31.01 18.64
C HIS V 42 -15.74 -30.60 19.11
N VAL V 43 -16.77 -31.37 18.74
CA VAL V 43 -18.13 -31.03 19.14
C VAL V 43 -18.27 -31.11 20.66
N GLU V 44 -17.81 -32.20 21.26
CA GLU V 44 -17.99 -32.37 22.70
C GLU V 44 -17.17 -31.36 23.48
N TYR V 45 -16.01 -30.97 22.96
CA TYR V 45 -15.21 -29.96 23.60
C TYR V 45 -15.86 -28.58 23.52
N LYS V 46 -16.38 -28.19 22.36
CA LYS V 46 -17.05 -26.90 22.30
C LYS V 46 -18.31 -26.90 23.13
N LYS V 47 -18.97 -28.06 23.27
CA LYS V 47 -20.13 -28.15 24.14
C LYS V 47 -19.74 -28.02 25.61
N SER V 48 -18.60 -28.60 26.00
CA SER V 48 -18.14 -28.43 27.37
C SER V 48 -17.73 -26.98 27.63
N ILE V 49 -17.12 -26.33 26.64
CA ILE V 49 -16.83 -24.90 26.76
C ILE V 49 -18.13 -24.09 26.89
N GLU V 50 -19.17 -24.51 26.18
CA GLU V 50 -20.43 -23.79 26.24
C GLU V 50 -21.07 -23.94 27.62
N ASP V 51 -21.10 -25.16 28.16
CA ASP V 51 -21.60 -25.34 29.52
C ASP V 51 -20.72 -24.67 30.53
N MET V 52 -19.44 -24.48 30.20
CA MET V 52 -18.53 -23.69 31.01
C MET V 52 -18.99 -22.24 31.10
N LYS V 53 -19.31 -21.64 29.95
CA LYS V 53 -19.88 -20.30 29.93
C LYS V 53 -21.20 -20.23 30.69
N HIS V 54 -22.03 -21.27 30.56
CA HIS V 54 -23.30 -21.30 31.29
C HIS V 54 -23.08 -21.32 32.79
N ALA V 55 -22.14 -22.14 33.26
CA ALA V 55 -21.85 -22.18 34.68
C ALA V 55 -21.29 -20.86 35.15
N ASP V 56 -20.47 -20.21 34.34
CA ASP V 56 -19.96 -18.89 34.68
C ASP V 56 -21.10 -17.90 34.88
N LYS V 57 -22.05 -17.88 33.95
CA LYS V 57 -23.19 -16.97 34.07
C LYS V 57 -24.05 -17.29 35.29
N LEU V 58 -24.24 -18.57 35.59
CA LEU V 58 -25.02 -18.92 36.77
C LEU V 58 -24.31 -18.53 38.05
N ILE V 59 -22.99 -18.72 38.12
CA ILE V 59 -22.23 -18.29 39.29
C ILE V 59 -22.34 -16.78 39.46
N GLU V 60 -22.20 -16.03 38.37
CA GLU V 60 -22.29 -14.58 38.47
C GLU V 60 -23.68 -14.14 38.89
N ARG V 61 -24.71 -14.83 38.44
CA ARG V 61 -26.07 -14.48 38.83
C ARG V 61 -26.33 -14.81 40.29
N VAL V 62 -25.84 -15.96 40.77
CA VAL V 62 -26.03 -16.33 42.16
C VAL V 62 -25.26 -15.37 43.07
N LEU V 63 -24.12 -14.88 42.59
CA LEU V 63 -23.36 -13.92 43.39
C LEU V 63 -24.03 -12.56 43.42
N PHE V 64 -24.53 -12.10 42.27
CA PHE V 64 -25.26 -10.84 42.22
C PHE V 64 -26.49 -10.89 43.12
N LEU V 65 -27.16 -12.03 43.20
CA LEU V 65 -28.33 -12.19 44.04
C LEU V 65 -27.98 -12.45 45.49
N GLU V 66 -26.73 -12.19 45.88
CA GLU V 66 -26.26 -12.34 47.25
C GLU V 66 -26.45 -13.76 47.78
N GLY V 67 -26.31 -14.74 46.89
CA GLY V 67 -26.29 -16.13 47.28
C GLY V 67 -24.89 -16.69 47.26
N LEU V 68 -24.79 -17.96 47.63
CA LEU V 68 -23.51 -18.66 47.66
C LEU V 68 -23.46 -19.70 46.57
N PRO V 69 -22.70 -19.50 45.49
CA PRO V 69 -22.60 -20.52 44.45
C PRO V 69 -22.04 -21.81 45.00
N ASN V 70 -22.66 -22.91 44.62
CA ASN V 70 -22.28 -24.24 45.10
C ASN V 70 -21.55 -24.94 43.97
N LEU V 71 -20.23 -24.79 43.94
CA LEU V 71 -19.38 -25.50 42.99
C LEU V 71 -18.85 -26.80 43.55
N GLN V 72 -19.22 -27.15 44.77
CA GLN V 72 -18.68 -28.35 45.40
C GLN V 72 -19.43 -29.61 44.97
N GLN V 73 -20.75 -29.52 44.87
CA GLN V 73 -21.55 -30.69 44.54
C GLN V 73 -21.51 -30.96 43.04
N LEU V 74 -21.44 -32.23 42.68
CA LEU V 74 -21.69 -32.67 41.31
C LEU V 74 -22.63 -33.86 41.32
N GLU V 75 -23.37 -34.00 40.24
CA GLU V 75 -24.27 -35.12 40.03
C GLU V 75 -23.46 -36.32 39.55
N LYS V 76 -24.13 -37.46 39.45
CA LYS V 76 -23.45 -38.67 38.97
C LYS V 76 -23.20 -38.54 37.47
N LEU V 77 -22.00 -38.90 37.04
CA LEU V 77 -21.64 -38.82 35.64
C LEU V 77 -22.02 -40.11 34.93
N ARG V 78 -22.62 -40.00 33.76
CA ARG V 78 -22.89 -41.15 32.90
C ARG V 78 -21.83 -41.16 31.81
N ILE V 79 -20.83 -42.02 31.98
CA ILE V 79 -19.72 -42.16 31.05
C ILE V 79 -19.94 -43.44 30.27
N GLY V 80 -20.04 -43.32 28.95
CA GLY V 80 -20.25 -44.47 28.11
C GLY V 80 -18.95 -45.15 27.74
N GLU V 81 -19.07 -46.37 27.24
CA GLU V 81 -17.92 -47.14 26.78
C GLU V 81 -17.66 -46.98 25.30
N HIS V 82 -18.69 -46.80 24.48
CA HIS V 82 -18.55 -46.64 23.05
C HIS V 82 -19.33 -45.41 22.61
N ALA V 83 -19.15 -45.04 21.33
CA ALA V 83 -19.69 -43.79 20.82
C ALA V 83 -21.20 -43.68 21.02
N GLN V 84 -21.94 -44.71 20.62
CA GLN V 84 -23.39 -44.67 20.76
C GLN V 84 -23.81 -44.51 22.20
N GLU V 85 -23.18 -45.25 23.11
CA GLU V 85 -23.53 -45.15 24.52
C GLU V 85 -23.20 -43.76 25.07
N MET V 86 -22.07 -43.19 24.65
CA MET V 86 -21.72 -41.85 25.10
C MET V 86 -22.70 -40.81 24.59
N LEU V 87 -23.14 -40.97 23.34
CA LEU V 87 -24.13 -40.04 22.80
C LEU V 87 -25.48 -40.19 23.50
N ASP V 88 -25.86 -41.42 23.86
CA ASP V 88 -27.09 -41.62 24.61
C ASP V 88 -27.01 -41.04 26.01
N CYS V 89 -25.85 -41.17 26.66
CA CYS V 89 -25.67 -40.58 27.98
C CYS V 89 -25.75 -39.06 27.91
N ASP V 90 -25.12 -38.48 26.89
CA ASP V 90 -25.21 -37.05 26.67
C ASP V 90 -26.66 -36.62 26.42
N LEU V 91 -27.39 -37.41 25.65
CA LEU V 91 -28.80 -37.14 25.39
C LEU V 91 -29.61 -37.14 26.68
N ALA V 92 -29.44 -38.19 27.48
CA ALA V 92 -30.17 -38.29 28.74
C ALA V 92 -29.86 -37.11 29.65
N MET V 93 -28.60 -36.71 29.70
CA MET V 93 -28.25 -35.59 30.56
C MET V 93 -28.82 -34.28 30.05
N VAL V 94 -28.80 -34.06 28.73
CA VAL V 94 -29.42 -32.87 28.17
C VAL V 94 -30.91 -32.84 28.47
N GLN V 95 -31.58 -33.98 28.39
CA GLN V 95 -33.02 -34.01 28.62
C GLN V 95 -33.35 -33.71 30.09
N GLU V 96 -32.63 -34.35 31.02
CA GLU V 96 -32.82 -34.05 32.43
C GLU V 96 -32.56 -32.57 32.71
N GLN V 97 -31.52 -32.01 32.08
CA GLN V 97 -31.11 -30.65 32.37
C GLN V 97 -32.10 -29.66 31.77
N LEU V 98 -32.77 -30.06 30.67
CA LEU V 98 -33.80 -29.22 30.07
C LEU V 98 -35.06 -29.21 30.92
N THR V 99 -35.45 -30.36 31.45
CA THR V 99 -36.55 -30.40 32.42
C THR V 99 -36.27 -29.48 33.60
N LEU V 100 -35.05 -29.57 34.13
CA LEU V 100 -34.64 -28.70 35.24
C LEU V 100 -34.72 -27.22 34.85
N LEU V 101 -34.23 -26.88 33.67
CA LEU V 101 -34.27 -25.48 33.23
C LEU V 101 -35.69 -24.98 33.10
N ARG V 102 -36.60 -25.84 32.64
CA ARG V 102 -37.98 -25.40 32.47
C ARG V 102 -38.64 -25.15 33.81
N ASP V 103 -38.38 -26.03 34.78
CA ASP V 103 -38.88 -25.80 36.14
C ASP V 103 -38.32 -24.49 36.71
N ALA V 104 -37.04 -24.23 36.48
CA ALA V 104 -36.44 -23.02 37.02
C ALA V 104 -36.99 -21.77 36.34
N ILE V 105 -37.28 -21.84 35.03
CA ILE V 105 -37.86 -20.70 34.35
C ILE V 105 -39.27 -20.43 34.86
N THR V 106 -40.04 -21.48 35.09
CA THR V 106 -41.37 -21.32 35.66
C THR V 106 -41.30 -20.64 37.02
N LEU V 107 -40.37 -21.10 37.87
CA LEU V 107 -40.26 -20.50 39.20
C LEU V 107 -39.77 -19.05 39.12
N CYS V 108 -38.82 -18.77 38.22
CA CYS V 108 -38.33 -17.41 38.07
C CYS V 108 -39.43 -16.48 37.61
N GLU V 109 -40.33 -16.96 36.76
CA GLU V 109 -41.48 -16.15 36.37
C GLU V 109 -42.44 -15.95 37.53
N ALA V 110 -42.64 -16.99 38.35
CA ALA V 110 -43.57 -16.85 39.46
C ALA V 110 -43.05 -15.88 40.51
N GLU V 111 -41.74 -15.70 40.60
CA GLU V 111 -41.12 -14.79 41.55
C GLU V 111 -40.77 -13.44 40.95
N GLN V 112 -41.24 -13.14 39.74
CA GLN V 112 -40.89 -11.92 39.01
C GLN V 112 -39.38 -11.69 38.93
N ASP V 113 -38.60 -12.77 38.86
CA ASP V 113 -37.17 -12.67 38.58
C ASP V 113 -36.99 -12.83 37.08
N TYR V 114 -37.01 -11.71 36.37
CA TYR V 114 -37.08 -11.74 34.92
C TYR V 114 -35.72 -11.79 34.25
N VAL V 115 -34.66 -11.32 34.92
CA VAL V 115 -33.33 -11.43 34.33
C VAL V 115 -32.74 -12.79 34.62
N SER V 116 -33.07 -13.38 35.77
CA SER V 116 -32.79 -14.79 35.96
C SER V 116 -33.49 -15.62 34.90
N ARG V 117 -34.73 -15.27 34.57
CA ARG V 117 -35.46 -16.00 33.55
C ARG V 117 -34.83 -15.83 32.17
N ASP V 118 -34.35 -14.62 31.85
CA ASP V 118 -33.67 -14.42 30.58
C ASP V 118 -32.37 -15.23 30.50
N LEU V 119 -31.60 -15.24 31.57
CA LEU V 119 -30.42 -16.09 31.67
C LEU V 119 -30.77 -17.55 31.40
N LEU V 120 -31.77 -18.05 32.11
CA LEU V 120 -32.13 -19.45 31.98
C LEU V 120 -32.70 -19.75 30.62
N GLU V 121 -33.30 -18.76 29.95
CA GLU V 121 -33.80 -18.98 28.60
C GLU V 121 -32.68 -19.08 27.59
N ASP V 122 -31.61 -18.30 27.77
CA ASP V 122 -30.43 -18.50 26.94
C ASP V 122 -29.83 -19.89 27.16
N ILE V 123 -29.73 -20.31 28.41
CA ILE V 123 -29.21 -21.65 28.67
C ILE V 123 -30.12 -22.70 28.05
N LEU V 124 -31.43 -22.45 28.05
CA LEU V 124 -32.39 -23.40 27.49
C LEU V 124 -32.23 -23.51 25.99
N GLU V 125 -32.12 -22.39 25.30
CA GLU V 125 -31.95 -22.44 23.85
C GLU V 125 -30.66 -23.14 23.47
N ASP V 126 -29.59 -22.91 24.22
CA ASP V 126 -28.33 -23.59 23.92
C ASP V 126 -28.43 -25.09 24.17
N GLU V 127 -28.98 -25.49 25.31
CA GLU V 127 -29.09 -26.90 25.64
C GLU V 127 -29.99 -27.60 24.64
N GLU V 128 -30.95 -26.88 24.08
CA GLU V 128 -31.92 -27.53 23.21
C GLU V 128 -31.45 -27.53 21.76
N GLU V 129 -30.53 -26.63 21.41
CA GLU V 129 -29.75 -26.80 20.18
C GLU V 129 -28.83 -28.02 20.27
N HIS V 130 -28.20 -28.25 21.42
CA HIS V 130 -27.40 -29.47 21.53
C HIS V 130 -28.26 -30.72 21.55
N LEU V 131 -29.44 -30.66 22.15
CA LEU V 131 -30.38 -31.75 22.02
C LEU V 131 -30.71 -32.05 20.57
N ASP V 132 -30.93 -30.99 19.77
CA ASP V 132 -31.16 -31.16 18.35
C ASP V 132 -29.98 -31.85 17.67
N TRP V 133 -28.75 -31.44 18.01
CA TRP V 133 -27.58 -32.04 17.40
C TRP V 133 -27.45 -33.52 17.78
N LEU V 134 -27.71 -33.86 19.04
CA LEU V 134 -27.61 -35.25 19.46
C LEU V 134 -28.66 -36.11 18.76
N GLU V 135 -29.87 -35.58 18.61
CA GLU V 135 -30.89 -36.33 17.89
C GLU V 135 -30.53 -36.49 16.42
N SER V 136 -29.91 -35.47 15.83
CA SER V 136 -29.40 -35.58 14.47
C SER V 136 -28.37 -36.70 14.36
N GLN V 137 -27.46 -36.78 15.33
CA GLN V 137 -26.43 -37.82 15.32
C GLN V 137 -27.04 -39.20 15.43
N ARG V 138 -28.07 -39.34 16.27
CA ARG V 138 -28.71 -40.64 16.39
C ARG V 138 -29.40 -41.03 15.09
N GLU V 139 -30.06 -40.07 14.45
CA GLU V 139 -30.68 -40.35 13.16
C GLU V 139 -29.65 -40.70 12.10
N LEU V 140 -28.49 -40.04 12.15
CA LEU V 140 -27.43 -40.33 11.18
C LEU V 140 -26.85 -41.72 11.41
N ILE V 141 -26.72 -42.14 12.66
CA ILE V 141 -26.27 -43.50 12.93
C ILE V 141 -27.31 -44.51 12.42
N GLY V 142 -28.59 -44.19 12.60
CA GLY V 142 -29.61 -45.08 12.07
C GLY V 142 -29.66 -45.11 10.56
N LEU V 143 -29.21 -44.04 9.90
CA LEU V 143 -29.29 -43.93 8.45
C LEU V 143 -28.08 -44.53 7.77
N THR V 144 -26.88 -44.13 8.18
CA THR V 144 -25.67 -44.58 7.52
C THR V 144 -24.99 -45.74 8.22
N GLY V 145 -25.46 -46.13 9.40
CA GLY V 145 -24.77 -47.14 10.17
C GLY V 145 -23.70 -46.54 11.08
N ILE V 146 -23.30 -47.33 12.07
CA ILE V 146 -22.35 -46.81 13.06
C ILE V 146 -20.95 -46.76 12.48
N GLN V 147 -20.61 -47.69 11.59
CA GLN V 147 -19.27 -47.68 11.00
C GLN V 147 -19.10 -46.52 10.04
N ASN V 148 -20.12 -46.24 9.23
CA ASN V 148 -20.06 -45.08 8.35
C ASN V 148 -20.11 -43.79 9.14
N TYR V 149 -20.91 -43.75 10.21
CA TYR V 149 -21.02 -42.54 11.00
C TYR V 149 -19.71 -42.22 11.68
N LEU V 150 -19.07 -43.24 12.27
CA LEU V 150 -17.80 -43.03 12.95
C LEU V 150 -16.69 -42.66 11.98
N GLN V 151 -16.77 -43.15 10.75
CA GLN V 151 -15.79 -42.77 9.74
C GLN V 151 -15.87 -41.30 9.40
N SER V 152 -17.06 -40.70 9.53
CA SER V 152 -17.24 -39.28 9.26
C SER V 152 -16.70 -38.40 10.37
N GLN V 153 -16.36 -38.97 11.52
CA GLN V 153 -15.85 -38.24 12.66
C GLN V 153 -14.34 -38.29 12.77
N ILE V 154 -13.67 -39.02 11.87
CA ILE V 154 -12.22 -39.18 11.95
C ILE V 154 -11.52 -37.84 11.76
N SER V 155 -11.95 -37.06 10.78
CA SER V 155 -11.34 -35.78 10.49
C SER V 155 -12.14 -34.66 11.13
N GLU V 156 -11.44 -33.74 11.80
CA GLU V 156 -12.13 -32.74 12.59
C GLU V 156 -12.85 -31.72 11.71
N SER V 157 -12.32 -31.45 10.53
CA SER V 157 -12.99 -30.55 9.59
C SER V 157 -12.84 -31.06 8.17
N MET W 1 -36.73 -33.53 20.09
CA MET W 1 -37.55 -33.45 21.29
C MET W 1 -39.00 -33.51 20.91
N LYS W 2 -39.78 -34.36 21.58
CA LYS W 2 -41.19 -34.49 21.27
C LYS W 2 -41.95 -33.31 21.87
N GLY W 3 -42.50 -32.47 21.01
CA GLY W 3 -43.22 -31.29 21.44
C GLY W 3 -44.69 -31.58 21.73
N HIS W 4 -45.31 -30.62 22.40
CA HIS W 4 -46.73 -30.73 22.70
C HIS W 4 -47.55 -30.69 21.41
N PRO W 5 -48.60 -31.50 21.30
CA PRO W 5 -49.42 -31.44 20.09
C PRO W 5 -50.08 -30.10 19.88
N LYS W 6 -50.51 -29.44 20.95
CA LYS W 6 -51.12 -28.12 20.82
C LYS W 6 -50.12 -27.09 20.32
N VAL W 7 -48.88 -27.16 20.81
CA VAL W 7 -47.88 -26.21 20.38
C VAL W 7 -47.52 -26.45 18.92
N VAL W 8 -47.46 -27.71 18.49
CA VAL W 8 -47.16 -28.01 17.10
C VAL W 8 -48.31 -27.57 16.20
N GLY W 9 -49.54 -27.74 16.67
CA GLY W 9 -50.68 -27.23 15.90
C GLY W 9 -50.67 -25.73 15.76
N GLN W 10 -50.38 -25.01 16.84
CA GLN W 10 -50.27 -23.56 16.77
C GLN W 10 -49.14 -23.13 15.87
N LEU W 11 -48.01 -23.81 15.93
CA LEU W 11 -46.89 -23.46 15.06
C LEU W 11 -47.24 -23.72 13.61
N ASN W 12 -48.00 -24.78 13.34
CA ASN W 12 -48.40 -25.07 11.97
C ASN W 12 -49.39 -24.04 11.46
N ARG W 13 -50.23 -23.52 12.34
CA ARG W 13 -51.18 -22.50 11.92
C ARG W 13 -50.48 -21.16 11.69
N VAL W 14 -49.53 -20.80 12.55
CA VAL W 14 -48.70 -19.64 12.31
C VAL W 14 -47.90 -19.81 11.02
N LEU W 15 -47.54 -21.06 10.69
CA LEU W 15 -46.81 -21.32 9.46
C LEU W 15 -47.68 -21.12 8.23
N THR W 16 -48.90 -21.66 8.26
CA THR W 16 -49.86 -21.37 7.19
C THR W 16 -50.00 -19.88 6.98
N CYS W 17 -50.09 -19.12 8.07
CA CYS W 17 -50.33 -17.70 7.92
C CYS W 17 -49.08 -16.98 7.43
N GLU W 18 -47.90 -17.46 7.81
CA GLU W 18 -46.65 -16.87 7.32
C GLU W 18 -46.47 -17.14 5.83
N LEU W 19 -46.87 -18.33 5.37
CA LEU W 19 -46.79 -18.64 3.95
C LEU W 19 -47.76 -17.80 3.13
N THR W 20 -49.00 -17.66 3.63
CA THR W 20 -49.94 -16.76 2.99
C THR W 20 -49.39 -15.35 2.93
N ALA W 21 -48.72 -14.89 3.99
CA ALA W 21 -48.11 -13.57 3.98
C ALA W 21 -47.02 -13.48 2.93
N ILE W 22 -46.17 -14.50 2.81
CA ILE W 22 -45.13 -14.49 1.79
C ILE W 22 -45.75 -14.30 0.42
N ASN W 23 -46.78 -15.07 0.11
CA ASN W 23 -47.39 -15.01 -1.21
C ASN W 23 -48.01 -13.64 -1.47
N GLN W 24 -48.76 -13.13 -0.50
CA GLN W 24 -49.43 -11.84 -0.69
C GLN W 24 -48.40 -10.71 -0.82
N TYR W 25 -47.36 -10.73 0.01
CA TYR W 25 -46.34 -9.68 -0.07
C TYR W 25 -45.59 -9.73 -1.38
N PHE W 26 -45.32 -10.92 -1.91
CA PHE W 26 -44.60 -10.97 -3.18
C PHE W 26 -45.48 -10.52 -4.34
N LEU W 27 -46.74 -10.96 -4.35
CA LEU W 27 -47.64 -10.47 -5.40
C LEU W 27 -47.76 -8.96 -5.33
N HIS W 28 -47.84 -8.39 -4.13
CA HIS W 28 -47.98 -6.95 -4.01
C HIS W 28 -46.70 -6.23 -4.40
N ALA W 29 -45.54 -6.79 -4.06
CA ALA W 29 -44.27 -6.18 -4.46
C ALA W 29 -44.15 -6.15 -5.97
N ARG W 30 -44.59 -7.21 -6.64
CA ARG W 30 -44.44 -7.23 -8.09
C ARG W 30 -45.51 -6.42 -8.79
N MET W 31 -46.70 -6.30 -8.19
CA MET W 31 -47.67 -5.32 -8.67
C MET W 31 -47.16 -3.90 -8.52
N PHE W 32 -46.39 -3.63 -7.46
CA PHE W 32 -45.81 -2.29 -7.28
C PHE W 32 -44.71 -2.04 -8.30
N LYS W 33 -43.84 -3.03 -8.52
CA LYS W 33 -42.83 -2.92 -9.57
C LYS W 33 -43.44 -2.71 -10.94
N HIS W 34 -44.57 -3.36 -11.21
CA HIS W 34 -45.22 -3.21 -12.50
C HIS W 34 -45.72 -1.80 -12.74
N TRP W 35 -46.03 -1.07 -11.67
CA TRP W 35 -46.48 0.31 -11.72
C TRP W 35 -45.37 1.32 -11.60
N GLY W 36 -44.11 0.88 -11.50
CA GLY W 36 -43.01 1.80 -11.35
C GLY W 36 -42.78 2.34 -9.97
N LEU W 37 -43.57 1.91 -8.99
CA LEU W 37 -43.38 2.31 -7.61
C LEU W 37 -42.31 1.40 -7.03
N GLU W 38 -41.06 1.86 -7.09
CA GLU W 38 -39.92 1.00 -6.81
C GLU W 38 -39.62 0.89 -5.33
N LYS W 39 -39.82 1.96 -4.56
CA LYS W 39 -39.52 1.88 -3.13
C LYS W 39 -40.57 1.02 -2.41
N LEU W 40 -41.79 1.03 -2.92
CA LEU W 40 -42.82 0.14 -2.39
C LEU W 40 -42.53 -1.31 -2.75
N ASN W 41 -42.11 -1.55 -4.00
CA ASN W 41 -41.53 -2.83 -4.37
C ASN W 41 -40.49 -3.29 -3.36
N HIS W 42 -39.50 -2.45 -3.09
CA HIS W 42 -38.39 -2.86 -2.24
C HIS W 42 -38.88 -3.21 -0.83
N VAL W 43 -39.78 -2.39 -0.28
CA VAL W 43 -40.28 -2.67 1.06
C VAL W 43 -41.06 -3.98 1.08
N GLU W 44 -41.97 -4.16 0.14
CA GLU W 44 -42.80 -5.36 0.15
C GLU W 44 -41.99 -6.61 -0.13
N TYR W 45 -40.95 -6.49 -0.95
CA TYR W 45 -40.06 -7.62 -1.21
C TYR W 45 -39.24 -7.97 0.01
N LYS W 46 -38.67 -7.00 0.70
CA LYS W 46 -37.90 -7.34 1.90
C LYS W 46 -38.82 -7.88 2.99
N LYS W 47 -40.08 -7.44 3.00
CA LYS W 47 -41.04 -8.00 3.95
C LYS W 47 -41.40 -9.44 3.60
N SER W 48 -41.52 -9.74 2.32
CA SER W 48 -41.77 -11.13 1.92
C SER W 48 -40.57 -12.01 2.23
N ILE W 49 -39.36 -11.49 2.05
CA ILE W 49 -38.15 -12.21 2.45
C ILE W 49 -38.14 -12.43 3.97
N GLU W 50 -38.62 -11.45 4.72
CA GLU W 50 -38.64 -11.59 6.17
C GLU W 50 -39.63 -12.65 6.61
N ASP W 51 -40.84 -12.65 6.04
CA ASP W 51 -41.78 -13.72 6.33
C ASP W 51 -41.30 -15.06 5.81
N MET W 52 -40.45 -15.04 4.81
CA MET W 52 -39.77 -16.24 4.33
C MET W 52 -38.86 -16.81 5.41
N LYS W 53 -38.04 -15.97 6.03
CA LYS W 53 -37.23 -16.39 7.16
C LYS W 53 -38.08 -16.88 8.32
N HIS W 54 -39.21 -16.22 8.57
CA HIS W 54 -40.11 -16.65 9.64
C HIS W 54 -40.67 -18.04 9.37
N ALA W 55 -41.10 -18.28 8.14
CA ALA W 55 -41.62 -19.59 7.79
C ALA W 55 -40.54 -20.65 7.90
N ASP W 56 -39.31 -20.29 7.52
CA ASP W 56 -38.20 -21.22 7.68
C ASP W 56 -38.00 -21.60 9.13
N LYS W 57 -38.00 -20.62 10.03
CA LYS W 57 -37.84 -20.90 11.45
C LYS W 57 -39.00 -21.73 11.99
N LEU W 58 -40.22 -21.46 11.56
CA LEU W 58 -41.35 -22.25 12.03
C LEU W 58 -41.28 -23.69 11.53
N ILE W 59 -40.87 -23.89 10.28
CA ILE W 59 -40.69 -25.24 9.75
C ILE W 59 -39.63 -25.98 10.55
N GLU W 60 -38.51 -25.32 10.82
CA GLU W 60 -37.45 -25.98 11.58
C GLU W 60 -37.89 -26.30 12.99
N ARG W 61 -38.71 -25.44 13.60
CA ARG W 61 -39.19 -25.71 14.95
C ARG W 61 -40.20 -26.85 14.96
N VAL W 62 -41.08 -26.90 13.96
CA VAL W 62 -42.06 -27.98 13.90
C VAL W 62 -41.37 -29.31 13.62
N LEU W 63 -40.26 -29.27 12.87
CA LEU W 63 -39.52 -30.50 12.61
C LEU W 63 -38.75 -30.95 13.84
N PHE W 64 -38.11 -30.02 14.54
CA PHE W 64 -37.42 -30.35 15.78
C PHE W 64 -38.38 -30.94 16.81
N LEU W 65 -39.61 -30.44 16.85
CA LEU W 65 -40.61 -30.95 17.78
C LEU W 65 -41.29 -32.20 17.28
N GLU W 66 -40.71 -32.86 16.29
CA GLU W 66 -41.20 -34.14 15.74
C GLU W 66 -42.63 -34.01 15.22
N GLY W 67 -42.96 -32.85 14.67
CA GLY W 67 -44.21 -32.64 13.99
C GLY W 67 -44.03 -32.63 12.49
N LEU W 68 -45.16 -32.47 11.79
CA LEU W 68 -45.16 -32.44 10.33
C LEU W 68 -45.48 -31.03 9.86
N PRO W 69 -44.52 -30.29 9.31
CA PRO W 69 -44.83 -28.95 8.80
C PRO W 69 -45.85 -29.02 7.67
N ASN W 70 -46.83 -28.14 7.72
CA ASN W 70 -47.90 -28.11 6.74
C ASN W 70 -47.64 -26.93 5.83
N LEU W 71 -46.94 -27.18 4.73
CA LEU W 71 -46.72 -26.18 3.70
C LEU W 71 -47.75 -26.25 2.59
N GLN W 72 -48.72 -27.16 2.69
CA GLN W 72 -49.69 -27.33 1.63
C GLN W 72 -50.81 -26.31 1.72
N GLN W 73 -51.31 -26.05 2.93
CA GLN W 73 -52.43 -25.15 3.10
C GLN W 73 -51.97 -23.70 3.02
N LEU W 74 -52.79 -22.87 2.36
CA LEU W 74 -52.67 -21.43 2.44
C LEU W 74 -54.02 -20.81 2.71
N GLU W 75 -54.00 -19.66 3.36
CA GLU W 75 -55.18 -18.87 3.63
C GLU W 75 -55.56 -18.08 2.37
N LYS W 76 -56.72 -17.42 2.43
CA LYS W 76 -57.15 -16.63 1.30
C LYS W 76 -56.31 -15.38 1.21
N LEU W 77 -55.88 -15.04 -0.01
CA LEU W 77 -55.06 -13.86 -0.23
C LEU W 77 -55.94 -12.65 -0.47
N ARG W 78 -55.61 -11.54 0.17
CA ARG W 78 -56.26 -10.26 -0.10
C ARG W 78 -55.34 -9.45 -0.98
N ILE W 79 -55.66 -9.42 -2.28
CA ILE W 79 -54.87 -8.73 -3.28
C ILE W 79 -55.64 -7.46 -3.65
N GLY W 80 -55.02 -6.31 -3.45
CA GLY W 80 -55.66 -5.06 -3.78
C GLY W 80 -55.47 -4.66 -5.22
N GLU W 81 -56.28 -3.71 -5.66
CA GLU W 81 -56.18 -3.17 -7.01
C GLU W 81 -55.28 -1.95 -7.11
N HIS W 82 -55.26 -1.10 -6.07
CA HIS W 82 -54.44 0.09 -6.07
C HIS W 82 -53.64 0.13 -4.78
N ALA W 83 -52.72 1.10 -4.70
CA ALA W 83 -51.76 1.16 -3.62
C ALA W 83 -52.41 1.19 -2.26
N GLN W 84 -53.39 2.08 -2.06
CA GLN W 84 -54.05 2.18 -0.76
C GLN W 84 -54.74 0.88 -0.38
N GLU W 85 -55.42 0.24 -1.33
CA GLU W 85 -56.10 -1.00 -1.03
C GLU W 85 -55.10 -2.10 -0.70
N MET W 86 -53.98 -2.14 -1.40
CA MET W 86 -52.95 -3.14 -1.11
C MET W 86 -52.35 -2.93 0.27
N LEU W 87 -52.14 -1.67 0.65
CA LEU W 87 -51.61 -1.38 1.98
C LEU W 87 -52.62 -1.74 3.06
N ASP W 88 -53.91 -1.50 2.80
CA ASP W 88 -54.94 -1.89 3.76
C ASP W 88 -55.04 -3.40 3.89
N CYS W 89 -54.91 -4.13 2.78
CA CYS W 89 -54.94 -5.59 2.85
C CYS W 89 -53.74 -6.12 3.62
N ASP W 90 -52.57 -5.54 3.39
CA ASP W 90 -51.38 -5.89 4.15
C ASP W 90 -51.58 -5.60 5.63
N LEU W 91 -52.20 -4.46 5.96
CA LEU W 91 -52.47 -4.11 7.33
C LEU W 91 -53.40 -5.13 7.99
N ALA W 92 -54.49 -5.47 7.31
CA ALA W 92 -55.44 -6.44 7.85
C ALA W 92 -54.77 -7.78 8.10
N MET W 93 -53.91 -8.20 7.17
CA MET W 93 -53.24 -9.49 7.34
C MET W 93 -52.24 -9.45 8.48
N VAL W 94 -51.50 -8.34 8.63
CA VAL W 94 -50.59 -8.21 9.76
C VAL W 94 -51.35 -8.24 11.08
N GLN W 95 -52.51 -7.60 11.13
CA GLN W 95 -53.27 -7.57 12.38
C GLN W 95 -53.80 -8.95 12.74
N GLU W 96 -54.39 -9.65 11.77
CA GLU W 96 -54.84 -11.02 12.02
C GLU W 96 -53.68 -11.91 12.46
N GLN W 97 -52.52 -11.73 11.84
CA GLN W 97 -51.39 -12.60 12.11
C GLN W 97 -50.79 -12.28 13.47
N LEU W 98 -50.92 -11.03 13.92
CA LEU W 98 -50.46 -10.65 15.24
C LEU W 98 -51.37 -11.22 16.33
N THR W 99 -52.68 -11.17 16.11
CA THR W 99 -53.60 -11.85 17.02
C THR W 99 -53.26 -13.32 17.14
N LEU W 100 -53.02 -13.97 16.00
CA LEU W 100 -52.63 -15.38 16.00
C LEU W 100 -51.34 -15.60 16.79
N LEU W 101 -50.34 -14.76 16.56
CA LEU W 101 -49.07 -14.92 17.27
C LEU W 101 -49.25 -14.76 18.77
N ARG W 102 -50.13 -13.85 19.20
CA ARG W 102 -50.32 -13.65 20.63
C ARG W 102 -50.99 -14.85 21.26
N ASP W 103 -51.99 -15.41 20.58
CA ASP W 103 -52.60 -16.65 21.06
C ASP W 103 -51.58 -17.77 21.15
N ALA W 104 -50.71 -17.88 20.16
CA ALA W 104 -49.71 -18.95 20.18
C ALA W 104 -48.68 -18.74 21.27
N ILE W 105 -48.30 -17.49 21.56
CA ILE W 105 -47.36 -17.23 22.64
C ILE W 105 -47.99 -17.56 23.99
N THR W 106 -49.27 -17.22 24.16
CA THR W 106 -49.96 -17.59 25.39
C THR W 106 -49.98 -19.10 25.57
N LEU W 107 -50.29 -19.83 24.51
CA LEU W 107 -50.34 -21.29 24.62
C LEU W 107 -48.96 -21.87 24.87
N CYS W 108 -47.94 -21.34 24.21
CA CYS W 108 -46.58 -21.83 24.42
C CYS W 108 -46.13 -21.60 25.85
N GLU W 109 -46.55 -20.49 26.46
CA GLU W 109 -46.23 -20.27 27.86
C GLU W 109 -47.01 -21.23 28.76
N ALA W 110 -48.26 -21.52 28.42
CA ALA W 110 -49.05 -22.43 29.24
C ALA W 110 -48.49 -23.85 29.20
N GLU W 111 -47.81 -24.22 28.12
CA GLU W 111 -47.23 -25.55 27.96
C GLU W 111 -45.75 -25.60 28.31
N GLN W 112 -45.21 -24.55 28.92
CA GLN W 112 -43.79 -24.43 29.21
C GLN W 112 -42.90 -24.69 27.99
N ASP W 113 -43.38 -24.34 26.80
CA ASP W 113 -42.55 -24.36 25.60
C ASP W 113 -41.95 -22.98 25.43
N TYR W 114 -40.76 -22.78 26.00
CA TYR W 114 -40.21 -21.45 26.12
C TYR W 114 -39.36 -21.05 24.92
N VAL W 115 -38.81 -22.02 24.19
CA VAL W 115 -38.05 -21.66 22.99
C VAL W 115 -38.99 -21.47 21.81
N SER W 116 -40.08 -22.22 21.77
CA SER W 116 -41.17 -21.88 20.85
C SER W 116 -41.68 -20.47 21.13
N ARG W 117 -41.79 -20.11 22.40
CA ARG W 117 -42.25 -18.77 22.76
C ARG W 117 -41.25 -17.71 22.34
N ASP W 118 -39.95 -17.98 22.49
CA ASP W 118 -38.94 -17.02 22.05
C ASP W 118 -38.98 -16.84 20.53
N LEU W 119 -39.11 -17.94 19.80
CA LEU W 119 -39.30 -17.88 18.34
C LEU W 119 -40.49 -17.01 17.98
N LEU W 120 -41.64 -17.28 18.60
CA LEU W 120 -42.84 -16.55 18.27
C LEU W 120 -42.74 -15.09 18.70
N GLU W 121 -41.94 -14.79 19.71
CA GLU W 121 -41.76 -13.40 20.11
C GLU W 121 -40.90 -12.65 19.13
N ASP W 122 -39.89 -13.29 18.53
CA ASP W 122 -39.17 -12.65 17.43
C ASP W 122 -40.10 -12.40 16.25
N ILE W 123 -40.92 -13.38 15.90
CA ILE W 123 -41.86 -13.16 14.80
C ILE W 123 -42.82 -12.03 15.15
N LEU W 124 -43.22 -11.92 16.42
CA LEU W 124 -44.14 -10.88 16.85
C LEU W 124 -43.52 -9.50 16.72
N GLU W 125 -42.27 -9.34 17.18
CA GLU W 125 -41.63 -8.04 17.08
C GLU W 125 -41.45 -7.64 15.62
N ASP W 126 -41.11 -8.60 14.75
CA ASP W 126 -40.97 -8.26 13.33
C ASP W 126 -42.31 -7.86 12.72
N GLU W 127 -43.35 -8.65 12.95
CA GLU W 127 -44.65 -8.35 12.38
C GLU W 127 -45.17 -7.03 12.89
N GLU W 128 -44.79 -6.65 14.10
CA GLU W 128 -45.35 -5.45 14.69
C GLU W 128 -44.52 -4.22 14.33
N GLU W 129 -43.25 -4.41 13.97
CA GLU W 129 -42.51 -3.36 13.25
C GLU W 129 -43.11 -3.10 11.86
N HIS W 130 -43.51 -4.16 11.14
CA HIS W 130 -44.16 -3.92 9.86
C HIS W 130 -45.54 -3.29 10.03
N LEU W 131 -46.27 -3.65 11.08
CA LEU W 131 -47.50 -2.95 11.41
C LEU W 131 -47.24 -1.47 11.62
N ASP W 132 -46.17 -1.14 12.34
CA ASP W 132 -45.78 0.26 12.53
C ASP W 132 -45.52 0.94 11.20
N TRP W 133 -44.80 0.27 10.30
CA TRP W 133 -44.50 0.87 9.00
C TRP W 133 -45.77 1.10 8.18
N LEU W 134 -46.69 0.14 8.19
CA LEU W 134 -47.93 0.31 7.44
C LEU W 134 -48.77 1.44 7.99
N GLU W 135 -48.81 1.58 9.32
CA GLU W 135 -49.55 2.69 9.90
C GLU W 135 -48.88 4.01 9.56
N SER W 136 -47.55 4.04 9.53
CA SER W 136 -46.84 5.24 9.08
C SER W 136 -47.20 5.60 7.65
N GLN W 137 -47.29 4.60 6.77
CA GLN W 137 -47.65 4.86 5.38
C GLN W 137 -49.06 5.40 5.26
N ARG W 138 -49.99 4.88 6.05
CA ARG W 138 -51.35 5.40 6.01
C ARG W 138 -51.40 6.83 6.50
N GLU W 139 -50.65 7.15 7.56
CA GLU W 139 -50.60 8.53 8.04
C GLU W 139 -49.96 9.44 7.00
N LEU W 140 -48.95 8.96 6.29
CA LEU W 140 -48.30 9.75 5.26
C LEU W 140 -49.24 10.01 4.09
N ILE W 141 -50.05 9.03 3.72
CA ILE W 141 -51.04 9.26 2.67
C ILE W 141 -52.06 10.28 3.14
N GLY W 142 -52.46 10.22 4.40
CA GLY W 142 -53.38 11.21 4.92
C GLY W 142 -52.78 12.60 5.02
N LEU W 143 -51.45 12.68 5.15
CA LEU W 143 -50.79 13.96 5.35
C LEU W 143 -50.43 14.62 4.02
N THR W 144 -49.77 13.89 3.14
CA THR W 144 -49.30 14.46 1.88
C THR W 144 -50.21 14.18 0.70
N GLY W 145 -51.24 13.35 0.88
CA GLY W 145 -52.07 12.94 -0.23
C GLY W 145 -51.51 11.71 -0.93
N ILE W 146 -52.38 11.06 -1.70
CA ILE W 146 -51.98 9.81 -2.34
C ILE W 146 -51.07 10.07 -3.52
N GLN W 147 -51.27 11.18 -4.22
CA GLN W 147 -50.43 11.49 -5.38
C GLN W 147 -49.02 11.88 -4.94
N ASN W 148 -48.90 12.65 -3.87
CA ASN W 148 -47.59 12.98 -3.35
C ASN W 148 -46.93 11.77 -2.72
N TYR W 149 -47.71 10.93 -2.04
CA TYR W 149 -47.14 9.73 -1.42
C TYR W 149 -46.60 8.77 -2.46
N LEU W 150 -47.37 8.55 -3.52
CA LEU W 150 -46.94 7.64 -4.57
C LEU W 150 -45.75 8.18 -5.34
N GLN W 151 -45.63 9.50 -5.45
CA GLN W 151 -44.47 10.10 -6.08
C GLN W 151 -43.20 9.82 -5.30
N SER W 152 -43.31 9.68 -3.98
CA SER W 152 -42.15 9.38 -3.15
C SER W 152 -41.70 7.93 -3.26
N GLN W 153 -42.50 7.08 -3.88
CA GLN W 153 -42.17 5.67 -4.03
C GLN W 153 -41.60 5.34 -5.40
N ILE W 154 -41.50 6.33 -6.30
CA ILE W 154 -41.02 6.08 -7.65
C ILE W 154 -39.58 5.59 -7.63
N SER W 155 -38.73 6.24 -6.83
CA SER W 155 -37.32 5.90 -6.78
C SER W 155 -37.07 5.01 -5.56
N GLU W 156 -36.32 3.93 -5.78
CA GLU W 156 -36.17 2.92 -4.74
C GLU W 156 -35.31 3.41 -3.59
N SER W 157 -34.37 4.31 -3.88
CA SER W 157 -33.55 4.89 -2.83
C SER W 157 -33.26 6.36 -3.13
N MET X 1 -48.20 -4.53 -22.41
CA MET X 1 -48.63 -5.15 -23.65
C MET X 1 -49.69 -6.19 -23.34
N LYS X 2 -50.80 -6.17 -24.07
CA LYS X 2 -51.88 -7.13 -23.83
C LYS X 2 -51.48 -8.46 -24.44
N GLY X 3 -51.29 -9.47 -23.59
CA GLY X 3 -50.89 -10.79 -24.03
C GLY X 3 -52.07 -11.66 -24.40
N HIS X 4 -51.77 -12.75 -25.07
CA HIS X 4 -52.79 -13.72 -25.45
C HIS X 4 -53.38 -14.37 -24.20
N PRO X 5 -54.69 -14.59 -24.17
CA PRO X 5 -55.28 -15.26 -22.99
C PRO X 5 -54.75 -16.66 -22.78
N LYS X 6 -54.49 -17.40 -23.86
CA LYS X 6 -53.95 -18.75 -23.74
C LYS X 6 -52.55 -18.72 -23.16
N VAL X 7 -51.73 -17.76 -23.59
CA VAL X 7 -50.37 -17.67 -23.08
C VAL X 7 -50.38 -17.28 -21.61
N VAL X 8 -51.29 -16.40 -21.22
CA VAL X 8 -51.37 -16.00 -19.82
C VAL X 8 -51.88 -17.16 -18.96
N GLY X 9 -52.81 -17.94 -19.50
CA GLY X 9 -53.26 -19.13 -18.77
C GLY X 9 -52.15 -20.15 -18.59
N GLN X 10 -51.38 -20.40 -19.65
CA GLN X 10 -50.24 -21.31 -19.54
C GLN X 10 -49.20 -20.79 -18.57
N LEU X 11 -48.93 -19.49 -18.59
CA LEU X 11 -47.96 -18.93 -17.66
C LEU X 11 -48.46 -19.04 -16.23
N ASN X 12 -49.77 -18.89 -16.03
CA ASN X 12 -50.32 -19.01 -14.68
C ASN X 12 -50.27 -20.44 -14.20
N ARG X 13 -50.41 -21.40 -15.11
CA ARG X 13 -50.32 -22.79 -14.72
C ARG X 13 -48.88 -23.20 -14.42
N VAL X 14 -47.93 -22.72 -15.22
CA VAL X 14 -46.53 -22.92 -14.91
C VAL X 14 -46.17 -22.24 -13.59
N LEU X 15 -46.86 -21.14 -13.27
CA LEU X 15 -46.62 -20.44 -12.01
C LEU X 15 -47.13 -21.25 -10.83
N THR X 16 -48.36 -21.78 -10.93
CA THR X 16 -48.85 -22.69 -9.90
C THR X 16 -47.86 -23.81 -9.67
N CYS X 17 -47.31 -24.37 -10.74
CA CYS X 17 -46.44 -25.52 -10.57
C CYS X 17 -45.08 -25.10 -10.00
N GLU X 18 -44.62 -23.90 -10.33
CA GLU X 18 -43.37 -23.39 -9.76
C GLU X 18 -43.52 -23.11 -8.27
N LEU X 19 -44.68 -22.60 -7.85
CA LEU X 19 -44.92 -22.36 -6.44
C LEU X 19 -45.02 -23.67 -5.66
N THR X 20 -45.72 -24.65 -6.22
CA THR X 20 -45.73 -25.98 -5.61
C THR X 20 -44.33 -26.53 -5.48
N ALA X 21 -43.49 -26.33 -6.50
CA ALA X 21 -42.11 -26.78 -6.42
C ALA X 21 -41.36 -26.06 -5.32
N ILE X 22 -41.53 -24.74 -5.18
CA ILE X 22 -40.88 -24.01 -4.11
C ILE X 22 -41.22 -24.63 -2.76
N ASN X 23 -42.51 -24.86 -2.53
CA ASN X 23 -42.94 -25.38 -1.23
C ASN X 23 -42.37 -26.77 -0.97
N GLN X 24 -42.45 -27.65 -1.97
CA GLN X 24 -41.97 -29.01 -1.79
C GLN X 24 -40.45 -29.04 -1.58
N TYR X 25 -39.71 -28.25 -2.35
CA TYR X 25 -38.27 -28.21 -2.20
C TYR X 25 -37.86 -27.65 -0.85
N PHE X 26 -38.58 -26.65 -0.34
CA PHE X 26 -38.19 -26.11 0.96
C PHE X 26 -38.52 -27.09 2.09
N LEU X 27 -39.69 -27.72 2.03
CA LEU X 27 -40.00 -28.72 3.03
C LEU X 27 -38.97 -29.84 3.00
N HIS X 28 -38.55 -30.27 1.81
CA HIS X 28 -37.58 -31.34 1.71
C HIS X 28 -36.19 -30.90 2.19
N ALA X 29 -35.80 -29.67 1.89
CA ALA X 29 -34.53 -29.17 2.37
C ALA X 29 -34.49 -29.12 3.89
N ARG X 30 -35.60 -28.74 4.51
CA ARG X 30 -35.59 -28.63 5.96
C ARG X 30 -35.77 -29.99 6.63
N MET X 31 -36.43 -30.93 5.97
CA MET X 31 -36.41 -32.32 6.42
C MET X 31 -35.01 -32.91 6.33
N PHE X 32 -34.24 -32.51 5.32
CA PHE X 32 -32.86 -32.98 5.22
C PHE X 32 -31.99 -32.37 6.29
N LYS X 33 -32.13 -31.07 6.52
CA LYS X 33 -31.41 -30.42 7.62
C LYS X 33 -31.74 -31.04 8.97
N HIS X 34 -33.00 -31.43 9.16
CA HIS X 34 -33.41 -32.04 10.43
C HIS X 34 -32.72 -33.37 10.67
N TRP X 35 -32.33 -34.06 9.60
CA TRP X 35 -31.63 -35.34 9.67
C TRP X 35 -30.12 -35.21 9.62
N GLY X 36 -29.59 -33.99 9.57
CA GLY X 36 -28.16 -33.79 9.51
C GLY X 36 -27.55 -33.97 8.15
N LEU X 37 -28.35 -34.24 7.12
CA LEU X 37 -27.84 -34.33 5.76
C LEU X 37 -27.76 -32.92 5.22
N GLU X 38 -26.59 -32.32 5.35
CA GLU X 38 -26.42 -30.89 5.11
C GLU X 38 -26.22 -30.57 3.64
N LYS X 39 -25.54 -31.42 2.89
CA LYS X 39 -25.33 -31.12 1.48
C LYS X 39 -26.62 -31.28 0.70
N LEU X 40 -27.48 -32.20 1.13
CA LEU X 40 -28.80 -32.34 0.53
C LEU X 40 -29.68 -31.15 0.87
N ASN X 41 -29.64 -30.71 2.13
CA ASN X 41 -30.19 -29.41 2.51
C ASN X 41 -29.78 -28.32 1.54
N HIS X 42 -28.47 -28.16 1.33
CA HIS X 42 -27.98 -27.06 0.52
C HIS X 42 -28.49 -27.15 -0.90
N VAL X 43 -28.49 -28.34 -1.48
CA VAL X 43 -28.96 -28.50 -2.85
C VAL X 43 -30.44 -28.17 -2.95
N GLU X 44 -31.26 -28.74 -2.05
CA GLU X 44 -32.69 -28.54 -2.14
C GLU X 44 -33.07 -27.09 -1.84
N TYR X 45 -32.31 -26.44 -0.97
CA TYR X 45 -32.55 -25.03 -0.69
C TYR X 45 -32.19 -24.15 -1.88
N LYS X 46 -31.05 -24.38 -2.53
CA LYS X 46 -30.74 -23.56 -3.68
C LYS X 46 -31.69 -23.85 -4.83
N LYS X 47 -32.22 -25.07 -4.90
CA LYS X 47 -33.23 -25.38 -5.90
C LYS X 47 -34.55 -24.67 -5.60
N SER X 48 -34.92 -24.57 -4.34
CA SER X 48 -36.12 -23.83 -3.99
C SER X 48 -35.94 -22.33 -4.26
N ILE X 49 -34.75 -21.81 -4.00
CA ILE X 49 -34.43 -20.43 -4.37
C ILE X 49 -34.52 -20.23 -5.87
N GLU X 50 -34.08 -21.24 -6.63
CA GLU X 50 -34.12 -21.14 -8.08
C GLU X 50 -35.56 -21.12 -8.59
N ASP X 51 -36.40 -22.02 -8.08
CA ASP X 51 -37.81 -21.99 -8.45
C ASP X 51 -38.49 -20.73 -7.95
N MET X 52 -37.95 -20.13 -6.89
CA MET X 52 -38.40 -18.84 -6.41
C MET X 52 -38.15 -17.76 -7.46
N LYS X 53 -36.93 -17.71 -8.01
CA LYS X 53 -36.63 -16.80 -9.12
C LYS X 53 -37.52 -17.08 -10.33
N HIS X 54 -37.78 -18.36 -10.62
CA HIS X 54 -38.65 -18.70 -11.74
C HIS X 54 -40.06 -18.18 -11.53
N ALA X 55 -40.60 -18.35 -10.34
CA ALA X 55 -41.93 -17.85 -10.05
C ALA X 55 -41.96 -16.33 -10.12
N ASP X 56 -40.89 -15.68 -9.68
CA ASP X 56 -40.80 -14.22 -9.79
C ASP X 56 -40.88 -13.79 -11.24
N LYS X 57 -40.11 -14.45 -12.11
CA LYS X 57 -40.14 -14.10 -13.53
C LYS X 57 -41.50 -14.38 -14.16
N LEU X 58 -42.15 -15.47 -13.78
CA LEU X 58 -43.47 -15.75 -14.32
C LEU X 58 -44.50 -14.74 -13.85
N ILE X 59 -44.44 -14.32 -12.58
CA ILE X 59 -45.34 -13.29 -12.09
C ILE X 59 -45.12 -11.99 -12.84
N GLU X 60 -43.86 -11.60 -13.05
CA GLU X 60 -43.59 -10.37 -13.77
C GLU X 60 -44.06 -10.45 -15.21
N ARG X 61 -43.93 -11.61 -15.83
CA ARG X 61 -44.39 -11.75 -17.21
C ARG X 61 -45.92 -11.71 -17.30
N VAL X 62 -46.61 -12.35 -16.35
CA VAL X 62 -48.07 -12.33 -16.36
C VAL X 62 -48.58 -10.93 -16.08
N LEU X 63 -47.84 -10.16 -15.28
CA LEU X 63 -48.25 -8.79 -15.00
C LEU X 63 -48.00 -7.90 -16.21
N PHE X 64 -46.85 -8.05 -16.86
CA PHE X 64 -46.56 -7.29 -18.07
C PHE X 64 -47.60 -7.57 -19.15
N LEU X 65 -48.06 -8.81 -19.24
CA LEU X 65 -49.06 -9.19 -20.23
C LEU X 65 -50.46 -8.83 -19.80
N GLU X 66 -50.61 -7.98 -18.79
CA GLU X 66 -51.89 -7.49 -18.30
C GLU X 66 -52.81 -8.63 -17.85
N GLY X 67 -52.20 -9.68 -17.30
CA GLY X 67 -52.93 -10.75 -16.67
C GLY X 67 -52.88 -10.67 -15.16
N LEU X 68 -53.56 -11.60 -14.52
CA LEU X 68 -53.62 -11.66 -13.06
C LEU X 68 -52.83 -12.86 -12.56
N PRO X 69 -51.65 -12.67 -11.96
CA PRO X 69 -50.92 -13.82 -11.44
C PRO X 69 -51.72 -14.54 -10.37
N ASN X 70 -51.73 -15.86 -10.44
CA ASN X 70 -52.48 -16.69 -9.51
C ASN X 70 -51.49 -17.32 -8.55
N LEU X 71 -51.25 -16.65 -7.43
CA LEU X 71 -50.43 -17.20 -6.37
C LEU X 71 -51.23 -17.93 -5.32
N GLN X 72 -52.55 -18.01 -5.49
CA GLN X 72 -53.40 -18.63 -4.48
C GLN X 72 -53.40 -20.15 -4.61
N GLN X 73 -53.48 -20.66 -5.83
CA GLN X 73 -53.57 -22.10 -6.03
C GLN X 73 -52.20 -22.75 -5.89
N LEU X 74 -52.19 -23.92 -5.27
CA LEU X 74 -51.03 -24.81 -5.31
C LEU X 74 -51.49 -26.22 -5.62
N GLU X 75 -50.59 -26.97 -6.24
CA GLU X 75 -50.81 -28.38 -6.55
C GLU X 75 -50.55 -29.21 -5.31
N LYS X 76 -50.85 -30.50 -5.40
CA LYS X 76 -50.62 -31.39 -4.27
C LYS X 76 -49.13 -31.63 -4.10
N LEU X 77 -48.65 -31.56 -2.86
CA LEU X 77 -47.24 -31.76 -2.58
C LEU X 77 -46.97 -33.24 -2.36
N ARG X 78 -45.89 -33.74 -2.94
CA ARG X 78 -45.42 -35.09 -2.69
C ARG X 78 -44.24 -34.99 -1.73
N ILE X 79 -44.50 -35.26 -0.46
CA ILE X 79 -43.51 -35.18 0.60
C ILE X 79 -43.12 -36.61 0.96
N GLY X 80 -41.85 -36.94 0.81
CA GLY X 80 -41.38 -38.26 1.14
C GLY X 80 -41.03 -38.41 2.61
N GLU X 81 -40.91 -39.67 3.03
CA GLU X 81 -40.52 -39.99 4.39
C GLU X 81 -39.02 -40.17 4.56
N HIS X 82 -38.33 -40.69 3.55
CA HIS X 82 -36.89 -40.91 3.61
C HIS X 82 -36.25 -40.33 2.37
N ALA X 83 -34.92 -40.31 2.37
CA ALA X 83 -34.17 -39.61 1.33
C ALA X 83 -34.52 -40.09 -0.07
N GLN X 84 -34.52 -41.40 -0.29
CA GLN X 84 -34.82 -41.93 -1.62
C GLN X 84 -36.22 -41.54 -2.06
N GLU X 85 -37.20 -41.63 -1.16
CA GLU X 85 -38.56 -41.28 -1.53
C GLU X 85 -38.68 -39.79 -1.83
N MET X 86 -37.98 -38.95 -1.07
CA MET X 86 -38.00 -37.53 -1.34
C MET X 86 -37.37 -37.20 -2.68
N LEU X 87 -36.28 -37.88 -3.02
CA LEU X 87 -35.64 -37.66 -4.31
C LEU X 87 -36.53 -38.14 -5.45
N ASP X 88 -37.25 -39.25 -5.25
CA ASP X 88 -38.18 -39.72 -6.27
C ASP X 88 -39.35 -38.76 -6.44
N CYS X 89 -39.85 -38.19 -5.34
CA CYS X 89 -40.94 -37.23 -5.44
C CYS X 89 -40.48 -35.98 -6.17
N ASP X 90 -39.26 -35.51 -5.87
CA ASP X 90 -38.68 -34.39 -6.58
C ASP X 90 -38.52 -34.70 -8.07
N LEU X 91 -38.10 -35.91 -8.38
CA LEU X 91 -37.95 -36.34 -9.77
C LEU X 91 -39.29 -36.31 -10.49
N ALA X 92 -40.32 -36.89 -9.88
CA ALA X 92 -41.64 -36.92 -10.48
C ALA X 92 -42.16 -35.50 -10.73
N MET X 93 -41.93 -34.61 -9.77
CA MET X 93 -42.41 -33.25 -9.94
C MET X 93 -41.64 -32.51 -11.03
N VAL X 94 -40.32 -32.71 -11.11
CA VAL X 94 -39.55 -32.11 -12.19
C VAL X 94 -40.03 -32.62 -13.55
N GLN X 95 -40.35 -33.91 -13.64
CA GLN X 95 -40.77 -34.46 -14.93
C GLN X 95 -42.12 -33.91 -15.35
N GLU X 96 -43.09 -33.88 -14.43
CA GLU X 96 -44.38 -33.27 -14.72
C GLU X 96 -44.21 -31.82 -15.13
N GLN X 97 -43.34 -31.09 -14.44
CA GLN X 97 -43.20 -29.67 -14.68
C GLN X 97 -42.49 -29.41 -16.00
N LEU X 98 -41.64 -30.36 -16.42
CA LEU X 98 -40.97 -30.25 -17.72
C LEU X 98 -41.96 -30.50 -18.86
N THR X 99 -42.81 -31.51 -18.70
CA THR X 99 -43.88 -31.71 -19.68
C THR X 99 -44.74 -30.45 -19.82
N LEU X 100 -45.11 -29.85 -18.68
CA LEU X 100 -45.87 -28.62 -18.70
C LEU X 100 -45.12 -27.50 -19.42
N LEU X 101 -43.84 -27.34 -19.13
CA LEU X 101 -43.05 -26.29 -19.77
C LEU X 101 -42.98 -26.50 -21.27
N ARG X 102 -42.89 -27.74 -21.72
CA ARG X 102 -42.80 -27.99 -23.15
C ARG X 102 -44.10 -27.65 -23.85
N ASP X 103 -45.23 -28.01 -23.23
CA ASP X 103 -46.52 -27.62 -23.78
C ASP X 103 -46.65 -26.10 -23.84
N ALA X 104 -46.18 -25.41 -22.81
CA ALA X 104 -46.30 -23.95 -22.80
C ALA X 104 -45.39 -23.32 -23.84
N ILE X 105 -44.21 -23.89 -24.07
CA ILE X 105 -43.32 -23.35 -25.10
C ILE X 105 -43.92 -23.56 -26.48
N THR X 106 -44.52 -24.72 -26.71
CA THR X 106 -45.20 -24.96 -27.98
C THR X 106 -46.31 -23.94 -28.20
N LEU X 107 -47.12 -23.69 -27.17
CA LEU X 107 -48.21 -22.74 -27.32
C LEU X 107 -47.69 -21.32 -27.52
N CYS X 108 -46.64 -20.95 -26.80
CA CYS X 108 -46.07 -19.61 -26.95
C CYS X 108 -45.52 -19.41 -28.35
N GLU X 109 -44.96 -20.46 -28.95
CA GLU X 109 -44.51 -20.35 -30.34
C GLU X 109 -45.70 -20.23 -31.29
N ALA X 110 -46.78 -20.98 -31.02
CA ALA X 110 -47.93 -20.91 -31.90
C ALA X 110 -48.61 -19.54 -31.86
N GLU X 111 -48.47 -18.82 -30.76
CA GLU X 111 -49.06 -17.49 -30.61
C GLU X 111 -48.07 -16.36 -30.87
N GLN X 112 -46.90 -16.67 -31.44
CA GLN X 112 -45.83 -15.69 -31.65
C GLN X 112 -45.50 -14.89 -30.39
N ASP X 113 -45.61 -15.51 -29.22
CA ASP X 113 -45.14 -14.90 -27.98
C ASP X 113 -43.72 -15.42 -27.74
N TYR X 114 -42.75 -14.67 -28.26
CA TYR X 114 -41.38 -15.17 -28.31
C TYR X 114 -40.57 -14.83 -27.07
N VAL X 115 -40.95 -13.79 -26.32
CA VAL X 115 -40.24 -13.50 -25.09
C VAL X 115 -40.80 -14.34 -23.95
N SER X 116 -42.09 -14.64 -23.99
CA SER X 116 -42.63 -15.68 -23.11
C SER X 116 -41.92 -17.01 -23.38
N ARG X 117 -41.68 -17.32 -24.66
CA ARG X 117 -40.99 -18.55 -25.00
C ARG X 117 -39.54 -18.54 -24.50
N ASP X 118 -38.86 -17.41 -24.60
CA ASP X 118 -37.49 -17.33 -24.08
C ASP X 118 -37.46 -17.51 -22.56
N LEU X 119 -38.39 -16.87 -21.86
CA LEU X 119 -38.55 -17.08 -20.43
C LEU X 119 -38.74 -18.56 -20.10
N LEU X 120 -39.69 -19.19 -20.77
CA LEU X 120 -39.98 -20.59 -20.50
C LEU X 120 -38.82 -21.49 -20.88
N GLU X 121 -38.00 -21.09 -21.85
CA GLU X 121 -36.84 -21.90 -22.21
C GLU X 121 -35.75 -21.80 -21.15
N ASP X 122 -35.58 -20.63 -20.53
CA ASP X 122 -34.68 -20.57 -19.39
C ASP X 122 -35.18 -21.44 -18.24
N ILE X 123 -36.48 -21.38 -17.95
CA ILE X 123 -37.01 -22.25 -16.91
C ILE X 123 -36.83 -23.71 -17.27
N LEU X 124 -36.93 -24.04 -18.56
CA LEU X 124 -36.78 -25.42 -19.01
C LEU X 124 -35.35 -25.90 -18.82
N GLU X 125 -34.37 -25.08 -19.21
CA GLU X 125 -32.98 -25.50 -19.04
C GLU X 125 -32.64 -25.68 -17.57
N ASP X 126 -33.16 -24.80 -16.70
CA ASP X 126 -32.88 -24.95 -15.28
C ASP X 126 -33.53 -26.21 -14.71
N GLU X 127 -34.80 -26.44 -15.03
CA GLU X 127 -35.49 -27.60 -14.51
C GLU X 127 -34.86 -28.89 -15.02
N GLU X 128 -34.25 -28.83 -16.19
CA GLU X 128 -33.73 -30.04 -16.78
C GLU X 128 -32.28 -30.28 -16.35
N GLU X 129 -31.57 -29.23 -15.93
CA GLU X 129 -30.35 -29.41 -15.16
C GLU X 129 -30.63 -30.05 -13.79
N HIS X 130 -31.72 -29.63 -13.12
CA HIS X 130 -32.04 -30.31 -11.86
C HIS X 130 -32.50 -31.75 -12.09
N LEU X 131 -33.22 -32.01 -13.18
CA LEU X 131 -33.52 -33.38 -13.56
C LEU X 131 -32.24 -34.20 -13.72
N ASP X 132 -31.23 -33.62 -14.38
CA ASP X 132 -29.95 -34.29 -14.51
C ASP X 132 -29.33 -34.59 -13.15
N TRP X 133 -29.38 -33.62 -12.24
CA TRP X 133 -28.81 -33.83 -10.90
C TRP X 133 -29.54 -34.93 -10.15
N LEU X 134 -30.87 -34.96 -10.23
CA LEU X 134 -31.63 -35.99 -9.53
C LEU X 134 -31.34 -37.37 -10.10
N GLU X 135 -31.20 -37.47 -11.42
CA GLU X 135 -30.85 -38.75 -12.02
C GLU X 135 -29.45 -39.17 -11.62
N SER X 136 -28.52 -38.21 -11.51
CA SER X 136 -27.19 -38.50 -11.00
C SER X 136 -27.24 -39.05 -9.59
N GLN X 137 -28.08 -38.46 -8.73
CA GLN X 137 -28.20 -38.93 -7.36
C GLN X 137 -28.76 -40.34 -7.30
N ARG X 138 -29.73 -40.64 -8.15
CA ARG X 138 -30.28 -41.99 -8.17
C ARG X 138 -29.24 -43.00 -8.62
N GLU X 139 -28.45 -42.65 -9.64
CA GLU X 139 -27.37 -43.53 -10.07
C GLU X 139 -26.33 -43.71 -8.99
N LEU X 140 -26.03 -42.64 -8.24
CA LEU X 140 -25.06 -42.74 -7.17
C LEU X 140 -25.56 -43.62 -6.03
N ILE X 141 -26.86 -43.55 -5.73
CA ILE X 141 -27.41 -44.46 -4.73
C ILE X 141 -27.33 -45.90 -5.22
N GLY X 142 -27.59 -46.11 -6.50
CA GLY X 142 -27.46 -47.46 -7.04
C GLY X 142 -26.02 -47.95 -7.07
N LEU X 143 -25.06 -47.04 -7.14
CA LEU X 143 -23.66 -47.41 -7.27
C LEU X 143 -23.00 -47.62 -5.92
N THR X 144 -23.13 -46.66 -5.01
CA THR X 144 -22.45 -46.73 -3.72
C THR X 144 -23.35 -47.23 -2.60
N GLY X 145 -24.63 -47.42 -2.85
CA GLY X 145 -25.56 -47.78 -1.79
C GLY X 145 -26.12 -46.55 -1.10
N ILE X 146 -27.22 -46.75 -0.38
CA ILE X 146 -27.91 -45.63 0.24
C ILE X 146 -27.16 -45.16 1.48
N GLN X 147 -26.51 -46.08 2.20
CA GLN X 147 -25.78 -45.69 3.40
C GLN X 147 -24.52 -44.91 3.04
N ASN X 148 -23.81 -45.34 2.00
CA ASN X 148 -22.65 -44.57 1.54
C ASN X 148 -23.07 -43.26 0.93
N TYR X 149 -24.18 -43.25 0.20
CA TYR X 149 -24.63 -42.01 -0.44
C TYR X 149 -25.03 -40.98 0.61
N LEU X 150 -25.77 -41.41 1.64
CA LEU X 150 -26.20 -40.51 2.68
C LEU X 150 -25.04 -40.02 3.52
N GLN X 151 -23.99 -40.83 3.66
CA GLN X 151 -22.79 -40.40 4.37
C GLN X 151 -22.10 -39.26 3.64
N SER X 152 -22.22 -39.21 2.32
CA SER X 152 -21.60 -38.14 1.55
C SER X 152 -22.36 -36.84 1.64
N GLN X 153 -23.56 -36.84 2.19
CA GLN X 153 -24.39 -35.66 2.34
C GLN X 153 -24.31 -35.05 3.73
N ILE X 154 -23.56 -35.66 4.63
CA ILE X 154 -23.49 -35.16 6.00
C ILE X 154 -22.86 -33.78 6.05
N SER X 155 -21.77 -33.57 5.32
CA SER X 155 -21.07 -32.31 5.31
C SER X 155 -21.49 -31.49 4.10
N GLU X 156 -21.79 -30.21 4.33
CA GLU X 156 -22.38 -29.40 3.27
C GLU X 156 -21.36 -29.09 2.18
N SER X 157 -20.09 -29.00 2.53
CA SER X 157 -19.04 -28.78 1.54
C SER X 157 -17.79 -29.58 1.89
NA NA Y . -3.13 5.00 48.13
NA NA Z . 45.31 -16.85 5.25
NA NA AA . -17.62 -45.09 3.69
NA NA BA . 3.31 -5.27 -48.18
NA NA CA . -45.44 17.11 -5.20
NA NA DA . 18.06 45.16 -3.70
CHA HEM EA . 14.89 -34.99 5.19
CHB HEM EA . 14.70 -39.17 2.64
CHC HEM EA . 17.72 -41.15 5.92
CHD HEM EA . 18.39 -36.83 8.06
C1A HEM EA . 14.60 -35.91 4.20
C2A HEM EA . 13.84 -35.68 2.98
C3A HEM EA . 13.79 -36.82 2.28
C4A HEM EA . 14.50 -37.84 3.02
CMA HEM EA . 13.08 -37.03 0.92
CAA HEM EA . 13.21 -34.31 2.62
CBA HEM EA . 14.15 -33.57 1.68
CGA HEM EA . 13.52 -32.29 1.21
O1A HEM EA . 14.20 -31.24 1.28
O2A HEM EA . 12.35 -32.29 0.79
C1B HEM EA . 15.47 -40.08 3.32
C2B HEM EA . 15.67 -41.48 2.97
C3B HEM EA . 16.52 -42.01 3.87
C4B HEM EA . 16.88 -40.99 4.83
CMB HEM EA . 15.02 -42.15 1.75
CAB HEM EA . 17.03 -43.47 3.98
CBB HEM EA . 16.32 -44.51 3.56
C1C HEM EA . 18.18 -40.16 6.75
C2C HEM EA . 19.14 -40.33 7.82
C3C HEM EA . 19.34 -39.15 8.41
C4C HEM EA . 18.49 -38.17 7.76
CMC HEM EA . 19.80 -41.69 8.14
CAC HEM EA . 20.26 -38.75 9.61
CBC HEM EA . 21.04 -39.58 10.28
C1D HEM EA . 17.46 -35.97 7.51
C2D HEM EA . 17.18 -34.62 7.96
C3D HEM EA . 16.21 -34.13 7.18
C4D HEM EA . 15.84 -35.12 6.20
CMD HEM EA . 17.87 -33.93 9.14
CAD HEM EA . 15.60 -32.72 7.29
CBD HEM EA . 14.23 -32.77 7.95
CGD HEM EA . 13.24 -32.04 7.08
O1D HEM EA . 12.99 -32.51 5.94
O2D HEM EA . 12.71 -31.00 7.53
NA HEM EA . 14.99 -37.25 4.17
NB HEM EA . 16.22 -39.83 4.45
NC HEM EA . 17.81 -38.83 6.75
ND HEM EA . 16.63 -36.23 6.43
FE HEM EA . 16.44 -38.12 5.50
CHA HEM FA . 35.62 16.02 1.24
CHB HEM FA . 39.58 15.06 -1.49
CHC HEM FA . 41.95 18.55 0.98
CHD HEM FA . 37.84 19.89 3.22
C1A HEM FA . 36.46 15.48 0.26
C2A HEM FA . 36.09 14.51 -0.76
C3A HEM FA . 37.17 14.25 -1.50
C4A HEM FA . 38.28 15.03 -1.00
CMA HEM FA . 37.24 13.27 -2.70
CAA HEM FA . 34.68 13.92 -0.90
CBA HEM FA . 33.91 14.70 -1.96
CGA HEM FA . 32.57 14.06 -2.20
O1A HEM FA . 31.56 14.81 -2.21
O2A HEM FA . 32.48 12.83 -2.39
C1B HEM FA . 40.58 15.91 -1.04
C2B HEM FA . 41.96 15.95 -1.51
C3B HEM FA . 42.60 16.91 -0.83
C4B HEM FA . 41.67 17.52 0.09
CMB HEM FA . 42.51 15.03 -2.61
CAB HEM FA . 44.08 17.35 -0.92
CBB HEM FA . 45.05 16.50 -1.26
C1C HEM FA . 41.05 19.22 1.77
C2C HEM FA . 41.34 20.37 2.61
C3C HEM FA . 40.22 20.75 3.22
C4C HEM FA . 39.16 19.86 2.81
CMC HEM FA . 42.75 21.00 2.70
CAC HEM FA . 39.96 21.90 4.23
CBC HEM FA . 40.87 22.76 4.68
C1D HEM FA . 36.89 18.93 2.94
C2D HEM FA . 35.57 18.83 3.51
C3D HEM FA . 34.98 17.75 2.97
C4D HEM FA . 35.87 17.14 2.01
CMD HEM FA . 35.00 19.77 4.57
CAD HEM FA . 33.55 17.27 3.29
CBD HEM FA . 33.59 16.06 4.22
CGD HEM FA . 32.75 14.96 3.61
O1D HEM FA . 33.11 14.46 2.51
O2D HEM FA . 31.73 14.59 4.22
NA HEM FA . 37.80 15.78 0.07
NB HEM FA . 40.45 16.87 -0.06
NC HEM FA . 39.71 18.95 1.92
ND HEM FA . 37.03 17.89 2.02
FE HEM FA . 38.83 17.40 1.03
CHA HEM GA . 7.96 28.34 25.07
CHB HEM GA . 10.70 28.41 29.13
CHC HEM GA . 9.53 33.10 29.68
CHD HEM GA . 7.34 33.16 25.34
C1A HEM GA . 8.83 27.94 26.08
C2A HEM GA . 9.50 26.67 26.21
C3A HEM GA . 10.25 26.67 27.32
C4A HEM GA . 10.09 27.97 27.96
CMA HEM GA . 11.13 25.53 27.85
CAA HEM GA . 9.34 25.51 25.20
CBA HEM GA . 10.48 25.55 24.21
CGA HEM GA . 10.41 24.37 23.27
O1A HEM GA . 10.52 24.58 22.04
O2A HEM GA . 10.24 23.22 23.74
C1B HEM GA . 10.60 29.68 29.66
C2B HEM GA . 11.19 30.16 30.89
C3B HEM GA . 10.87 31.46 31.03
C4B HEM GA . 10.06 31.85 29.91
CMB HEM GA . 12.06 29.30 31.82
CAB HEM GA . 11.23 32.43 32.18
CBB HEM GA . 11.41 32.02 33.43
C1C HEM GA . 8.86 33.54 28.55
C2C HEM GA . 8.41 34.89 28.29
C3C HEM GA . 7.81 34.92 27.10
C4C HEM GA . 7.85 33.58 26.55
CMC HEM GA . 8.62 36.05 29.29
CAC HEM GA . 7.13 36.09 26.34
CBC HEM GA . 7.02 37.34 26.78
C1D HEM GA . 7.25 31.86 24.90
C2D HEM GA . 6.55 31.38 23.75
C3D HEM GA . 6.70 30.06 23.68
C4D HEM GA . 7.55 29.63 24.79
CMD HEM GA . 5.72 32.27 22.78
CAD HEM GA . 6.12 29.13 22.61
CBD HEM GA . 4.91 28.37 23.15
CGD HEM GA . 5.11 26.90 22.87
O1D HEM GA . 6.06 26.30 23.45
O2D HEM GA . 4.32 26.32 22.09
NA HEM GA . 9.22 28.71 27.17
NB HEM GA . 9.93 30.74 29.09
NC HEM GA . 8.51 32.78 27.46
ND HEM GA . 7.86 30.77 25.51
FE HEM GA . 8.85 30.82 27.37
CHA HEM HA . -15.16 35.23 -4.57
CHB HEM HA . -14.38 38.68 -7.97
CHC HEM HA . -17.87 41.35 -5.84
CHD HEM HA . -19.04 37.66 -2.90
C1A HEM HA . -14.67 35.90 -5.69
C2A HEM HA . -13.71 35.39 -6.66
C3A HEM HA . -13.49 36.33 -7.59
C4A HEM HA . -14.30 37.49 -7.26
CMA HEM HA . -12.55 36.21 -8.81
CAA HEM HA . -13.07 33.98 -6.58
CBA HEM HA . -13.85 33.03 -7.47
CGA HEM HA . -13.19 31.68 -7.49
O1A HEM HA . -13.91 30.66 -7.30
O2A HEM HA . -11.95 31.59 -7.70
C1B HEM HA . -15.24 39.72 -7.68
C2B HEM HA . -15.33 41.00 -8.37
C3B HEM HA . -16.30 41.72 -7.78
C4B HEM HA . -16.85 40.95 -6.70
CMB HEM HA . -14.45 41.37 -9.57
CAB HEM HA . -16.78 43.15 -8.11
CBB HEM HA . -15.97 44.07 -8.64
C1C HEM HA . -18.51 40.59 -4.89
C2C HEM HA . -19.64 40.99 -4.09
C3C HEM HA . -19.97 39.98 -3.28
C4C HEM HA . -19.05 38.89 -3.53
CMC HEM HA . -20.30 42.38 -4.22
CAC HEM HA . -21.09 39.87 -2.21
CBC HEM HA . -21.96 40.82 -1.90
C1D HEM HA . -18.05 36.70 -3.04
C2D HEM HA . -17.90 35.51 -2.25
C3D HEM HA . -16.82 34.85 -2.71
C4D HEM HA . -16.26 35.58 -3.82
CMD HEM HA . -18.81 35.10 -1.08
CAD HEM HA . -16.29 33.51 -2.16
CBD HEM HA . -15.06 33.75 -1.29
CGD HEM HA . -13.96 32.84 -1.78
O1D HEM HA . -13.49 33.01 -2.93
O2D HEM HA . -13.55 31.94 -1.00
NA HEM HA . -15.00 37.18 -6.10
NB HEM HA . -16.18 39.74 -6.66
NC HEM HA . -18.19 39.30 -4.52
ND HEM HA . -17.04 36.71 -3.99
FE HEM HA . -16.63 38.32 -5.29
CHA HEM IA . -11.73 -22.93 29.14
CHB HEM IA . -14.96 -21.86 32.66
CHC HEM IA . -14.17 -26.30 34.52
CHD HEM IA . -11.46 -27.54 30.69
C1A HEM IA . -12.68 -22.26 29.89
C2A HEM IA . -13.29 -20.97 29.58
C3A HEM IA . -14.17 -20.67 30.55
C4A HEM IA . -14.19 -21.76 31.51
CMA HEM IA . -15.05 -19.40 30.63
CAA HEM IA . -12.92 -20.13 28.35
CBA HEM IA . -13.93 -20.39 27.24
CGA HEM IA . -13.67 -19.49 26.07
O1A HEM IA . -13.64 -20.01 24.93
O2A HEM IA . -13.49 -18.26 26.25
C1B HEM IA . -15.02 -22.96 33.49
C2B HEM IA . -15.79 -23.09 34.72
C3B HEM IA . -15.57 -24.31 35.21
C4B HEM IA . -14.65 -25.01 34.36
CMB HEM IA . -16.70 -21.98 35.27
CAB HEM IA . -16.12 -24.95 36.51
CBB HEM IA . -16.45 -24.23 37.58
C1C HEM IA . -13.40 -27.02 33.65
C2C HEM IA . -13.00 -28.41 33.81
C3C HEM IA . -12.26 -28.76 32.76
C4C HEM IA . -12.14 -27.61 31.88
CMC HEM IA . -13.42 -29.27 35.02
CAC HEM IA . -11.56 -30.11 32.41
CBC HEM IA . -11.59 -31.21 33.16
C1D HEM IA . -11.24 -26.39 29.96
C2D HEM IA . -10.35 -26.25 28.83
C3D HEM IA . -10.42 -24.98 28.42
C4D HEM IA . -11.36 -24.26 29.24
CMD HEM IA . -9.48 -27.38 28.24
CAD HEM IA . -9.64 -24.38 27.23
CBD HEM IA . -8.47 -23.54 27.72
CGD HEM IA . -8.54 -22.19 27.07
O1D HEM IA . -9.51 -21.43 27.34
O2D HEM IA . -7.62 -21.86 26.28
NA HEM IA . -13.26 -22.70 31.06
NB HEM IA . -14.33 -24.15 33.32
NC HEM IA . -12.85 -26.58 32.47
ND HEM IA . -11.84 -25.16 30.18
FE HEM IA . -13.06 -24.70 31.84
CHA HEM JA . -35.46 -16.10 -1.06
CHB HEM JA . -37.71 -19.04 2.14
CHC HEM JA . -41.57 -19.09 -0.84
CHD HEM JA . -39.56 -15.67 -3.66
C1A HEM JA . -35.73 -16.84 0.07
C2A HEM JA . -34.88 -16.98 1.25
C3A HEM JA . -35.49 -17.79 2.12
C4A HEM JA . -36.76 -18.22 1.55
CMA HEM JA . -34.96 -18.21 3.51
CAA HEM JA . -33.51 -16.29 1.40
CBA HEM JA . -33.69 -15.00 2.19
CGA HEM JA . -32.36 -14.35 2.45
O1A HEM JA . -32.23 -13.14 2.20
O2A HEM JA . -31.41 -15.04 2.90
C1B HEM JA . -38.94 -19.34 1.61
C2B HEM JA . -39.95 -20.23 2.16
C3B HEM JA . -41.01 -20.23 1.34
C4B HEM JA . -40.73 -19.36 0.23
CMB HEM JA . -39.76 -20.99 3.48
CAB HEM JA . -42.33 -21.03 1.46
CBB HEM JA . -42.39 -22.22 2.06
C1C HEM JA . -41.38 -18.16 -1.84
C2C HEM JA . -42.34 -17.82 -2.88
C3C HEM JA . -41.79 -16.88 -3.66
C4C HEM JA . -40.46 -16.59 -3.15
CMC HEM JA . -43.72 -18.49 -2.98
CAC HEM JA . -42.35 -16.17 -4.91
CBC HEM JA . -43.54 -16.39 -5.47
C1D HEM JA . -38.25 -15.53 -3.25
C2D HEM JA . -37.24 -14.75 -3.90
C3D HEM JA . -36.11 -14.88 -3.20
C4D HEM JA . -36.36 -15.73 -2.05
CMD HEM JA . -37.44 -13.94 -5.20
CAD HEM JA . -34.76 -14.20 -3.52
CBD HEM JA . -33.79 -15.21 -4.13
CGD HEM JA . -32.50 -15.15 -3.37
O1D HEM JA . -32.48 -15.51 -2.16
O2D HEM JA . -31.47 -14.77 -3.98
NA HEM JA . -36.85 -17.61 0.31
NB HEM JA . -39.46 -18.83 0.43
NC HEM JA . -40.27 -17.38 -2.04
ND HEM JA . -37.69 -16.11 -2.13
FE HEM JA . -38.64 -17.54 -0.89
#